data_9DHA
#
_entry.id   9DHA
#
_cell.length_a   1.00
_cell.length_b   1.00
_cell.length_c   1.00
_cell.angle_alpha   90.00
_cell.angle_beta   90.00
_cell.angle_gamma   90.00
#
_symmetry.space_group_name_H-M   'P 1'
#
loop_
_entity.id
_entity.type
_entity.pdbx_description
1 polymer 'Cytoplasmic dynein 1 heavy chain 1'
2 non-polymer "ADENOSINE-5'-DIPHOSPHATE"
3 non-polymer "ADENOSINE-5'-TRIPHOSPHATE"
4 non-polymer 'PHOSPHOAMINOPHOSPHONIC ACID-ADENYLATE ESTER'
5 non-polymer 'MAGNESIUM ION'
#
_entity_poly.entity_id   1
_entity_poly.type   'polypeptide(L)'
_entity_poly.pdbx_seq_one_letter_code
;MSEPGGGGGEDGSAGLEVSAVQNVADVSVLQKHLRKLVPLLLEDGGEAPAALEAALEEKSALEQMRKFLSDPQVHTVLVE
RSTLKEDVGDEGEEEKEFISYNINIDIHYGVKSNSLAFIKRTPVIDADKPVSSQLRVLTLSEDSPYETLHSFISNAVAPF
FKSYIRESGKADRDGDKMAPSVEKKIAELEMGLLHLQQNIEIPEISLPIHPMITNVAKQCYERGEKPKVTDFGDKVEDPT
FLNQLQSGVNRWIREIQKVTKLDRDPASGTALQEISFWLNLERALYRIQEKRESPEVLLTLDILKHGKRFHATVSFDTDT
GLKQALETVNDYNPLMKDFPLNDLLSATELDKIRQALVAIFTHLRKIRNTKYPIQRALRLVEAISRDLSSQLLKVLGTRK
LMHVAYEEFEKVMVACFEVFQTWDDEYEKLQVLLRDIVKRKREENLKMVWRINPAHRKLQARLDQMRKFRRQHEQLRAVI
VRVLRPQVTAVAQQNQGEVPEPQDMKVAEVLFDAADANAIEEVNLAYENVKEVDGLDVSKEGTEAWEAAMKRYDERIDRV
ETRITARLRDQLGTAKNANEMFRIFSRFNALFVRPHIRGAIREYQTQLIQRVKDDIESLHDKFKVQYPQSQACKMSHVRD
LPPVSGSIIWAKQIDRQLTAYMKRVEDVLGKGWENHVEGQKLKQDGDSFRMKLNTQEIFDDWARKVQQRNLGVSGRIFTI
ESTRVRGRTGNVLKLKVNFLPEIITLSKEVRNLKWLGFRVPLAIVNKAHQANQLYPFAISLIESVRTYERTCEKVEERNT
ISLLVAGLKKEVQALIAEGIALVWESYKLDPYVQRLAETVFNFQEKVDDLLIIEEKIDLEVRSLETCMYDHKTFSEILNR
VQKAVDDLNLHSYSNLPIWVNKLDMEIERILGVRLQAGLRAWTQVLLGQAEDKAEVDMDTDAPQVSHKPGGEPKIKNVVH
ELRITNQVIYLNPPIEECRYKLYQEMFAWKMVVLSLPRIQSQRYQVGVHYELTEEEKFYRNALTRMPDGPVALEESYSAV
MGIVSEVEQYVKVWLQYQCLWDMQAENIYNRLGEDLNKWQALLVQIRKARGTFDNAETKKEFGPVVIDYGKVQSKVNLKY
DSWHKEVLSKFGQMLGSNMTEFHSQISKSRQELEQHSVDTASTSDAVTFITYVQSLKRKIKQFEKQVELYRNGQRLLEKQ
RFQFPPSWLYIDNIEGEWGAFNDIMRRKDSAIQQQVANLQMKIVQEDRAVESRTTDLLTDWEKTKPVTGNLRPEEALQAL
TIYEGKFGRLKDDREKCAKAKEALELTDTGLLSGSEERVQVALEELQDLKGVWSELSKVWEQIDQMKEQPWVSVQPRKLR
QNLDALLNQLKSFPARLRQYASYEFVQRLLKGYMKINMLVIELKSEALKDRHWKQLMKRLHVNWVVSELTLGQIWDVDLQ
KNEAIVKDVLLVAQGEMALEEFLKQIREVWNTYELDLVNYQNKCRLIRGWDDLFNKVKEHINSVSAMKLSPYYKVFEEDA
LSWEDKLNRIMALFDVWIDVQRRWVYLEGIFTGSADIKHLLPVETQRFQSISTEFLALMKKVSKSPLVMDVLNIQGVQRS
LERLADLLGKIQKALGEYLERERSSFPRFYFVGDEDLLEIIGNSKNVAKLQKHFKKMFAGVSSIILNEDNSVVLGISSRE
GEEVMFKTPVSITEHPKINEWLTLVEKEMRVTLAKLLAESVTEVEIFGKATSIDPNTYITWIDKYQAQLVVLSAQIAWSE
NVETALSSMGGGGDAAPLHSVLSNVEVTLNVLADSVLMEQPPLRRRKLEHLITELVHQRDVTRSLIKSKIDNAKSFEWLS
QMRFYFDPKQTDVLQQLSIQMANAKFNYGFEYLGVQDKLVQTPLTDRCYLTMTQALEARLGGSPFGPAGTGKTESVKALG
HQLGRFVLVFNCDETFDFQAMGRIFVGLCQVGAWGCFDEFNRLEERMLSAVSQQVQCIQEALREHSNPNYDKTSAPITCE
LLNKQVKVSPDMAIFITMNPGYAGRSNLPDNLKKLFRSLAMTKPDRQLIAQVMLYSQGFRTAEVLANKIVPFFKLCDEQL
SSQSHYDFGLRALKSVLVSAGNVKRERIQKIKREKEERGEAVDEGEIAENLPEQEILIQSVCETMVPKLVAEDIPLLFSL
LSDVFPGVQYHRGEMTALREELKKVCQEMYLTYGDGEEVGGMWVEKVLQLYQITQINHGLMMVGPSGSGKSMAWRVLLKA
LERLEGVEGVAHIIDPKAISKDHLYGTLDPNTREWTDGLFTHVLRKIIDSVRGELQKRQWIVFDGDVDPEWVENLNSVLD
DNKLLTLPNGERLSLPPNVRIMFEVQDLKYATLATVSRCGMVWFSEDVLSTDMIFNNFLARLRSIPLDEGEDEAQRRRKG
KEDEGEEAASPMLQIQRDAATIMQPYFTSNGLVTKALEHAFQLEHIMDLTRLRCLGSLFSMLHQACRNVAQYNANHPDFP
MQIEQLERYIQRYLVYAILWSLSGDSRLKMRAELGEYIRRITTVPLPTAPNIPIIDYEVSISGEWSPWQAKVPQIEVETH
KVAAPDVVVPTLDTVRHEALLYTWLAEHKPLVLCGPPGSGKTMTLFSALRALPDMEVVGLNFSSATTPELLLKTFDHYCE
YRRTPNGVVLAPVQLGKWLVLFCDEINLPDMDKYGTQRVISFIRQMVEHGGFYRTSDQTWVKLERIQFVGACNPPTDPGR
KPLSHRFLRHVPVVYVDYPGPASLTQIYGTFNRAMLRLIPSLRTYAEPLTAAMVEFYTMSQERFTQDTQPHYIYSPREMT
RWVRGIFEALRPLETLPVEGLIRIWAHEALRLFQDRLVEDEERRWTDENIDTVALKHFPNIDREKAMSRPILYSNWLSKD
YIPVDQEELRDYVKARLKVFYEEELDVPLVLFNEVLDHVLRIDRIFRQPQGHLLLIGVSGAGKTTLSRFVAWMNGLSVYQ
IKVHRKYTGEDFDEDLRTVLRRSGCKNEKIAFIMDESNVLDSGFLERMNTLLANGEVPGLFEGDEYATLMTQCKEGAQKE
GLMLDSHEELYKWFTSQVIRNLHVVFTMNPSSEGLKDRAATSPALFNRCVLNWFGDWSTEALYQVGKEFTSKMDLEKPNY
IVPDYMPVVYDKLPQPPSHREAIVNSCVFVHQTLHQANARLAKRGGRTMAITPRHYLDFINHYANLFHEKRSELEEQQMH
LNVGLRKIKETVDQVEELRRDLRIKSQELEVKNAAANDKLKKMVKDQQEAEKKKVMSQEIQEQLHKQQEVIADKQMSVKE
DLDKVEPAVIEAQNAVKSIKKQHLVEVRSMANPPAAVKLALESICLLLGESTTDWKQIRSIIMRENFIPTIVNFSAEEIS
DAIREKMKKNYMSNPSYNYEIVNRASLACGPMVKWAIAQLNYADMLKRVEPLRNELQKLEDDAKDNQQKANEVEQMIRDL
EASIARYKEEYAVLISEAQAIKADLAAVEAKVNRSTALLKSLSAERERWEKTSETFKNQMSTIAGDCLLSAAFIAYAGYF
DQQMRQNLFTTWSHHLQQANIQFRTDIARTEYLSNADERLRWQASSLPADDLCTENAIMLKRFNRYPLIIDPSGQATEFI
MNEYKDRKITRTSFLDDAFRKNLESALRFGNPLLVQDVESYDPVLNPVLNREVRRTGGRVLITLGDQDIDLSPSFVIFLS
TRDPTVEFPPDLCSRVTFVNFTVTRSSLQSQCLNEVLKAERPDVDEKRSDLLKLQGEFQLRLRQLEKSLLQALNEVKGRI
LDDDTIITTLENLKREAAEVTRKVEETDIVMQEVETVSQQYLPLSTACSSIYFTMESLKQIHFLYQYSLQFFLDIYHNVL
YENPNLKGVTDHTQRLSIITKDLFQVAFNRVARGMLHQDHITFAMLLARIKLKGTVGEPTYDAEFQHFLRGNEIVLSAGS
TPRIQGLTVEQAEAVVRLSCLPAFKDLIAKVQADEQFGIWLDSSSPEQTVPYLWSEETPATPIGQAIHRLLLIQAFRPDR
LLAMAHMFVSTNLGESFMSIMEQPLDLTHIVGTEVKPNTPVLMCSVPGYDASGHVEDLAAEQNTQITSIAIGSAEGFNQA
DKAINTAVKSGRWVMLKNVHLAPGWLMQLEKKLHSLQPHACFRLFLTMEINPKVPVNLLRAGRIFVFEPPPGVKANMLRT
FSSIPVSRICKSPNERARLYFLLAWFHAIIQERLRYAPLGWSKKYEFGESDLRSACDTVDTWLDDTAKGRQNISPDKIPW
SALKTLMAQSIYGGRVDNEFDQRLLNTFLERLFTTRSFDSEFKLACKVDGHKDIQMPDGIRREEFVQWVELLPDTQTPSW
LGLPNNAERVLLTTQGVDMISKMLKMQMLEDEDDLAYAETEKKTRTDSTSDGRPAWMRTLHTTASNWLHLIPQTLSHLKR
TVENIKDPLFRFFEREVKMGAKLLQDVRQDLADVVQVCEGKKKQTNYLRTLINELVKGILPRSWSHYTVPAGMTVIQWVS
DFSERIKQLQNISLAAASGGAKELKNIHVCLGGLFVPEAYITATRQYVAQANSWSLEELCLEVNVTTSQGATLDACSFGV
TGLKLQGATCNNNKLSLSNAISTALPLTQLRWVKQTNTEKKASVVTLPVYLNFTRADLIFTVDFEIATKEDPRSFYERGV
AVLCTE
;
_entity_poly.pdbx_strand_id   A
#
loop_
_chem_comp.id
_chem_comp.type
_chem_comp.name
_chem_comp.formula
ADP non-polymer ADENOSINE-5'-DIPHOSPHATE 'C10 H15 N5 O10 P2'
ANP non-polymer 'PHOSPHOAMINOPHOSPHONIC ACID-ADENYLATE ESTER' 'C10 H17 N6 O12 P3'
ATP non-polymer ADENOSINE-5'-TRIPHOSPHATE 'C10 H16 N5 O13 P3'
MG non-polymer 'MAGNESIUM ION' 'Mg 2'
#
# COMPACT_ATOMS: atom_id res chain seq x y z
N GLN A 1327 -61.30 -68.66 -11.10
CA GLN A 1327 -60.65 -68.69 -9.79
C GLN A 1327 -59.52 -67.68 -9.71
N ASP A 1328 -58.72 -67.76 -8.65
CA ASP A 1328 -57.61 -66.83 -8.47
C ASP A 1328 -56.44 -67.17 -9.38
N LEU A 1329 -56.18 -68.46 -9.59
CA LEU A 1329 -55.03 -68.86 -10.41
C LEU A 1329 -55.23 -68.47 -11.86
N LYS A 1330 -56.45 -68.64 -12.40
CA LYS A 1330 -56.71 -68.20 -13.76
C LYS A 1330 -56.52 -66.70 -13.90
N GLY A 1331 -57.01 -65.93 -12.93
CA GLY A 1331 -56.84 -64.48 -12.99
C GLY A 1331 -55.39 -64.05 -12.92
N VAL A 1332 -54.61 -64.64 -12.02
CA VAL A 1332 -53.21 -64.25 -11.92
C VAL A 1332 -52.44 -64.68 -13.16
N TRP A 1333 -52.79 -65.83 -13.76
CA TRP A 1333 -52.15 -66.22 -15.01
C TRP A 1333 -52.51 -65.24 -16.13
N SER A 1334 -53.76 -64.78 -16.18
CA SER A 1334 -54.13 -63.79 -17.18
C SER A 1334 -53.38 -62.48 -16.99
N GLU A 1335 -53.23 -62.03 -15.73
CA GLU A 1335 -52.46 -60.83 -15.48
C GLU A 1335 -50.99 -61.01 -15.82
N LEU A 1336 -50.46 -62.21 -15.59
CA LEU A 1336 -49.09 -62.50 -16.00
C LEU A 1336 -48.95 -62.43 -17.52
N SER A 1337 -49.94 -62.95 -18.24
CA SER A 1337 -49.93 -62.81 -19.69
C SER A 1337 -49.96 -61.34 -20.10
N LYS A 1338 -50.76 -60.53 -19.40
CA LYS A 1338 -50.80 -59.10 -19.68
C LYS A 1338 -49.44 -58.45 -19.49
N VAL A 1339 -48.77 -58.75 -18.38
CA VAL A 1339 -47.47 -58.13 -18.12
C VAL A 1339 -46.41 -58.66 -19.09
N TRP A 1340 -46.49 -59.93 -19.48
CA TRP A 1340 -45.59 -60.44 -20.51
C TRP A 1340 -45.78 -59.72 -21.83
N GLU A 1341 -47.04 -59.47 -22.21
CA GLU A 1341 -47.30 -58.72 -23.44
C GLU A 1341 -46.78 -57.29 -23.34
N GLN A 1342 -46.93 -56.66 -22.18
CA GLN A 1342 -46.39 -55.32 -21.99
C GLN A 1342 -44.86 -55.30 -22.12
N ILE A 1343 -44.20 -56.29 -21.50
CA ILE A 1343 -42.75 -56.38 -21.60
C ILE A 1343 -42.32 -56.62 -23.04
N ASP A 1344 -43.06 -57.46 -23.77
CA ASP A 1344 -42.75 -57.71 -25.17
C ASP A 1344 -42.91 -56.44 -26.00
N GLN A 1345 -43.97 -55.68 -25.74
CA GLN A 1345 -44.18 -54.42 -26.45
C GLN A 1345 -43.06 -53.43 -26.16
N MET A 1346 -42.60 -53.37 -24.91
CA MET A 1346 -41.45 -52.51 -24.59
C MET A 1346 -40.19 -52.98 -25.30
N LYS A 1347 -39.97 -54.30 -25.37
CA LYS A 1347 -38.76 -54.84 -25.97
C LYS A 1347 -38.71 -54.57 -27.48
N GLU A 1348 -39.84 -54.79 -28.17
CA GLU A 1348 -39.83 -54.72 -29.63
C GLU A 1348 -39.53 -53.32 -30.14
N GLN A 1349 -39.66 -52.31 -29.31
CA GLN A 1349 -39.28 -50.96 -29.70
C GLN A 1349 -37.76 -50.89 -29.85
N PRO A 1350 -37.24 -50.49 -31.00
CA PRO A 1350 -35.79 -50.54 -31.20
C PRO A 1350 -35.04 -49.58 -30.29
N TRP A 1351 -33.79 -49.93 -29.99
CA TRP A 1351 -32.97 -49.14 -29.09
C TRP A 1351 -32.71 -47.73 -29.62
N VAL A 1352 -32.76 -47.54 -30.94
CA VAL A 1352 -32.50 -46.22 -31.51
C VAL A 1352 -33.66 -45.25 -31.33
N SER A 1353 -34.85 -45.75 -30.96
CA SER A 1353 -36.02 -44.89 -30.83
C SER A 1353 -36.54 -44.76 -29.41
N VAL A 1354 -36.14 -45.67 -28.51
CA VAL A 1354 -36.66 -45.63 -27.14
C VAL A 1354 -36.10 -44.41 -26.43
N GLN A 1355 -36.98 -43.68 -25.73
CA GLN A 1355 -36.57 -42.53 -24.95
C GLN A 1355 -36.54 -42.90 -23.48
N PRO A 1356 -35.42 -42.74 -22.79
CA PRO A 1356 -35.35 -43.14 -21.37
C PRO A 1356 -36.38 -42.44 -20.49
N ARG A 1357 -36.78 -41.22 -20.83
CA ARG A 1357 -37.83 -40.55 -20.06
C ARG A 1357 -39.17 -41.25 -20.26
N LYS A 1358 -39.55 -41.49 -21.52
CA LYS A 1358 -40.74 -42.29 -21.79
C LYS A 1358 -40.57 -43.71 -21.27
N LEU A 1359 -39.34 -44.22 -21.26
CA LEU A 1359 -39.09 -45.56 -20.74
C LEU A 1359 -39.42 -45.62 -19.25
N ARG A 1360 -38.94 -44.64 -18.46
CA ARG A 1360 -39.24 -44.64 -17.05
C ARG A 1360 -40.72 -44.35 -16.79
N GLN A 1361 -41.36 -43.54 -17.63
CA GLN A 1361 -42.80 -43.35 -17.51
C GLN A 1361 -43.54 -44.68 -17.67
N ASN A 1362 -43.17 -45.44 -18.70
CA ASN A 1362 -43.81 -46.74 -18.93
C ASN A 1362 -43.49 -47.73 -17.82
N LEU A 1363 -42.25 -47.73 -17.31
CA LEU A 1363 -41.91 -48.62 -16.20
C LEU A 1363 -42.70 -48.28 -14.94
N ASP A 1364 -42.86 -46.99 -14.65
CA ASP A 1364 -43.71 -46.59 -13.53
C ASP A 1364 -45.14 -47.02 -13.75
N ALA A 1365 -45.65 -46.89 -14.98
CA ALA A 1365 -46.99 -47.37 -15.29
C ALA A 1365 -47.11 -48.87 -15.02
N LEU A 1366 -46.10 -49.64 -15.40
CA LEU A 1366 -46.11 -51.07 -15.15
C LEU A 1366 -46.04 -51.38 -13.66
N LEU A 1367 -45.27 -50.61 -12.89
CA LEU A 1367 -45.22 -50.82 -11.44
C LEU A 1367 -46.59 -50.56 -10.81
N ASN A 1368 -47.26 -49.48 -11.22
CA ASN A 1368 -48.59 -49.22 -10.69
C ASN A 1368 -49.59 -50.29 -11.16
N GLN A 1369 -49.40 -50.81 -12.38
CA GLN A 1369 -50.24 -51.90 -12.86
C GLN A 1369 -50.07 -53.15 -12.00
N LEU A 1370 -48.84 -53.44 -11.58
CA LEU A 1370 -48.59 -54.57 -10.71
C LEU A 1370 -49.17 -54.33 -9.31
N LYS A 1371 -48.95 -53.14 -8.76
CA LYS A 1371 -49.38 -52.87 -7.39
C LYS A 1371 -50.90 -52.74 -7.27
N SER A 1372 -51.58 -52.32 -8.34
CA SER A 1372 -53.02 -52.14 -8.29
C SER A 1372 -53.79 -53.45 -8.22
N PHE A 1373 -53.12 -54.59 -8.41
CA PHE A 1373 -53.80 -55.87 -8.43
C PHE A 1373 -54.34 -56.20 -7.03
N PRO A 1374 -55.41 -57.00 -6.97
CA PRO A 1374 -55.98 -57.37 -5.67
C PRO A 1374 -55.01 -58.20 -4.84
N ALA A 1375 -55.42 -58.47 -3.60
CA ALA A 1375 -54.56 -59.20 -2.67
C ALA A 1375 -54.28 -60.61 -3.15
N ARG A 1376 -55.29 -61.28 -3.73
CA ARG A 1376 -55.11 -62.67 -4.13
C ARG A 1376 -54.04 -62.80 -5.22
N LEU A 1377 -54.04 -61.88 -6.18
CA LEU A 1377 -53.03 -61.90 -7.23
C LEU A 1377 -51.67 -61.38 -6.77
N ARG A 1378 -51.61 -60.76 -5.59
CA ARG A 1378 -50.36 -60.22 -5.06
C ARG A 1378 -49.59 -61.24 -4.23
N GLN A 1379 -50.12 -62.44 -4.03
CA GLN A 1379 -49.48 -63.47 -3.22
C GLN A 1379 -48.86 -64.59 -4.04
N TYR A 1380 -48.89 -64.50 -5.37
CA TYR A 1380 -48.35 -65.56 -6.20
C TYR A 1380 -46.86 -65.38 -6.44
N ALA A 1381 -46.19 -66.50 -6.75
CA ALA A 1381 -44.75 -66.47 -7.00
C ALA A 1381 -44.42 -65.78 -8.32
N SER A 1382 -45.25 -65.98 -9.35
CA SER A 1382 -45.02 -65.30 -10.63
C SER A 1382 -45.21 -63.80 -10.49
N TYR A 1383 -46.15 -63.39 -9.64
CA TYR A 1383 -46.31 -61.96 -9.34
C TYR A 1383 -45.03 -61.40 -8.73
N GLU A 1384 -44.44 -62.13 -7.78
CA GLU A 1384 -43.16 -61.71 -7.22
C GLU A 1384 -42.08 -61.67 -8.28
N PHE A 1385 -42.09 -62.64 -9.20
CA PHE A 1385 -41.07 -62.70 -10.24
C PHE A 1385 -41.12 -61.44 -11.11
N VAL A 1386 -42.30 -61.12 -11.64
CA VAL A 1386 -42.42 -59.90 -12.43
C VAL A 1386 -42.17 -58.67 -11.57
N GLN A 1387 -42.45 -58.76 -10.26
CA GLN A 1387 -42.23 -57.63 -9.37
C GLN A 1387 -40.75 -57.27 -9.29
N ARG A 1388 -39.90 -58.21 -8.87
CA ARG A 1388 -38.48 -57.82 -8.82
C ARG A 1388 -37.88 -57.73 -10.22
N LEU A 1389 -38.52 -58.32 -11.22
CA LEU A 1389 -38.05 -58.13 -12.59
C LEU A 1389 -38.19 -56.68 -13.02
N LEU A 1390 -39.37 -56.09 -12.79
CA LEU A 1390 -39.58 -54.69 -13.09
C LEU A 1390 -38.76 -53.79 -12.17
N LYS A 1391 -38.54 -54.21 -10.92
CA LYS A 1391 -37.66 -53.44 -10.05
C LYS A 1391 -36.25 -53.36 -10.63
N GLY A 1392 -35.73 -54.50 -11.10
CA GLY A 1392 -34.44 -54.50 -11.76
C GLY A 1392 -34.42 -53.69 -13.03
N TYR A 1393 -35.52 -53.70 -13.78
CA TYR A 1393 -35.58 -52.88 -14.98
C TYR A 1393 -35.51 -51.40 -14.65
N MET A 1394 -36.26 -50.96 -13.63
CA MET A 1394 -36.17 -49.57 -13.22
C MET A 1394 -34.78 -49.23 -12.68
N LYS A 1395 -34.12 -50.20 -12.05
CA LYS A 1395 -32.77 -49.96 -11.56
C LYS A 1395 -31.78 -49.77 -12.71
N ILE A 1396 -31.86 -50.65 -13.72
CA ILE A 1396 -30.97 -50.55 -14.88
C ILE A 1396 -31.36 -49.45 -15.84
N ASN A 1397 -32.53 -48.82 -15.63
CA ASN A 1397 -32.92 -47.69 -16.46
C ASN A 1397 -31.83 -46.62 -16.48
N MET A 1398 -31.18 -46.38 -15.34
CA MET A 1398 -30.09 -45.41 -15.30
C MET A 1398 -29.01 -45.77 -16.32
N LEU A 1399 -28.54 -47.01 -16.29
CA LEU A 1399 -27.60 -47.49 -17.31
C LEU A 1399 -28.16 -47.29 -18.71
N VAL A 1400 -29.48 -47.40 -18.87
CA VAL A 1400 -30.09 -47.12 -20.16
C VAL A 1400 -29.86 -45.66 -20.56
N ILE A 1401 -30.00 -44.74 -19.60
CA ILE A 1401 -29.71 -43.33 -19.92
C ILE A 1401 -28.27 -43.15 -20.39
N GLU A 1402 -27.30 -43.66 -19.62
CA GLU A 1402 -25.91 -43.41 -20.04
C GLU A 1402 -25.57 -44.13 -21.35
N LEU A 1403 -26.14 -45.31 -21.57
CA LEU A 1403 -25.88 -46.00 -22.83
C LEU A 1403 -26.43 -45.23 -24.02
N LYS A 1404 -27.53 -44.49 -23.81
CA LYS A 1404 -28.06 -43.62 -24.84
C LYS A 1404 -27.27 -42.31 -24.82
N SER A 1405 -26.19 -42.25 -25.58
CA SER A 1405 -25.35 -41.06 -25.64
C SER A 1405 -24.64 -41.04 -26.99
N GLU A 1406 -23.98 -39.92 -27.26
CA GLU A 1406 -23.26 -39.72 -28.53
C GLU A 1406 -21.78 -40.00 -28.39
N ALA A 1407 -21.34 -40.46 -27.22
CA ALA A 1407 -19.93 -40.73 -26.99
C ALA A 1407 -19.51 -42.14 -27.38
N LEU A 1408 -20.45 -43.00 -27.74
CA LEU A 1408 -20.18 -44.40 -28.05
C LEU A 1408 -20.59 -44.73 -29.48
N LYS A 1409 -20.20 -43.88 -30.43
CA LYS A 1409 -20.69 -43.95 -31.80
C LYS A 1409 -20.55 -45.35 -32.43
N ASP A 1410 -19.34 -45.85 -32.59
CA ASP A 1410 -19.16 -47.23 -33.04
C ASP A 1410 -18.11 -48.00 -32.25
N ARG A 1411 -17.01 -47.34 -31.85
CA ARG A 1411 -15.89 -48.04 -31.25
C ARG A 1411 -16.25 -48.62 -29.88
N HIS A 1412 -16.87 -47.80 -29.04
CA HIS A 1412 -17.14 -48.21 -27.66
C HIS A 1412 -18.20 -49.30 -27.59
N TRP A 1413 -19.19 -49.28 -28.49
CA TRP A 1413 -20.12 -50.39 -28.55
C TRP A 1413 -19.40 -51.69 -28.88
N LYS A 1414 -18.51 -51.66 -29.87
CA LYS A 1414 -17.76 -52.87 -30.21
C LYS A 1414 -16.90 -53.34 -29.05
N GLN A 1415 -16.30 -52.40 -28.31
CA GLN A 1415 -15.60 -52.79 -27.09
C GLN A 1415 -16.54 -53.47 -26.10
N LEU A 1416 -17.76 -52.96 -25.98
CA LEU A 1416 -18.74 -53.59 -25.09
C LEU A 1416 -19.04 -55.02 -25.53
N MET A 1417 -19.28 -55.21 -26.83
CA MET A 1417 -19.57 -56.57 -27.31
C MET A 1417 -18.38 -57.50 -27.09
N LYS A 1418 -17.16 -57.05 -27.39
CA LYS A 1418 -16.02 -57.95 -27.26
C LYS A 1418 -15.73 -58.26 -25.80
N ARG A 1419 -16.02 -57.32 -24.89
CA ARG A 1419 -15.85 -57.60 -23.47
C ARG A 1419 -17.03 -58.30 -22.84
N LEU A 1420 -18.21 -58.27 -23.48
CA LEU A 1420 -19.37 -58.99 -23.00
C LEU A 1420 -19.67 -60.27 -23.78
N HIS A 1421 -19.00 -60.46 -24.92
CA HIS A 1421 -19.06 -61.70 -25.70
C HIS A 1421 -20.44 -61.98 -26.28
N VAL A 1422 -21.29 -60.95 -26.38
CA VAL A 1422 -22.61 -61.07 -26.99
C VAL A 1422 -22.71 -60.05 -28.12
N ASN A 1423 -23.14 -60.51 -29.29
CA ASN A 1423 -23.23 -59.65 -30.47
C ASN A 1423 -24.40 -58.69 -30.34
N TRP A 1424 -24.15 -57.42 -30.62
CA TRP A 1424 -25.19 -56.40 -30.62
C TRP A 1424 -24.83 -55.34 -31.65
N VAL A 1425 -25.23 -55.54 -32.90
CA VAL A 1425 -24.95 -54.58 -33.95
C VAL A 1425 -25.95 -53.44 -33.83
N VAL A 1426 -25.45 -52.21 -33.77
CA VAL A 1426 -26.27 -51.05 -33.43
C VAL A 1426 -27.40 -50.85 -34.44
N SER A 1427 -27.13 -51.10 -35.72
CA SER A 1427 -28.12 -50.88 -36.76
C SER A 1427 -29.27 -51.87 -36.72
N GLU A 1428 -29.11 -52.98 -36.00
CA GLU A 1428 -30.18 -53.98 -35.86
C GLU A 1428 -30.58 -54.11 -34.40
N LEU A 1429 -29.93 -53.35 -33.52
CA LEU A 1429 -30.14 -53.42 -32.09
C LEU A 1429 -31.53 -52.93 -31.70
N THR A 1430 -32.17 -53.67 -30.80
CA THR A 1430 -33.45 -53.29 -30.22
C THR A 1430 -33.31 -53.28 -28.71
N LEU A 1431 -34.24 -52.59 -28.04
CA LEU A 1431 -34.16 -52.49 -26.59
C LEU A 1431 -34.25 -53.86 -25.93
N GLY A 1432 -34.91 -54.82 -26.58
CA GLY A 1432 -35.01 -56.16 -26.02
C GLY A 1432 -33.66 -56.84 -25.87
N GLN A 1433 -32.77 -56.65 -26.86
CA GLN A 1433 -31.46 -57.30 -26.80
C GLN A 1433 -30.64 -56.79 -25.63
N ILE A 1434 -30.64 -55.47 -25.41
CA ILE A 1434 -29.94 -54.92 -24.25
C ILE A 1434 -30.62 -55.36 -22.97
N TRP A 1435 -31.96 -55.42 -22.97
CA TRP A 1435 -32.71 -55.86 -21.81
C TRP A 1435 -32.44 -57.32 -21.46
N ASP A 1436 -32.00 -58.12 -22.43
CA ASP A 1436 -31.74 -59.53 -22.18
C ASP A 1436 -30.56 -59.73 -21.23
N VAL A 1437 -29.49 -58.96 -21.42
CA VAL A 1437 -28.25 -59.18 -20.69
C VAL A 1437 -28.38 -58.58 -19.30
N ASP A 1438 -27.71 -59.22 -18.34
CA ASP A 1438 -27.77 -58.83 -16.93
C ASP A 1438 -26.92 -57.58 -16.74
N LEU A 1439 -27.56 -56.44 -16.52
CA LEU A 1439 -26.82 -55.22 -16.24
C LEU A 1439 -26.49 -55.07 -14.76
N GLN A 1440 -27.04 -55.94 -13.91
CA GLN A 1440 -26.58 -55.97 -12.52
C GLN A 1440 -25.13 -56.38 -12.42
N LYS A 1441 -24.69 -57.28 -13.29
CA LYS A 1441 -23.38 -57.91 -13.20
C LYS A 1441 -22.32 -57.23 -14.06
N ASN A 1442 -22.70 -56.77 -15.26
CA ASN A 1442 -21.74 -56.20 -16.20
C ASN A 1442 -21.67 -54.68 -16.12
N GLU A 1443 -21.90 -54.11 -14.93
CA GLU A 1443 -21.87 -52.66 -14.80
C GLU A 1443 -20.45 -52.11 -14.85
N ALA A 1444 -19.45 -52.93 -14.46
CA ALA A 1444 -18.07 -52.44 -14.39
C ALA A 1444 -17.54 -52.08 -15.77
N ILE A 1445 -17.70 -53.00 -16.73
CA ILE A 1445 -17.26 -52.73 -18.10
C ILE A 1445 -18.03 -51.54 -18.67
N VAL A 1446 -19.33 -51.46 -18.36
CA VAL A 1446 -20.15 -50.35 -18.84
C VAL A 1446 -19.60 -49.02 -18.36
N LYS A 1447 -19.33 -48.91 -17.06
CA LYS A 1447 -18.82 -47.65 -16.52
C LYS A 1447 -17.43 -47.34 -17.06
N ASP A 1448 -16.57 -48.35 -17.18
CA ASP A 1448 -15.22 -48.11 -17.70
C ASP A 1448 -15.26 -47.58 -19.12
N VAL A 1449 -16.01 -48.24 -20.00
CA VAL A 1449 -16.10 -47.78 -21.38
C VAL A 1449 -16.84 -46.44 -21.44
N LEU A 1450 -17.74 -46.18 -20.49
CA LEU A 1450 -18.42 -44.88 -20.46
C LEU A 1450 -17.43 -43.76 -20.18
N LEU A 1451 -16.59 -43.92 -19.15
CA LEU A 1451 -15.58 -42.89 -18.87
C LEU A 1451 -14.60 -42.75 -20.02
N VAL A 1452 -14.20 -43.88 -20.63
CA VAL A 1452 -13.30 -43.83 -21.77
C VAL A 1452 -13.93 -43.01 -22.89
N ALA A 1453 -15.21 -43.26 -23.18
CA ALA A 1453 -15.91 -42.54 -24.24
C ALA A 1453 -16.06 -41.06 -23.90
N GLN A 1454 -16.32 -40.74 -22.64
CA GLN A 1454 -16.42 -39.34 -22.24
C GLN A 1454 -15.10 -38.61 -22.49
N GLY A 1455 -13.98 -39.23 -22.10
CA GLY A 1455 -12.69 -38.63 -22.39
C GLY A 1455 -12.43 -38.49 -23.89
N GLU A 1456 -12.78 -39.53 -24.65
CA GLU A 1456 -12.58 -39.49 -26.09
C GLU A 1456 -13.36 -38.35 -26.72
N MET A 1457 -14.63 -38.18 -26.34
CA MET A 1457 -15.41 -37.11 -26.94
C MET A 1457 -14.98 -35.74 -26.44
N ALA A 1458 -14.45 -35.65 -25.22
CA ALA A 1458 -13.88 -34.38 -24.78
C ALA A 1458 -12.71 -33.97 -25.68
N LEU A 1459 -11.80 -34.91 -25.94
CA LEU A 1459 -10.67 -34.61 -26.82
C LEU A 1459 -11.15 -34.30 -28.23
N GLU A 1460 -12.14 -35.05 -28.72
CA GLU A 1460 -12.67 -34.83 -30.06
C GLU A 1460 -13.31 -33.47 -30.20
N GLU A 1461 -14.06 -33.04 -29.18
CA GLU A 1461 -14.65 -31.70 -29.20
C GLU A 1461 -13.57 -30.63 -29.14
N PHE A 1462 -12.50 -30.85 -28.38
CA PHE A 1462 -11.42 -29.87 -28.39
C PHE A 1462 -10.81 -29.73 -29.78
N LEU A 1463 -10.56 -30.86 -30.44
CA LEU A 1463 -9.96 -30.77 -31.78
C LEU A 1463 -10.94 -30.14 -32.78
N LYS A 1464 -12.24 -30.40 -32.62
CA LYS A 1464 -13.23 -29.72 -33.44
C LYS A 1464 -13.19 -28.21 -33.22
N GLN A 1465 -13.06 -27.78 -31.96
CA GLN A 1465 -12.94 -26.36 -31.67
C GLN A 1465 -11.67 -25.78 -32.31
N ILE A 1466 -10.58 -26.54 -32.29
CA ILE A 1466 -9.36 -26.11 -32.96
C ILE A 1466 -9.60 -25.90 -34.44
N ARG A 1467 -10.26 -26.87 -35.09
CA ARG A 1467 -10.55 -26.75 -36.51
C ARG A 1467 -11.39 -25.52 -36.80
N GLU A 1468 -12.44 -25.31 -36.01
CA GLU A 1468 -13.32 -24.18 -36.24
C GLU A 1468 -12.61 -22.85 -36.04
N VAL A 1469 -11.80 -22.74 -34.99
CA VAL A 1469 -11.15 -21.46 -34.70
C VAL A 1469 -10.07 -21.17 -35.73
N TRP A 1470 -9.34 -22.19 -36.19
CA TRP A 1470 -8.24 -21.91 -37.12
C TRP A 1470 -8.68 -21.81 -38.56
N ASN A 1471 -9.81 -22.42 -38.93
CA ASN A 1471 -10.30 -22.27 -40.30
C ASN A 1471 -10.95 -20.91 -40.54
N THR A 1472 -11.17 -20.12 -39.48
CA THR A 1472 -11.80 -18.81 -39.62
C THR A 1472 -10.93 -17.66 -39.12
N TYR A 1473 -9.85 -17.93 -38.40
CA TYR A 1473 -9.02 -16.85 -37.88
C TYR A 1473 -8.30 -16.13 -39.01
N GLU A 1474 -8.14 -14.81 -38.85
CA GLU A 1474 -7.49 -14.00 -39.85
C GLU A 1474 -6.68 -12.91 -39.17
N LEU A 1475 -5.70 -12.37 -39.91
CA LEU A 1475 -4.80 -11.36 -39.36
C LEU A 1475 -5.46 -9.99 -39.41
N ASP A 1476 -5.56 -9.33 -38.26
CA ASP A 1476 -6.08 -7.97 -38.22
C ASP A 1476 -5.07 -7.02 -38.84
N LEU A 1477 -5.43 -6.42 -39.97
CA LEU A 1477 -4.54 -5.55 -40.72
C LEU A 1477 -4.98 -4.10 -40.59
N VAL A 1478 -4.00 -3.21 -40.39
CA VAL A 1478 -4.22 -1.77 -40.31
C VAL A 1478 -3.27 -1.08 -41.27
N ASN A 1479 -3.68 0.08 -41.79
CA ASN A 1479 -2.84 0.82 -42.70
C ASN A 1479 -1.68 1.48 -41.96
N TYR A 1480 -0.66 1.85 -42.72
CA TYR A 1480 0.52 2.52 -42.16
C TYR A 1480 1.03 3.53 -43.18
N GLN A 1481 0.88 4.83 -42.86
CA GLN A 1481 1.33 5.92 -43.70
C GLN A 1481 0.71 5.86 -45.10
N ASN A 1482 -0.44 5.18 -45.22
CA ASN A 1482 -1.16 5.04 -46.48
C ASN A 1482 -0.25 4.47 -47.58
N LYS A 1483 0.56 3.49 -47.21
CA LYS A 1483 1.43 2.81 -48.16
C LYS A 1483 1.25 1.30 -48.16
N CYS A 1484 0.95 0.70 -47.00
CA CYS A 1484 0.69 -0.73 -46.92
C CYS A 1484 -0.12 -1.00 -45.66
N ARG A 1485 -0.75 -2.17 -45.63
CA ARG A 1485 -1.56 -2.59 -44.50
C ARG A 1485 -0.75 -3.59 -43.68
N LEU A 1486 -0.24 -3.14 -42.52
CA LEU A 1486 0.56 -3.98 -41.67
C LEU A 1486 -0.32 -4.77 -40.71
N ILE A 1487 0.33 -5.56 -39.85
CA ILE A 1487 -0.38 -6.47 -38.95
C ILE A 1487 -0.44 -5.85 -37.56
N ARG A 1488 -1.63 -5.78 -37.00
CA ARG A 1488 -1.85 -5.37 -35.61
C ARG A 1488 -2.53 -6.49 -34.85
N GLY A 1489 -2.02 -6.79 -33.66
CA GLY A 1489 -2.57 -7.84 -32.84
C GLY A 1489 -1.67 -9.05 -32.74
N TRP A 1490 -0.36 -8.81 -32.66
CA TRP A 1490 0.59 -9.92 -32.53
C TRP A 1490 0.41 -10.64 -31.20
N ASP A 1491 0.14 -9.90 -30.14
CA ASP A 1491 0.07 -10.50 -28.81
C ASP A 1491 -1.05 -11.54 -28.72
N ASP A 1492 -2.24 -11.19 -29.23
CA ASP A 1492 -3.37 -12.11 -29.11
C ASP A 1492 -3.13 -13.39 -29.90
N LEU A 1493 -2.59 -13.28 -31.12
CA LEU A 1493 -2.32 -14.47 -31.91
C LEU A 1493 -1.23 -15.31 -31.28
N PHE A 1494 -0.22 -14.66 -30.68
CA PHE A 1494 0.81 -15.41 -29.98
C PHE A 1494 0.23 -16.19 -28.79
N ASN A 1495 -0.62 -15.54 -28.00
CA ASN A 1495 -1.25 -16.26 -26.90
C ASN A 1495 -2.11 -17.41 -27.40
N LYS A 1496 -2.85 -17.18 -28.50
CA LYS A 1496 -3.70 -18.23 -29.04
C LYS A 1496 -2.87 -19.45 -29.48
N VAL A 1497 -1.80 -19.21 -30.24
CA VAL A 1497 -0.99 -20.32 -30.74
C VAL A 1497 -0.27 -21.02 -29.60
N LYS A 1498 0.25 -20.27 -28.62
CA LYS A 1498 0.92 -20.91 -27.49
C LYS A 1498 -0.05 -21.72 -26.65
N GLU A 1499 -1.26 -21.19 -26.42
CA GLU A 1499 -2.28 -21.94 -25.71
C GLU A 1499 -2.61 -23.24 -26.42
N HIS A 1500 -2.79 -23.17 -27.73
CA HIS A 1500 -3.16 -24.37 -28.49
C HIS A 1500 -2.03 -25.40 -28.44
N ILE A 1501 -0.78 -24.94 -28.56
CA ILE A 1501 0.37 -25.84 -28.49
C ILE A 1501 0.46 -26.51 -27.12
N ASN A 1502 0.32 -25.72 -26.05
CA ASN A 1502 0.37 -26.30 -24.71
C ASN A 1502 -0.75 -27.29 -24.49
N SER A 1503 -1.96 -26.98 -24.99
CA SER A 1503 -3.08 -27.87 -24.78
C SER A 1503 -2.90 -29.18 -25.55
N VAL A 1504 -2.39 -29.13 -26.78
CA VAL A 1504 -2.18 -30.39 -27.49
C VAL A 1504 -1.05 -31.19 -26.86
N SER A 1505 0.00 -30.53 -26.39
CA SER A 1505 1.07 -31.25 -25.71
C SER A 1505 0.56 -31.91 -24.43
N ALA A 1506 -0.33 -31.24 -23.71
CA ALA A 1506 -0.93 -31.84 -22.53
C ALA A 1506 -1.86 -33.00 -22.89
N MET A 1507 -2.60 -32.87 -24.00
CA MET A 1507 -3.41 -33.99 -24.49
C MET A 1507 -2.54 -35.19 -24.80
N LYS A 1508 -1.30 -34.95 -25.25
CA LYS A 1508 -0.39 -36.06 -25.49
C LYS A 1508 -0.17 -36.89 -24.23
N LEU A 1509 -0.42 -36.32 -23.04
CA LEU A 1509 -0.28 -37.05 -21.77
C LEU A 1509 -1.58 -37.64 -21.29
N SER A 1510 -2.70 -37.40 -21.99
CA SER A 1510 -4.00 -37.86 -21.53
C SER A 1510 -4.12 -39.38 -21.71
N PRO A 1511 -4.75 -40.06 -20.76
CA PRO A 1511 -4.92 -41.51 -20.88
C PRO A 1511 -5.84 -41.94 -22.01
N TYR A 1512 -6.63 -41.03 -22.56
CA TYR A 1512 -7.52 -41.33 -23.68
C TYR A 1512 -6.92 -40.98 -25.03
N TYR A 1513 -5.63 -40.64 -25.08
CA TYR A 1513 -4.99 -40.19 -26.31
C TYR A 1513 -4.41 -41.39 -27.05
N LYS A 1514 -5.30 -42.19 -27.63
CA LYS A 1514 -4.91 -43.35 -28.44
C LYS A 1514 -5.28 -43.20 -29.90
N VAL A 1515 -6.55 -42.97 -30.22
CA VAL A 1515 -6.98 -42.94 -31.62
C VAL A 1515 -6.96 -41.55 -32.24
N PHE A 1516 -6.57 -40.53 -31.48
CA PHE A 1516 -6.48 -39.17 -31.98
C PHE A 1516 -5.06 -38.75 -32.31
N GLU A 1517 -4.12 -39.70 -32.35
CA GLU A 1517 -2.70 -39.35 -32.44
C GLU A 1517 -2.38 -38.65 -33.75
N GLU A 1518 -2.88 -39.17 -34.87
CA GLU A 1518 -2.53 -38.60 -36.17
C GLU A 1518 -3.02 -37.16 -36.30
N ASP A 1519 -4.24 -36.89 -35.85
CA ASP A 1519 -4.76 -35.52 -35.87
C ASP A 1519 -3.93 -34.61 -34.99
N ALA A 1520 -3.54 -35.10 -33.81
CA ALA A 1520 -2.72 -34.29 -32.91
C ALA A 1520 -1.37 -33.96 -33.52
N LEU A 1521 -0.71 -34.94 -34.16
CA LEU A 1521 0.57 -34.67 -34.78
C LEU A 1521 0.43 -33.67 -35.94
N SER A 1522 -0.60 -33.86 -36.77
CA SER A 1522 -0.80 -32.91 -37.87
C SER A 1522 -1.05 -31.50 -37.35
N TRP A 1523 -1.89 -31.38 -36.30
CA TRP A 1523 -2.21 -30.07 -35.77
C TRP A 1523 -1.01 -29.43 -35.09
N GLU A 1524 -0.21 -30.20 -34.36
CA GLU A 1524 0.97 -29.61 -33.74
C GLU A 1524 2.00 -29.20 -34.78
N ASP A 1525 2.09 -29.95 -35.90
CA ASP A 1525 2.94 -29.50 -37.00
C ASP A 1525 2.45 -28.16 -37.54
N LYS A 1526 1.13 -28.03 -37.76
CA LYS A 1526 0.59 -26.77 -38.27
C LYS A 1526 0.85 -25.62 -37.30
N LEU A 1527 0.64 -25.86 -36.01
CA LEU A 1527 0.83 -24.81 -35.01
C LEU A 1527 2.30 -24.42 -34.85
N ASN A 1528 3.23 -25.39 -34.92
CA ASN A 1528 4.64 -25.05 -34.88
C ASN A 1528 5.04 -24.22 -36.10
N ARG A 1529 4.52 -24.59 -37.28
CA ARG A 1529 4.78 -23.79 -38.48
C ARG A 1529 4.26 -22.37 -38.29
N ILE A 1530 3.04 -22.23 -37.78
CA ILE A 1530 2.46 -20.92 -37.55
C ILE A 1530 3.31 -20.11 -36.57
N MET A 1531 3.72 -20.75 -35.48
CA MET A 1531 4.45 -20.06 -34.42
C MET A 1531 5.79 -19.55 -34.93
N ALA A 1532 6.55 -20.42 -35.62
CA ALA A 1532 7.83 -19.99 -36.16
C ALA A 1532 7.66 -18.90 -37.21
N LEU A 1533 6.68 -19.08 -38.10
CA LEU A 1533 6.43 -18.11 -39.16
C LEU A 1533 6.13 -16.73 -38.59
N PHE A 1534 5.22 -16.66 -37.61
CA PHE A 1534 4.87 -15.36 -37.05
C PHE A 1534 5.96 -14.82 -36.14
N ASP A 1535 6.74 -15.70 -35.50
CA ASP A 1535 7.85 -15.24 -34.67
C ASP A 1535 8.89 -14.52 -35.52
N VAL A 1536 9.20 -15.05 -36.70
CA VAL A 1536 10.14 -14.33 -37.55
C VAL A 1536 9.43 -13.15 -38.25
N TRP A 1537 8.13 -13.26 -38.48
CA TRP A 1537 7.39 -12.20 -39.16
C TRP A 1537 7.37 -10.92 -38.32
N ILE A 1538 7.15 -11.04 -37.02
CA ILE A 1538 7.07 -9.85 -36.19
C ILE A 1538 8.42 -9.15 -36.14
N ASP A 1539 9.51 -9.91 -36.06
CA ASP A 1539 10.84 -9.32 -36.09
C ASP A 1539 11.11 -8.61 -37.41
N VAL A 1540 10.74 -9.26 -38.53
CA VAL A 1540 10.92 -8.63 -39.83
C VAL A 1540 10.12 -7.34 -39.92
N GLN A 1541 8.89 -7.37 -39.42
CA GLN A 1541 8.03 -6.20 -39.43
C GLN A 1541 8.62 -5.05 -38.63
N ARG A 1542 9.08 -5.33 -37.41
CA ARG A 1542 9.66 -4.28 -36.58
C ARG A 1542 10.92 -3.71 -37.21
N ARG A 1543 11.79 -4.57 -37.75
CA ARG A 1543 13.00 -4.09 -38.40
C ARG A 1543 12.66 -3.23 -39.61
N TRP A 1544 11.68 -3.67 -40.41
CA TRP A 1544 11.33 -2.93 -41.61
C TRP A 1544 10.74 -1.57 -41.28
N VAL A 1545 9.85 -1.50 -40.29
CA VAL A 1545 9.27 -0.21 -39.94
C VAL A 1545 10.31 0.72 -39.34
N TYR A 1546 11.24 0.17 -38.55
CA TYR A 1546 12.34 0.98 -38.03
C TYR A 1546 13.17 1.56 -39.16
N LEU A 1547 13.53 0.73 -40.14
CA LEU A 1547 14.36 1.21 -41.25
C LEU A 1547 13.60 2.19 -42.13
N GLU A 1548 12.29 2.00 -42.30
CA GLU A 1548 11.50 2.98 -43.05
C GLU A 1548 11.50 4.32 -42.32
N GLY A 1549 11.29 4.31 -41.01
CA GLY A 1549 11.36 5.54 -40.24
C GLY A 1549 12.71 6.20 -40.32
N ILE A 1550 13.77 5.42 -40.43
CA ILE A 1550 15.12 5.98 -40.50
C ILE A 1550 15.38 6.60 -41.87
N PHE A 1551 15.25 5.80 -42.93
CA PHE A 1551 15.65 6.19 -44.27
C PHE A 1551 14.63 7.08 -44.98
N THR A 1552 13.63 7.59 -44.27
CA THR A 1552 12.68 8.52 -44.87
C THR A 1552 12.68 9.89 -44.20
N GLY A 1553 13.43 10.06 -43.11
CA GLY A 1553 13.50 11.34 -42.43
C GLY A 1553 14.43 12.32 -43.11
N SER A 1554 15.40 11.80 -43.87
CA SER A 1554 16.35 12.66 -44.58
C SER A 1554 16.95 11.86 -45.72
N ALA A 1555 17.00 12.46 -46.91
CA ALA A 1555 17.59 11.79 -48.06
C ALA A 1555 19.10 11.76 -47.99
N ASP A 1556 19.72 12.63 -47.18
CA ASP A 1556 21.17 12.64 -47.08
C ASP A 1556 21.72 11.37 -46.46
N ILE A 1557 20.91 10.63 -45.71
CA ILE A 1557 21.34 9.33 -45.20
C ILE A 1557 21.66 8.39 -46.36
N LYS A 1558 20.88 8.48 -47.44
CA LYS A 1558 21.16 7.68 -48.62
C LYS A 1558 22.50 8.06 -49.25
N HIS A 1559 22.78 9.37 -49.33
CA HIS A 1559 24.07 9.81 -49.86
C HIS A 1559 25.22 9.45 -48.94
N LEU A 1560 24.95 9.24 -47.65
CA LEU A 1560 25.99 8.80 -46.72
C LEU A 1560 26.07 7.28 -46.60
N LEU A 1561 24.96 6.58 -46.77
CA LEU A 1561 24.90 5.13 -46.72
C LEU A 1561 24.17 4.63 -47.96
N PRO A 1562 24.85 4.56 -49.11
CA PRO A 1562 24.16 4.22 -50.36
C PRO A 1562 23.86 2.73 -50.53
N VAL A 1563 24.80 1.87 -50.13
CA VAL A 1563 24.59 0.44 -50.33
C VAL A 1563 23.48 -0.08 -49.41
N GLU A 1564 23.45 0.40 -48.17
CA GLU A 1564 22.33 0.07 -47.29
C GLU A 1564 21.03 0.59 -47.84
N THR A 1565 21.06 1.77 -48.46
CA THR A 1565 19.84 2.34 -49.05
C THR A 1565 19.32 1.47 -50.18
N GLN A 1566 20.20 1.02 -51.07
CA GLN A 1566 19.76 0.16 -52.18
C GLN A 1566 19.25 -1.18 -51.67
N ARG A 1567 19.97 -1.78 -50.71
CA ARG A 1567 19.53 -3.06 -50.16
C ARG A 1567 18.16 -2.92 -49.50
N PHE A 1568 17.97 -1.87 -48.71
CA PHE A 1568 16.67 -1.64 -48.07
C PHE A 1568 15.60 -1.32 -49.09
N GLN A 1569 15.94 -0.67 -50.20
CA GLN A 1569 14.96 -0.43 -51.25
C GLN A 1569 14.44 -1.75 -51.82
N SER A 1570 15.37 -2.65 -52.15
CA SER A 1570 14.96 -3.95 -52.68
C SER A 1570 14.14 -4.73 -51.65
N ILE A 1571 14.59 -4.74 -50.40
CA ILE A 1571 13.90 -5.48 -49.35
C ILE A 1571 12.51 -4.89 -49.11
N SER A 1572 12.40 -3.57 -49.13
CA SER A 1572 11.11 -2.92 -48.94
C SER A 1572 10.17 -3.26 -50.09
N THR A 1573 10.68 -3.30 -51.32
CA THR A 1573 9.83 -3.69 -52.44
C THR A 1573 9.31 -5.11 -52.26
N GLU A 1574 10.20 -6.04 -51.88
CA GLU A 1574 9.77 -7.42 -51.66
C GLU A 1574 8.75 -7.51 -50.52
N PHE A 1575 8.99 -6.77 -49.44
CA PHE A 1575 8.08 -6.85 -48.30
C PHE A 1575 6.74 -6.21 -48.63
N LEU A 1576 6.73 -5.18 -49.48
CA LEU A 1576 5.46 -4.60 -49.93
C LEU A 1576 4.70 -5.58 -50.81
N ALA A 1577 5.40 -6.32 -51.66
CA ALA A 1577 4.73 -7.37 -52.44
C ALA A 1577 4.13 -8.43 -51.51
N LEU A 1578 4.88 -8.83 -50.49
CA LEU A 1578 4.37 -9.80 -49.52
C LEU A 1578 3.14 -9.24 -48.79
N MET A 1579 3.20 -7.96 -48.41
CA MET A 1579 2.08 -7.32 -47.74
C MET A 1579 0.85 -7.27 -48.62
N LYS A 1580 1.02 -6.99 -49.92
CA LYS A 1580 -0.10 -7.04 -50.85
C LYS A 1580 -0.70 -8.44 -50.90
N LYS A 1581 0.16 -9.46 -50.96
CA LYS A 1581 -0.34 -10.84 -50.98
C LYS A 1581 -1.13 -11.16 -49.72
N VAL A 1582 -0.65 -10.71 -48.56
CA VAL A 1582 -1.38 -10.95 -47.32
C VAL A 1582 -2.70 -10.20 -47.32
N SER A 1583 -2.71 -8.94 -47.77
CA SER A 1583 -3.93 -8.16 -47.78
C SER A 1583 -4.96 -8.75 -48.73
N LYS A 1584 -4.51 -9.48 -49.75
CA LYS A 1584 -5.47 -10.18 -50.61
C LYS A 1584 -6.26 -11.22 -49.84
N SER A 1585 -5.63 -11.88 -48.87
CA SER A 1585 -6.32 -12.89 -48.07
C SER A 1585 -5.70 -12.97 -46.68
N PRO A 1586 -6.40 -12.52 -45.64
CA PRO A 1586 -5.84 -12.52 -44.29
C PRO A 1586 -5.97 -13.82 -43.52
N LEU A 1587 -6.58 -14.85 -44.11
CA LEU A 1587 -6.76 -16.12 -43.42
C LEU A 1587 -5.41 -16.73 -43.06
N VAL A 1588 -5.28 -17.18 -41.82
CA VAL A 1588 -3.99 -17.70 -41.33
C VAL A 1588 -3.59 -18.95 -42.11
N MET A 1589 -4.56 -19.81 -42.40
CA MET A 1589 -4.26 -21.02 -43.17
C MET A 1589 -3.74 -20.68 -44.56
N ASP A 1590 -4.33 -19.67 -45.21
CA ASP A 1590 -3.91 -19.32 -46.56
C ASP A 1590 -2.49 -18.79 -46.58
N VAL A 1591 -2.19 -17.81 -45.71
CA VAL A 1591 -0.85 -17.24 -45.69
C VAL A 1591 0.17 -18.27 -45.25
N LEU A 1592 -0.21 -19.17 -44.34
CA LEU A 1592 0.67 -20.27 -43.97
C LEU A 1592 0.96 -21.17 -45.17
N ASN A 1593 -0.06 -21.45 -45.99
CA ASN A 1593 0.07 -22.41 -47.07
C ASN A 1593 0.82 -21.86 -48.28
N ILE A 1594 1.08 -20.55 -48.34
CA ILE A 1594 1.86 -20.02 -49.45
C ILE A 1594 3.28 -20.56 -49.38
N GLN A 1595 3.75 -21.12 -50.50
CA GLN A 1595 5.05 -21.75 -50.53
C GLN A 1595 6.17 -20.72 -50.48
N GLY A 1596 7.30 -21.11 -49.90
CA GLY A 1596 8.48 -20.28 -49.85
C GLY A 1596 8.41 -19.10 -48.90
N VAL A 1597 7.35 -18.98 -48.10
CA VAL A 1597 7.25 -17.86 -47.18
C VAL A 1597 8.28 -17.97 -46.07
N GLN A 1598 8.53 -19.18 -45.56
CA GLN A 1598 9.45 -19.36 -44.45
C GLN A 1598 10.86 -18.93 -44.82
N ARG A 1599 11.38 -19.47 -45.93
CA ARG A 1599 12.75 -19.17 -46.33
C ARG A 1599 12.90 -17.71 -46.74
N SER A 1600 11.90 -17.17 -47.44
CA SER A 1600 11.95 -15.77 -47.82
C SER A 1600 11.95 -14.86 -46.60
N LEU A 1601 11.15 -15.22 -45.58
CA LEU A 1601 11.15 -14.46 -44.34
C LEU A 1601 12.48 -14.56 -43.60
N GLU A 1602 13.10 -15.75 -43.61
CA GLU A 1602 14.42 -15.88 -43.01
C GLU A 1602 15.44 -14.98 -43.70
N ARG A 1603 15.42 -14.97 -45.04
CA ARG A 1603 16.32 -14.12 -45.79
C ARG A 1603 16.05 -12.65 -45.51
N LEU A 1604 14.77 -12.27 -45.44
CA LEU A 1604 14.40 -10.90 -45.14
C LEU A 1604 14.92 -10.48 -43.76
N ALA A 1605 14.74 -11.35 -42.78
CA ALA A 1605 15.21 -11.05 -41.42
C ALA A 1605 16.72 -10.90 -41.39
N ASP A 1606 17.43 -11.80 -42.06
CA ASP A 1606 18.89 -11.71 -42.09
C ASP A 1606 19.35 -10.41 -42.74
N LEU A 1607 18.74 -10.04 -43.87
CA LEU A 1607 19.14 -8.82 -44.57
C LEU A 1607 18.83 -7.58 -43.73
N LEU A 1608 17.64 -7.53 -43.12
CA LEU A 1608 17.29 -6.38 -42.29
C LEU A 1608 18.19 -6.28 -41.08
N GLY A 1609 18.52 -7.41 -40.46
CA GLY A 1609 19.46 -7.39 -39.35
C GLY A 1609 20.82 -6.89 -39.75
N LYS A 1610 21.31 -7.32 -40.91
CA LYS A 1610 22.61 -6.83 -41.38
C LYS A 1610 22.56 -5.33 -41.66
N ILE A 1611 21.45 -4.84 -42.21
CA ILE A 1611 21.32 -3.41 -42.44
C ILE A 1611 21.34 -2.65 -41.11
N GLN A 1612 20.65 -3.18 -40.10
CA GLN A 1612 20.67 -2.53 -38.78
C GLN A 1612 22.07 -2.55 -38.18
N LYS A 1613 22.80 -3.65 -38.35
CA LYS A 1613 24.18 -3.68 -37.85
C LYS A 1613 25.04 -2.64 -38.55
N ALA A 1614 24.88 -2.49 -39.87
CA ALA A 1614 25.65 -1.48 -40.59
C ALA A 1614 25.29 -0.07 -40.13
N LEU A 1615 23.99 0.19 -39.93
CA LEU A 1615 23.56 1.52 -39.48
C LEU A 1615 24.08 1.82 -38.08
N GLY A 1616 24.00 0.83 -37.18
CA GLY A 1616 24.53 1.02 -35.85
C GLY A 1616 26.03 1.24 -35.84
N GLU A 1617 26.74 0.52 -36.70
CA GLU A 1617 28.19 0.72 -36.81
C GLU A 1617 28.52 2.11 -37.33
N TYR A 1618 27.75 2.61 -38.30
CA TYR A 1618 27.98 3.96 -38.79
C TYR A 1618 27.71 5.00 -37.71
N LEU A 1619 26.61 4.83 -36.97
CA LEU A 1619 26.30 5.77 -35.89
C LEU A 1619 27.38 5.72 -34.81
N GLU A 1620 27.87 4.52 -34.49
CA GLU A 1620 28.94 4.39 -33.51
C GLU A 1620 30.22 5.04 -34.01
N ARG A 1621 30.52 4.92 -35.30
CA ARG A 1621 31.70 5.58 -35.86
C ARG A 1621 31.57 7.09 -35.72
N GLU A 1622 30.39 7.63 -36.04
CA GLU A 1622 30.18 9.07 -35.93
C GLU A 1622 30.30 9.52 -34.48
N ARG A 1623 29.75 8.75 -33.54
CA ARG A 1623 29.83 9.13 -32.13
C ARG A 1623 31.25 9.05 -31.61
N SER A 1624 32.02 8.05 -32.05
CA SER A 1624 33.40 7.93 -31.61
C SER A 1624 34.27 9.05 -32.18
N SER A 1625 34.02 9.43 -33.44
CA SER A 1625 34.79 10.53 -34.03
C SER A 1625 34.54 11.84 -33.29
N PHE A 1626 33.29 12.11 -32.93
CA PHE A 1626 32.91 13.30 -32.19
C PHE A 1626 32.26 12.86 -30.88
N PRO A 1627 33.03 12.80 -29.79
CA PRO A 1627 32.52 12.18 -28.56
C PRO A 1627 31.26 12.82 -28.01
N ARG A 1628 31.10 14.15 -28.17
CA ARG A 1628 29.92 14.82 -27.64
C ARG A 1628 28.62 14.27 -28.23
N PHE A 1629 28.69 13.64 -29.40
CA PHE A 1629 27.51 13.02 -29.99
C PHE A 1629 26.91 11.93 -29.11
N TYR A 1630 27.70 11.39 -28.17
CA TYR A 1630 27.14 10.42 -27.23
C TYR A 1630 26.09 11.04 -26.32
N PHE A 1631 26.04 12.37 -26.22
CA PHE A 1631 25.10 13.02 -25.31
C PHE A 1631 23.74 13.28 -25.95
N VAL A 1632 23.58 13.06 -27.25
CA VAL A 1632 22.32 13.32 -27.93
C VAL A 1632 21.65 11.99 -28.27
N GLY A 1633 20.34 12.06 -28.49
CA GLY A 1633 19.59 10.87 -28.80
C GLY A 1633 19.88 10.34 -30.20
N ASP A 1634 19.45 9.09 -30.44
CA ASP A 1634 19.69 8.47 -31.72
C ASP A 1634 18.96 9.20 -32.84
N GLU A 1635 17.69 9.53 -32.64
CA GLU A 1635 16.96 10.27 -33.67
C GLU A 1635 17.47 11.69 -33.80
N ASP A 1636 17.91 12.31 -32.70
CA ASP A 1636 18.55 13.61 -32.79
C ASP A 1636 19.86 13.53 -33.55
N LEU A 1637 20.63 12.46 -33.33
CA LEU A 1637 21.85 12.25 -34.09
C LEU A 1637 21.55 12.08 -35.57
N LEU A 1638 20.50 11.34 -35.89
CA LEU A 1638 20.13 11.15 -37.30
C LEU A 1638 19.70 12.47 -37.93
N GLU A 1639 18.95 13.29 -37.20
CA GLU A 1639 18.56 14.60 -37.72
C GLU A 1639 19.79 15.48 -37.94
N ILE A 1640 20.75 15.44 -37.01
CA ILE A 1640 21.96 16.24 -37.14
C ILE A 1640 22.77 15.80 -38.35
N ILE A 1641 22.94 14.48 -38.52
CA ILE A 1641 23.75 13.97 -39.61
C ILE A 1641 23.07 14.21 -40.95
N GLY A 1642 21.77 13.98 -41.03
CA GLY A 1642 21.06 14.20 -42.27
C GLY A 1642 21.05 15.65 -42.70
N ASN A 1643 20.88 16.56 -41.74
CA ASN A 1643 20.91 17.98 -42.05
C ASN A 1643 22.35 18.49 -42.07
N SER A 1644 23.21 17.81 -42.83
CA SER A 1644 24.59 18.27 -43.01
C SER A 1644 24.67 19.45 -43.96
N LYS A 1645 23.63 19.70 -44.74
CA LYS A 1645 23.55 20.86 -45.62
C LYS A 1645 22.55 21.88 -45.12
N ASN A 1646 22.01 21.68 -43.92
CA ASN A 1646 21.05 22.62 -43.31
C ASN A 1646 21.53 22.83 -41.87
N VAL A 1647 22.40 23.83 -41.68
CA VAL A 1647 22.98 24.06 -40.37
C VAL A 1647 21.99 24.74 -39.42
N ALA A 1648 21.00 25.44 -39.97
CA ALA A 1648 20.05 26.18 -39.12
C ALA A 1648 19.27 25.24 -38.21
N LYS A 1649 19.07 23.99 -38.63
CA LYS A 1649 18.35 23.03 -37.80
C LYS A 1649 19.23 22.41 -36.72
N LEU A 1650 20.53 22.67 -36.72
CA LEU A 1650 21.42 22.13 -35.71
C LEU A 1650 21.60 23.06 -34.51
N GLN A 1651 21.09 24.28 -34.58
CA GLN A 1651 21.30 25.23 -33.49
C GLN A 1651 20.56 24.81 -32.23
N LYS A 1652 19.53 23.99 -32.35
CA LYS A 1652 18.73 23.57 -31.21
C LYS A 1652 19.28 22.33 -30.51
N HIS A 1653 20.42 21.82 -30.96
CA HIS A 1653 21.02 20.62 -30.37
C HIS A 1653 22.28 20.90 -29.56
N PHE A 1654 22.86 22.11 -29.68
CA PHE A 1654 24.14 22.38 -29.02
C PHE A 1654 24.02 22.37 -27.51
N LYS A 1655 22.84 22.70 -26.97
CA LYS A 1655 22.68 22.71 -25.51
C LYS A 1655 22.86 21.32 -24.92
N LYS A 1656 22.66 20.26 -25.70
CA LYS A 1656 22.93 18.91 -25.23
C LYS A 1656 24.38 18.49 -25.40
N MET A 1657 25.17 19.27 -26.14
CA MET A 1657 26.57 18.93 -26.38
C MET A 1657 27.56 19.90 -25.76
N PHE A 1658 27.16 21.15 -25.50
CA PHE A 1658 28.05 22.15 -24.94
C PHE A 1658 27.35 22.85 -23.78
N ALA A 1659 28.14 23.22 -22.77
CA ALA A 1659 27.58 23.87 -21.59
C ALA A 1659 27.11 25.29 -21.90
N GLY A 1660 27.95 26.07 -22.58
CA GLY A 1660 27.66 27.46 -22.80
C GLY A 1660 27.27 27.82 -24.22
N VAL A 1661 27.44 26.88 -25.15
CA VAL A 1661 27.14 27.13 -26.56
C VAL A 1661 25.70 26.72 -26.80
N SER A 1662 24.78 27.68 -26.72
CA SER A 1662 23.41 27.42 -27.12
C SER A 1662 23.26 27.43 -28.64
N SER A 1663 24.06 28.23 -29.32
CA SER A 1663 24.05 28.30 -30.78
C SER A 1663 25.39 28.82 -31.24
N ILE A 1664 25.69 28.57 -32.51
CA ILE A 1664 26.94 29.02 -33.12
C ILE A 1664 26.63 30.13 -34.11
N ILE A 1665 27.66 30.91 -34.42
CA ILE A 1665 27.52 32.05 -35.32
C ILE A 1665 28.11 31.68 -36.67
N LEU A 1666 27.25 31.64 -37.69
CA LEU A 1666 27.68 31.39 -39.06
C LEU A 1666 27.92 32.70 -39.79
N ASN A 1667 28.41 32.57 -41.02
CA ASN A 1667 28.43 33.69 -41.95
C ASN A 1667 27.19 33.61 -42.84
N GLU A 1668 27.04 34.59 -43.72
CA GLU A 1668 25.87 34.61 -44.60
C GLU A 1668 25.82 33.40 -45.51
N ASP A 1669 26.98 32.80 -45.81
CA ASP A 1669 27.03 31.65 -46.69
C ASP A 1669 26.62 30.36 -45.98
N ASN A 1670 26.55 30.37 -44.65
CA ASN A 1670 26.25 29.17 -43.86
C ASN A 1670 27.24 28.05 -44.14
N SER A 1671 28.48 28.42 -44.44
CA SER A 1671 29.54 27.45 -44.64
C SER A 1671 30.86 27.86 -44.03
N VAL A 1672 30.92 28.99 -43.31
CA VAL A 1672 32.11 29.43 -42.60
C VAL A 1672 31.67 29.83 -41.20
N VAL A 1673 32.00 28.99 -40.22
CA VAL A 1673 31.59 29.23 -38.83
C VAL A 1673 32.49 30.32 -38.25
N LEU A 1674 31.89 31.45 -37.87
CA LEU A 1674 32.65 32.58 -37.37
C LEU A 1674 32.82 32.55 -35.86
N GLY A 1675 31.82 32.11 -35.11
CA GLY A 1675 31.91 32.14 -33.66
C GLY A 1675 30.74 31.41 -33.03
N ILE A 1676 30.64 31.59 -31.71
CA ILE A 1676 29.59 30.98 -30.90
C ILE A 1676 28.95 32.06 -30.04
N SER A 1677 27.73 31.78 -29.59
CA SER A 1677 26.97 32.74 -28.79
C SER A 1677 26.13 32.00 -27.77
N SER A 1678 26.23 32.43 -26.51
CA SER A 1678 25.39 31.86 -25.46
C SER A 1678 23.97 32.42 -25.57
N ARG A 1679 23.05 31.76 -24.87
CA ARG A 1679 21.63 32.12 -24.93
C ARG A 1679 21.32 33.43 -24.21
N GLU A 1680 22.26 33.99 -23.46
CA GLU A 1680 22.08 35.28 -22.80
C GLU A 1680 22.68 36.42 -23.63
N GLY A 1681 22.91 36.18 -24.92
CA GLY A 1681 23.40 37.20 -25.81
C GLY A 1681 24.90 37.39 -25.84
N GLU A 1682 25.65 36.68 -25.00
CA GLU A 1682 27.09 36.77 -25.01
C GLU A 1682 27.65 35.96 -26.17
N GLU A 1683 28.51 36.58 -26.97
CA GLU A 1683 29.07 35.95 -28.16
C GLU A 1683 30.58 35.88 -28.05
N VAL A 1684 31.16 34.80 -28.58
CA VAL A 1684 32.60 34.61 -28.65
C VAL A 1684 32.99 34.54 -30.12
N MET A 1685 33.92 35.38 -30.53
CA MET A 1685 34.37 35.43 -31.91
C MET A 1685 35.67 34.64 -32.04
N PHE A 1686 35.67 33.63 -32.90
CA PHE A 1686 36.86 32.81 -33.09
C PHE A 1686 38.00 33.64 -33.64
N LYS A 1687 39.22 33.33 -33.20
CA LYS A 1687 40.40 34.01 -33.73
C LYS A 1687 40.56 33.75 -35.22
N THR A 1688 40.46 32.49 -35.63
CA THR A 1688 40.41 32.13 -37.05
C THR A 1688 39.16 31.31 -37.30
N PRO A 1689 38.24 31.77 -38.15
CA PRO A 1689 37.02 31.01 -38.40
C PRO A 1689 37.31 29.69 -39.09
N VAL A 1690 36.49 28.70 -38.80
CA VAL A 1690 36.55 27.40 -39.46
C VAL A 1690 35.54 27.37 -40.59
N SER A 1691 35.94 26.80 -41.72
CA SER A 1691 35.12 26.77 -42.91
C SER A 1691 34.55 25.36 -43.11
N ILE A 1692 33.22 25.28 -43.23
CA ILE A 1692 32.58 24.01 -43.50
C ILE A 1692 32.89 23.52 -44.91
N THR A 1693 33.26 24.45 -45.81
CA THR A 1693 33.58 24.08 -47.18
C THR A 1693 34.77 23.12 -47.21
N GLU A 1694 35.87 23.50 -46.56
CA GLU A 1694 37.06 22.66 -46.55
C GLU A 1694 36.90 21.42 -45.67
N HIS A 1695 35.91 21.40 -44.78
CA HIS A 1695 35.66 20.24 -43.91
C HIS A 1695 34.18 19.91 -43.96
N PRO A 1696 33.72 19.31 -45.07
CA PRO A 1696 32.28 19.03 -45.21
C PRO A 1696 31.73 18.09 -44.16
N LYS A 1697 32.52 17.13 -43.68
CA LYS A 1697 32.01 16.17 -42.71
C LYS A 1697 31.65 16.87 -41.41
N ILE A 1698 30.49 16.49 -40.86
CA ILE A 1698 29.94 17.17 -39.67
C ILE A 1698 30.92 17.08 -38.51
N ASN A 1699 31.38 15.85 -38.22
CA ASN A 1699 32.29 15.66 -37.08
C ASN A 1699 33.59 16.41 -37.28
N GLU A 1700 34.07 16.48 -38.52
CA GLU A 1700 35.32 17.19 -38.81
C GLU A 1700 35.25 18.65 -38.38
N TRP A 1701 34.35 19.42 -39.01
CA TRP A 1701 34.30 20.83 -38.67
C TRP A 1701 33.77 21.06 -37.25
N LEU A 1702 33.01 20.12 -36.69
CA LEU A 1702 32.60 20.27 -35.29
C LEU A 1702 33.79 20.17 -34.35
N THR A 1703 34.68 19.21 -34.61
CA THR A 1703 35.90 19.11 -33.82
C THR A 1703 36.77 20.35 -34.01
N LEU A 1704 36.83 20.87 -35.24
CA LEU A 1704 37.55 22.12 -35.46
C LEU A 1704 36.93 23.28 -34.69
N VAL A 1705 35.59 23.32 -34.61
CA VAL A 1705 34.93 24.36 -33.83
C VAL A 1705 35.33 24.25 -32.37
N GLU A 1706 35.33 23.03 -31.83
CA GLU A 1706 35.69 22.85 -30.42
C GLU A 1706 37.14 23.28 -30.17
N LYS A 1707 38.05 22.86 -31.06
CA LYS A 1707 39.46 23.20 -30.89
C LYS A 1707 39.67 24.71 -30.99
N GLU A 1708 39.01 25.36 -31.95
CA GLU A 1708 39.13 26.81 -32.09
C GLU A 1708 38.50 27.53 -30.91
N MET A 1709 37.43 26.98 -30.34
CA MET A 1709 36.84 27.55 -29.14
C MET A 1709 37.84 27.55 -28.00
N ARG A 1710 38.49 26.41 -27.77
CA ARG A 1710 39.49 26.34 -26.69
C ARG A 1710 40.65 27.29 -26.98
N VAL A 1711 41.12 27.34 -28.22
CA VAL A 1711 42.27 28.19 -28.55
C VAL A 1711 41.91 29.66 -28.36
N THR A 1712 40.74 30.07 -28.83
CA THR A 1712 40.31 31.46 -28.70
C THR A 1712 40.11 31.83 -27.24
N LEU A 1713 39.54 30.92 -26.45
CA LEU A 1713 39.37 31.21 -25.02
C LEU A 1713 40.73 31.37 -24.34
N ALA A 1714 41.70 30.52 -24.68
CA ALA A 1714 43.04 30.67 -24.10
C ALA A 1714 43.67 32.00 -24.50
N LYS A 1715 43.56 32.36 -25.78
CA LYS A 1715 44.08 33.65 -26.22
C LYS A 1715 43.45 34.78 -25.43
N LEU A 1716 42.12 34.84 -25.42
CA LEU A 1716 41.42 35.92 -24.75
C LEU A 1716 41.76 35.97 -23.27
N LEU A 1717 41.99 34.82 -22.64
CA LEU A 1717 42.47 34.82 -21.27
C LEU A 1717 43.85 35.46 -21.19
N ALA A 1718 44.70 35.22 -22.18
CA ALA A 1718 46.03 35.85 -22.19
C ALA A 1718 45.92 37.37 -22.24
N GLU A 1719 45.13 37.90 -23.19
CA GLU A 1719 44.97 39.36 -23.24
C GLU A 1719 44.27 39.88 -21.98
N SER A 1720 43.33 39.13 -21.43
CA SER A 1720 42.63 39.59 -20.23
C SER A 1720 43.58 39.72 -19.05
N VAL A 1721 44.43 38.72 -18.83
CA VAL A 1721 45.37 38.82 -17.72
C VAL A 1721 46.41 39.90 -18.00
N THR A 1722 46.81 40.07 -19.26
CA THR A 1722 47.75 41.14 -19.60
C THR A 1722 47.16 42.50 -19.27
N GLU A 1723 45.89 42.70 -19.59
CA GLU A 1723 45.25 43.98 -19.29
C GLU A 1723 45.04 44.19 -17.80
N VAL A 1724 44.65 43.14 -17.07
CA VAL A 1724 44.33 43.31 -15.66
C VAL A 1724 45.60 43.43 -14.81
N GLU A 1725 46.75 42.98 -15.33
CA GLU A 1725 48.00 43.22 -14.60
C GLU A 1725 48.24 44.71 -14.36
N ILE A 1726 47.81 45.56 -15.30
CA ILE A 1726 47.97 47.00 -15.12
C ILE A 1726 47.19 47.48 -13.89
N PHE A 1727 45.95 46.99 -13.73
CA PHE A 1727 45.18 47.34 -12.55
C PHE A 1727 45.75 46.68 -11.30
N GLY A 1728 46.44 45.55 -11.46
CA GLY A 1728 46.94 44.82 -10.30
C GLY A 1728 47.97 45.61 -9.51
N LYS A 1729 48.94 46.20 -10.20
CA LYS A 1729 50.01 46.93 -9.54
C LYS A 1729 49.71 48.41 -9.34
N ALA A 1730 48.52 48.87 -9.73
CA ALA A 1730 48.15 50.27 -9.57
C ALA A 1730 47.65 50.54 -8.16
N THR A 1731 47.70 51.81 -7.78
CA THR A 1731 47.18 52.26 -6.49
C THR A 1731 45.75 52.79 -6.57
N SER A 1732 45.30 53.18 -7.77
CA SER A 1732 43.94 53.62 -8.00
C SER A 1732 43.47 53.09 -9.36
N ILE A 1733 42.16 53.00 -9.52
CA ILE A 1733 41.55 52.46 -10.73
C ILE A 1733 40.60 53.50 -11.30
N ASP A 1734 40.78 53.82 -12.58
CA ASP A 1734 39.84 54.68 -13.28
C ASP A 1734 38.62 53.84 -13.66
N PRO A 1735 37.43 54.18 -13.17
CA PRO A 1735 36.26 53.31 -13.43
C PRO A 1735 35.95 53.12 -14.90
N ASN A 1736 36.18 54.13 -15.74
CA ASN A 1736 35.89 53.99 -17.17
C ASN A 1736 36.73 52.91 -17.80
N THR A 1737 38.04 52.90 -17.49
CA THR A 1737 38.93 51.88 -18.05
C THR A 1737 38.54 50.49 -17.58
N TYR A 1738 38.19 50.35 -16.30
CA TYR A 1738 37.82 49.03 -15.77
C TYR A 1738 36.53 48.54 -16.40
N ILE A 1739 35.54 49.43 -16.57
CA ILE A 1739 34.29 49.05 -17.22
C ILE A 1739 34.55 48.64 -18.67
N THR A 1740 35.43 49.38 -19.36
CA THR A 1740 35.78 49.01 -20.73
C THR A 1740 36.42 47.62 -20.77
N TRP A 1741 37.33 47.34 -19.84
CA TRP A 1741 37.98 46.04 -19.81
C TRP A 1741 36.99 44.93 -19.49
N ILE A 1742 36.04 45.20 -18.60
CA ILE A 1742 35.03 44.20 -18.26
C ILE A 1742 34.14 43.90 -19.45
N ASP A 1743 33.67 44.95 -20.14
CA ASP A 1743 32.84 44.76 -21.33
C ASP A 1743 33.63 44.17 -22.49
N LYS A 1744 34.95 44.26 -22.44
CA LYS A 1744 35.77 43.75 -23.54
C LYS A 1744 35.86 42.23 -23.56
N TYR A 1745 35.53 41.56 -22.45
CA TYR A 1745 35.78 40.14 -22.32
C TYR A 1745 34.60 39.45 -21.65
N GLN A 1746 34.54 38.14 -21.82
CA GLN A 1746 33.44 37.33 -21.29
C GLN A 1746 33.51 37.25 -19.77
N ALA A 1747 32.36 36.93 -19.16
CA ALA A 1747 32.24 36.94 -17.72
C ALA A 1747 33.19 35.94 -17.06
N GLN A 1748 33.14 34.68 -17.52
CA GLN A 1748 34.01 33.67 -16.92
C GLN A 1748 35.48 34.02 -17.13
N LEU A 1749 35.82 34.57 -18.30
CA LEU A 1749 37.20 34.95 -18.56
C LEU A 1749 37.64 36.10 -17.66
N VAL A 1750 36.76 37.06 -17.42
CA VAL A 1750 37.09 38.17 -16.53
C VAL A 1750 37.31 37.66 -15.11
N VAL A 1751 36.43 36.77 -14.64
CA VAL A 1751 36.58 36.21 -13.30
C VAL A 1751 37.90 35.44 -13.20
N LEU A 1752 38.20 34.63 -14.21
CA LEU A 1752 39.44 33.86 -14.20
C LEU A 1752 40.67 34.76 -14.21
N SER A 1753 40.63 35.84 -14.99
CA SER A 1753 41.76 36.76 -15.03
C SER A 1753 41.95 37.45 -13.68
N ALA A 1754 40.85 37.85 -13.04
CA ALA A 1754 40.94 38.45 -11.72
C ALA A 1754 41.55 37.47 -10.71
N GLN A 1755 41.10 36.22 -10.75
CA GLN A 1755 41.65 35.21 -9.86
C GLN A 1755 43.14 34.99 -10.11
N ILE A 1756 43.53 34.92 -11.38
CA ILE A 1756 44.94 34.69 -11.71
C ILE A 1756 45.80 35.86 -11.25
N ALA A 1757 45.33 37.08 -11.47
CA ALA A 1757 46.08 38.25 -11.03
C ALA A 1757 46.22 38.29 -9.52
N TRP A 1758 45.15 37.97 -8.80
CA TRP A 1758 45.22 37.94 -7.35
C TRP A 1758 46.18 36.87 -6.87
N SER A 1759 46.16 35.69 -7.49
CA SER A 1759 47.07 34.63 -7.11
C SER A 1759 48.52 35.03 -7.34
N GLU A 1760 48.81 35.67 -8.49
CA GLU A 1760 50.16 36.13 -8.75
C GLU A 1760 50.59 37.18 -7.72
N ASN A 1761 49.69 38.11 -7.39
CA ASN A 1761 50.01 39.13 -6.40
C ASN A 1761 50.31 38.51 -5.04
N VAL A 1762 49.50 37.53 -4.63
CA VAL A 1762 49.71 36.91 -3.32
C VAL A 1762 51.01 36.09 -3.32
N GLU A 1763 51.31 35.42 -4.43
CA GLU A 1763 52.57 34.67 -4.50
C GLU A 1763 53.76 35.61 -4.42
N THR A 1764 53.72 36.74 -5.13
CA THR A 1764 54.80 37.71 -5.06
C THR A 1764 54.93 38.28 -3.66
N ALA A 1765 53.79 38.58 -3.02
CA ALA A 1765 53.81 39.11 -1.66
C ALA A 1765 54.41 38.11 -0.69
N LEU A 1766 54.07 36.83 -0.83
CA LEU A 1766 54.62 35.81 0.06
C LEU A 1766 56.11 35.61 -0.18
N SER A 1767 56.54 35.66 -1.45
CA SER A 1767 57.97 35.54 -1.73
C SER A 1767 58.73 36.71 -1.11
N SER A 1768 58.18 37.92 -1.18
CA SER A 1768 58.82 39.06 -0.53
C SER A 1768 58.84 38.89 0.98
N MET A 1769 57.71 38.45 1.56
CA MET A 1769 57.64 38.19 3.00
C MET A 1769 58.65 37.14 3.46
N GLY A 1770 59.02 36.20 2.59
CA GLY A 1770 59.93 35.15 3.01
C GLY A 1770 61.22 35.67 3.60
N GLY A 1771 61.69 36.83 3.11
CA GLY A 1771 62.87 37.44 3.68
C GLY A 1771 62.62 38.76 4.39
N GLY A 1772 61.65 39.54 3.88
CA GLY A 1772 61.39 40.85 4.46
C GLY A 1772 60.84 40.80 5.86
N GLY A 1773 59.87 39.93 6.12
CA GLY A 1773 59.26 39.85 7.44
C GLY A 1773 58.35 41.02 7.76
N ASP A 1774 57.92 41.76 6.75
CA ASP A 1774 57.03 42.90 6.93
C ASP A 1774 55.76 42.68 6.11
N ALA A 1775 54.62 43.00 6.69
CA ALA A 1775 53.33 42.79 6.06
C ALA A 1775 52.99 43.83 5.00
N ALA A 1776 53.97 44.63 4.57
CA ALA A 1776 53.72 45.66 3.56
C ALA A 1776 53.19 45.12 2.25
N PRO A 1777 53.75 44.05 1.65
CA PRO A 1777 53.15 43.53 0.41
C PRO A 1777 51.73 43.03 0.60
N LEU A 1778 51.45 42.33 1.71
CA LEU A 1778 50.09 41.87 1.96
C LEU A 1778 49.14 43.03 2.18
N HIS A 1779 49.59 44.07 2.89
CA HIS A 1779 48.77 45.25 3.07
C HIS A 1779 48.50 45.94 1.73
N SER A 1780 49.50 45.99 0.86
CA SER A 1780 49.30 46.56 -0.47
C SER A 1780 48.29 45.76 -1.27
N VAL A 1781 48.36 44.43 -1.19
CA VAL A 1781 47.39 43.59 -1.89
C VAL A 1781 45.99 43.84 -1.36
N LEU A 1782 45.86 43.91 -0.03
CA LEU A 1782 44.55 44.16 0.57
C LEU A 1782 44.01 45.52 0.16
N SER A 1783 44.87 46.54 0.13
CA SER A 1783 44.42 47.87 -0.30
C SER A 1783 44.00 47.86 -1.76
N ASN A 1784 44.72 47.11 -2.60
CA ASN A 1784 44.31 46.96 -4.00
C ASN A 1784 42.93 46.35 -4.10
N VAL A 1785 42.69 45.28 -3.34
CA VAL A 1785 41.37 44.64 -3.36
C VAL A 1785 40.30 45.60 -2.85
N GLU A 1786 40.64 46.40 -1.84
CA GLU A 1786 39.65 47.32 -1.28
C GLU A 1786 39.28 48.43 -2.26
N VAL A 1787 40.28 49.02 -2.92
CA VAL A 1787 39.98 50.09 -3.89
C VAL A 1787 39.23 49.51 -5.09
N THR A 1788 39.60 48.29 -5.51
CA THR A 1788 38.84 47.63 -6.57
C THR A 1788 37.40 47.40 -6.15
N LEU A 1789 37.18 46.99 -4.91
CA LEU A 1789 35.82 46.78 -4.42
C LEU A 1789 35.05 48.09 -4.39
N ASN A 1790 35.69 49.18 -3.98
CA ASN A 1790 35.02 50.47 -3.97
C ASN A 1790 34.61 50.88 -5.38
N VAL A 1791 35.52 50.73 -6.35
CA VAL A 1791 35.20 51.07 -7.73
C VAL A 1791 34.05 50.20 -8.24
N LEU A 1792 34.10 48.90 -7.93
CA LEU A 1792 33.07 47.97 -8.37
C LEU A 1792 31.71 48.35 -7.79
N ALA A 1793 31.67 48.67 -6.50
CA ALA A 1793 30.40 49.02 -5.86
C ALA A 1793 29.84 50.31 -6.43
N ASP A 1794 30.70 51.32 -6.64
CA ASP A 1794 30.21 52.55 -7.25
C ASP A 1794 29.67 52.29 -8.65
N SER A 1795 30.38 51.48 -9.44
CA SER A 1795 29.94 51.19 -10.80
C SER A 1795 28.62 50.43 -10.82
N VAL A 1796 28.46 49.45 -9.92
CA VAL A 1796 27.21 48.70 -9.89
C VAL A 1796 26.07 49.54 -9.34
N LEU A 1797 26.37 50.62 -8.62
CA LEU A 1797 25.31 51.51 -8.17
C LEU A 1797 24.61 52.21 -9.34
N MET A 1798 25.34 52.53 -10.40
CA MET A 1798 24.70 53.11 -11.57
C MET A 1798 23.94 52.05 -12.36
N GLU A 1799 23.08 52.51 -13.27
CA GLU A 1799 22.38 51.63 -14.18
C GLU A 1799 23.35 51.09 -15.22
N GLN A 1800 23.25 49.80 -15.51
CA GLN A 1800 24.15 49.12 -16.42
C GLN A 1800 23.35 48.15 -17.28
N PRO A 1801 23.87 47.77 -18.45
CA PRO A 1801 23.25 46.70 -19.21
C PRO A 1801 23.30 45.40 -18.41
N PRO A 1802 22.32 44.51 -18.62
CA PRO A 1802 22.22 43.33 -17.74
C PRO A 1802 23.45 42.44 -17.75
N LEU A 1803 24.11 42.29 -18.90
CA LEU A 1803 25.33 41.49 -18.95
C LEU A 1803 26.43 42.09 -18.08
N ARG A 1804 26.59 43.42 -18.17
CA ARG A 1804 27.57 44.09 -17.32
C ARG A 1804 27.18 43.96 -15.85
N ARG A 1805 25.88 43.98 -15.56
CA ARG A 1805 25.43 43.79 -14.17
C ARG A 1805 25.81 42.40 -13.65
N ARG A 1806 25.61 41.37 -14.48
CA ARG A 1806 25.98 40.02 -14.09
C ARG A 1806 27.49 39.91 -13.86
N LYS A 1807 28.28 40.50 -14.77
CA LYS A 1807 29.73 40.47 -14.61
C LYS A 1807 30.15 41.20 -13.34
N LEU A 1808 29.53 42.34 -13.06
CA LEU A 1808 29.87 43.11 -11.86
C LEU A 1808 29.55 42.32 -10.60
N GLU A 1809 28.38 41.65 -10.59
CA GLU A 1809 28.01 40.84 -9.44
C GLU A 1809 28.99 39.69 -9.23
N HIS A 1810 29.40 39.03 -10.32
CA HIS A 1810 30.37 37.95 -10.19
C HIS A 1810 31.71 38.47 -9.67
N LEU A 1811 32.11 39.67 -10.14
CA LEU A 1811 33.36 40.25 -9.66
C LEU A 1811 33.28 40.57 -8.17
N ILE A 1812 32.15 41.09 -7.71
CA ILE A 1812 31.97 41.32 -6.27
C ILE A 1812 32.07 40.00 -5.51
N THR A 1813 31.40 38.96 -6.02
CA THR A 1813 31.39 37.67 -5.35
C THR A 1813 32.80 37.11 -5.20
N GLU A 1814 33.62 37.25 -6.25
CA GLU A 1814 34.99 36.74 -6.17
C GLU A 1814 35.87 37.62 -5.29
N LEU A 1815 35.72 38.95 -5.41
CA LEU A 1815 36.62 39.85 -4.72
C LEU A 1815 36.39 39.87 -3.22
N VAL A 1816 35.14 39.69 -2.77
CA VAL A 1816 34.90 39.64 -1.34
C VAL A 1816 35.58 38.42 -0.73
N HIS A 1817 35.52 37.27 -1.41
CA HIS A 1817 36.20 36.08 -0.94
C HIS A 1817 37.71 36.28 -0.96
N GLN A 1818 38.23 36.93 -2.00
CA GLN A 1818 39.66 37.20 -2.05
C GLN A 1818 40.11 38.10 -0.91
N ARG A 1819 39.30 39.12 -0.60
CA ARG A 1819 39.61 40.01 0.52
C ARG A 1819 39.58 39.26 1.85
N ASP A 1820 38.60 38.37 2.03
CA ASP A 1820 38.56 37.58 3.25
C ASP A 1820 39.79 36.68 3.38
N VAL A 1821 40.21 36.06 2.27
CA VAL A 1821 41.40 35.22 2.30
C VAL A 1821 42.64 36.05 2.64
N THR A 1822 42.73 37.25 2.06
CA THR A 1822 43.86 38.13 2.35
C THR A 1822 43.88 38.53 3.82
N ARG A 1823 42.71 38.85 4.39
CA ARG A 1823 42.65 39.20 5.79
C ARG A 1823 43.08 38.02 6.67
N SER A 1824 42.62 36.82 6.33
CA SER A 1824 43.01 35.64 7.11
C SER A 1824 44.51 35.42 7.03
N LEU A 1825 45.09 35.60 5.84
CA LEU A 1825 46.54 35.45 5.68
C LEU A 1825 47.29 36.48 6.51
N ILE A 1826 46.84 37.73 6.50
CA ILE A 1826 47.51 38.79 7.25
C ILE A 1826 47.42 38.52 8.74
N LYS A 1827 46.24 38.15 9.22
CA LYS A 1827 46.08 37.86 10.64
C LYS A 1827 46.91 36.66 11.07
N SER A 1828 47.14 35.71 10.17
CA SER A 1828 47.93 34.53 10.48
C SER A 1828 49.41 34.85 10.71
N LYS A 1829 49.87 36.04 10.31
CA LYS A 1829 51.25 36.46 10.51
C LYS A 1829 52.25 35.48 9.92
N ILE A 1830 51.95 34.95 8.74
CA ILE A 1830 52.82 33.96 8.12
C ILE A 1830 53.41 34.53 6.83
N ASP A 1831 54.73 34.38 6.68
CA ASP A 1831 55.48 35.03 5.61
C ASP A 1831 55.99 34.08 4.53
N ASN A 1832 55.69 32.79 4.62
CA ASN A 1832 56.23 31.81 3.69
C ASN A 1832 55.18 31.44 2.65
N ALA A 1833 55.65 31.16 1.43
CA ALA A 1833 54.77 30.69 0.36
C ALA A 1833 54.47 29.20 0.45
N LYS A 1834 55.16 28.48 1.33
CA LYS A 1834 54.93 27.05 1.51
C LYS A 1834 54.06 26.74 2.71
N SER A 1835 53.54 27.75 3.40
CA SER A 1835 52.62 27.50 4.50
C SER A 1835 51.34 26.85 3.98
N PHE A 1836 50.76 25.97 4.80
CA PHE A 1836 49.70 25.10 4.29
C PHE A 1836 48.43 25.86 3.95
N GLU A 1837 48.03 26.84 4.78
CA GLU A 1837 46.73 27.48 4.54
C GLU A 1837 46.71 28.18 3.20
N TRP A 1838 47.84 28.74 2.77
CA TRP A 1838 47.92 29.33 1.44
C TRP A 1838 47.81 28.27 0.36
N LEU A 1839 48.42 27.11 0.58
CA LEU A 1839 48.24 25.99 -0.35
C LEU A 1839 46.78 25.55 -0.42
N SER A 1840 46.07 25.62 0.71
CA SER A 1840 44.68 25.22 0.75
C SER A 1840 43.81 26.08 -0.17
N GLN A 1841 44.08 27.38 -0.22
CA GLN A 1841 43.33 28.25 -1.11
C GLN A 1841 43.54 27.84 -2.56
N MET A 1842 42.48 27.94 -3.35
CA MET A 1842 42.53 27.54 -4.75
C MET A 1842 43.40 28.52 -5.51
N ARG A 1843 44.64 28.10 -5.81
CA ARG A 1843 45.61 28.96 -6.46
C ARG A 1843 45.59 28.73 -7.97
N PHE A 1844 46.05 29.74 -8.70
CA PHE A 1844 46.11 29.69 -10.16
C PHE A 1844 47.51 30.08 -10.63
N TYR A 1845 48.08 29.24 -11.50
CA TYR A 1845 49.37 29.50 -12.10
C TYR A 1845 49.21 29.48 -13.62
N PHE A 1846 49.42 30.62 -14.25
CA PHE A 1846 49.20 30.77 -15.69
C PHE A 1846 50.54 30.97 -16.38
N ASP A 1847 50.80 30.13 -17.39
CA ASP A 1847 52.02 30.23 -18.19
C ASP A 1847 51.66 30.56 -19.63
N PRO A 1848 51.82 31.81 -20.07
CA PRO A 1848 51.47 32.20 -21.44
C PRO A 1848 52.55 31.83 -22.46
N LYS A 1849 53.12 30.64 -22.31
CA LYS A 1849 54.13 30.15 -23.24
C LYS A 1849 53.94 28.71 -23.67
N GLN A 1850 52.95 27.99 -23.14
CA GLN A 1850 52.72 26.61 -23.53
C GLN A 1850 52.08 26.56 -24.92
N THR A 1851 52.63 25.73 -25.80
CA THR A 1851 52.02 25.53 -27.11
C THR A 1851 50.67 24.83 -26.97
N ASP A 1852 50.45 24.13 -25.87
CA ASP A 1852 49.16 23.52 -25.60
C ASP A 1852 48.30 24.51 -24.82
N VAL A 1853 47.16 24.89 -25.39
CA VAL A 1853 46.27 25.83 -24.70
C VAL A 1853 45.71 25.21 -23.44
N LEU A 1854 45.61 23.88 -23.38
CA LEU A 1854 45.09 23.20 -22.20
C LEU A 1854 46.07 23.19 -21.04
N GLN A 1855 47.33 23.55 -21.26
CA GLN A 1855 48.33 23.55 -20.19
C GLN A 1855 48.86 24.95 -19.89
N GLN A 1856 48.27 26.00 -20.47
CA GLN A 1856 48.74 27.35 -20.19
C GLN A 1856 48.35 27.79 -18.78
N LEU A 1857 47.22 27.30 -18.27
CA LEU A 1857 46.75 27.63 -16.93
C LEU A 1857 46.55 26.35 -16.14
N SER A 1858 47.09 26.32 -14.92
CA SER A 1858 46.95 25.19 -14.02
C SER A 1858 46.31 25.66 -12.73
N ILE A 1859 45.30 24.93 -12.27
CA ILE A 1859 44.58 25.25 -11.04
C ILE A 1859 45.00 24.23 -9.99
N GLN A 1860 45.52 24.72 -8.87
CA GLN A 1860 46.08 23.88 -7.83
C GLN A 1860 45.41 24.18 -6.50
N MET A 1861 45.18 23.14 -5.70
CA MET A 1861 44.71 23.26 -4.34
C MET A 1861 45.75 22.63 -3.41
N ALA A 1862 45.36 22.46 -2.13
CA ALA A 1862 46.28 21.99 -1.09
C ALA A 1862 47.21 20.88 -1.58
N ASN A 1863 46.66 19.82 -2.15
CA ASN A 1863 47.43 18.77 -2.77
C ASN A 1863 47.11 18.59 -4.25
N ALA A 1864 45.93 19.03 -4.68
CA ALA A 1864 45.46 18.78 -6.03
C ALA A 1864 46.10 19.74 -7.02
N LYS A 1865 46.08 19.34 -8.30
CA LYS A 1865 46.50 20.19 -9.39
C LYS A 1865 45.80 19.70 -10.66
N PHE A 1866 45.14 20.61 -11.35
CA PHE A 1866 44.42 20.31 -12.58
C PHE A 1866 44.75 21.34 -13.65
N ASN A 1867 44.40 21.00 -14.88
CA ASN A 1867 44.53 21.91 -16.01
C ASN A 1867 43.16 22.45 -16.39
N TYR A 1868 43.08 23.74 -16.66
CA TYR A 1868 41.81 24.36 -17.00
C TYR A 1868 41.28 23.76 -18.29
N GLY A 1869 40.03 23.29 -18.25
CA GLY A 1869 39.45 22.65 -19.42
C GLY A 1869 39.14 23.60 -20.56
N PHE A 1870 38.97 24.89 -20.25
CA PHE A 1870 38.69 25.92 -21.25
C PHE A 1870 37.41 25.63 -22.03
N GLU A 1871 36.49 24.90 -21.41
CA GLU A 1871 35.17 24.67 -22.01
C GLU A 1871 34.31 25.91 -21.79
N TYR A 1872 33.73 26.42 -22.88
CA TYR A 1872 32.93 27.64 -22.78
C TYR A 1872 31.65 27.36 -22.01
N LEU A 1873 31.37 28.22 -21.03
CA LEU A 1873 30.20 28.06 -20.17
C LEU A 1873 29.22 29.21 -20.27
N GLY A 1874 29.58 30.31 -20.92
CA GLY A 1874 28.70 31.46 -20.93
C GLY A 1874 28.63 32.09 -19.55
N VAL A 1875 27.54 32.79 -19.31
CA VAL A 1875 27.28 33.35 -17.99
C VAL A 1875 26.61 32.28 -17.12
N GLN A 1876 27.15 32.11 -15.92
CA GLN A 1876 26.63 31.11 -14.99
C GLN A 1876 26.65 31.69 -13.60
N ASP A 1877 25.65 31.34 -12.79
CA ASP A 1877 25.56 31.85 -11.43
C ASP A 1877 26.74 31.33 -10.61
N LYS A 1878 27.40 32.26 -9.92
CA LYS A 1878 28.51 31.93 -9.03
C LYS A 1878 28.00 32.00 -7.59
N LEU A 1879 28.17 30.90 -6.85
CA LEU A 1879 27.69 30.86 -5.48
C LEU A 1879 28.64 31.64 -4.59
N VAL A 1880 28.13 32.05 -3.43
CA VAL A 1880 28.99 32.75 -2.47
C VAL A 1880 29.94 31.76 -1.84
N GLN A 1881 31.24 32.07 -1.90
CA GLN A 1881 32.27 31.19 -1.36
C GLN A 1881 32.24 31.27 0.16
N THR A 1882 31.49 30.38 0.78
CA THR A 1882 31.40 30.26 2.23
C THR A 1882 32.31 29.15 2.70
N PRO A 1883 32.75 29.17 3.97
CA PRO A 1883 33.64 28.09 4.45
C PRO A 1883 33.10 26.70 4.24
N LEU A 1884 31.77 26.52 4.21
CA LEU A 1884 31.23 25.22 3.82
C LEU A 1884 31.62 24.88 2.40
N THR A 1885 31.53 25.85 1.48
CA THR A 1885 31.93 25.58 0.09
C THR A 1885 33.43 25.42 -0.04
N ASP A 1886 34.22 26.10 0.80
CA ASP A 1886 35.66 25.88 0.79
C ASP A 1886 35.99 24.45 1.24
N ARG A 1887 35.32 23.98 2.30
CA ARG A 1887 35.47 22.60 2.72
C ARG A 1887 35.04 21.64 1.62
N CYS A 1888 33.95 21.95 0.93
CA CYS A 1888 33.50 21.11 -0.17
C CYS A 1888 34.55 21.05 -1.28
N TYR A 1889 35.10 22.21 -1.65
CA TYR A 1889 36.12 22.25 -2.69
C TYR A 1889 37.33 21.41 -2.28
N LEU A 1890 37.78 21.56 -1.04
CA LEU A 1890 38.92 20.80 -0.56
C LEU A 1890 38.66 19.30 -0.61
N THR A 1891 37.49 18.88 -0.12
CA THR A 1891 37.18 17.46 -0.11
C THR A 1891 37.06 16.90 -1.51
N MET A 1892 36.42 17.64 -2.42
CA MET A 1892 36.25 17.13 -3.78
C MET A 1892 37.60 17.01 -4.48
N THR A 1893 38.47 18.01 -4.30
CA THR A 1893 39.79 17.95 -4.92
C THR A 1893 40.62 16.81 -4.34
N GLN A 1894 40.55 16.61 -3.03
CA GLN A 1894 41.28 15.51 -2.42
C GLN A 1894 40.78 14.16 -2.94
N ALA A 1895 39.46 14.03 -3.09
CA ALA A 1895 38.91 12.80 -3.66
C ALA A 1895 39.38 12.60 -5.09
N LEU A 1896 39.44 13.68 -5.87
CA LEU A 1896 39.90 13.57 -7.25
C LEU A 1896 41.36 13.15 -7.32
N GLU A 1897 42.19 13.64 -6.40
CA GLU A 1897 43.60 13.23 -6.38
C GLU A 1897 43.73 11.74 -6.14
N ALA A 1898 42.97 11.20 -5.19
CA ALA A 1898 43.00 9.78 -4.91
C ALA A 1898 42.20 8.96 -5.92
N ARG A 1899 41.71 9.59 -6.98
CA ARG A 1899 40.88 8.95 -8.00
C ARG A 1899 39.63 8.33 -7.42
N LEU A 1900 39.19 8.83 -6.26
CA LEU A 1900 37.96 8.38 -5.65
C LEU A 1900 36.83 9.34 -5.99
N GLY A 1901 35.63 8.78 -6.20
CA GLY A 1901 34.49 9.59 -6.48
C GLY A 1901 34.09 10.45 -5.31
N GLY A 1902 33.23 11.43 -5.58
CA GLY A 1902 32.74 12.34 -4.57
C GLY A 1902 31.27 12.14 -4.31
N SER A 1903 30.86 12.37 -3.06
CA SER A 1903 29.47 12.17 -2.65
C SER A 1903 29.12 13.10 -1.51
N PRO A 1904 28.88 14.37 -1.80
CA PRO A 1904 28.31 15.26 -0.78
C PRO A 1904 26.88 14.84 -0.46
N PHE A 1905 26.50 14.99 0.81
CA PHE A 1905 25.19 14.58 1.26
C PHE A 1905 24.65 15.60 2.26
N GLY A 1906 23.36 15.49 2.55
CA GLY A 1906 22.69 16.38 3.46
C GLY A 1906 21.25 16.63 3.05
N PRO A 1907 20.52 17.37 3.86
CA PRO A 1907 19.14 17.71 3.51
C PRO A 1907 19.07 18.55 2.25
N ALA A 1908 17.97 18.41 1.52
CA ALA A 1908 17.78 19.16 0.29
C ALA A 1908 17.74 20.66 0.58
N GLY A 1909 18.29 21.45 -0.34
CA GLY A 1909 18.38 22.88 -0.18
C GLY A 1909 19.72 23.40 0.29
N THR A 1910 20.72 22.54 0.41
CA THR A 1910 22.05 22.93 0.88
C THR A 1910 23.00 23.24 -0.26
N GLY A 1911 22.54 23.22 -1.50
CA GLY A 1911 23.39 23.54 -2.63
C GLY A 1911 24.49 22.52 -2.90
N LYS A 1912 24.16 21.23 -2.80
CA LYS A 1912 25.14 20.19 -3.06
C LYS A 1912 25.45 20.11 -4.55
N THR A 1913 24.43 19.86 -5.37
CA THR A 1913 24.64 19.73 -6.81
C THR A 1913 25.11 21.06 -7.42
N GLU A 1914 24.62 22.19 -6.90
CA GLU A 1914 25.13 23.48 -7.36
C GLU A 1914 26.59 23.67 -6.98
N SER A 1915 26.98 23.21 -5.79
CA SER A 1915 28.39 23.28 -5.42
C SER A 1915 29.25 22.45 -6.36
N VAL A 1916 28.80 21.25 -6.70
CA VAL A 1916 29.54 20.40 -7.63
C VAL A 1916 29.63 21.07 -9.00
N LYS A 1917 28.51 21.61 -9.48
CA LYS A 1917 28.48 22.26 -10.79
C LYS A 1917 29.43 23.45 -10.82
N ALA A 1918 29.43 24.25 -9.76
CA ALA A 1918 30.27 25.45 -9.75
C ALA A 1918 31.73 25.11 -9.56
N LEU A 1919 32.03 24.00 -8.86
CA LEU A 1919 33.40 23.52 -8.81
C LEU A 1919 33.87 23.10 -10.18
N GLY A 1920 33.02 22.38 -10.92
CA GLY A 1920 33.38 22.01 -12.29
C GLY A 1920 33.57 23.24 -13.17
N HIS A 1921 32.71 24.23 -13.01
CA HIS A 1921 32.84 25.47 -13.77
C HIS A 1921 34.13 26.19 -13.43
N GLN A 1922 34.51 26.19 -12.15
CA GLN A 1922 35.74 26.85 -11.73
C GLN A 1922 36.96 26.23 -12.40
N LEU A 1923 36.91 24.94 -12.72
CA LEU A 1923 37.94 24.30 -13.51
C LEU A 1923 37.71 24.45 -15.01
N GLY A 1924 36.62 25.11 -15.40
CA GLY A 1924 36.30 25.24 -16.82
C GLY A 1924 36.04 23.93 -17.50
N ARG A 1925 35.39 23.00 -16.81
CA ARG A 1925 35.14 21.66 -17.32
C ARG A 1925 33.64 21.45 -17.52
N PHE A 1926 33.29 20.82 -18.65
CA PHE A 1926 31.89 20.50 -18.91
C PHE A 1926 31.34 19.62 -17.81
N VAL A 1927 30.19 20.01 -17.26
CA VAL A 1927 29.57 19.31 -16.15
C VAL A 1927 28.11 19.02 -16.49
N LEU A 1928 27.64 17.84 -16.11
CA LEU A 1928 26.28 17.41 -16.40
C LEU A 1928 25.56 17.09 -15.10
N VAL A 1929 24.25 17.34 -15.08
CA VAL A 1929 23.40 17.03 -13.94
C VAL A 1929 22.36 16.03 -14.39
N PHE A 1930 22.27 14.90 -13.70
CA PHE A 1930 21.31 13.85 -13.99
C PHE A 1930 20.24 13.89 -12.91
N ASN A 1931 19.15 14.60 -13.19
CA ASN A 1931 18.07 14.72 -12.22
C ASN A 1931 17.47 13.35 -11.93
N CYS A 1932 17.47 12.97 -10.65
CA CYS A 1932 17.02 11.65 -10.24
C CYS A 1932 15.59 11.76 -9.75
N ASP A 1933 14.66 11.22 -10.53
CA ASP A 1933 13.23 11.27 -10.21
C ASP A 1933 12.53 10.22 -11.07
N GLU A 1934 11.20 10.31 -11.14
CA GLU A 1934 10.45 9.44 -12.04
C GLU A 1934 10.63 9.83 -13.50
N THR A 1935 11.04 11.07 -13.78
CA THR A 1935 11.34 11.52 -15.12
C THR A 1935 12.80 11.31 -15.49
N PHE A 1936 13.43 10.29 -14.91
CA PHE A 1936 14.86 10.07 -15.05
C PHE A 1936 15.11 9.02 -16.13
N ASP A 1937 15.82 9.41 -17.18
CA ASP A 1937 16.12 8.47 -18.27
C ASP A 1937 17.12 7.42 -17.80
N PHE A 1938 16.99 6.22 -18.34
CA PHE A 1938 17.87 5.11 -17.98
C PHE A 1938 18.58 4.50 -19.18
N GLN A 1939 17.88 4.35 -20.31
CA GLN A 1939 18.50 3.69 -21.46
C GLN A 1939 19.68 4.50 -22.00
N ALA A 1940 19.55 5.83 -22.03
CA ALA A 1940 20.58 6.67 -22.62
C ALA A 1940 21.82 6.81 -21.76
N MET A 1941 21.74 6.40 -20.49
CA MET A 1941 22.83 6.68 -19.56
C MET A 1941 24.04 5.80 -19.80
N GLY A 1942 23.88 4.67 -20.47
CA GLY A 1942 25.05 3.96 -20.97
C GLY A 1942 25.78 4.78 -22.02
N ARG A 1943 25.04 5.34 -22.97
CA ARG A 1943 25.61 6.26 -23.95
C ARG A 1943 26.19 7.49 -23.28
N ILE A 1944 25.48 8.04 -22.29
CA ILE A 1944 25.98 9.24 -21.62
C ILE A 1944 27.25 8.94 -20.83
N PHE A 1945 27.33 7.76 -20.21
CA PHE A 1945 28.55 7.37 -19.52
C PHE A 1945 29.70 7.19 -20.48
N VAL A 1946 29.44 6.59 -21.65
CA VAL A 1946 30.48 6.47 -22.67
C VAL A 1946 30.96 7.86 -23.08
N GLY A 1947 30.03 8.79 -23.28
CA GLY A 1947 30.40 10.16 -23.61
C GLY A 1947 31.22 10.81 -22.52
N LEU A 1948 30.86 10.57 -21.26
CA LEU A 1948 31.61 11.13 -20.14
C LEU A 1948 33.03 10.59 -20.12
N CYS A 1949 33.19 9.29 -20.37
CA CYS A 1949 34.54 8.72 -20.45
C CYS A 1949 35.33 9.27 -21.63
N GLN A 1950 34.65 9.57 -22.73
CA GLN A 1950 35.35 10.00 -23.94
C GLN A 1950 35.74 11.48 -23.88
N VAL A 1951 34.77 12.38 -23.80
CA VAL A 1951 35.07 13.81 -23.84
C VAL A 1951 35.73 14.29 -22.56
N GLY A 1952 35.53 13.61 -21.44
CA GLY A 1952 36.10 14.03 -20.18
C GLY A 1952 35.29 15.11 -19.49
N ALA A 1953 34.02 14.83 -19.25
CA ALA A 1953 33.11 15.75 -18.59
C ALA A 1953 32.74 15.22 -17.22
N TRP A 1954 32.07 16.06 -16.44
CA TRP A 1954 31.67 15.72 -15.08
C TRP A 1954 30.19 15.39 -15.03
N GLY A 1955 29.87 14.28 -14.37
CA GLY A 1955 28.49 13.86 -14.22
C GLY A 1955 28.08 13.71 -12.77
N CYS A 1956 27.12 14.52 -12.32
CA CYS A 1956 26.65 14.48 -10.95
C CYS A 1956 25.16 14.19 -10.91
N PHE A 1957 24.76 13.33 -9.98
CA PHE A 1957 23.37 12.94 -9.82
C PHE A 1957 22.73 13.79 -8.73
N ASP A 1958 21.52 14.28 -9.00
CA ASP A 1958 20.87 15.22 -8.10
C ASP A 1958 20.58 14.58 -6.74
N GLU A 1959 19.71 13.57 -6.71
CA GLU A 1959 19.34 12.89 -5.47
C GLU A 1959 19.37 11.39 -5.75
N PHE A 1960 20.53 10.78 -5.52
CA PHE A 1960 20.77 9.42 -5.99
C PHE A 1960 19.83 8.42 -5.31
N ASN A 1961 19.51 8.64 -4.03
CA ASN A 1961 18.65 7.72 -3.31
C ASN A 1961 17.24 7.67 -3.87
N ARG A 1962 16.81 8.71 -4.58
CA ARG A 1962 15.45 8.78 -5.08
C ARG A 1962 15.19 7.81 -6.23
N LEU A 1963 16.21 7.16 -6.77
CA LEU A 1963 16.01 6.15 -7.79
C LEU A 1963 15.46 4.87 -7.17
N GLU A 1964 14.71 4.12 -7.98
CA GLU A 1964 14.24 2.82 -7.53
C GLU A 1964 15.41 1.83 -7.51
N GLU A 1965 15.18 0.68 -6.88
CA GLU A 1965 16.28 -0.22 -6.54
C GLU A 1965 16.97 -0.80 -7.77
N ARG A 1966 16.20 -1.15 -8.80
CA ARG A 1966 16.81 -1.81 -9.96
C ARG A 1966 17.70 -0.83 -10.74
N MET A 1967 17.18 0.36 -11.05
CA MET A 1967 17.99 1.37 -11.71
C MET A 1967 19.16 1.78 -10.82
N LEU A 1968 18.92 1.83 -9.51
CA LEU A 1968 20.01 2.10 -8.56
C LEU A 1968 21.13 1.11 -8.73
N SER A 1969 20.80 -0.19 -8.76
CA SER A 1969 21.82 -1.22 -8.89
C SER A 1969 22.54 -1.14 -10.24
N ALA A 1970 21.79 -0.91 -11.32
CA ALA A 1970 22.41 -0.85 -12.64
C ALA A 1970 23.38 0.31 -12.75
N VAL A 1971 22.93 1.51 -12.37
CA VAL A 1971 23.80 2.67 -12.39
C VAL A 1971 24.96 2.49 -11.42
N SER A 1972 24.74 1.79 -10.31
CA SER A 1972 25.84 1.52 -9.38
C SER A 1972 26.90 0.64 -10.02
N GLN A 1973 26.49 -0.39 -10.76
CA GLN A 1973 27.45 -1.23 -11.46
C GLN A 1973 28.25 -0.41 -12.48
N GLN A 1974 27.55 0.43 -13.25
CA GLN A 1974 28.24 1.23 -14.26
C GLN A 1974 29.24 2.19 -13.63
N VAL A 1975 28.81 2.93 -12.60
CA VAL A 1975 29.72 3.87 -11.97
C VAL A 1975 30.84 3.14 -11.24
N GLN A 1976 30.59 1.92 -10.76
CA GLN A 1976 31.63 1.15 -10.10
C GLN A 1976 32.73 0.77 -11.09
N CYS A 1977 32.36 0.23 -12.25
CA CYS A 1977 33.39 -0.13 -13.22
C CYS A 1977 34.13 1.10 -13.73
N ILE A 1978 33.40 2.20 -13.95
CA ILE A 1978 34.05 3.44 -14.39
C ILE A 1978 35.03 3.93 -13.34
N GLN A 1979 34.63 3.88 -12.07
CA GLN A 1979 35.49 4.39 -11.00
C GLN A 1979 36.70 3.49 -10.78
N GLU A 1980 36.55 2.18 -10.97
CA GLU A 1980 37.72 1.30 -10.92
C GLU A 1980 38.67 1.62 -12.06
N ALA A 1981 38.14 1.90 -13.26
CA ALA A 1981 39.00 2.33 -14.35
C ALA A 1981 39.73 3.61 -14.00
N LEU A 1982 39.03 4.56 -13.37
CA LEU A 1982 39.67 5.80 -12.95
C LEU A 1982 40.76 5.56 -11.92
N ARG A 1983 40.49 4.67 -10.95
CA ARG A 1983 41.49 4.33 -9.95
C ARG A 1983 42.72 3.68 -10.59
N GLU A 1984 42.53 2.94 -11.68
CA GLU A 1984 43.66 2.34 -12.37
C GLU A 1984 44.62 3.39 -12.93
N HIS A 1985 44.16 4.64 -13.10
CA HIS A 1985 44.99 5.67 -13.70
C HIS A 1985 46.14 6.13 -12.80
N SER A 1986 46.11 5.82 -11.51
CA SER A 1986 47.14 6.34 -10.61
C SER A 1986 47.86 5.26 -9.80
N ASN A 1987 47.68 3.99 -10.15
CA ASN A 1987 48.50 3.08 -9.38
C ASN A 1987 49.91 3.01 -9.93
N PRO A 1988 50.92 2.82 -9.07
CA PRO A 1988 52.31 2.82 -9.56
C PRO A 1988 52.64 1.65 -10.48
N ASN A 1989 51.85 0.57 -10.46
CA ASN A 1989 52.18 -0.58 -11.28
C ASN A 1989 51.94 -0.34 -12.77
N TYR A 1990 51.21 0.71 -13.12
CA TYR A 1990 50.89 1.00 -14.51
C TYR A 1990 51.70 2.20 -15.00
N ASP A 1991 51.82 2.29 -16.33
CA ASP A 1991 52.59 3.37 -16.94
C ASP A 1991 51.92 4.72 -16.68
N LYS A 1992 52.76 5.75 -16.55
CA LYS A 1992 52.30 7.12 -16.37
C LYS A 1992 52.46 7.98 -17.62
N THR A 1993 52.96 7.42 -18.72
CA THR A 1993 53.17 8.18 -19.94
C THR A 1993 51.96 8.08 -20.87
N SER A 1994 51.57 6.87 -21.24
CA SER A 1994 50.40 6.64 -22.07
C SER A 1994 49.52 5.59 -21.39
N ALA A 1995 48.23 5.88 -21.27
CA ALA A 1995 47.28 5.04 -20.54
C ALA A 1995 46.07 4.75 -21.41
N PRO A 1996 46.17 3.78 -22.32
CA PRO A 1996 44.99 3.34 -23.06
C PRO A 1996 44.07 2.48 -22.19
N ILE A 1997 43.63 3.03 -21.08
CA ILE A 1997 42.83 2.28 -20.11
C ILE A 1997 41.37 2.35 -20.50
N THR A 1998 40.71 1.18 -20.55
CA THR A 1998 39.34 1.08 -21.00
C THR A 1998 38.46 0.49 -19.89
N CYS A 1999 37.19 0.88 -19.92
CA CYS A 1999 36.18 0.35 -19.02
C CYS A 1999 35.09 -0.33 -19.84
N GLU A 2000 34.52 -1.39 -19.28
CA GLU A 2000 33.52 -2.19 -20.00
C GLU A 2000 32.17 -1.50 -19.88
N LEU A 2001 31.82 -0.73 -20.90
CA LEU A 2001 30.51 -0.09 -21.00
C LEU A 2001 29.82 -0.56 -22.27
N LEU A 2002 28.56 -0.95 -22.14
CA LEU A 2002 27.78 -1.50 -23.25
C LEU A 2002 28.48 -2.71 -23.88
N ASN A 2003 29.07 -3.54 -23.01
CA ASN A 2003 29.74 -4.78 -23.42
C ASN A 2003 30.84 -4.50 -24.45
N LYS A 2004 31.59 -3.43 -24.25
CA LYS A 2004 32.72 -3.11 -25.12
C LYS A 2004 33.69 -2.21 -24.35
N GLN A 2005 34.95 -2.28 -24.74
CA GLN A 2005 36.01 -1.54 -24.06
C GLN A 2005 36.07 -0.12 -24.62
N VAL A 2006 35.74 0.86 -23.79
CA VAL A 2006 35.77 2.26 -24.17
C VAL A 2006 36.82 2.97 -23.32
N LYS A 2007 37.70 3.73 -23.97
CA LYS A 2007 38.75 4.43 -23.27
C LYS A 2007 38.17 5.50 -22.34
N VAL A 2008 38.71 5.56 -21.13
CA VAL A 2008 38.25 6.51 -20.11
C VAL A 2008 39.28 7.62 -20.00
N SER A 2009 38.82 8.86 -20.12
CA SER A 2009 39.70 10.00 -20.03
C SER A 2009 40.18 10.20 -18.59
N PRO A 2010 41.40 10.71 -18.39
CA PRO A 2010 41.88 11.01 -17.04
C PRO A 2010 41.31 12.28 -16.43
N ASP A 2011 40.39 12.96 -17.11
CA ASP A 2011 39.83 14.23 -16.65
C ASP A 2011 38.42 14.09 -16.10
N MET A 2012 37.64 13.13 -16.60
CA MET A 2012 36.25 13.01 -16.19
C MET A 2012 36.14 12.56 -14.74
N ALA A 2013 35.00 12.88 -14.13
CA ALA A 2013 34.69 12.46 -12.77
C ALA A 2013 33.19 12.29 -12.62
N ILE A 2014 32.79 11.43 -11.70
CA ILE A 2014 31.38 11.17 -11.42
C ILE A 2014 31.13 11.50 -9.95
N PHE A 2015 30.12 12.33 -9.71
CA PHE A 2015 29.72 12.70 -8.36
C PHE A 2015 28.32 12.16 -8.08
N ILE A 2016 28.11 11.71 -6.85
CA ILE A 2016 26.84 11.12 -6.43
C ILE A 2016 26.37 11.89 -5.21
N THR A 2017 25.48 12.86 -5.43
CA THR A 2017 24.95 13.66 -4.33
C THR A 2017 23.90 12.85 -3.59
N MET A 2018 24.07 12.72 -2.28
CA MET A 2018 23.26 11.83 -1.47
C MET A 2018 22.30 12.64 -0.61
N ASN A 2019 21.25 11.99 -0.12
CA ASN A 2019 20.30 12.65 0.76
C ASN A 2019 19.81 11.67 1.83
N PRO A 2020 20.15 11.90 3.10
CA PRO A 2020 19.71 10.99 4.17
C PRO A 2020 18.21 11.08 4.36
N GLY A 2021 17.55 9.93 4.27
CA GLY A 2021 16.11 9.86 4.44
C GLY A 2021 15.39 9.41 3.18
N SER A 2026 19.00 7.25 2.62
CA SER A 2026 19.68 6.13 3.25
C SER A 2026 21.20 6.34 3.25
N ASN A 2027 21.90 5.59 2.41
CA ASN A 2027 23.35 5.70 2.32
C ASN A 2027 23.79 5.21 0.95
N LEU A 2028 25.07 5.40 0.67
CA LEU A 2028 25.63 4.95 -0.60
C LEU A 2028 25.55 3.42 -0.69
N PRO A 2029 25.34 2.87 -1.89
CA PRO A 2029 25.33 1.42 -2.04
C PRO A 2029 26.66 0.80 -1.64
N ASP A 2030 26.59 -0.43 -1.13
CA ASP A 2030 27.78 -1.08 -0.59
C ASP A 2030 28.87 -1.25 -1.65
N ASN A 2031 28.47 -1.46 -2.91
CA ASN A 2031 29.45 -1.61 -3.98
C ASN A 2031 30.16 -0.32 -4.34
N LEU A 2032 29.72 0.82 -3.81
CA LEU A 2032 30.38 2.09 -4.04
C LEU A 2032 30.98 2.71 -2.78
N LYS A 2033 30.85 2.05 -1.63
CA LYS A 2033 31.37 2.62 -0.39
C LYS A 2033 32.89 2.75 -0.42
N LYS A 2034 33.58 1.78 -0.99
CA LYS A 2034 35.04 1.79 -1.07
C LYS A 2034 35.56 2.61 -2.24
N LEU A 2035 34.72 3.45 -2.85
CA LEU A 2035 35.11 4.22 -4.01
C LEU A 2035 34.78 5.70 -3.92
N PHE A 2036 34.05 6.14 -2.90
CA PHE A 2036 33.56 7.52 -2.85
C PHE A 2036 33.86 8.13 -1.50
N ARG A 2037 34.13 9.44 -1.52
CA ARG A 2037 34.41 10.21 -0.32
C ARG A 2037 33.14 10.96 0.09
N SER A 2038 32.59 10.59 1.23
CA SER A 2038 31.39 11.25 1.73
C SER A 2038 31.73 12.60 2.34
N LEU A 2039 30.78 13.53 2.29
CA LEU A 2039 30.96 14.86 2.85
C LEU A 2039 29.60 15.42 3.26
N ALA A 2040 29.51 15.91 4.49
CA ALA A 2040 28.25 16.40 5.03
C ALA A 2040 28.11 17.89 4.76
N MET A 2041 27.08 18.26 4.02
CA MET A 2041 26.70 19.66 3.80
C MET A 2041 25.30 19.82 4.38
N THR A 2042 25.22 20.19 5.66
CA THR A 2042 23.95 20.21 6.38
C THR A 2042 23.44 21.60 6.69
N LYS A 2043 24.29 22.63 6.64
CA LYS A 2043 23.88 23.99 7.00
C LYS A 2043 24.74 24.99 6.24
N PRO A 2044 24.27 25.48 5.10
CA PRO A 2044 24.96 26.59 4.43
C PRO A 2044 24.95 27.83 5.31
N ASP A 2045 26.05 28.59 5.26
CA ASP A 2045 26.13 29.82 6.02
C ASP A 2045 25.31 30.89 5.31
N ARG A 2046 24.02 30.97 5.66
CA ARG A 2046 23.12 31.89 4.98
C ARG A 2046 23.51 33.34 5.23
N GLN A 2047 24.07 33.64 6.40
CA GLN A 2047 24.41 35.02 6.73
C GLN A 2047 25.46 35.58 5.79
N LEU A 2048 26.53 34.82 5.55
CA LEU A 2048 27.59 35.29 4.66
C LEU A 2048 27.08 35.41 3.22
N ILE A 2049 26.28 34.46 2.77
CA ILE A 2049 25.73 34.51 1.41
C ILE A 2049 24.88 35.75 1.24
N ALA A 2050 23.99 36.02 2.21
CA ALA A 2050 23.14 37.20 2.13
C ALA A 2050 23.97 38.48 2.17
N GLN A 2051 24.99 38.52 3.02
CA GLN A 2051 25.84 39.69 3.10
C GLN A 2051 26.54 39.96 1.78
N VAL A 2052 27.10 38.90 1.17
CA VAL A 2052 27.81 39.07 -0.09
C VAL A 2052 26.86 39.52 -1.19
N MET A 2053 25.68 38.90 -1.27
CA MET A 2053 24.73 39.29 -2.32
C MET A 2053 24.26 40.72 -2.14
N LEU A 2054 23.97 41.13 -0.90
CA LEU A 2054 23.56 42.50 -0.66
C LEU A 2054 24.68 43.48 -0.98
N TYR A 2055 25.93 43.12 -0.65
CA TYR A 2055 27.06 43.97 -1.01
C TYR A 2055 27.22 44.07 -2.52
N SER A 2056 26.88 43.01 -3.25
CA SER A 2056 26.94 43.05 -4.70
C SER A 2056 25.84 43.92 -5.30
N GLN A 2057 24.79 44.22 -4.54
CA GLN A 2057 23.70 45.06 -5.02
C GLN A 2057 23.89 46.53 -4.69
N GLY A 2058 25.07 46.91 -4.21
CA GLY A 2058 25.34 48.29 -3.86
C GLY A 2058 24.89 48.72 -2.48
N PHE A 2059 24.47 47.79 -1.64
CA PHE A 2059 24.04 48.12 -0.29
C PHE A 2059 25.26 48.45 0.57
N ARG A 2060 25.16 49.55 1.33
CA ARG A 2060 26.26 49.99 2.18
C ARG A 2060 26.21 49.41 3.59
N THR A 2061 25.14 48.70 3.94
CA THR A 2061 24.95 48.11 5.26
C THR A 2061 24.66 46.62 5.13
N ALA A 2062 25.49 45.94 4.35
CA ALA A 2062 25.21 44.55 3.99
C ALA A 2062 25.17 43.64 5.22
N GLU A 2063 26.11 43.83 6.15
CA GLU A 2063 26.23 42.89 7.26
C GLU A 2063 25.01 42.95 8.18
N VAL A 2064 24.54 44.15 8.53
CA VAL A 2064 23.39 44.27 9.41
C VAL A 2064 22.13 43.75 8.71
N LEU A 2065 21.98 44.10 7.43
CA LEU A 2065 20.82 43.64 6.68
C LEU A 2065 20.79 42.13 6.59
N ALA A 2066 21.95 41.50 6.37
CA ALA A 2066 22.01 40.04 6.30
C ALA A 2066 21.69 39.41 7.66
N ASN A 2067 22.33 39.91 8.72
CA ASN A 2067 22.07 39.37 10.06
C ASN A 2067 20.66 39.64 10.53
N LYS A 2068 19.94 40.53 9.85
CA LYS A 2068 18.51 40.70 10.11
C LYS A 2068 17.64 39.79 9.27
N ILE A 2069 17.95 39.67 7.97
CA ILE A 2069 17.06 38.95 7.06
C ILE A 2069 17.16 37.44 7.26
N VAL A 2070 18.36 36.93 7.54
CA VAL A 2070 18.52 35.47 7.68
C VAL A 2070 17.68 34.92 8.83
N PRO A 2071 17.77 35.44 10.06
CA PRO A 2071 16.87 34.95 11.11
C PRO A 2071 15.40 35.21 10.83
N PHE A 2072 15.09 36.22 10.01
CA PHE A 2072 13.69 36.46 9.64
C PHE A 2072 13.13 35.29 8.85
N PHE A 2073 13.84 34.85 7.80
CA PHE A 2073 13.41 33.69 7.04
C PHE A 2073 13.50 32.41 7.87
N LYS A 2074 14.45 32.34 8.80
CA LYS A 2074 14.50 31.19 9.71
C LYS A 2074 13.26 31.13 10.58
N LEU A 2075 12.78 32.28 11.05
CA LEU A 2075 11.61 32.31 11.92
C LEU A 2075 10.34 32.03 11.13
N CYS A 2076 10.21 32.65 9.95
CA CYS A 2076 8.98 32.51 9.18
C CYS A 2076 8.69 31.06 8.80
N ASP A 2077 9.73 30.23 8.73
CA ASP A 2077 9.52 28.80 8.51
C ASP A 2077 8.81 28.15 9.68
N GLU A 2078 9.04 28.64 10.91
CA GLU A 2078 8.47 28.07 12.11
C GLU A 2078 7.23 28.81 12.59
N GLN A 2079 7.28 30.14 12.66
CA GLN A 2079 6.18 30.92 13.18
C GLN A 2079 4.94 30.92 12.29
N LEU A 2080 5.06 30.47 11.03
CA LEU A 2080 3.94 30.41 10.12
C LEU A 2080 3.57 28.96 9.86
N SER A 2081 2.36 28.77 9.35
CA SER A 2081 1.83 27.44 9.05
C SER A 2081 1.94 27.23 7.54
N SER A 2082 3.09 26.74 7.11
CA SER A 2082 3.30 26.45 5.69
C SER A 2082 2.37 25.34 5.23
N GLN A 2083 1.60 25.61 4.18
CA GLN A 2083 0.62 24.62 3.71
C GLN A 2083 1.21 23.76 2.60
N SER A 2084 1.49 24.38 1.45
CA SER A 2084 2.24 23.69 0.41
C SER A 2084 3.15 24.62 -0.40
N HIS A 2085 3.21 25.91 -0.11
CA HIS A 2085 3.95 26.83 -0.97
C HIS A 2085 4.78 27.86 -0.23
N TYR A 2086 4.64 28.02 1.08
CA TYR A 2086 5.49 28.95 1.80
C TYR A 2086 6.93 28.48 1.70
N ASP A 2087 7.75 29.18 0.93
CA ASP A 2087 9.13 28.78 0.67
C ASP A 2087 10.07 29.74 1.35
N PHE A 2088 10.94 29.20 2.21
CA PHE A 2088 11.92 30.02 2.90
C PHE A 2088 13.33 29.49 2.68
N GLY A 2089 13.53 28.67 1.65
CA GLY A 2089 14.84 28.13 1.35
C GLY A 2089 15.77 29.21 0.84
N LEU A 2090 17.01 28.80 0.62
CA LEU A 2090 18.05 29.76 0.23
C LEU A 2090 17.77 30.33 -1.16
N ARG A 2091 17.09 29.57 -2.03
CA ARG A 2091 16.71 30.08 -3.33
C ARG A 2091 15.76 31.26 -3.19
N ALA A 2092 14.77 31.14 -2.31
CA ALA A 2092 13.84 32.24 -2.07
C ALA A 2092 14.56 33.45 -1.51
N LEU A 2093 15.52 33.23 -0.61
CA LEU A 2093 16.29 34.33 -0.06
C LEU A 2093 17.09 35.05 -1.15
N LYS A 2094 17.70 34.29 -2.06
CA LYS A 2094 18.44 34.91 -3.15
C LYS A 2094 17.52 35.72 -4.05
N SER A 2095 16.35 35.17 -4.36
CA SER A 2095 15.40 35.91 -5.19
C SER A 2095 14.96 37.20 -4.51
N VAL A 2096 14.69 37.13 -3.21
CA VAL A 2096 14.28 38.32 -2.47
C VAL A 2096 15.39 39.36 -2.46
N LEU A 2097 16.64 38.92 -2.29
CA LEU A 2097 17.76 39.86 -2.27
C LEU A 2097 17.95 40.52 -3.63
N VAL A 2098 17.82 39.74 -4.71
CA VAL A 2098 17.93 40.33 -6.04
C VAL A 2098 16.81 41.35 -6.26
N SER A 2099 15.59 41.01 -5.84
CA SER A 2099 14.48 41.95 -5.97
C SER A 2099 14.73 43.22 -5.15
N ALA A 2100 15.32 43.06 -3.96
CA ALA A 2100 15.63 44.22 -3.13
C ALA A 2100 16.67 45.13 -3.79
N GLY A 2101 17.71 44.54 -4.38
CA GLY A 2101 18.67 45.33 -5.12
C GLY A 2101 18.04 46.06 -6.29
N ASN A 2102 17.15 45.37 -7.02
CA ASN A 2102 16.45 46.00 -8.13
C ASN A 2102 15.59 47.16 -7.63
N VAL A 2103 14.90 46.97 -6.50
CA VAL A 2103 14.04 48.03 -5.95
C VAL A 2103 14.88 49.23 -5.55
N LYS A 2104 16.03 48.98 -4.90
CA LYS A 2104 16.90 50.08 -4.50
C LYS A 2104 17.40 50.86 -5.71
N ARG A 2105 17.81 50.14 -6.77
CA ARG A 2105 18.28 50.82 -7.97
C ARG A 2105 17.16 51.61 -8.62
N GLU A 2106 15.94 51.06 -8.64
CA GLU A 2106 14.81 51.78 -9.22
C GLU A 2106 14.47 53.02 -8.43
N ARG A 2107 14.54 52.95 -7.09
CA ARG A 2107 14.32 54.13 -6.28
C ARG A 2107 15.38 55.19 -6.54
N ILE A 2108 16.65 54.76 -6.67
CA ILE A 2108 17.71 55.71 -6.98
C ILE A 2108 17.46 56.39 -8.31
N GLN A 2109 17.05 55.60 -9.32
CA GLN A 2109 16.73 56.18 -10.62
C GLN A 2109 15.55 57.13 -10.55
N LYS A 2110 14.55 56.78 -9.74
CA LYS A 2110 13.39 57.66 -9.57
C LYS A 2110 13.81 59.01 -9.00
N ILE A 2111 14.62 59.00 -7.93
CA ILE A 2111 15.08 60.25 -7.35
C ILE A 2111 15.96 61.02 -8.32
N LYS A 2112 16.79 60.30 -9.08
CA LYS A 2112 17.64 60.95 -10.08
C LYS A 2112 16.80 61.66 -11.13
N ARG A 2113 15.78 60.98 -11.65
CA ARG A 2113 14.93 61.60 -12.66
C ARG A 2113 14.14 62.77 -12.08
N GLU A 2114 13.65 62.63 -10.85
CA GLU A 2114 12.87 63.71 -10.24
C GLU A 2114 13.73 64.95 -10.04
N LYS A 2115 14.98 64.77 -9.59
CA LYS A 2115 15.86 65.91 -9.43
C LYS A 2115 16.31 66.47 -10.78
N GLU A 2116 16.39 65.62 -11.81
CA GLU A 2116 16.68 66.10 -13.15
C GLU A 2116 15.55 66.95 -13.69
N GLU A 2117 14.30 66.62 -13.36
CA GLU A 2117 13.18 67.45 -13.75
C GLU A 2117 13.25 68.83 -13.12
N ARG A 2118 13.91 68.94 -11.96
CA ARG A 2118 14.21 70.23 -11.37
C ARG A 2118 15.59 70.69 -11.85
N GLY A 2119 16.01 71.87 -11.39
CA GLY A 2119 17.28 72.44 -11.81
C GLY A 2119 18.47 71.89 -11.06
N GLU A 2120 18.32 70.69 -10.49
CA GLU A 2120 19.36 70.10 -9.66
C GLU A 2120 20.22 69.14 -10.47
N ALA A 2121 21.53 69.16 -10.18
CA ALA A 2121 22.47 68.22 -10.76
C ALA A 2121 22.68 67.05 -9.81
N VAL A 2122 22.56 65.85 -10.33
CA VAL A 2122 22.46 64.65 -9.51
C VAL A 2122 23.81 63.95 -9.40
N ASP A 2123 24.01 63.28 -8.28
CA ASP A 2123 25.13 62.36 -8.08
C ASP A 2123 24.57 61.09 -7.48
N GLU A 2124 24.84 59.95 -8.15
CA GLU A 2124 24.21 58.69 -7.73
C GLU A 2124 24.66 58.29 -6.33
N GLY A 2125 25.94 58.50 -6.00
CA GLY A 2125 26.41 58.21 -4.66
C GLY A 2125 25.72 59.07 -3.61
N GLU A 2126 25.49 60.35 -3.94
CA GLU A 2126 24.81 61.25 -3.01
C GLU A 2126 23.39 60.76 -2.73
N ILE A 2127 22.68 60.32 -3.77
CA ILE A 2127 21.34 59.79 -3.58
C ILE A 2127 21.39 58.49 -2.78
N ALA A 2128 22.37 57.63 -3.05
CA ALA A 2128 22.45 56.34 -2.39
C ALA A 2128 22.83 56.48 -0.92
N GLU A 2129 23.51 57.56 -0.55
CA GLU A 2129 23.97 57.72 0.82
C GLU A 2129 22.80 57.85 1.79
N ASN A 2130 21.86 58.76 1.50
CA ASN A 2130 20.77 59.06 2.40
C ASN A 2130 19.50 58.26 2.10
N LEU A 2131 19.65 57.07 1.53
CA LEU A 2131 18.49 56.24 1.18
C LEU A 2131 18.39 55.09 2.17
N PRO A 2132 17.28 54.97 2.91
CA PRO A 2132 17.19 53.93 3.96
C PRO A 2132 17.13 52.53 3.34
N GLU A 2133 18.07 51.68 3.74
CA GLU A 2133 18.15 50.34 3.18
C GLU A 2133 17.09 49.42 3.79
N GLN A 2134 16.82 49.57 5.08
CA GLN A 2134 15.87 48.68 5.75
C GLN A 2134 14.47 48.81 5.16
N GLU A 2135 14.04 50.05 4.87
CA GLU A 2135 12.74 50.24 4.27
C GLU A 2135 12.66 49.57 2.90
N ILE A 2136 13.73 49.68 2.11
CA ILE A 2136 13.75 49.06 0.80
C ILE A 2136 13.68 47.53 0.92
N LEU A 2137 14.44 46.96 1.84
CA LEU A 2137 14.41 45.51 2.03
C LEU A 2137 13.03 45.03 2.47
N ILE A 2138 12.41 45.77 3.41
CA ILE A 2138 11.06 45.42 3.85
C ILE A 2138 10.06 45.52 2.71
N GLN A 2139 10.17 46.58 1.91
CA GLN A 2139 9.27 46.71 0.77
C GLN A 2139 9.43 45.54 -0.19
N SER A 2140 10.67 45.15 -0.48
CA SER A 2140 10.91 44.04 -1.40
C SER A 2140 10.34 42.74 -0.85
N VAL A 2141 10.61 42.44 0.43
CA VAL A 2141 10.14 41.16 0.98
C VAL A 2141 8.63 41.15 1.07
N CYS A 2142 8.00 42.29 1.41
CA CYS A 2142 6.54 42.34 1.46
C CYS A 2142 5.96 42.12 0.06
N GLU A 2143 6.50 42.81 -0.95
CA GLU A 2143 6.01 42.62 -2.31
C GLU A 2143 6.14 41.19 -2.77
N THR A 2144 7.25 40.52 -2.40
CA THR A 2144 7.45 39.15 -2.83
C THR A 2144 6.55 38.16 -2.07
N MET A 2145 6.28 38.44 -0.79
CA MET A 2145 5.74 37.42 0.10
C MET A 2145 4.26 37.61 0.45
N VAL A 2146 3.81 38.84 0.72
CA VAL A 2146 2.45 39.05 1.23
C VAL A 2146 1.39 38.44 0.32
N PRO A 2147 1.45 38.56 -1.01
CA PRO A 2147 0.43 37.90 -1.84
C PRO A 2147 0.39 36.38 -1.66
N LYS A 2148 1.50 35.76 -1.26
CA LYS A 2148 1.52 34.32 -1.05
C LYS A 2148 0.91 33.90 0.28
N LEU A 2149 0.73 34.83 1.21
CA LEU A 2149 0.34 34.50 2.58
C LEU A 2149 -1.17 34.44 2.73
N VAL A 2150 -1.63 33.51 3.56
CA VAL A 2150 -3.03 33.49 3.96
C VAL A 2150 -3.31 34.61 4.96
N ALA A 2151 -4.60 34.87 5.19
CA ALA A 2151 -4.98 35.93 6.11
C ALA A 2151 -4.55 35.64 7.53
N GLU A 2152 -4.43 34.35 7.90
CA GLU A 2152 -4.04 34.01 9.26
C GLU A 2152 -2.56 34.32 9.52
N ASP A 2153 -1.74 34.42 8.47
CA ASP A 2153 -0.31 34.57 8.64
C ASP A 2153 0.20 35.97 8.32
N ILE A 2154 -0.62 36.83 7.72
CA ILE A 2154 -0.19 38.19 7.40
C ILE A 2154 0.14 38.98 8.67
N PRO A 2155 -0.74 39.03 9.67
CA PRO A 2155 -0.36 39.73 10.91
C PRO A 2155 0.82 39.10 11.62
N LEU A 2156 0.95 37.77 11.55
CA LEU A 2156 2.09 37.11 12.18
C LEU A 2156 3.40 37.54 11.51
N LEU A 2157 3.41 37.56 10.17
CA LEU A 2157 4.61 37.99 9.46
C LEU A 2157 4.91 39.46 9.72
N PHE A 2158 3.87 40.29 9.82
CA PHE A 2158 4.13 41.70 10.14
C PHE A 2158 4.67 41.87 11.55
N SER A 2159 4.20 41.06 12.51
CA SER A 2159 4.75 41.09 13.85
C SER A 2159 6.21 40.66 13.85
N LEU A 2160 6.54 39.60 13.10
CA LEU A 2160 7.94 39.17 12.98
C LEU A 2160 8.78 40.26 12.35
N LEU A 2161 8.25 40.95 11.33
CA LEU A 2161 8.98 42.00 10.66
C LEU A 2161 9.25 43.17 11.61
N SER A 2162 8.24 43.56 12.41
CA SER A 2162 8.46 44.60 13.40
C SER A 2162 9.44 44.15 14.47
N ASP A 2163 9.47 42.85 14.78
CA ASP A 2163 10.43 42.33 15.74
C ASP A 2163 11.85 42.46 15.22
N VAL A 2164 12.12 41.87 14.05
CA VAL A 2164 13.47 41.91 13.48
C VAL A 2164 13.84 43.34 13.10
N PHE A 2165 12.90 44.09 12.51
CA PHE A 2165 13.11 45.48 12.13
C PHE A 2165 12.27 46.37 13.03
N PRO A 2166 12.81 46.84 14.15
CA PRO A 2166 12.01 47.66 15.07
C PRO A 2166 11.75 49.04 14.49
N GLY A 2167 10.46 49.40 14.42
CA GLY A 2167 10.05 50.73 14.01
C GLY A 2167 10.50 51.16 12.64
N VAL A 2168 10.37 50.27 11.66
CA VAL A 2168 10.69 50.57 10.26
C VAL A 2168 9.40 50.41 9.47
N GLN A 2169 8.70 51.52 9.24
CA GLN A 2169 7.38 51.47 8.63
C GLN A 2169 7.48 51.06 7.16
N TYR A 2170 6.50 50.29 6.71
CA TYR A 2170 6.42 49.87 5.31
C TYR A 2170 5.22 50.56 4.66
N HIS A 2171 5.47 51.26 3.57
CA HIS A 2171 4.42 51.99 2.85
C HIS A 2171 3.95 51.18 1.65
N ARG A 2172 2.64 50.99 1.54
CA ARG A 2172 2.07 50.25 0.42
C ARG A 2172 2.24 51.06 -0.86
N GLY A 2173 2.63 50.39 -1.94
CA GLY A 2173 2.73 51.06 -3.22
C GLY A 2173 1.39 51.61 -3.67
N GLU A 2174 1.42 52.83 -4.19
CA GLU A 2174 0.20 53.55 -4.54
C GLU A 2174 0.01 53.60 -6.05
N MET A 2175 -1.19 53.28 -6.50
CA MET A 2175 -1.56 53.19 -7.91
C MET A 2175 -2.84 54.00 -8.16
N THR A 2176 -2.83 55.27 -7.76
CA THR A 2176 -4.03 56.10 -7.75
C THR A 2176 -4.77 56.08 -9.08
N ALA A 2177 -4.03 56.12 -10.20
CA ALA A 2177 -4.67 56.04 -11.51
C ALA A 2177 -5.40 54.72 -11.67
N LEU A 2178 -4.71 53.61 -11.41
CA LEU A 2178 -5.37 52.31 -11.44
C LEU A 2178 -6.43 52.21 -10.36
N ARG A 2179 -6.22 52.89 -9.23
CA ARG A 2179 -7.22 52.89 -8.16
C ARG A 2179 -8.55 53.45 -8.65
N GLU A 2180 -8.51 54.64 -9.26
CA GLU A 2180 -9.75 55.25 -9.74
C GLU A 2180 -10.33 54.50 -10.93
N GLU A 2181 -9.48 53.95 -11.80
CA GLU A 2181 -9.99 53.14 -12.90
C GLU A 2181 -10.73 51.92 -12.39
N LEU A 2182 -10.15 51.23 -11.41
CA LEU A 2182 -10.80 50.08 -10.79
C LEU A 2182 -12.09 50.49 -10.09
N LYS A 2183 -12.08 51.66 -9.45
CA LYS A 2183 -13.30 52.14 -8.80
C LYS A 2183 -14.41 52.33 -9.82
N LYS A 2184 -14.09 52.96 -10.97
CA LYS A 2184 -15.09 53.15 -12.01
C LYS A 2184 -15.60 51.82 -12.55
N VAL A 2185 -14.69 50.88 -12.81
CA VAL A 2185 -15.11 49.60 -13.36
C VAL A 2185 -15.98 48.83 -12.36
N CYS A 2186 -15.59 48.83 -11.09
CA CYS A 2186 -16.40 48.16 -10.07
C CYS A 2186 -17.76 48.81 -9.93
N GLN A 2187 -17.82 50.13 -10.05
CA GLN A 2187 -19.11 50.80 -10.08
C GLN A 2187 -19.95 50.34 -11.26
N GLU A 2188 -19.31 50.13 -12.41
CA GLU A 2188 -20.02 49.63 -13.58
C GLU A 2188 -20.54 48.20 -13.35
N MET A 2189 -19.74 47.35 -12.70
CA MET A 2189 -20.07 45.95 -12.53
C MET A 2189 -20.80 45.65 -11.22
N TYR A 2190 -21.31 46.67 -10.54
CA TYR A 2190 -22.08 46.54 -9.31
C TYR A 2190 -21.29 45.88 -8.19
N LEU A 2191 -19.96 45.86 -8.30
CA LEU A 2191 -19.13 45.30 -7.25
C LEU A 2191 -18.93 46.32 -6.12
N THR A 2192 -18.30 45.87 -5.05
CA THR A 2192 -18.00 46.72 -3.91
C THR A 2192 -16.53 47.12 -3.96
N TYR A 2193 -16.27 48.43 -3.94
CA TYR A 2193 -14.92 48.98 -4.03
C TYR A 2193 -14.59 49.66 -2.72
N GLY A 2194 -13.58 49.14 -2.01
CA GLY A 2194 -13.15 49.74 -0.77
C GLY A 2194 -11.68 50.08 -0.76
N ASP A 2195 -11.29 51.05 0.07
CA ASP A 2195 -9.91 51.48 0.17
C ASP A 2195 -9.48 51.48 1.63
N GLY A 2196 -8.22 51.11 1.86
CA GLY A 2196 -7.69 51.07 3.21
C GLY A 2196 -8.42 50.09 4.09
N GLU A 2197 -9.17 50.60 5.06
CA GLU A 2197 -9.93 49.76 5.99
C GLU A 2197 -11.41 49.68 5.65
N GLU A 2198 -11.86 50.33 4.58
CA GLU A 2198 -13.27 50.26 4.21
C GLU A 2198 -13.62 48.87 3.72
N VAL A 2199 -14.94 48.62 3.60
CA VAL A 2199 -15.42 47.33 3.13
C VAL A 2199 -14.95 47.13 1.70
N GLY A 2200 -14.12 46.11 1.49
CA GLY A 2200 -13.54 45.83 0.19
C GLY A 2200 -12.12 46.31 -0.01
N GLY A 2201 -11.51 46.91 1.01
CA GLY A 2201 -10.14 47.36 0.86
C GLY A 2201 -9.16 46.22 0.64
N MET A 2202 -9.36 45.11 1.36
CA MET A 2202 -8.48 43.95 1.18
C MET A 2202 -8.60 43.40 -0.23
N TRP A 2203 -9.83 43.39 -0.77
CA TRP A 2203 -10.04 42.88 -2.13
C TRP A 2203 -9.30 43.74 -3.16
N VAL A 2204 -9.40 45.06 -3.04
CA VAL A 2204 -8.71 45.93 -3.98
C VAL A 2204 -7.20 45.82 -3.81
N GLU A 2205 -6.73 45.68 -2.57
CA GLU A 2205 -5.30 45.48 -2.33
C GLU A 2205 -4.82 44.20 -3.01
N LYS A 2206 -5.61 43.13 -2.90
CA LYS A 2206 -5.25 41.87 -3.55
C LYS A 2206 -5.27 42.01 -5.07
N VAL A 2207 -6.20 42.80 -5.59
CA VAL A 2207 -6.26 43.05 -7.03
C VAL A 2207 -4.98 43.76 -7.50
N LEU A 2208 -4.55 44.76 -6.73
CA LEU A 2208 -3.32 45.47 -7.08
C LEU A 2208 -2.10 44.56 -6.98
N GLN A 2209 -2.07 43.69 -5.97
CA GLN A 2209 -1.00 42.71 -5.87
C GLN A 2209 -0.99 41.78 -7.09
N LEU A 2210 -2.17 41.36 -7.53
CA LEU A 2210 -2.26 40.55 -8.73
C LEU A 2210 -1.75 41.32 -9.94
N TYR A 2211 -2.06 42.61 -10.02
CA TYR A 2211 -1.58 43.42 -11.15
C TYR A 2211 -0.06 43.48 -11.18
N GLN A 2212 0.56 43.73 -10.03
CA GLN A 2212 2.02 43.81 -10.03
C GLN A 2212 2.65 42.44 -10.28
N ILE A 2213 1.99 41.37 -9.84
CA ILE A 2213 2.49 40.02 -10.14
C ILE A 2213 2.44 39.77 -11.65
N THR A 2214 1.34 40.19 -12.30
CA THR A 2214 1.27 40.09 -13.75
C THR A 2214 2.38 40.91 -14.41
N GLN A 2215 2.67 42.09 -13.87
CA GLN A 2215 3.79 42.87 -14.38
C GLN A 2215 5.10 42.10 -14.25
N ILE A 2216 5.25 41.33 -13.17
CA ILE A 2216 6.51 40.63 -12.93
C ILE A 2216 6.62 39.38 -13.78
N ASN A 2217 5.70 38.44 -13.59
CA ASN A 2217 5.80 37.12 -14.21
C ASN A 2217 4.85 37.00 -15.40
N HIS A 2218 5.05 35.92 -16.16
CA HIS A 2218 4.13 35.56 -17.24
C HIS A 2218 3.17 34.46 -16.83
N GLY A 2219 3.44 33.77 -15.73
CA GLY A 2219 2.54 32.76 -15.21
C GLY A 2219 2.35 32.91 -13.72
N LEU A 2220 1.11 32.75 -13.27
CA LEU A 2220 0.79 32.94 -11.87
C LEU A 2220 -0.44 32.14 -11.52
N MET A 2221 -0.76 32.10 -10.22
CA MET A 2221 -1.87 31.31 -9.72
C MET A 2221 -2.65 32.10 -8.68
N MET A 2222 -3.96 32.23 -8.89
CA MET A 2222 -4.86 32.72 -7.87
C MET A 2222 -5.40 31.52 -7.10
N VAL A 2223 -5.04 31.43 -5.82
CA VAL A 2223 -5.36 30.25 -5.02
C VAL A 2223 -6.17 30.69 -3.80
N GLY A 2224 -7.30 30.02 -3.57
CA GLY A 2224 -8.13 30.29 -2.43
C GLY A 2224 -9.37 29.42 -2.41
N PRO A 2225 -10.12 29.46 -1.31
CA PRO A 2225 -11.36 28.67 -1.22
C PRO A 2225 -12.40 29.21 -2.20
N SER A 2226 -13.41 28.39 -2.43
CA SER A 2226 -14.47 28.76 -3.36
C SER A 2226 -15.21 30.00 -2.88
N GLY A 2227 -15.60 30.85 -3.82
CA GLY A 2227 -16.28 32.09 -3.49
C GLY A 2227 -15.39 33.07 -2.76
N SER A 2228 -14.14 33.20 -3.19
CA SER A 2228 -13.20 34.14 -2.61
C SER A 2228 -13.02 35.39 -3.45
N GLY A 2229 -13.83 35.56 -4.50
CA GLY A 2229 -13.74 36.74 -5.34
C GLY A 2229 -12.64 36.72 -6.37
N LYS A 2230 -12.09 35.55 -6.69
CA LYS A 2230 -10.98 35.48 -7.64
C LYS A 2230 -11.44 35.89 -9.04
N SER A 2231 -12.55 35.31 -9.52
CA SER A 2231 -13.03 35.59 -10.86
C SER A 2231 -13.31 37.06 -11.05
N MET A 2232 -14.06 37.65 -10.11
CA MET A 2232 -14.34 39.09 -10.19
C MET A 2232 -13.06 39.89 -10.11
N ALA A 2233 -12.11 39.47 -9.28
CA ALA A 2233 -10.86 40.20 -9.13
C ALA A 2233 -10.12 40.30 -10.45
N TRP A 2234 -9.88 39.16 -11.11
CA TRP A 2234 -9.11 39.24 -12.35
C TRP A 2234 -9.94 39.83 -13.49
N ARG A 2235 -11.27 39.67 -13.45
CA ARG A 2235 -12.10 40.29 -14.47
C ARG A 2235 -12.04 41.81 -14.39
N VAL A 2236 -12.20 42.37 -13.19
CA VAL A 2236 -12.13 43.81 -13.05
C VAL A 2236 -10.72 44.30 -13.31
N LEU A 2237 -9.71 43.48 -12.97
CA LEU A 2237 -8.34 43.86 -13.30
C LEU A 2237 -8.16 44.00 -14.81
N LEU A 2238 -8.66 43.02 -15.57
CA LEU A 2238 -8.56 43.10 -17.02
C LEU A 2238 -9.29 44.32 -17.56
N LYS A 2239 -10.51 44.56 -17.08
CA LYS A 2239 -11.31 45.67 -17.58
C LYS A 2239 -10.63 47.01 -17.26
N ALA A 2240 -10.13 47.15 -16.03
CA ALA A 2240 -9.50 48.41 -15.63
C ALA A 2240 -8.21 48.64 -16.38
N LEU A 2241 -7.40 47.59 -16.58
CA LEU A 2241 -6.18 47.75 -17.35
C LEU A 2241 -6.48 48.12 -18.80
N GLU A 2242 -7.53 47.52 -19.38
CA GLU A 2242 -7.94 47.88 -20.73
C GLU A 2242 -8.36 49.35 -20.80
N ARG A 2243 -9.15 49.80 -19.83
CA ARG A 2243 -9.63 51.18 -19.85
C ARG A 2243 -8.53 52.18 -19.47
N LEU A 2244 -7.45 51.72 -18.85
CA LEU A 2244 -6.35 52.61 -18.46
C LEU A 2244 -5.31 52.73 -19.56
N GLU A 2245 -4.70 51.61 -19.96
CA GLU A 2245 -3.65 51.66 -20.96
C GLU A 2245 -4.17 51.75 -22.38
N GLY A 2246 -5.47 51.53 -22.60
CA GLY A 2246 -6.03 51.61 -23.93
C GLY A 2246 -5.80 50.40 -24.81
N VAL A 2247 -5.13 49.38 -24.30
CA VAL A 2247 -4.91 48.14 -25.05
C VAL A 2247 -6.02 47.17 -24.70
N GLU A 2248 -6.64 46.59 -25.72
CA GLU A 2248 -7.79 45.71 -25.50
C GLU A 2248 -7.33 44.42 -24.83
N GLY A 2249 -8.16 43.92 -23.93
CA GLY A 2249 -7.86 42.70 -23.18
C GLY A 2249 -8.88 41.62 -23.48
N VAL A 2250 -8.40 40.43 -23.81
CA VAL A 2250 -9.24 39.29 -24.11
C VAL A 2250 -8.83 38.14 -23.20
N ALA A 2251 -9.80 37.58 -22.48
CA ALA A 2251 -9.58 36.45 -21.61
C ALA A 2251 -10.06 35.16 -22.29
N HIS A 2252 -9.34 34.08 -22.07
CA HIS A 2252 -9.64 32.77 -22.68
C HIS A 2252 -9.87 31.78 -21.55
N ILE A 2253 -11.12 31.67 -21.10
CA ILE A 2253 -11.45 30.73 -20.04
C ILE A 2253 -11.32 29.31 -20.57
N ILE A 2254 -10.62 28.47 -19.82
CA ILE A 2254 -10.40 27.07 -20.17
C ILE A 2254 -10.54 26.21 -18.91
N ASP A 2255 -11.19 25.07 -19.04
CA ASP A 2255 -11.27 24.10 -17.96
C ASP A 2255 -10.50 22.85 -18.36
N PRO A 2256 -9.28 22.66 -17.88
CA PRO A 2256 -8.45 21.54 -18.34
C PRO A 2256 -9.05 20.17 -18.07
N LYS A 2257 -9.71 20.00 -16.93
CA LYS A 2257 -10.26 18.69 -16.61
C LYS A 2257 -11.60 18.43 -17.28
N ALA A 2258 -12.21 19.44 -17.90
CA ALA A 2258 -13.44 19.22 -18.66
C ALA A 2258 -13.18 18.41 -19.93
N ILE A 2259 -11.94 18.37 -20.42
CA ILE A 2259 -11.58 17.62 -21.60
C ILE A 2259 -10.38 16.74 -21.26
N SER A 2260 -10.16 15.73 -22.10
CA SER A 2260 -9.07 14.80 -21.85
C SER A 2260 -7.72 15.48 -22.09
N LYS A 2261 -6.65 14.77 -21.72
CA LYS A 2261 -5.30 15.27 -21.97
C LYS A 2261 -5.05 15.48 -23.46
N ASP A 2262 -5.56 14.57 -24.30
CA ASP A 2262 -5.38 14.70 -25.74
C ASP A 2262 -6.06 15.95 -26.30
N HIS A 2263 -7.31 16.20 -25.93
CA HIS A 2263 -8.05 17.33 -26.50
C HIS A 2263 -7.49 18.68 -26.09
N LEU A 2264 -6.59 18.72 -25.11
CA LEU A 2264 -6.01 19.98 -24.65
C LEU A 2264 -4.85 20.41 -25.54
N TYR A 2265 -3.88 19.53 -25.75
CA TYR A 2265 -2.72 19.83 -26.59
C TYR A 2265 -2.80 19.18 -27.98
N GLY A 2266 -3.83 18.39 -28.26
CA GLY A 2266 -3.95 17.75 -29.55
C GLY A 2266 -3.05 16.53 -29.67
N THR A 2267 -3.10 15.91 -30.85
CA THR A 2267 -2.30 14.73 -31.13
C THR A 2267 -2.04 14.65 -32.63
N LEU A 2268 -1.25 13.65 -33.00
CA LEU A 2268 -1.08 13.25 -34.38
C LEU A 2268 -1.45 11.78 -34.49
N ASP A 2269 -2.14 11.42 -35.56
CA ASP A 2269 -2.51 10.04 -35.74
C ASP A 2269 -1.26 9.23 -36.04
N PRO A 2270 -0.92 8.23 -35.22
CA PRO A 2270 0.36 7.52 -35.42
C PRO A 2270 0.46 6.82 -36.77
N ASN A 2271 -0.66 6.34 -37.31
CA ASN A 2271 -0.63 5.65 -38.59
C ASN A 2271 -0.53 6.60 -39.78
N THR A 2272 -0.74 7.90 -39.58
CA THR A 2272 -0.65 8.88 -40.67
C THR A 2272 0.25 10.07 -40.36
N ARG A 2273 0.70 10.24 -39.12
CA ARG A 2273 1.49 11.40 -38.71
C ARG A 2273 0.78 12.71 -39.08
N GLU A 2274 -0.53 12.74 -38.92
CA GLU A 2274 -1.34 13.91 -39.21
C GLU A 2274 -1.63 14.64 -37.91
N TRP A 2275 -0.90 15.72 -37.67
CA TRP A 2275 -1.08 16.47 -36.43
C TRP A 2275 -2.43 17.19 -36.43
N THR A 2276 -3.07 17.19 -35.27
CA THR A 2276 -4.33 17.91 -35.06
C THR A 2276 -4.21 18.75 -33.80
N ASP A 2277 -4.53 20.03 -33.91
CA ASP A 2277 -4.39 20.94 -32.77
C ASP A 2277 -5.46 20.67 -31.72
N GLY A 2278 -5.05 20.76 -30.45
CA GLY A 2278 -5.97 20.71 -29.35
C GLY A 2278 -6.50 22.09 -29.01
N LEU A 2279 -7.19 22.16 -27.87
CA LEU A 2279 -7.77 23.43 -27.43
C LEU A 2279 -6.69 24.48 -27.19
N PHE A 2280 -5.80 24.19 -26.23
CA PHE A 2280 -4.76 25.15 -25.88
C PHE A 2280 -3.82 25.41 -27.05
N THR A 2281 -3.47 24.37 -27.80
CA THR A 2281 -2.58 24.55 -28.94
C THR A 2281 -3.23 25.41 -30.02
N HIS A 2282 -4.52 25.20 -30.30
CA HIS A 2282 -5.20 26.05 -31.28
C HIS A 2282 -5.26 27.50 -30.80
N VAL A 2283 -5.56 27.70 -29.51
CA VAL A 2283 -5.60 29.05 -28.98
C VAL A 2283 -4.25 29.73 -29.13
N LEU A 2284 -3.18 29.03 -28.73
CA LEU A 2284 -1.85 29.61 -28.82
C LEU A 2284 -1.46 29.88 -30.27
N ARG A 2285 -1.81 28.98 -31.18
CA ARG A 2285 -1.48 29.17 -32.58
C ARG A 2285 -2.19 30.39 -33.16
N LYS A 2286 -3.48 30.55 -32.83
CA LYS A 2286 -4.19 31.71 -33.36
C LYS A 2286 -3.74 33.01 -32.69
N ILE A 2287 -3.20 32.94 -31.48
CA ILE A 2287 -2.58 34.13 -30.89
C ILE A 2287 -1.29 34.46 -31.63
N ILE A 2288 -0.46 33.44 -31.88
CA ILE A 2288 0.83 33.68 -32.53
C ILE A 2288 0.63 34.22 -33.94
N ASP A 2289 -0.30 33.64 -34.69
CA ASP A 2289 -0.57 34.12 -36.05
C ASP A 2289 -1.06 35.56 -36.03
N SER A 2290 -1.93 35.88 -35.08
CA SER A 2290 -2.42 37.26 -34.87
C SER A 2290 -3.06 37.81 -36.13
N VAL A 2291 -4.05 37.09 -36.65
CA VAL A 2291 -4.77 37.54 -37.84
C VAL A 2291 -5.51 38.84 -37.54
N ARG A 2292 -6.15 38.91 -36.37
CA ARG A 2292 -6.92 40.08 -35.97
C ARG A 2292 -6.13 41.00 -35.03
N GLY A 2293 -4.81 40.90 -35.02
CA GLY A 2293 -4.00 41.74 -34.19
C GLY A 2293 -3.91 41.27 -32.75
N GLU A 2294 -3.69 39.97 -32.57
CA GLU A 2294 -3.56 39.43 -31.22
C GLU A 2294 -2.30 39.92 -30.52
N LEU A 2295 -1.27 40.30 -31.29
CA LEU A 2295 -0.10 40.94 -30.69
C LEU A 2295 -0.38 42.34 -30.21
N GLN A 2296 -1.50 42.94 -30.63
CA GLN A 2296 -1.88 44.27 -30.19
C GLN A 2296 -2.78 44.25 -28.97
N LYS A 2297 -3.38 43.11 -28.65
CA LYS A 2297 -4.34 42.98 -27.55
C LYS A 2297 -3.77 42.08 -26.47
N ARG A 2298 -4.03 42.45 -25.21
CA ARG A 2298 -3.54 41.68 -24.07
C ARG A 2298 -4.32 40.38 -23.96
N GLN A 2299 -3.65 39.26 -24.23
CA GLN A 2299 -4.28 37.94 -24.20
C GLN A 2299 -4.00 37.27 -22.87
N TRP A 2300 -5.06 36.92 -22.14
CA TRP A 2300 -4.94 36.20 -20.88
C TRP A 2300 -5.59 34.83 -21.04
N ILE A 2301 -4.82 33.78 -20.79
CA ILE A 2301 -5.31 32.41 -20.80
C ILE A 2301 -5.39 31.95 -19.36
N VAL A 2302 -6.62 31.70 -18.89
CA VAL A 2302 -6.86 31.32 -17.51
C VAL A 2302 -7.44 29.92 -17.47
N PHE A 2303 -7.00 29.13 -16.50
CA PHE A 2303 -7.44 27.76 -16.33
C PHE A 2303 -8.36 27.67 -15.11
N ASP A 2304 -9.36 26.82 -15.20
CA ASP A 2304 -10.24 26.51 -14.08
C ASP A 2304 -9.87 25.16 -13.50
N GLY A 2305 -10.68 24.67 -12.56
CA GLY A 2305 -10.45 23.37 -12.00
C GLY A 2305 -9.22 23.33 -11.10
N ASP A 2306 -8.73 22.12 -10.90
CA ASP A 2306 -7.57 21.87 -10.04
C ASP A 2306 -6.36 21.51 -10.88
N VAL A 2307 -5.20 22.04 -10.49
CA VAL A 2307 -3.95 21.73 -11.16
C VAL A 2307 -3.52 20.31 -10.78
N ASP A 2308 -3.11 19.54 -11.78
CA ASP A 2308 -2.73 18.15 -11.62
C ASP A 2308 -1.39 17.90 -12.30
N PRO A 2309 -0.64 16.90 -11.84
CA PRO A 2309 0.61 16.57 -12.53
C PRO A 2309 0.39 15.66 -13.73
N GLU A 2310 -0.64 15.96 -14.53
CA GLU A 2310 -0.90 15.23 -15.77
C GLU A 2310 -1.22 16.13 -16.95
N TRP A 2311 -1.70 17.35 -16.75
CA TRP A 2311 -2.02 18.26 -17.84
C TRP A 2311 -1.14 19.50 -17.83
N VAL A 2312 -0.17 19.57 -16.93
CA VAL A 2312 0.76 20.70 -16.88
C VAL A 2312 2.19 20.31 -17.22
N GLU A 2313 2.46 19.02 -17.46
CA GLU A 2313 3.81 18.60 -17.81
C GLU A 2313 4.27 19.26 -19.11
N ASN A 2314 3.39 19.30 -20.11
CA ASN A 2314 3.70 20.01 -21.33
C ASN A 2314 3.73 21.53 -21.13
N LEU A 2315 3.15 22.01 -20.03
CA LEU A 2315 3.19 23.43 -19.70
C LEU A 2315 4.39 23.81 -18.85
N ASN A 2316 5.23 22.85 -18.46
CA ASN A 2316 6.41 23.18 -17.69
C ASN A 2316 7.35 24.07 -18.48
N SER A 2317 7.55 23.77 -19.77
CA SER A 2317 8.38 24.60 -20.61
C SER A 2317 7.76 25.96 -20.90
N VAL A 2318 6.46 26.13 -20.64
CA VAL A 2318 5.80 27.41 -20.87
C VAL A 2318 5.86 28.29 -19.63
N LEU A 2319 5.52 27.75 -18.46
CA LEU A 2319 5.62 28.52 -17.22
C LEU A 2319 7.06 28.85 -16.89
N ASP A 2320 8.01 28.05 -17.37
CA ASP A 2320 9.42 28.34 -17.18
C ASP A 2320 9.82 29.55 -18.02
N ASP A 2321 11.06 30.02 -17.81
CA ASP A 2321 11.58 31.12 -18.60
C ASP A 2321 11.80 30.74 -20.07
N ASN A 2322 11.72 29.46 -20.41
CA ASN A 2322 11.86 29.05 -21.80
C ASN A 2322 10.77 29.66 -22.67
N LYS A 2323 9.53 29.66 -22.16
CA LYS A 2323 8.39 30.25 -22.88
C LYS A 2323 8.23 29.63 -24.27
N LEU A 2324 8.45 28.32 -24.34
CA LEU A 2324 8.39 27.59 -25.61
C LEU A 2324 7.66 26.27 -25.40
N LEU A 2325 6.50 26.13 -26.01
CA LEU A 2325 5.69 24.93 -25.89
C LEU A 2325 6.14 23.90 -26.92
N THR A 2326 6.56 22.73 -26.46
CA THR A 2326 6.94 21.64 -27.34
C THR A 2326 5.71 20.81 -27.71
N LEU A 2327 5.84 20.05 -28.79
CA LEU A 2327 4.75 19.24 -29.30
C LEU A 2327 5.27 17.88 -29.75
N PRO A 2328 4.46 16.83 -29.59
CA PRO A 2328 4.87 15.52 -30.13
C PRO A 2328 5.01 15.51 -31.63
N ASN A 2329 4.31 16.41 -32.34
CA ASN A 2329 4.46 16.50 -33.78
C ASN A 2329 5.86 16.95 -34.17
N GLY A 2330 6.45 17.84 -33.37
CA GLY A 2330 7.77 18.36 -33.66
C GLY A 2330 7.80 19.88 -33.65
N GLU A 2331 6.65 20.49 -33.88
CA GLU A 2331 6.55 21.95 -33.87
C GLU A 2331 6.79 22.49 -32.47
N ARG A 2332 7.41 23.66 -32.41
CA ARG A 2332 7.73 24.33 -31.14
C ARG A 2332 7.18 25.75 -31.21
N LEU A 2333 6.19 26.04 -30.37
CA LEU A 2333 5.50 27.33 -30.42
C LEU A 2333 6.10 28.27 -29.39
N SER A 2334 6.59 29.42 -29.86
CA SER A 2334 7.12 30.44 -28.97
C SER A 2334 6.00 31.26 -28.37
N LEU A 2335 6.14 31.62 -27.10
CA LEU A 2335 5.09 32.35 -26.39
C LEU A 2335 5.29 33.85 -26.57
N PRO A 2336 4.34 34.56 -27.17
CA PRO A 2336 4.43 36.02 -27.25
C PRO A 2336 4.40 36.63 -25.85
N PRO A 2337 5.05 37.77 -25.65
CA PRO A 2337 5.15 38.32 -24.29
C PRO A 2337 3.82 38.78 -23.72
N ASN A 2338 2.88 39.21 -24.56
CA ASN A 2338 1.62 39.76 -24.06
C ASN A 2338 0.72 38.71 -23.44
N VAL A 2339 0.90 37.44 -23.79
CA VAL A 2339 0.05 36.38 -23.25
C VAL A 2339 0.42 36.13 -21.80
N ARG A 2340 -0.59 36.06 -20.93
CA ARG A 2340 -0.40 35.79 -19.51
C ARG A 2340 -1.16 34.53 -19.14
N ILE A 2341 -0.46 33.56 -18.57
CA ILE A 2341 -1.05 32.30 -18.14
C ILE A 2341 -1.43 32.42 -16.67
N MET A 2342 -2.68 32.08 -16.34
CA MET A 2342 -3.15 32.19 -14.97
C MET A 2342 -4.00 30.97 -14.63
N PHE A 2343 -4.08 30.68 -13.33
CA PHE A 2343 -4.83 29.54 -12.82
C PHE A 2343 -5.74 30.01 -11.70
N GLU A 2344 -7.03 29.72 -11.82
CA GLU A 2344 -8.01 29.98 -10.77
C GLU A 2344 -8.33 28.63 -10.15
N VAL A 2345 -7.52 28.23 -9.17
CA VAL A 2345 -7.65 26.91 -8.55
C VAL A 2345 -8.05 27.08 -7.09
N GLN A 2346 -8.67 26.04 -6.55
CA GLN A 2346 -9.09 26.04 -5.16
C GLN A 2346 -7.95 25.85 -4.19
N ASP A 2347 -6.95 25.05 -4.55
CA ASP A 2347 -5.83 24.74 -3.67
C ASP A 2347 -4.73 24.10 -4.52
N LEU A 2348 -3.71 23.57 -3.84
CA LEU A 2348 -2.53 23.02 -4.50
C LEU A 2348 -2.08 21.71 -3.87
N LYS A 2349 -3.02 20.87 -3.43
CA LYS A 2349 -2.63 19.67 -2.67
C LYS A 2349 -2.40 18.47 -3.59
N TYR A 2350 -2.44 18.69 -4.91
CA TYR A 2350 -1.71 17.86 -5.87
C TYR A 2350 -0.89 18.67 -6.86
N ALA A 2351 -0.54 19.91 -6.53
CA ALA A 2351 0.35 20.69 -7.38
C ALA A 2351 1.80 20.30 -7.11
N THR A 2352 2.50 19.93 -8.17
CA THR A 2352 3.91 19.58 -8.06
C THR A 2352 4.74 20.83 -7.80
N LEU A 2353 5.84 20.66 -7.07
CA LEU A 2353 6.65 21.81 -6.68
C LEU A 2353 7.23 22.54 -7.88
N ALA A 2354 7.51 21.82 -8.96
CA ALA A 2354 8.12 22.42 -10.14
C ALA A 2354 7.22 23.50 -10.73
N THR A 2355 5.96 23.19 -10.95
CA THR A 2355 5.05 24.15 -11.57
C THR A 2355 4.82 25.36 -10.67
N VAL A 2356 4.53 25.12 -9.39
CA VAL A 2356 4.23 26.22 -8.49
C VAL A 2356 5.44 27.12 -8.29
N SER A 2357 6.65 26.55 -8.32
CA SER A 2357 7.85 27.35 -8.16
C SER A 2357 8.00 28.37 -9.29
N ARG A 2358 7.71 27.96 -10.52
CA ARG A 2358 7.90 28.85 -11.67
C ARG A 2358 6.93 30.02 -11.67
N CYS A 2359 5.67 29.79 -11.32
CA CYS A 2359 4.63 30.82 -11.43
C CYS A 2359 4.49 31.57 -10.11
N GLY A 2360 4.10 32.84 -10.21
CA GLY A 2360 3.83 33.62 -9.02
C GLY A 2360 2.55 33.18 -8.34
N MET A 2361 2.33 33.71 -7.14
CA MET A 2361 1.17 33.33 -6.34
C MET A 2361 0.45 34.56 -5.81
N VAL A 2362 -0.87 34.50 -5.82
CA VAL A 2362 -1.71 35.39 -5.02
C VAL A 2362 -2.76 34.54 -4.33
N TRP A 2363 -2.86 34.67 -3.00
CA TRP A 2363 -3.78 33.89 -2.20
C TRP A 2363 -5.02 34.71 -1.90
N PHE A 2364 -6.19 34.09 -2.05
CA PHE A 2364 -7.49 34.74 -1.84
C PHE A 2364 -8.22 34.01 -0.72
N SER A 2365 -8.01 34.45 0.51
CA SER A 2365 -8.72 33.87 1.63
C SER A 2365 -10.19 34.31 1.60
N GLU A 2366 -11.01 33.57 2.35
CA GLU A 2366 -12.44 33.91 2.41
C GLU A 2366 -12.66 35.26 3.07
N ASP A 2367 -11.71 35.71 3.90
CA ASP A 2367 -11.82 37.02 4.53
C ASP A 2367 -11.76 38.16 3.52
N VAL A 2368 -11.23 37.89 2.32
CA VAL A 2368 -11.15 38.93 1.29
C VAL A 2368 -12.54 39.37 0.86
N LEU A 2369 -13.47 38.44 0.72
CA LEU A 2369 -14.84 38.73 0.28
C LEU A 2369 -15.73 38.77 1.52
N SER A 2370 -15.97 39.97 2.02
CA SER A 2370 -16.85 40.12 3.19
C SER A 2370 -18.30 39.92 2.79
N THR A 2371 -19.12 39.57 3.79
CA THR A 2371 -20.54 39.35 3.54
C THR A 2371 -21.23 40.62 3.07
N ASP A 2372 -20.85 41.76 3.65
CA ASP A 2372 -21.46 43.03 3.26
C ASP A 2372 -21.26 43.32 1.79
N MET A 2373 -20.10 42.95 1.25
CA MET A 2373 -19.85 43.13 -0.18
C MET A 2373 -20.84 42.33 -1.02
N ILE A 2374 -21.09 41.08 -0.61
CA ILE A 2374 -22.05 40.23 -1.33
C ILE A 2374 -23.45 40.84 -1.25
N PHE A 2375 -23.83 41.33 -0.06
CA PHE A 2375 -25.14 41.96 0.08
C PHE A 2375 -25.26 43.18 -0.82
N ASN A 2376 -24.23 44.03 -0.84
CA ASN A 2376 -24.28 45.23 -1.67
C ASN A 2376 -24.36 44.88 -3.15
N ASN A 2377 -23.61 43.87 -3.58
CA ASN A 2377 -23.63 43.48 -4.99
C ASN A 2377 -25.02 42.95 -5.36
N PHE A 2378 -25.59 42.11 -4.50
CA PHE A 2378 -26.93 41.59 -4.77
C PHE A 2378 -27.96 42.70 -4.84
N LEU A 2379 -27.89 43.65 -3.90
CA LEU A 2379 -28.84 44.75 -3.90
C LEU A 2379 -28.70 45.62 -5.14
N ALA A 2380 -27.46 45.89 -5.56
CA ALA A 2380 -27.25 46.68 -6.76
C ALA A 2380 -27.78 45.97 -8.00
N ARG A 2381 -27.53 44.66 -8.10
CA ARG A 2381 -28.04 43.89 -9.24
C ARG A 2381 -29.57 43.88 -9.24
N LEU A 2382 -30.18 43.74 -8.06
CA LEU A 2382 -31.64 43.77 -7.98
C LEU A 2382 -32.18 45.14 -8.39
N ARG A 2383 -31.52 46.21 -7.98
CA ARG A 2383 -31.96 47.55 -8.28
C ARG A 2383 -31.69 47.98 -9.71
N SER A 2384 -30.79 47.30 -10.41
CA SER A 2384 -30.40 47.70 -11.76
C SER A 2384 -30.88 46.74 -12.84
N ILE A 2385 -30.54 45.46 -12.73
CA ILE A 2385 -30.85 44.49 -13.78
C ILE A 2385 -32.28 44.01 -13.63
N PRO A 2386 -33.11 44.15 -14.66
CA PRO A 2386 -34.47 43.60 -14.59
C PRO A 2386 -34.46 42.08 -14.58
N LEU A 2387 -35.50 41.51 -13.96
CA LEU A 2387 -35.59 40.07 -13.76
C LEU A 2387 -36.36 39.36 -14.86
N ASP A 2388 -36.81 40.07 -15.89
CA ASP A 2388 -37.62 39.47 -16.94
C ASP A 2388 -37.09 39.70 -18.35
N GLU A 2389 -35.98 40.42 -18.50
CA GLU A 2389 -35.43 40.73 -19.82
C GLU A 2389 -34.31 39.75 -20.15
N GLY A 2390 -34.33 39.22 -21.37
CA GLY A 2390 -33.32 38.28 -21.82
C GLY A 2390 -32.02 38.94 -22.20
N GLU A 2391 -31.36 38.45 -23.26
CA GLU A 2391 -30.10 39.03 -23.68
C GLU A 2391 -30.26 40.50 -24.06
N ASP A 2392 -31.35 40.83 -24.75
CA ASP A 2392 -31.66 42.23 -25.00
C ASP A 2392 -32.09 42.91 -23.71
N GLU A 2393 -31.76 44.18 -23.59
CA GLU A 2393 -32.01 45.04 -22.43
C GLU A 2393 -31.20 44.60 -21.20
N ALA A 2394 -30.39 43.56 -21.30
CA ALA A 2394 -29.47 43.20 -20.23
C ALA A 2394 -28.10 43.83 -20.44
N GLN A 2395 -27.58 43.78 -21.67
CA GLN A 2395 -26.35 44.48 -21.99
C GLN A 2395 -26.59 45.96 -22.32
N ARG A 2396 -27.83 46.34 -22.61
CA ARG A 2396 -28.15 47.76 -22.74
C ARG A 2396 -28.00 48.47 -21.40
N ARG A 2397 -28.29 47.77 -20.30
CA ARG A 2397 -28.01 48.31 -18.97
C ARG A 2397 -26.51 48.51 -18.77
N ARG A 2398 -25.68 47.65 -19.39
CA ARG A 2398 -24.23 47.72 -19.22
C ARG A 2398 -23.59 48.71 -20.18
N LYS A 2399 -24.07 48.80 -21.42
CA LYS A 2399 -23.51 49.77 -22.36
C LYS A 2399 -24.01 51.19 -22.07
N GLY A 2400 -25.09 51.31 -21.30
CA GLY A 2400 -25.62 52.63 -21.02
C GLY A 2400 -24.66 53.46 -20.19
N LYS A 2401 -24.74 54.78 -20.37
CA LYS A 2401 -23.84 55.69 -19.66
C LYS A 2401 -24.28 55.86 -18.21
N GLU A 2402 -25.44 56.47 -17.99
CA GLU A 2402 -25.97 56.63 -16.63
C GLU A 2402 -27.46 56.37 -16.57
N ASP A 2403 -28.02 55.64 -17.54
CA ASP A 2403 -29.45 55.38 -17.63
C ASP A 2403 -30.24 56.70 -17.66
N GLU A 2404 -29.71 57.68 -18.38
CA GLU A 2404 -30.38 58.97 -18.50
C GLU A 2404 -31.73 58.81 -19.21
N GLY A 2405 -32.81 59.00 -18.47
CA GLY A 2405 -34.13 58.71 -19.00
C GLY A 2405 -34.52 57.26 -18.98
N GLU A 2406 -33.64 56.38 -18.48
CA GLU A 2406 -33.90 54.94 -18.42
C GLU A 2406 -34.00 54.45 -16.98
N GLU A 2407 -34.17 55.38 -16.02
CA GLU A 2407 -34.29 54.97 -14.62
C GLU A 2407 -35.54 54.14 -14.39
N ALA A 2408 -36.64 54.50 -15.04
CA ALA A 2408 -37.90 53.75 -14.97
C ALA A 2408 -38.19 53.18 -16.35
N ALA A 2409 -37.87 51.90 -16.54
CA ALA A 2409 -38.06 51.25 -17.83
C ALA A 2409 -39.12 50.16 -17.82
N SER A 2410 -39.54 49.68 -16.65
CA SER A 2410 -40.56 48.65 -16.58
C SER A 2410 -41.15 48.64 -15.19
N PRO A 2411 -42.43 48.28 -15.02
CA PRO A 2411 -42.97 48.13 -13.66
C PRO A 2411 -42.26 47.06 -12.85
N MET A 2412 -41.67 46.07 -13.52
CA MET A 2412 -40.86 45.07 -12.82
C MET A 2412 -39.68 45.72 -12.11
N LEU A 2413 -39.02 46.66 -12.78
CA LEU A 2413 -37.90 47.37 -12.17
C LEU A 2413 -38.34 48.17 -10.96
N GLN A 2414 -39.49 48.85 -11.06
CA GLN A 2414 -40.01 49.59 -9.92
C GLN A 2414 -40.32 48.65 -8.76
N ILE A 2415 -40.92 47.50 -9.07
CA ILE A 2415 -41.28 46.53 -8.04
C ILE A 2415 -40.03 46.04 -7.31
N GLN A 2416 -38.99 45.68 -8.07
CA GLN A 2416 -37.79 45.17 -7.42
C GLN A 2416 -37.04 46.27 -6.68
N ARG A 2417 -37.10 47.52 -7.15
CA ARG A 2417 -36.51 48.62 -6.40
C ARG A 2417 -37.23 48.81 -5.06
N ASP A 2418 -38.56 48.73 -5.07
CA ASP A 2418 -39.31 48.83 -3.83
C ASP A 2418 -38.96 47.67 -2.89
N ALA A 2419 -38.84 46.45 -3.44
CA ALA A 2419 -38.49 45.30 -2.63
C ALA A 2419 -37.10 45.46 -2.02
N ALA A 2420 -36.14 45.97 -2.79
CA ALA A 2420 -34.81 46.20 -2.27
C ALA A 2420 -34.83 47.25 -1.16
N THR A 2421 -35.59 48.32 -1.33
CA THR A 2421 -35.71 49.32 -0.28
C THR A 2421 -36.36 48.74 0.97
N ILE A 2422 -37.29 47.80 0.79
CA ILE A 2422 -37.90 47.14 1.93
C ILE A 2422 -36.90 46.26 2.66
N MET A 2423 -36.08 45.52 1.92
CA MET A 2423 -35.16 44.56 2.51
C MET A 2423 -33.83 45.18 2.94
N GLN A 2424 -33.59 46.45 2.64
CA GLN A 2424 -32.36 47.11 3.06
C GLN A 2424 -32.07 46.97 4.56
N PRO A 2425 -33.04 47.18 5.48
CA PRO A 2425 -32.70 47.01 6.90
C PRO A 2425 -32.19 45.62 7.27
N TYR A 2426 -32.72 44.57 6.63
CA TYR A 2426 -32.33 43.22 7.00
C TYR A 2426 -30.97 42.81 6.42
N PHE A 2427 -30.42 43.57 5.49
CA PHE A 2427 -29.17 43.23 4.83
C PHE A 2427 -27.98 44.02 5.35
N THR A 2428 -28.07 44.54 6.58
CA THR A 2428 -26.96 45.27 7.16
C THR A 2428 -25.89 44.32 7.68
N SER A 2429 -24.84 44.90 8.27
CA SER A 2429 -23.76 44.09 8.81
C SER A 2429 -24.24 43.20 9.95
N ASN A 2430 -25.08 43.72 10.82
CA ASN A 2430 -25.67 42.95 11.92
C ASN A 2430 -27.14 42.65 11.69
N GLY A 2431 -27.57 42.60 10.43
CA GLY A 2431 -28.96 42.36 10.13
C GLY A 2431 -29.40 40.94 10.48
N LEU A 2432 -30.69 40.69 10.26
CA LEU A 2432 -31.27 39.40 10.60
C LEU A 2432 -30.61 38.27 9.83
N VAL A 2433 -30.34 38.49 8.54
CA VAL A 2433 -29.79 37.43 7.71
C VAL A 2433 -28.37 37.07 8.15
N THR A 2434 -27.58 38.05 8.59
CA THR A 2434 -26.22 37.77 9.02
C THR A 2434 -26.20 36.90 10.28
N LYS A 2435 -27.03 37.25 11.26
CA LYS A 2435 -27.13 36.43 12.47
C LYS A 2435 -27.67 35.04 12.16
N ALA A 2436 -28.66 34.97 11.25
CA ALA A 2436 -29.17 33.67 10.83
C ALA A 2436 -28.07 32.83 10.19
N LEU A 2437 -27.23 33.46 9.36
CA LEU A 2437 -26.16 32.73 8.69
C LEU A 2437 -25.12 32.23 9.68
N GLU A 2438 -24.73 33.08 10.63
CA GLU A 2438 -23.71 32.66 11.60
C GLU A 2438 -24.27 31.59 12.55
N HIS A 2439 -25.58 31.61 12.80
CA HIS A 2439 -26.18 30.55 13.60
C HIS A 2439 -26.30 29.25 12.81
N ALA A 2440 -26.59 29.36 11.50
CA ALA A 2440 -26.72 28.18 10.67
C ALA A 2440 -25.39 27.51 10.39
N PHE A 2441 -24.29 28.26 10.40
CA PHE A 2441 -22.97 27.64 10.32
C PHE A 2441 -22.75 26.62 11.42
N GLN A 2442 -23.27 26.85 12.62
CA GLN A 2442 -23.20 25.87 13.69
C GLN A 2442 -24.06 24.64 13.42
N LEU A 2443 -25.17 24.81 12.71
CA LEU A 2443 -26.06 23.71 12.41
C LEU A 2443 -25.45 22.78 11.36
N GLU A 2444 -25.51 21.47 11.65
CA GLU A 2444 -24.96 20.49 10.72
C GLU A 2444 -25.93 20.22 9.58
N HIS A 2445 -25.38 19.96 8.39
CA HIS A 2445 -26.17 19.78 7.18
C HIS A 2445 -25.78 18.49 6.49
N ILE A 2446 -26.66 18.03 5.59
CA ILE A 2446 -26.38 16.81 4.84
C ILE A 2446 -25.20 16.98 3.89
N MET A 2447 -24.92 18.21 3.45
CA MET A 2447 -23.77 18.51 2.62
C MET A 2447 -22.93 19.57 3.31
N ASP A 2448 -21.72 19.77 2.78
CA ASP A 2448 -20.86 20.83 3.29
C ASP A 2448 -21.52 22.19 3.04
N LEU A 2449 -21.47 23.06 4.04
CA LEU A 2449 -22.12 24.36 3.96
C LEU A 2449 -21.12 25.41 3.52
N THR A 2450 -21.47 26.17 2.48
CA THR A 2450 -20.69 27.29 2.01
C THR A 2450 -21.57 28.53 1.98
N ARG A 2451 -20.96 29.68 2.28
CA ARG A 2451 -21.71 30.93 2.36
C ARG A 2451 -22.39 31.25 1.03
N LEU A 2452 -21.61 31.26 -0.06
CA LEU A 2452 -22.13 31.78 -1.32
C LEU A 2452 -23.25 30.90 -1.86
N ARG A 2453 -23.21 29.60 -1.56
CA ARG A 2453 -24.28 28.70 -1.99
C ARG A 2453 -25.64 29.15 -1.45
N CYS A 2454 -25.75 29.22 -0.11
CA CYS A 2454 -27.02 29.56 0.50
C CYS A 2454 -27.40 31.01 0.21
N LEU A 2455 -26.42 31.92 0.14
CA LEU A 2455 -26.75 33.29 -0.22
C LEU A 2455 -27.32 33.38 -1.63
N GLY A 2456 -26.73 32.65 -2.59
CA GLY A 2456 -27.26 32.67 -3.94
C GLY A 2456 -28.65 32.06 -4.03
N SER A 2457 -28.87 30.96 -3.32
CA SER A 2457 -30.22 30.38 -3.29
C SER A 2457 -31.23 31.36 -2.71
N LEU A 2458 -30.84 32.04 -1.63
CA LEU A 2458 -31.73 33.04 -1.02
C LEU A 2458 -32.03 34.17 -1.98
N PHE A 2459 -31.00 34.64 -2.71
CA PHE A 2459 -31.21 35.72 -3.67
C PHE A 2459 -32.14 35.28 -4.79
N SER A 2460 -31.97 34.05 -5.29
CA SER A 2460 -32.87 33.56 -6.33
C SER A 2460 -34.29 33.46 -5.83
N MET A 2461 -34.48 33.03 -4.58
CA MET A 2461 -35.82 32.92 -4.04
C MET A 2461 -36.48 34.28 -3.86
N LEU A 2462 -35.70 35.29 -3.45
CA LEU A 2462 -36.26 36.64 -3.40
C LEU A 2462 -36.57 37.18 -4.80
N HIS A 2463 -35.75 36.83 -5.79
CA HIS A 2463 -36.09 37.17 -7.17
C HIS A 2463 -37.42 36.56 -7.57
N GLN A 2464 -37.66 35.32 -7.16
CA GLN A 2464 -38.95 34.69 -7.43
C GLN A 2464 -40.08 35.39 -6.71
N ALA A 2465 -39.84 35.86 -5.49
CA ALA A 2465 -40.85 36.64 -4.79
C ALA A 2465 -41.21 37.91 -5.57
N CYS A 2466 -40.18 38.59 -6.09
CA CYS A 2466 -40.42 39.79 -6.89
C CYS A 2466 -41.21 39.45 -8.15
N ARG A 2467 -40.87 38.33 -8.80
CA ARG A 2467 -41.63 37.90 -9.97
C ARG A 2467 -43.08 37.59 -9.62
N ASN A 2468 -43.31 37.00 -8.44
CA ASN A 2468 -44.69 36.76 -7.99
C ASN A 2468 -45.45 38.07 -7.83
N VAL A 2469 -44.79 39.08 -7.26
CA VAL A 2469 -45.42 40.39 -7.13
C VAL A 2469 -45.77 40.95 -8.51
N ALA A 2470 -44.83 40.84 -9.45
CA ALA A 2470 -45.07 41.36 -10.79
C ALA A 2470 -46.24 40.64 -11.46
N GLN A 2471 -46.30 39.32 -11.33
CA GLN A 2471 -47.40 38.57 -11.93
C GLN A 2471 -48.74 38.92 -11.28
N TYR A 2472 -48.77 39.09 -9.96
CA TYR A 2472 -50.00 39.47 -9.30
C TYR A 2472 -50.48 40.84 -9.77
N ASN A 2473 -49.57 41.81 -9.87
CA ASN A 2473 -49.96 43.11 -10.39
C ASN A 2473 -50.35 43.05 -11.86
N ALA A 2474 -49.83 42.08 -12.61
CA ALA A 2474 -50.31 41.89 -13.98
C ALA A 2474 -51.72 41.32 -14.00
N ASN A 2475 -52.07 40.49 -13.01
CA ASN A 2475 -53.39 39.88 -12.98
C ASN A 2475 -54.46 40.81 -12.43
N HIS A 2476 -54.09 41.91 -11.77
CA HIS A 2476 -55.03 42.87 -11.21
C HIS A 2476 -54.64 44.27 -11.69
N PRO A 2477 -54.89 44.57 -12.98
CA PRO A 2477 -54.47 45.88 -13.52
C PRO A 2477 -55.21 47.06 -12.89
N ASP A 2478 -56.40 46.86 -12.35
CA ASP A 2478 -57.17 47.98 -11.80
C ASP A 2478 -56.68 48.42 -10.43
N PHE A 2479 -55.89 47.60 -9.75
CA PHE A 2479 -55.43 47.90 -8.40
C PHE A 2479 -54.13 47.16 -8.18
N PRO A 2480 -52.99 47.80 -8.44
CA PRO A 2480 -51.70 47.14 -8.18
C PRO A 2480 -51.39 47.04 -6.69
N MET A 2481 -50.44 46.15 -6.39
CA MET A 2481 -50.06 45.89 -5.01
C MET A 2481 -49.45 47.14 -4.39
N GLN A 2482 -49.87 47.44 -3.16
CA GLN A 2482 -49.51 48.68 -2.48
C GLN A 2482 -48.42 48.44 -1.45
N ILE A 2483 -47.90 49.57 -0.94
CA ILE A 2483 -46.66 49.55 -0.15
C ILE A 2483 -46.83 48.79 1.16
N GLU A 2484 -47.95 48.96 1.85
CA GLU A 2484 -48.16 48.25 3.11
C GLU A 2484 -48.22 46.74 2.88
N GLN A 2485 -49.07 46.31 1.95
CA GLN A 2485 -49.15 44.90 1.60
C GLN A 2485 -47.83 44.40 1.04
N LEU A 2486 -47.13 45.24 0.27
CA LEU A 2486 -45.83 44.87 -0.25
C LEU A 2486 -44.84 44.60 0.87
N GLU A 2487 -44.79 45.48 1.86
CA GLU A 2487 -43.88 45.30 2.98
C GLU A 2487 -44.21 44.01 3.73
N ARG A 2488 -45.49 43.78 4.01
CA ARG A 2488 -45.87 42.55 4.72
C ARG A 2488 -45.43 41.32 3.93
N TYR A 2489 -45.77 41.27 2.65
CA TYR A 2489 -45.46 40.09 1.84
C TYR A 2489 -43.96 39.88 1.73
N ILE A 2490 -43.20 40.95 1.50
CA ILE A 2490 -41.76 40.82 1.33
C ILE A 2490 -41.10 40.38 2.63
N GLN A 2491 -41.58 40.88 3.78
CA GLN A 2491 -40.99 40.45 5.04
C GLN A 2491 -41.27 38.98 5.32
N ARG A 2492 -42.52 38.55 5.13
CA ARG A 2492 -42.83 37.14 5.34
C ARG A 2492 -42.05 36.26 4.38
N TYR A 2493 -41.96 36.67 3.11
CA TYR A 2493 -41.20 35.89 2.13
C TYR A 2493 -39.72 35.87 2.47
N LEU A 2494 -39.19 36.97 3.01
CA LEU A 2494 -37.78 37.02 3.35
C LEU A 2494 -37.46 36.04 4.48
N VAL A 2495 -38.28 36.02 5.53
CA VAL A 2495 -38.02 35.07 6.61
C VAL A 2495 -38.24 33.64 6.13
N TYR A 2496 -39.26 33.43 5.28
CA TYR A 2496 -39.52 32.10 4.72
C TYR A 2496 -38.34 31.63 3.88
N ALA A 2497 -37.76 32.52 3.07
CA ALA A 2497 -36.64 32.15 2.23
C ALA A 2497 -35.37 31.96 3.04
N ILE A 2498 -35.20 32.72 4.13
CA ILE A 2498 -34.07 32.45 5.03
C ILE A 2498 -34.19 31.05 5.61
N LEU A 2499 -35.39 30.67 6.05
CA LEU A 2499 -35.61 29.33 6.58
C LEU A 2499 -35.31 28.26 5.53
N TRP A 2500 -35.79 28.47 4.30
CA TRP A 2500 -35.61 27.44 3.27
C TRP A 2500 -34.23 27.45 2.62
N SER A 2501 -33.45 28.51 2.80
CA SER A 2501 -32.12 28.57 2.20
C SER A 2501 -31.01 28.19 3.17
N LEU A 2502 -31.14 28.59 4.44
CA LEU A 2502 -30.12 28.27 5.42
C LEU A 2502 -30.34 26.92 6.10
N SER A 2503 -31.49 26.27 5.85
CA SER A 2503 -31.77 24.98 6.44
C SER A 2503 -32.45 24.01 5.47
N GLY A 2504 -32.41 24.31 4.16
CA GLY A 2504 -33.04 23.41 3.20
C GLY A 2504 -32.33 22.07 3.11
N ASP A 2505 -31.05 22.03 3.43
CA ASP A 2505 -30.25 20.81 3.36
C ASP A 2505 -30.13 20.09 4.70
N SER A 2506 -31.00 20.39 5.65
CA SER A 2506 -30.95 19.82 6.98
C SER A 2506 -32.23 19.04 7.27
N ARG A 2507 -32.30 18.48 8.48
CA ARG A 2507 -33.42 17.65 8.88
C ARG A 2507 -34.52 18.52 9.49
N LEU A 2508 -35.67 17.89 9.76
CA LEU A 2508 -36.83 18.63 10.26
C LEU A 2508 -36.53 19.26 11.63
N LYS A 2509 -35.87 18.52 12.52
CA LYS A 2509 -35.49 19.09 13.81
C LYS A 2509 -34.55 20.27 13.63
N MET A 2510 -33.62 20.17 12.69
CA MET A 2510 -32.68 21.24 12.42
C MET A 2510 -33.41 22.49 11.94
N ARG A 2511 -34.37 22.30 11.04
CA ARG A 2511 -35.17 23.42 10.54
C ARG A 2511 -35.98 24.04 11.68
N ALA A 2512 -36.51 23.21 12.58
CA ALA A 2512 -37.24 23.73 13.72
C ALA A 2512 -36.33 24.57 14.62
N GLU A 2513 -35.10 24.12 14.85
CA GLU A 2513 -34.17 24.90 15.65
C GLU A 2513 -33.85 26.24 15.01
N LEU A 2514 -33.63 26.24 13.69
CA LEU A 2514 -33.39 27.50 13.00
C LEU A 2514 -34.60 28.42 13.09
N GLY A 2515 -35.80 27.86 12.94
CA GLY A 2515 -37.00 28.67 13.07
C GLY A 2515 -37.16 29.27 14.45
N GLU A 2516 -36.85 28.49 15.49
CA GLU A 2516 -36.89 29.03 16.84
C GLU A 2516 -35.88 30.14 17.03
N TYR A 2517 -34.68 29.99 16.48
CA TYR A 2517 -33.68 31.05 16.58
C TYR A 2517 -34.17 32.33 15.88
N ILE A 2518 -34.74 32.19 14.68
CA ILE A 2518 -35.27 33.35 13.98
C ILE A 2518 -36.37 34.00 14.78
N ARG A 2519 -37.35 33.22 15.25
CA ARG A 2519 -38.43 33.74 16.06
C ARG A 2519 -37.89 34.46 17.29
N ARG A 2520 -36.78 33.99 17.84
CA ARG A 2520 -36.12 34.71 18.92
C ARG A 2520 -35.62 36.07 18.45
N ILE A 2521 -35.03 36.13 17.26
CA ILE A 2521 -34.34 37.33 16.82
C ILE A 2521 -35.15 38.17 15.83
N THR A 2522 -36.31 37.70 15.37
CA THR A 2522 -36.99 38.41 14.31
C THR A 2522 -37.80 39.58 14.86
N THR A 2523 -38.44 40.32 13.95
CA THR A 2523 -39.36 41.39 14.31
C THR A 2523 -40.62 41.39 13.46
N VAL A 2524 -40.78 40.42 12.56
CA VAL A 2524 -41.94 40.34 11.68
C VAL A 2524 -42.93 39.35 12.27
N PRO A 2525 -44.24 39.56 12.10
CA PRO A 2525 -45.22 38.59 12.58
C PRO A 2525 -44.96 37.20 12.00
N LEU A 2526 -45.10 36.19 12.85
CA LEU A 2526 -44.90 34.79 12.52
C LEU A 2526 -46.14 34.00 12.91
N PRO A 2527 -46.34 32.81 12.36
CA PRO A 2527 -47.50 32.00 12.74
C PRO A 2527 -47.50 31.73 14.24
N THR A 2528 -48.69 31.80 14.83
CA THR A 2528 -48.86 31.72 16.27
C THR A 2528 -49.30 30.33 16.74
N ALA A 2529 -49.09 29.30 15.93
CA ALA A 2529 -49.37 27.93 16.34
C ALA A 2529 -48.06 27.27 16.75
N PRO A 2530 -47.75 27.24 18.06
CA PRO A 2530 -46.44 26.71 18.49
C PRO A 2530 -46.24 25.24 18.17
N ASN A 2531 -47.31 24.47 17.99
CA ASN A 2531 -47.16 23.05 17.70
C ASN A 2531 -46.68 22.76 16.28
N ILE A 2532 -46.80 23.73 15.38
CA ILE A 2532 -46.47 23.55 13.97
C ILE A 2532 -45.27 24.45 13.66
N PRO A 2533 -44.21 23.92 13.05
CA PRO A 2533 -43.05 24.76 12.72
C PRO A 2533 -43.40 25.85 11.72
N ILE A 2534 -42.57 26.90 11.71
CA ILE A 2534 -42.79 28.04 10.85
C ILE A 2534 -42.70 27.64 9.38
N ILE A 2535 -41.81 26.69 9.06
CA ILE A 2535 -41.57 26.30 7.68
C ILE A 2535 -42.81 25.69 7.02
N ASP A 2536 -43.81 25.30 7.81
CA ASP A 2536 -45.01 24.69 7.28
C ASP A 2536 -46.03 25.70 6.77
N TYR A 2537 -45.67 26.98 6.70
CA TYR A 2537 -46.59 28.03 6.26
C TYR A 2537 -46.03 28.72 5.03
N GLU A 2538 -46.85 28.82 3.99
CA GLU A 2538 -46.51 29.56 2.78
C GLU A 2538 -47.00 30.99 2.92
N VAL A 2539 -46.33 31.88 2.19
CA VAL A 2539 -46.64 33.31 2.22
C VAL A 2539 -47.59 33.60 1.07
N SER A 2540 -48.84 33.93 1.40
CA SER A 2540 -49.83 34.26 0.38
C SER A 2540 -49.46 35.56 -0.33
N ILE A 2541 -50.12 35.80 -1.46
CA ILE A 2541 -49.85 37.01 -2.24
C ILE A 2541 -50.09 38.25 -1.38
N SER A 2542 -51.26 38.30 -0.74
CA SER A 2542 -51.47 39.31 0.29
C SER A 2542 -50.69 38.91 1.54
N GLY A 2543 -49.93 39.84 2.09
CA GLY A 2543 -48.96 39.50 3.10
C GLY A 2543 -49.53 38.94 4.39
N GLU A 2544 -49.41 37.62 4.55
CA GLU A 2544 -49.77 36.89 5.76
C GLU A 2544 -49.45 35.42 5.51
N TRP A 2545 -49.43 34.65 6.58
CA TRP A 2545 -49.14 33.22 6.49
C TRP A 2545 -50.39 32.43 6.12
N SER A 2546 -50.15 31.24 5.58
CA SER A 2546 -51.21 30.27 5.33
C SER A 2546 -50.60 28.87 5.38
N PRO A 2547 -51.13 27.98 6.22
CA PRO A 2547 -50.50 26.65 6.35
C PRO A 2547 -50.45 25.91 5.02
N TRP A 2548 -49.34 25.21 4.79
CA TRP A 2548 -49.16 24.47 3.54
C TRP A 2548 -50.23 23.40 3.38
N GLN A 2549 -50.67 22.81 4.49
CA GLN A 2549 -51.65 21.73 4.44
C GLN A 2549 -52.95 22.19 3.79
N ALA A 2550 -53.24 23.50 3.85
CA ALA A 2550 -54.44 24.03 3.21
C ALA A 2550 -54.39 23.83 1.70
N LYS A 2551 -53.21 23.95 1.11
CA LYS A 2551 -53.05 23.81 -0.34
C LYS A 2551 -52.79 22.37 -0.76
N VAL A 2552 -52.83 21.42 0.16
CA VAL A 2552 -52.62 20.01 -0.15
C VAL A 2552 -53.96 19.43 -0.61
N PRO A 2553 -54.08 18.99 -1.86
CA PRO A 2553 -55.34 18.42 -2.33
C PRO A 2553 -55.47 16.95 -1.98
N GLN A 2554 -56.67 16.43 -2.17
CA GLN A 2554 -56.99 15.03 -1.92
C GLN A 2554 -57.57 14.43 -3.19
N ILE A 2555 -56.80 13.57 -3.84
CA ILE A 2555 -57.22 12.96 -5.10
C ILE A 2555 -57.41 11.46 -4.88
N GLU A 2556 -57.99 10.81 -5.88
CA GLU A 2556 -58.21 9.36 -5.85
C GLU A 2556 -57.72 8.77 -7.16
N VAL A 2557 -56.87 7.75 -7.06
CA VAL A 2557 -56.31 7.12 -8.25
C VAL A 2557 -57.18 5.93 -8.64
N GLU A 2558 -57.04 5.51 -9.89
CA GLU A 2558 -57.87 4.44 -10.43
C GLU A 2558 -57.57 3.11 -9.74
N THR A 2559 -58.41 2.12 -10.04
CA THR A 2559 -58.27 0.79 -9.42
C THR A 2559 -56.93 0.16 -9.81
N HIS A 2560 -56.64 0.11 -11.11
CA HIS A 2560 -55.36 -0.41 -11.56
C HIS A 2560 -54.27 0.64 -11.32
N LYS A 2561 -53.04 0.28 -11.68
CA LYS A 2561 -51.84 1.09 -11.48
C LYS A 2561 -51.82 1.76 -10.11
N VAL A 2562 -52.26 1.02 -9.09
CA VAL A 2562 -52.39 1.57 -7.74
C VAL A 2562 -51.04 1.99 -7.17
N ALA A 2563 -49.94 1.37 -7.62
CA ALA A 2563 -48.62 1.72 -7.12
C ALA A 2563 -47.62 1.87 -8.26
N ALA A 2564 -48.10 2.18 -9.45
CA ALA A 2564 -47.20 2.32 -10.59
C ALA A 2564 -46.28 3.53 -10.39
N PRO A 2565 -45.01 3.44 -10.80
CA PRO A 2565 -44.02 4.49 -10.52
C PRO A 2565 -44.08 5.68 -11.47
N ASP A 2566 -45.28 6.22 -11.69
CA ASP A 2566 -45.45 7.43 -12.47
C ASP A 2566 -46.44 8.41 -11.86
N VAL A 2567 -47.09 8.06 -10.75
CA VAL A 2567 -48.08 8.92 -10.11
C VAL A 2567 -47.62 9.21 -8.68
N VAL A 2568 -47.81 10.45 -8.26
CA VAL A 2568 -47.46 10.89 -6.92
C VAL A 2568 -48.72 11.41 -6.24
N VAL A 2569 -48.89 11.07 -4.97
CA VAL A 2569 -50.02 11.58 -4.18
C VAL A 2569 -49.60 12.92 -3.59
N PRO A 2570 -50.26 14.02 -3.95
CA PRO A 2570 -49.87 15.33 -3.42
C PRO A 2570 -50.00 15.42 -1.91
N THR A 2571 -48.88 15.58 -1.22
CA THR A 2571 -48.86 15.78 0.22
C THR A 2571 -48.14 17.09 0.52
N LEU A 2572 -47.94 17.37 1.80
CA LEU A 2572 -47.29 18.61 2.22
C LEU A 2572 -45.90 18.72 1.60
N ASP A 2573 -45.09 17.69 1.76
CA ASP A 2573 -43.74 17.70 1.20
C ASP A 2573 -43.78 17.83 -0.33
N THR A 2574 -44.73 17.15 -0.97
CA THR A 2574 -44.79 17.16 -2.43
C THR A 2574 -45.02 18.58 -2.95
N VAL A 2575 -46.06 19.26 -2.46
CA VAL A 2575 -46.36 20.60 -2.97
C VAL A 2575 -45.28 21.59 -2.54
N ARG A 2576 -44.77 21.44 -1.32
CA ARG A 2576 -43.74 22.35 -0.84
C ARG A 2576 -42.49 22.27 -1.70
N HIS A 2577 -41.99 21.05 -1.94
CA HIS A 2577 -40.84 20.88 -2.81
C HIS A 2577 -41.15 21.26 -4.25
N GLU A 2578 -42.38 21.06 -4.71
CA GLU A 2578 -42.71 21.47 -6.06
C GLU A 2578 -42.62 22.98 -6.22
N ALA A 2579 -43.11 23.72 -5.22
CA ALA A 2579 -42.95 25.17 -5.23
C ALA A 2579 -41.47 25.56 -5.22
N LEU A 2580 -40.66 24.85 -4.43
CA LEU A 2580 -39.24 25.15 -4.39
C LEU A 2580 -38.57 24.88 -5.75
N LEU A 2581 -38.92 23.77 -6.39
CA LEU A 2581 -38.42 23.48 -7.73
C LEU A 2581 -38.80 24.57 -8.72
N TYR A 2582 -40.06 25.00 -8.72
CA TYR A 2582 -40.44 26.06 -9.65
C TYR A 2582 -39.67 27.35 -9.37
N THR A 2583 -39.51 27.68 -8.09
CA THR A 2583 -38.77 28.87 -7.69
C THR A 2583 -37.34 28.84 -8.22
N TRP A 2584 -36.64 27.73 -8.00
CA TRP A 2584 -35.24 27.67 -8.41
C TRP A 2584 -35.06 27.38 -9.89
N LEU A 2585 -36.10 26.89 -10.56
CA LEU A 2585 -36.00 26.63 -12.00
C LEU A 2585 -36.34 27.87 -12.81
N ALA A 2586 -37.06 28.83 -12.21
CA ALA A 2586 -37.31 30.08 -12.91
C ALA A 2586 -36.01 30.81 -13.23
N GLU A 2587 -35.07 30.82 -12.29
CA GLU A 2587 -33.75 31.42 -12.51
C GLU A 2587 -32.79 30.46 -13.18
N HIS A 2588 -33.22 29.25 -13.49
CA HIS A 2588 -32.44 28.27 -14.25
C HIS A 2588 -31.19 27.81 -13.50
N LYS A 2589 -31.14 28.03 -12.19
CA LYS A 2589 -30.04 27.55 -11.39
C LYS A 2589 -30.22 26.06 -11.10
N PRO A 2590 -29.23 25.22 -11.41
CA PRO A 2590 -29.37 23.79 -11.12
C PRO A 2590 -29.47 23.55 -9.62
N LEU A 2591 -30.36 22.65 -9.23
CA LEU A 2591 -30.54 22.29 -7.83
C LEU A 2591 -30.39 20.79 -7.67
N VAL A 2592 -30.19 20.37 -6.43
CA VAL A 2592 -30.02 18.96 -6.08
C VAL A 2592 -30.93 18.63 -4.91
N LEU A 2593 -31.68 17.54 -5.04
CA LEU A 2593 -32.43 16.96 -3.91
C LEU A 2593 -31.62 15.80 -3.38
N CYS A 2594 -31.18 15.90 -2.13
CA CYS A 2594 -30.38 14.86 -1.49
C CYS A 2594 -31.14 14.29 -0.31
N GLY A 2595 -31.18 12.96 -0.21
CA GLY A 2595 -31.89 12.31 0.86
C GLY A 2595 -31.62 10.83 0.94
N PRO A 2596 -32.12 10.18 2.00
CA PRO A 2596 -31.93 8.74 2.12
C PRO A 2596 -32.67 8.00 1.03
N PRO A 2597 -32.18 6.83 0.63
CA PRO A 2597 -32.82 6.09 -0.47
C PRO A 2597 -34.27 5.75 -0.16
N GLY A 2598 -35.10 5.82 -1.19
CA GLY A 2598 -36.51 5.51 -1.05
C GLY A 2598 -37.37 6.63 -0.50
N SER A 2599 -36.80 7.82 -0.30
CA SER A 2599 -37.58 8.91 0.28
C SER A 2599 -38.57 9.50 -0.71
N GLY A 2600 -38.38 9.25 -2.00
CA GLY A 2600 -39.29 9.72 -3.02
C GLY A 2600 -38.83 10.93 -3.80
N LYS A 2601 -37.53 11.22 -3.84
CA LYS A 2601 -37.06 12.42 -4.53
C LYS A 2601 -37.15 12.29 -6.03
N THR A 2602 -36.86 11.10 -6.57
CA THR A 2602 -36.84 10.93 -8.03
C THR A 2602 -38.23 11.11 -8.62
N MET A 2603 -39.23 10.44 -8.04
CA MET A 2603 -40.59 10.51 -8.58
C MET A 2603 -41.16 11.92 -8.43
N THR A 2604 -40.90 12.56 -7.28
CA THR A 2604 -41.36 13.94 -7.10
C THR A 2604 -40.70 14.87 -8.10
N LEU A 2605 -39.41 14.68 -8.36
CA LEU A 2605 -38.73 15.47 -9.37
C LEU A 2605 -39.35 15.29 -10.74
N PHE A 2606 -39.61 14.04 -11.13
CA PHE A 2606 -40.21 13.80 -12.44
C PHE A 2606 -41.60 14.41 -12.54
N SER A 2607 -42.41 14.29 -11.47
CA SER A 2607 -43.76 14.84 -11.50
C SER A 2607 -43.72 16.36 -11.60
N ALA A 2608 -42.86 17.00 -10.80
CA ALA A 2608 -42.77 18.46 -10.83
C ALA A 2608 -42.19 18.96 -12.15
N LEU A 2609 -41.35 18.16 -12.80
CA LEU A 2609 -40.75 18.57 -14.07
C LEU A 2609 -41.76 18.43 -15.20
N ARG A 2610 -42.39 17.26 -15.33
CA ARG A 2610 -43.36 17.05 -16.39
C ARG A 2610 -44.65 17.82 -16.15
N ALA A 2611 -44.89 18.30 -14.93
CA ALA A 2611 -46.04 19.15 -14.69
C ALA A 2611 -45.92 20.47 -15.44
N LEU A 2612 -44.70 21.02 -15.53
CA LEU A 2612 -44.49 22.24 -16.28
C LEU A 2612 -44.74 22.00 -17.77
N PRO A 2613 -45.28 22.98 -18.49
CA PRO A 2613 -45.63 22.78 -19.89
C PRO A 2613 -44.53 23.07 -20.90
N ASP A 2614 -43.44 23.73 -20.50
CA ASP A 2614 -42.41 24.18 -21.43
C ASP A 2614 -41.09 23.46 -21.17
N MET A 2615 -41.14 22.27 -20.59
CA MET A 2615 -39.94 21.54 -20.20
C MET A 2615 -39.79 20.29 -21.04
N GLU A 2616 -38.54 19.88 -21.28
CA GLU A 2616 -38.23 18.58 -21.84
C GLU A 2616 -37.22 17.91 -20.91
N VAL A 2617 -37.58 16.74 -20.40
CA VAL A 2617 -36.77 16.05 -19.41
C VAL A 2617 -35.99 14.92 -20.06
N VAL A 2618 -34.74 14.75 -19.67
CA VAL A 2618 -33.93 13.60 -20.05
C VAL A 2618 -33.36 13.00 -18.77
N GLY A 2619 -33.79 11.79 -18.45
CA GLY A 2619 -33.29 11.11 -17.27
C GLY A 2619 -31.97 10.42 -17.56
N LEU A 2620 -30.95 10.75 -16.77
CA LEU A 2620 -29.61 10.20 -16.95
C LEU A 2620 -29.12 9.68 -15.60
N ASN A 2621 -28.95 8.37 -15.50
CA ASN A 2621 -28.44 7.77 -14.27
C ASN A 2621 -26.92 7.66 -14.37
N PHE A 2622 -26.22 8.42 -13.53
CA PHE A 2622 -24.76 8.39 -13.55
C PHE A 2622 -24.24 7.09 -12.95
N SER A 2623 -22.92 6.97 -12.94
CA SER A 2623 -22.25 5.80 -12.39
C SER A 2623 -20.84 6.21 -11.97
N SER A 2624 -20.03 5.22 -11.59
CA SER A 2624 -18.64 5.51 -11.23
C SER A 2624 -17.75 5.73 -12.44
N ALA A 2625 -18.24 5.41 -13.64
CA ALA A 2625 -17.49 5.60 -14.87
C ALA A 2625 -18.08 6.69 -15.75
N THR A 2626 -18.99 7.49 -15.20
CA THR A 2626 -19.63 8.55 -15.98
C THR A 2626 -18.60 9.61 -16.36
N THR A 2627 -18.63 10.02 -17.62
CA THR A 2627 -17.66 10.93 -18.21
C THR A 2627 -18.39 11.96 -19.07
N PRO A 2628 -17.74 13.09 -19.38
CA PRO A 2628 -18.41 14.16 -20.16
C PRO A 2628 -18.97 13.69 -21.49
N GLU A 2629 -18.45 12.60 -22.04
CA GLU A 2629 -18.97 12.09 -23.31
C GLU A 2629 -20.45 11.73 -23.20
N LEU A 2630 -20.93 11.39 -22.00
CA LEU A 2630 -22.35 11.15 -21.83
C LEU A 2630 -23.17 12.40 -22.11
N LEU A 2631 -22.75 13.53 -21.52
CA LEU A 2631 -23.45 14.78 -21.79
C LEU A 2631 -23.31 15.19 -23.25
N LEU A 2632 -22.14 14.93 -23.85
CA LEU A 2632 -21.95 15.23 -25.26
C LEU A 2632 -22.92 14.42 -26.13
N LYS A 2633 -23.08 13.13 -25.83
CA LYS A 2633 -23.98 12.30 -26.62
C LYS A 2633 -25.44 12.69 -26.40
N THR A 2634 -25.79 13.12 -25.18
CA THR A 2634 -27.14 13.62 -24.95
C THR A 2634 -27.39 14.89 -25.75
N PHE A 2635 -26.39 15.77 -25.81
CA PHE A 2635 -26.53 16.97 -26.64
C PHE A 2635 -26.70 16.61 -28.11
N ASP A 2636 -25.89 15.67 -28.61
CA ASP A 2636 -26.02 15.26 -30.00
C ASP A 2636 -27.35 14.55 -30.27
N HIS A 2637 -27.95 13.94 -29.25
CA HIS A 2637 -29.22 13.24 -29.41
C HIS A 2637 -30.44 14.15 -29.21
N TYR A 2638 -30.25 15.31 -28.58
CA TYR A 2638 -31.37 16.19 -28.28
C TYR A 2638 -31.15 17.65 -28.68
N CYS A 2639 -29.94 18.05 -29.07
CA CYS A 2639 -29.65 19.44 -29.37
C CYS A 2639 -29.02 19.56 -30.75
N GLU A 2640 -28.65 20.79 -31.10
CA GLU A 2640 -28.12 21.12 -32.41
C GLU A 2640 -27.21 22.33 -32.28
N TYR A 2641 -26.29 22.46 -33.24
CA TYR A 2641 -25.37 23.58 -33.31
C TYR A 2641 -25.87 24.60 -34.33
N ARG A 2642 -25.85 25.87 -33.95
CA ARG A 2642 -26.27 26.96 -34.81
C ARG A 2642 -25.16 28.00 -34.86
N ARG A 2643 -24.83 28.45 -36.06
CA ARG A 2643 -23.71 29.39 -36.26
C ARG A 2643 -24.21 30.83 -36.15
N THR A 2644 -24.56 31.19 -34.92
CA THR A 2644 -24.88 32.57 -34.62
C THR A 2644 -23.62 33.42 -34.80
N PRO A 2645 -23.74 34.61 -35.39
CA PRO A 2645 -22.53 35.44 -35.60
C PRO A 2645 -21.75 35.73 -34.32
N ASN A 2646 -22.43 35.82 -33.18
CA ASN A 2646 -21.72 35.94 -31.91
C ASN A 2646 -20.88 34.71 -31.63
N GLY A 2647 -21.41 33.53 -31.90
CA GLY A 2647 -20.67 32.30 -31.68
C GLY A 2647 -21.58 31.10 -31.87
N VAL A 2648 -20.95 29.93 -31.83
CA VAL A 2648 -21.71 28.67 -31.96
C VAL A 2648 -22.62 28.51 -30.76
N VAL A 2649 -23.88 28.19 -31.02
CA VAL A 2649 -24.89 28.06 -29.97
C VAL A 2649 -25.46 26.65 -30.03
N LEU A 2650 -25.47 25.98 -28.87
CA LEU A 2650 -26.05 24.65 -28.74
C LEU A 2650 -27.46 24.79 -28.17
N ALA A 2651 -28.46 24.44 -28.95
CA ALA A 2651 -29.84 24.63 -28.55
C ALA A 2651 -30.66 23.37 -28.80
N PRO A 2652 -31.69 23.13 -28.01
CA PRO A 2652 -32.52 21.93 -28.23
C PRO A 2652 -33.22 21.99 -29.58
N VAL A 2653 -33.52 20.79 -30.11
CA VAL A 2653 -34.11 20.70 -31.44
C VAL A 2653 -35.47 21.38 -31.47
N GLN A 2654 -36.23 21.30 -30.38
CA GLN A 2654 -37.49 22.02 -30.31
C GLN A 2654 -37.24 23.46 -29.89
N LEU A 2655 -38.25 24.30 -30.12
CA LEU A 2655 -38.17 25.72 -29.81
C LEU A 2655 -39.18 26.06 -28.72
N GLY A 2656 -38.81 27.04 -27.89
CA GLY A 2656 -39.67 27.46 -26.81
C GLY A 2656 -39.77 26.46 -25.68
N LYS A 2657 -38.78 25.57 -25.54
CA LYS A 2657 -38.79 24.56 -24.50
C LYS A 2657 -37.39 24.45 -23.91
N TRP A 2658 -37.33 24.39 -22.58
CA TRP A 2658 -36.07 24.27 -21.87
C TRP A 2658 -35.76 22.81 -21.57
N LEU A 2659 -34.54 22.39 -21.87
CA LEU A 2659 -34.14 20.99 -21.72
C LEU A 2659 -33.42 20.82 -20.39
N VAL A 2660 -33.92 19.91 -19.56
CA VAL A 2660 -33.31 19.59 -18.28
C VAL A 2660 -32.77 18.16 -18.35
N LEU A 2661 -31.46 18.03 -18.08
CA LEU A 2661 -30.80 16.73 -18.03
C LEU A 2661 -30.82 16.28 -16.56
N PHE A 2662 -31.93 15.68 -16.16
CA PHE A 2662 -32.08 15.25 -14.77
C PHE A 2662 -31.10 14.11 -14.51
N CYS A 2663 -30.03 14.42 -13.78
CA CYS A 2663 -28.99 13.44 -13.47
C CYS A 2663 -29.39 12.77 -12.16
N ASP A 2664 -29.79 11.50 -12.25
CA ASP A 2664 -30.33 10.82 -11.08
C ASP A 2664 -29.28 10.63 -9.99
N GLU A 2665 -28.01 10.67 -10.34
CA GLU A 2665 -26.92 10.52 -9.38
C GLU A 2665 -25.84 11.54 -9.68
N ILE A 2666 -25.29 12.14 -8.62
CA ILE A 2666 -24.21 13.11 -8.77
C ILE A 2666 -23.02 12.67 -7.92
N ASN A 2667 -23.29 11.90 -6.85
CA ASN A 2667 -22.22 11.47 -5.97
C ASN A 2667 -21.44 10.30 -6.55
N LEU A 2668 -22.01 9.61 -7.52
CA LEU A 2668 -21.45 8.36 -8.05
C LEU A 2668 -20.21 8.56 -8.93
N PRO A 2669 -20.12 9.62 -9.75
CA PRO A 2669 -18.88 9.86 -10.49
C PRO A 2669 -17.68 9.85 -9.57
N ASP A 2670 -16.69 9.03 -9.92
CA ASP A 2670 -15.56 8.75 -9.05
C ASP A 2670 -14.48 9.80 -9.19
N MET A 2671 -13.84 10.13 -8.08
CA MET A 2671 -12.61 10.91 -8.13
C MET A 2671 -11.51 10.05 -8.73
N ASP A 2672 -10.82 10.59 -9.76
CA ASP A 2672 -9.94 9.73 -10.54
C ASP A 2672 -8.69 9.34 -9.76
N LYS A 2673 -7.81 10.31 -9.48
CA LYS A 2673 -6.82 10.14 -8.42
C LYS A 2673 -6.54 11.41 -7.65
N TYR A 2674 -6.95 12.58 -8.13
CA TYR A 2674 -6.69 13.85 -7.47
C TYR A 2674 -7.95 14.47 -6.86
N GLY A 2675 -8.88 13.63 -6.42
CA GLY A 2675 -10.05 14.13 -5.72
C GLY A 2675 -10.95 15.05 -6.49
N THR A 2676 -10.90 14.99 -7.82
CA THR A 2676 -11.73 15.84 -8.68
C THR A 2676 -12.49 14.97 -9.67
N GLN A 2677 -13.80 15.22 -9.77
CA GLN A 2677 -14.65 14.48 -10.69
C GLN A 2677 -14.77 15.26 -12.00
N ARG A 2678 -14.48 14.58 -13.11
CA ARG A 2678 -14.40 15.26 -14.41
C ARG A 2678 -15.76 15.79 -14.85
N VAL A 2679 -16.79 14.95 -14.79
CA VAL A 2679 -18.11 15.36 -15.25
C VAL A 2679 -18.65 16.47 -14.36
N ILE A 2680 -18.35 16.43 -13.06
CA ILE A 2680 -18.81 17.49 -12.16
C ILE A 2680 -18.18 18.81 -12.55
N SER A 2681 -16.87 18.81 -12.82
CA SER A 2681 -16.19 20.03 -13.26
C SER A 2681 -16.73 20.51 -14.60
N PHE A 2682 -17.13 19.59 -15.46
CA PHE A 2682 -17.61 19.98 -16.79
C PHE A 2682 -19.00 20.60 -16.68
N ILE A 2683 -19.84 20.06 -15.80
CA ILE A 2683 -21.13 20.68 -15.52
C ILE A 2683 -20.93 22.05 -14.88
N ARG A 2684 -19.93 22.17 -14.00
CA ARG A 2684 -19.61 23.46 -13.40
C ARG A 2684 -19.20 24.47 -14.45
N GLN A 2685 -18.39 24.04 -15.41
CA GLN A 2685 -17.98 24.92 -16.49
C GLN A 2685 -19.17 25.34 -17.33
N MET A 2686 -20.12 24.43 -17.55
CA MET A 2686 -21.35 24.83 -18.23
C MET A 2686 -22.10 25.90 -17.44
N VAL A 2687 -22.36 25.65 -16.16
CA VAL A 2687 -23.28 26.50 -15.42
C VAL A 2687 -22.67 27.86 -15.11
N GLU A 2688 -21.34 27.94 -14.92
CA GLU A 2688 -20.74 29.21 -14.55
C GLU A 2688 -20.67 30.16 -15.74
N HIS A 2689 -19.96 29.78 -16.79
CA HIS A 2689 -19.73 30.64 -17.94
C HIS A 2689 -20.76 30.44 -19.05
N GLY A 2690 -21.72 29.54 -18.87
CA GLY A 2690 -22.75 29.34 -19.88
C GLY A 2690 -22.26 28.77 -21.19
N GLY A 2691 -21.29 27.87 -21.15
CA GLY A 2691 -20.79 27.28 -22.38
C GLY A 2691 -19.64 26.33 -22.10
N PHE A 2692 -19.10 25.79 -23.18
CA PHE A 2692 -17.98 24.84 -23.10
C PHE A 2692 -17.21 24.91 -24.41
N TYR A 2693 -16.28 23.96 -24.60
CA TYR A 2693 -15.47 23.90 -25.81
C TYR A 2693 -15.70 22.55 -26.49
N ARG A 2694 -15.94 22.60 -27.80
CA ARG A 2694 -16.10 21.38 -28.59
C ARG A 2694 -14.73 20.86 -28.99
N THR A 2695 -14.45 19.60 -28.68
CA THR A 2695 -13.15 19.00 -28.93
C THR A 2695 -12.90 18.69 -30.40
N SER A 2696 -13.89 18.82 -31.28
CA SER A 2696 -13.70 18.61 -32.71
C SER A 2696 -13.70 19.89 -33.52
N ASP A 2697 -13.89 21.05 -32.88
CA ASP A 2697 -13.90 22.32 -33.59
C ASP A 2697 -13.07 23.40 -32.89
N GLN A 2698 -12.67 23.20 -31.64
CA GLN A 2698 -11.85 24.16 -30.90
C GLN A 2698 -12.49 25.53 -30.83
N THR A 2699 -13.82 25.58 -30.65
CA THR A 2699 -14.55 26.82 -30.57
C THR A 2699 -15.44 26.83 -29.34
N TRP A 2700 -15.80 28.04 -28.90
CA TRP A 2700 -16.62 28.23 -27.71
C TRP A 2700 -18.09 28.02 -28.07
N VAL A 2701 -18.66 26.92 -27.60
CA VAL A 2701 -20.06 26.61 -27.84
C VAL A 2701 -20.86 27.04 -26.62
N LYS A 2702 -21.77 27.98 -26.82
CA LYS A 2702 -22.58 28.53 -25.75
C LYS A 2702 -23.91 27.79 -25.68
N LEU A 2703 -24.26 27.32 -24.48
CA LEU A 2703 -25.53 26.64 -24.31
C LEU A 2703 -26.69 27.61 -24.41
N GLU A 2704 -27.85 27.09 -24.80
CA GLU A 2704 -29.08 27.89 -24.85
C GLU A 2704 -30.25 27.00 -24.45
N ARG A 2705 -31.09 27.53 -23.55
CA ARG A 2705 -32.31 26.86 -23.12
C ARG A 2705 -32.03 25.47 -22.54
N ILE A 2706 -30.96 25.36 -21.76
CA ILE A 2706 -30.57 24.10 -21.13
C ILE A 2706 -30.38 24.35 -19.63
N GLN A 2707 -31.00 23.50 -18.81
CA GLN A 2707 -30.90 23.56 -17.36
C GLN A 2707 -30.40 22.21 -16.84
N PHE A 2708 -30.28 22.12 -15.51
CA PHE A 2708 -29.86 20.87 -14.87
C PHE A 2708 -30.57 20.73 -13.53
N VAL A 2709 -30.87 19.48 -13.17
CA VAL A 2709 -31.31 19.12 -11.82
C VAL A 2709 -30.61 17.82 -11.45
N GLY A 2710 -30.54 17.56 -10.15
CA GLY A 2710 -29.82 16.39 -9.67
C GLY A 2710 -30.48 15.76 -8.47
N ALA A 2711 -30.29 14.46 -8.34
CA ALA A 2711 -30.70 13.69 -7.18
C ALA A 2711 -29.48 13.04 -6.55
N CYS A 2712 -29.47 12.97 -5.22
CA CYS A 2712 -28.30 12.50 -4.50
C CYS A 2712 -28.73 11.75 -3.25
N ASN A 2713 -27.81 10.94 -2.73
CA ASN A 2713 -27.90 10.32 -1.43
C ASN A 2713 -26.82 10.95 -0.55
N PRO A 2714 -26.96 10.88 0.77
CA PRO A 2714 -25.97 11.49 1.64
C PRO A 2714 -24.57 10.96 1.34
N PRO A 2715 -23.56 11.84 1.33
CA PRO A 2715 -22.21 11.39 0.98
C PRO A 2715 -21.63 10.36 1.93
N THR A 2716 -22.13 10.28 3.16
CA THR A 2716 -21.64 9.28 4.10
C THR A 2716 -22.03 7.87 3.69
N ASP A 2717 -23.02 7.71 2.81
CA ASP A 2717 -23.41 6.40 2.35
C ASP A 2717 -22.27 5.77 1.54
N PRO A 2718 -22.13 4.45 1.57
CA PRO A 2718 -21.08 3.79 0.78
C PRO A 2718 -21.24 4.07 -0.71
N GLY A 2719 -20.11 4.31 -1.37
CA GLY A 2719 -20.11 4.56 -2.80
C GLY A 2719 -20.43 5.98 -3.20
N ARG A 2720 -20.57 6.91 -2.26
CA ARG A 2720 -20.91 8.29 -2.54
C ARG A 2720 -19.71 9.17 -2.27
N LYS A 2721 -19.35 10.02 -3.24
CA LYS A 2721 -18.24 10.94 -3.08
C LYS A 2721 -18.75 12.37 -2.99
N PRO A 2722 -18.27 13.16 -2.03
CA PRO A 2722 -18.77 14.53 -1.88
C PRO A 2722 -18.41 15.40 -3.07
N LEU A 2723 -19.31 16.35 -3.36
CA LEU A 2723 -19.11 17.24 -4.49
C LEU A 2723 -18.13 18.35 -4.13
N SER A 2724 -17.54 18.94 -5.15
CA SER A 2724 -16.57 20.01 -4.96
C SER A 2724 -17.26 21.29 -4.54
N HIS A 2725 -16.61 22.05 -3.66
CA HIS A 2725 -17.13 23.34 -3.24
C HIS A 2725 -17.28 24.29 -4.44
N ARG A 2726 -16.37 24.17 -5.40
CA ARG A 2726 -16.45 24.95 -6.63
C ARG A 2726 -17.78 24.72 -7.33
N PHE A 2727 -18.33 23.52 -7.22
CA PHE A 2727 -19.61 23.21 -7.85
C PHE A 2727 -20.78 23.61 -6.95
N LEU A 2728 -20.67 23.38 -5.65
CA LEU A 2728 -21.72 23.80 -4.72
C LEU A 2728 -21.87 25.32 -4.66
N ARG A 2729 -20.89 26.06 -5.17
CA ARG A 2729 -21.01 27.51 -5.33
C ARG A 2729 -22.33 27.94 -5.98
N HIS A 2730 -22.88 27.15 -6.89
CA HIS A 2730 -24.13 27.49 -7.56
C HIS A 2730 -25.34 26.70 -7.08
N VAL A 2731 -25.20 25.42 -6.81
CA VAL A 2731 -26.34 24.50 -6.68
C VAL A 2731 -26.97 24.68 -5.30
N PRO A 2732 -28.27 24.93 -5.21
CA PRO A 2732 -28.96 24.76 -3.93
C PRO A 2732 -29.38 23.32 -3.74
N VAL A 2733 -29.18 22.82 -2.52
CA VAL A 2733 -29.48 21.44 -2.19
C VAL A 2733 -30.55 21.40 -1.11
N VAL A 2734 -31.53 20.51 -1.29
CA VAL A 2734 -32.65 20.36 -0.38
C VAL A 2734 -32.68 18.92 0.13
N TYR A 2735 -32.78 18.76 1.44
CA TYR A 2735 -32.82 17.44 2.05
C TYR A 2735 -34.25 16.92 2.02
N VAL A 2736 -34.52 15.97 1.13
CA VAL A 2736 -35.83 15.34 1.06
C VAL A 2736 -35.86 14.25 2.13
N ASP A 2737 -36.56 14.52 3.22
CA ASP A 2737 -36.59 13.62 4.36
C ASP A 2737 -37.69 12.58 4.18
N TYR A 2738 -37.70 11.59 5.08
CA TYR A 2738 -38.73 10.58 5.05
C TYR A 2738 -40.09 11.21 5.32
N PRO A 2739 -41.15 10.73 4.66
CA PRO A 2739 -42.42 11.47 4.66
C PRO A 2739 -43.02 11.72 6.03
N GLY A 2740 -42.90 10.77 6.94
CA GLY A 2740 -43.48 10.92 8.26
C GLY A 2740 -44.88 10.34 8.35
N PRO A 2741 -45.45 10.32 9.55
CA PRO A 2741 -46.70 9.57 9.75
C PRO A 2741 -47.90 10.13 8.99
N ALA A 2742 -48.14 11.44 9.07
CA ALA A 2742 -49.36 12.01 8.48
C ALA A 2742 -49.34 11.90 6.96
N SER A 2743 -48.21 12.22 6.33
CA SER A 2743 -48.15 12.18 4.87
C SER A 2743 -48.28 10.76 4.34
N LEU A 2744 -47.60 9.80 4.99
CA LEU A 2744 -47.77 8.41 4.60
C LEU A 2744 -49.21 7.97 4.81
N THR A 2745 -49.83 8.42 5.91
CA THR A 2745 -51.23 8.10 6.15
C THR A 2745 -52.10 8.57 5.00
N GLN A 2746 -51.90 9.81 4.56
CA GLN A 2746 -52.69 10.34 3.44
C GLN A 2746 -52.45 9.53 2.17
N ILE A 2747 -51.19 9.34 1.81
CA ILE A 2747 -50.85 8.69 0.55
C ILE A 2747 -51.41 7.28 0.51
N TYR A 2748 -51.17 6.50 1.56
CA TYR A 2748 -51.59 5.11 1.52
C TYR A 2748 -53.05 4.96 1.88
N GLY A 2749 -53.68 5.98 2.45
CA GLY A 2749 -55.14 6.00 2.52
C GLY A 2749 -55.76 6.13 1.15
N THR A 2750 -55.22 7.02 0.31
CA THR A 2750 -55.67 7.07 -1.07
C THR A 2750 -55.41 5.75 -1.79
N PHE A 2751 -54.23 5.18 -1.57
CA PHE A 2751 -53.90 3.90 -2.18
C PHE A 2751 -54.85 2.80 -1.74
N ASN A 2752 -55.20 2.77 -0.45
CA ASN A 2752 -56.11 1.74 0.04
C ASN A 2752 -57.55 1.98 -0.40
N ARG A 2753 -57.94 3.24 -0.61
CA ARG A 2753 -59.27 3.48 -1.17
C ARG A 2753 -59.34 2.96 -2.61
N ALA A 2754 -58.30 3.23 -3.41
CA ALA A 2754 -58.24 2.62 -4.74
C ALA A 2754 -58.16 1.10 -4.66
N MET A 2755 -57.51 0.60 -3.61
CA MET A 2755 -57.39 -0.84 -3.39
C MET A 2755 -58.75 -1.48 -3.18
N LEU A 2756 -59.53 -0.93 -2.25
CA LEU A 2756 -60.82 -1.48 -1.87
C LEU A 2756 -61.95 -1.04 -2.78
N ARG A 2757 -61.68 -0.19 -3.78
CA ARG A 2757 -62.67 0.06 -4.81
C ARG A 2757 -63.11 -1.25 -5.48
N LEU A 2758 -62.22 -2.24 -5.53
CA LEU A 2758 -62.57 -3.54 -6.08
C LEU A 2758 -63.63 -4.25 -5.24
N ILE A 2759 -63.52 -4.20 -3.92
CA ILE A 2759 -64.46 -4.87 -3.04
C ILE A 2759 -65.42 -3.85 -2.45
N PRO A 2760 -66.69 -3.83 -2.88
CA PRO A 2760 -67.63 -2.81 -2.40
C PRO A 2760 -68.04 -2.99 -0.94
N SER A 2761 -67.65 -4.08 -0.28
CA SER A 2761 -68.07 -4.34 1.08
C SER A 2761 -67.03 -3.94 2.12
N LEU A 2762 -65.74 -4.10 1.82
CA LEU A 2762 -64.68 -3.84 2.78
C LEU A 2762 -64.11 -2.43 2.69
N ARG A 2763 -64.61 -1.60 1.77
CA ARG A 2763 -64.00 -0.29 1.56
C ARG A 2763 -64.12 0.58 2.80
N THR A 2764 -65.13 0.34 3.64
CA THR A 2764 -65.30 1.14 4.85
C THR A 2764 -64.13 1.00 5.81
N TYR A 2765 -63.31 -0.03 5.65
CA TYR A 2765 -62.15 -0.26 6.49
C TYR A 2765 -60.86 0.29 5.87
N ALA A 2766 -60.97 1.03 4.76
CA ALA A 2766 -59.77 1.57 4.13
C ALA A 2766 -59.08 2.60 5.02
N GLU A 2767 -59.86 3.34 5.83
CA GLU A 2767 -59.25 4.37 6.67
C GLU A 2767 -58.40 3.80 7.80
N PRO A 2768 -58.92 2.91 8.66
CA PRO A 2768 -58.06 2.42 9.76
C PRO A 2768 -56.90 1.57 9.28
N LEU A 2769 -57.16 0.67 8.31
CA LEU A 2769 -56.13 -0.22 7.77
C LEU A 2769 -54.84 0.53 7.46
N THR A 2770 -54.94 1.53 6.57
CA THR A 2770 -53.81 2.40 6.26
C THR A 2770 -53.08 2.84 7.52
N ALA A 2771 -53.82 3.47 8.44
CA ALA A 2771 -53.22 3.93 9.69
C ALA A 2771 -52.48 2.80 10.38
N ALA A 2772 -53.14 1.65 10.52
CA ALA A 2772 -52.50 0.50 11.14
C ALA A 2772 -51.18 0.20 10.45
N MET A 2773 -51.21 0.07 9.13
CA MET A 2773 -50.00 -0.11 8.34
C MET A 2773 -48.94 0.90 8.79
N VAL A 2774 -49.27 2.18 8.66
CA VAL A 2774 -48.31 3.22 9.00
C VAL A 2774 -47.80 3.03 10.41
N GLU A 2775 -48.74 2.77 11.34
CA GLU A 2775 -48.35 2.59 12.74
C GLU A 2775 -47.29 1.51 12.84
N PHE A 2776 -47.58 0.34 12.28
CA PHE A 2776 -46.62 -0.76 12.34
C PHE A 2776 -45.30 -0.33 11.74
N TYR A 2777 -45.36 0.34 10.58
CA TYR A 2777 -44.14 0.81 9.93
C TYR A 2777 -43.31 1.63 10.91
N THR A 2778 -43.94 2.60 11.56
CA THR A 2778 -43.21 3.44 12.50
C THR A 2778 -42.54 2.58 13.56
N MET A 2779 -43.29 1.63 14.12
CA MET A 2779 -42.73 0.75 15.14
C MET A 2779 -41.47 0.08 14.63
N SER A 2780 -41.54 -0.49 13.43
CA SER A 2780 -40.37 -1.14 12.85
C SER A 2780 -39.22 -0.14 12.74
N GLN A 2781 -39.50 1.05 12.22
CA GLN A 2781 -38.45 2.04 12.03
C GLN A 2781 -37.87 2.48 13.37
N GLU A 2782 -38.63 2.31 14.46
CA GLU A 2782 -38.11 2.68 15.76
C GLU A 2782 -37.36 1.53 16.42
N ARG A 2783 -37.59 0.30 16.00
CA ARG A 2783 -36.98 -0.83 16.70
C ARG A 2783 -35.67 -1.26 16.08
N PHE A 2784 -35.59 -1.29 14.76
CA PHE A 2784 -34.39 -1.73 14.06
C PHE A 2784 -33.82 -0.60 13.23
N THR A 2785 -32.51 -0.38 13.36
CA THR A 2785 -31.80 0.65 12.63
C THR A 2785 -30.51 0.04 12.07
N GLN A 2786 -29.77 0.85 11.31
CA GLN A 2786 -28.54 0.38 10.70
C GLN A 2786 -27.38 0.42 11.67
N ASP A 2787 -27.56 -0.17 12.85
CA ASP A 2787 -26.47 -0.34 13.81
C ASP A 2787 -26.43 -1.74 14.40
N THR A 2788 -27.53 -2.49 14.37
CA THR A 2788 -27.53 -3.90 14.74
C THR A 2788 -27.28 -4.80 13.53
N GLN A 2789 -27.85 -4.45 12.38
CA GLN A 2789 -27.59 -5.13 11.12
C GLN A 2789 -27.42 -4.06 10.04
N PRO A 2790 -26.48 -4.24 9.12
CA PRO A 2790 -26.29 -3.24 8.06
C PRO A 2790 -27.47 -3.11 7.11
N HIS A 2791 -28.35 -4.11 7.05
CA HIS A 2791 -29.48 -4.09 6.14
C HIS A 2791 -30.81 -3.76 6.82
N TYR A 2792 -30.78 -3.35 8.08
CA TYR A 2792 -32.01 -2.96 8.80
C TYR A 2792 -32.37 -1.53 8.40
N ILE A 2793 -32.85 -1.39 7.16
CA ILE A 2793 -33.19 -0.09 6.59
C ILE A 2793 -34.64 -0.13 6.12
N TYR A 2794 -35.38 0.93 6.41
CA TYR A 2794 -36.79 1.02 6.04
C TYR A 2794 -37.03 2.32 5.29
N SER A 2795 -37.94 2.26 4.33
CA SER A 2795 -38.25 3.39 3.47
C SER A 2795 -39.68 3.23 2.97
N PRO A 2796 -40.29 4.28 2.43
CA PRO A 2796 -41.64 4.15 1.88
C PRO A 2796 -41.77 3.08 0.80
N ARG A 2797 -40.67 2.71 0.15
CA ARG A 2797 -40.72 1.61 -0.80
C ARG A 2797 -41.30 0.34 -0.17
N GLU A 2798 -41.01 0.12 1.10
CA GLU A 2798 -41.59 -1.02 1.80
C GLU A 2798 -43.10 -0.89 1.88
N MET A 2799 -43.61 0.30 2.16
CA MET A 2799 -45.06 0.51 2.19
C MET A 2799 -45.68 0.30 0.81
N THR A 2800 -45.01 0.78 -0.24
CA THR A 2800 -45.52 0.56 -1.59
C THR A 2800 -45.57 -0.92 -1.94
N ARG A 2801 -44.52 -1.66 -1.57
CA ARG A 2801 -44.51 -3.09 -1.82
C ARG A 2801 -45.59 -3.80 -1.01
N TRP A 2802 -45.83 -3.33 0.21
CA TRP A 2802 -46.91 -3.87 1.04
C TRP A 2802 -48.25 -3.70 0.34
N VAL A 2803 -48.54 -2.49 -0.11
CA VAL A 2803 -49.80 -2.21 -0.80
C VAL A 2803 -49.90 -3.03 -2.08
N ARG A 2804 -48.81 -3.12 -2.84
CA ARG A 2804 -48.82 -3.87 -4.09
C ARG A 2804 -49.10 -5.35 -3.84
N GLY A 2805 -48.47 -5.93 -2.81
CA GLY A 2805 -48.71 -7.33 -2.51
C GLY A 2805 -50.13 -7.59 -2.06
N ILE A 2806 -50.65 -6.71 -1.20
CA ILE A 2806 -52.03 -6.87 -0.76
C ILE A 2806 -52.99 -6.75 -1.94
N PHE A 2807 -52.70 -5.83 -2.86
CA PHE A 2807 -53.54 -5.67 -4.05
C PHE A 2807 -53.49 -6.91 -4.93
N GLU A 2808 -52.30 -7.47 -5.13
CA GLU A 2808 -52.18 -8.67 -5.94
C GLU A 2808 -52.93 -9.83 -5.30
N ALA A 2809 -52.88 -9.94 -3.98
CA ALA A 2809 -53.63 -10.99 -3.30
C ALA A 2809 -55.14 -10.76 -3.37
N LEU A 2810 -55.57 -9.50 -3.37
CA LEU A 2810 -56.99 -9.16 -3.33
C LEU A 2810 -57.61 -8.98 -4.71
N ARG A 2811 -56.81 -9.05 -5.79
CA ARG A 2811 -57.35 -8.75 -7.11
C ARG A 2811 -58.23 -9.86 -7.67
N PRO A 2812 -57.77 -11.11 -7.80
CA PRO A 2812 -58.63 -12.13 -8.43
C PRO A 2812 -59.76 -12.61 -7.54
N LEU A 2813 -59.80 -12.19 -6.28
CA LEU A 2813 -60.77 -12.71 -5.33
C LEU A 2813 -62.04 -11.85 -5.33
N GLU A 2814 -63.16 -12.49 -5.03
CA GLU A 2814 -64.47 -11.85 -5.10
C GLU A 2814 -64.76 -10.97 -3.88
N THR A 2815 -64.84 -11.58 -2.70
CA THR A 2815 -65.11 -10.83 -1.48
C THR A 2815 -64.59 -11.61 -0.29
N LEU A 2816 -64.31 -10.89 0.79
CA LEU A 2816 -63.82 -11.47 2.03
C LEU A 2816 -64.50 -10.78 3.20
N PRO A 2817 -64.58 -11.45 4.35
CA PRO A 2817 -64.83 -10.73 5.60
C PRO A 2817 -63.61 -9.89 5.97
N VAL A 2818 -63.75 -9.13 7.05
CA VAL A 2818 -62.60 -8.40 7.57
C VAL A 2818 -61.51 -9.35 8.01
N GLU A 2819 -61.88 -10.58 8.37
CA GLU A 2819 -60.91 -11.55 8.86
C GLU A 2819 -59.89 -11.92 7.80
N GLY A 2820 -60.35 -12.16 6.57
CA GLY A 2820 -59.43 -12.49 5.49
C GLY A 2820 -58.51 -11.34 5.15
N LEU A 2821 -59.05 -10.12 5.13
CA LEU A 2821 -58.22 -8.95 4.87
C LEU A 2821 -57.17 -8.77 5.95
N ILE A 2822 -57.55 -8.98 7.21
CA ILE A 2822 -56.58 -8.89 8.31
C ILE A 2822 -55.51 -9.96 8.15
N ARG A 2823 -55.91 -11.18 7.79
CA ARG A 2823 -54.94 -12.27 7.67
C ARG A 2823 -53.96 -12.00 6.55
N ILE A 2824 -54.43 -11.54 5.40
CA ILE A 2824 -53.51 -11.24 4.29
C ILE A 2824 -52.63 -10.04 4.61
N TRP A 2825 -53.18 -9.03 5.30
CA TRP A 2825 -52.38 -7.89 5.72
C TRP A 2825 -51.25 -8.34 6.64
N ALA A 2826 -51.57 -9.20 7.62
CA ALA A 2826 -50.56 -9.70 8.52
C ALA A 2826 -49.54 -10.56 7.79
N HIS A 2827 -49.98 -11.38 6.83
CA HIS A 2827 -49.06 -12.22 6.08
C HIS A 2827 -48.07 -11.38 5.29
N GLU A 2828 -48.56 -10.34 4.61
CA GLU A 2828 -47.66 -9.46 3.88
C GLU A 2828 -46.72 -8.70 4.82
N ALA A 2829 -47.23 -8.30 5.99
CA ALA A 2829 -46.38 -7.65 6.97
C ALA A 2829 -45.24 -8.57 7.42
N LEU A 2830 -45.58 -9.84 7.67
CA LEU A 2830 -44.55 -10.81 8.06
C LEU A 2830 -43.54 -11.02 6.95
N ARG A 2831 -44.01 -11.08 5.70
CA ARG A 2831 -43.10 -11.28 4.58
C ARG A 2831 -42.14 -10.10 4.43
N LEU A 2832 -42.65 -8.88 4.61
CA LEU A 2832 -41.82 -7.70 4.37
C LEU A 2832 -40.97 -7.27 5.56
N PHE A 2833 -41.34 -7.66 6.78
CA PHE A 2833 -40.64 -7.18 7.96
C PHE A 2833 -40.01 -8.29 8.79
N GLN A 2834 -40.72 -9.39 9.05
CA GLN A 2834 -40.15 -10.44 9.89
C GLN A 2834 -38.99 -11.13 9.19
N ASP A 2835 -39.06 -11.28 7.87
CA ASP A 2835 -38.06 -12.06 7.16
C ASP A 2835 -36.69 -11.38 7.18
N ARG A 2836 -36.64 -10.06 7.10
CA ARG A 2836 -35.36 -9.37 7.14
C ARG A 2836 -34.70 -9.47 8.51
N LEU A 2837 -35.44 -9.85 9.54
CA LEU A 2837 -34.87 -10.00 10.87
C LEU A 2837 -33.95 -11.22 10.92
N VAL A 2838 -33.03 -11.19 11.88
CA VAL A 2838 -32.07 -12.27 12.05
C VAL A 2838 -32.36 -13.00 13.35
N GLU A 2839 -32.37 -12.26 14.46
CA GLU A 2839 -32.58 -12.87 15.77
C GLU A 2839 -34.03 -13.32 15.91
N ASP A 2840 -34.22 -14.51 16.48
CA ASP A 2840 -35.55 -15.13 16.55
C ASP A 2840 -36.46 -14.37 17.51
N GLU A 2841 -35.93 -13.89 18.63
CA GLU A 2841 -36.78 -13.15 19.57
C GLU A 2841 -37.26 -11.84 18.97
N GLU A 2842 -36.49 -11.26 18.05
CA GLU A 2842 -36.98 -10.11 17.30
C GLU A 2842 -38.19 -10.51 16.45
N ARG A 2843 -38.14 -11.70 15.86
CA ARG A 2843 -39.29 -12.19 15.10
C ARG A 2843 -40.50 -12.38 16.00
N ARG A 2844 -40.28 -12.91 17.21
CA ARG A 2844 -41.38 -13.06 18.17
C ARG A 2844 -41.97 -11.71 18.56
N TRP A 2845 -41.10 -10.73 18.80
CA TRP A 2845 -41.54 -9.38 19.11
C TRP A 2845 -42.39 -8.80 17.97
N THR A 2846 -41.93 -9.01 16.73
CA THR A 2846 -42.69 -8.55 15.57
C THR A 2846 -44.05 -9.23 15.48
N ASP A 2847 -44.10 -10.55 15.74
CA ASP A 2847 -45.35 -11.27 15.72
C ASP A 2847 -46.33 -10.69 16.74
N GLU A 2848 -45.86 -10.53 17.98
CA GLU A 2848 -46.73 -10.03 19.04
C GLU A 2848 -47.20 -8.61 18.75
N ASN A 2849 -46.33 -7.79 18.16
CA ASN A 2849 -46.74 -6.41 17.88
C ASN A 2849 -47.67 -6.31 16.68
N ILE A 2850 -47.51 -7.18 15.68
CA ILE A 2850 -48.51 -7.23 14.61
C ILE A 2850 -49.87 -7.61 15.18
N ASP A 2851 -49.88 -8.60 16.08
CA ASP A 2851 -51.13 -8.97 16.73
C ASP A 2851 -51.70 -7.79 17.52
N THR A 2852 -50.84 -7.08 18.24
CA THR A 2852 -51.29 -5.95 19.06
C THR A 2852 -51.89 -4.84 18.19
N VAL A 2853 -51.24 -4.52 17.08
CA VAL A 2853 -51.74 -3.49 16.19
C VAL A 2853 -53.06 -3.93 15.55
N ALA A 2854 -53.16 -5.21 15.20
CA ALA A 2854 -54.40 -5.72 14.63
C ALA A 2854 -55.55 -5.59 15.62
N LEU A 2855 -55.28 -5.92 16.88
CA LEU A 2855 -56.31 -5.77 17.91
C LEU A 2855 -56.66 -4.30 18.14
N LYS A 2856 -55.65 -3.43 18.14
CA LYS A 2856 -55.88 -2.02 18.45
C LYS A 2856 -56.69 -1.34 17.35
N HIS A 2857 -56.15 -1.33 16.13
CA HIS A 2857 -56.84 -0.66 15.02
C HIS A 2857 -58.13 -1.36 14.64
N PHE A 2858 -58.16 -2.70 14.65
CA PHE A 2858 -59.34 -3.48 14.32
C PHE A 2858 -59.79 -4.25 15.56
N PRO A 2859 -60.54 -3.62 16.45
CA PRO A 2859 -61.06 -4.31 17.63
C PRO A 2859 -62.27 -5.17 17.28
N ASN A 2860 -62.64 -6.02 18.24
CA ASN A 2860 -63.83 -6.86 18.15
C ASN A 2860 -63.78 -7.84 17.00
N ILE A 2861 -62.58 -8.24 16.58
CA ILE A 2861 -62.40 -9.19 15.48
C ILE A 2861 -61.72 -10.43 16.03
N ASP A 2862 -62.23 -11.60 15.64
CA ASP A 2862 -61.69 -12.87 16.10
C ASP A 2862 -60.23 -13.05 15.70
N ARG A 2863 -59.34 -13.12 16.69
CA ARG A 2863 -57.91 -13.26 16.44
C ARG A 2863 -57.46 -14.71 16.43
N GLU A 2864 -58.37 -15.64 16.16
CA GLU A 2864 -58.02 -17.05 16.00
C GLU A 2864 -58.48 -17.65 14.69
N LYS A 2865 -59.62 -17.23 14.15
CA LYS A 2865 -60.03 -17.58 12.80
C LYS A 2865 -59.25 -16.77 11.76
N ALA A 2866 -58.95 -15.50 12.05
CA ALA A 2866 -58.15 -14.67 11.17
C ALA A 2866 -56.66 -14.70 11.50
N MET A 2867 -56.23 -15.41 12.53
CA MET A 2867 -54.84 -15.46 12.92
C MET A 2867 -54.45 -16.88 13.31
N SER A 2868 -53.29 -17.31 12.85
CA SER A 2868 -52.72 -18.59 13.24
C SER A 2868 -51.21 -18.45 13.21
N ARG A 2869 -50.53 -19.40 13.86
CA ARG A 2869 -49.08 -19.39 13.78
C ARG A 2869 -48.62 -19.66 12.36
N PRO A 2870 -49.15 -20.68 11.65
CA PRO A 2870 -48.84 -20.80 10.23
C PRO A 2870 -49.78 -19.99 9.35
N ILE A 2871 -49.25 -19.00 8.64
CA ILE A 2871 -50.02 -18.18 7.70
C ILE A 2871 -49.33 -18.31 6.35
N LEU A 2872 -49.81 -19.22 5.52
CA LEU A 2872 -49.17 -19.55 4.25
C LEU A 2872 -50.16 -19.32 3.12
N TYR A 2873 -49.74 -18.56 2.13
CA TYR A 2873 -50.55 -18.27 0.95
C TYR A 2873 -49.87 -18.78 -0.31
N SER A 2874 -50.66 -19.37 -1.20
CA SER A 2874 -50.15 -19.85 -2.48
C SER A 2874 -51.34 -20.11 -3.39
N ASN A 2875 -51.08 -20.16 -4.69
CA ASN A 2875 -52.06 -20.56 -5.70
C ASN A 2875 -51.75 -21.93 -6.27
N TRP A 2876 -50.93 -22.71 -5.57
CA TRP A 2876 -50.50 -24.01 -6.09
C TRP A 2876 -51.58 -25.07 -5.94
N LEU A 2877 -52.40 -24.98 -4.89
CA LEU A 2877 -53.49 -25.91 -4.65
C LEU A 2877 -54.84 -25.32 -5.04
N SER A 2878 -54.85 -24.25 -5.81
CA SER A 2878 -56.07 -23.58 -6.22
C SER A 2878 -55.77 -22.80 -7.50
N LYS A 2879 -56.67 -21.89 -7.86
CA LYS A 2879 -56.45 -21.00 -8.99
C LYS A 2879 -56.27 -19.55 -8.56
N ASP A 2880 -56.68 -19.20 -7.34
CA ASP A 2880 -56.42 -17.90 -6.76
C ASP A 2880 -55.36 -18.00 -5.67
N TYR A 2881 -54.74 -16.86 -5.36
CA TYR A 2881 -53.71 -16.78 -4.33
C TYR A 2881 -54.40 -16.74 -2.96
N ILE A 2882 -54.78 -17.92 -2.49
CA ILE A 2882 -55.63 -18.05 -1.29
C ILE A 2882 -54.85 -18.74 -0.18
N PRO A 2883 -55.29 -18.65 1.07
CA PRO A 2883 -54.62 -19.40 2.14
C PRO A 2883 -54.81 -20.89 1.96
N VAL A 2884 -53.83 -21.65 2.46
CA VAL A 2884 -53.81 -23.09 2.28
C VAL A 2884 -53.06 -23.70 3.45
N ASP A 2885 -53.52 -24.87 3.89
CA ASP A 2885 -52.95 -25.54 5.06
C ASP A 2885 -51.51 -25.97 4.80
N GLN A 2886 -50.74 -26.06 5.87
CA GLN A 2886 -49.31 -26.32 5.76
C GLN A 2886 -49.01 -27.77 5.39
N GLU A 2887 -49.84 -28.72 5.82
CA GLU A 2887 -49.53 -30.13 5.59
C GLU A 2887 -49.61 -30.48 4.12
N GLU A 2888 -50.70 -30.08 3.45
CA GLU A 2888 -50.84 -30.33 2.02
C GLU A 2888 -49.77 -29.57 1.24
N LEU A 2889 -49.42 -28.37 1.69
CA LEU A 2889 -48.31 -27.64 1.09
C LEU A 2889 -47.03 -28.46 1.14
N ARG A 2890 -46.72 -29.00 2.32
CA ARG A 2890 -45.49 -29.78 2.48
C ARG A 2890 -45.52 -31.02 1.60
N ASP A 2891 -46.65 -31.71 1.54
CA ASP A 2891 -46.74 -32.90 0.70
C ASP A 2891 -46.56 -32.57 -0.77
N TYR A 2892 -47.20 -31.48 -1.23
CA TYR A 2892 -47.07 -31.08 -2.62
C TYR A 2892 -45.63 -30.69 -2.95
N VAL A 2893 -44.97 -29.98 -2.02
CA VAL A 2893 -43.59 -29.58 -2.26
C VAL A 2893 -42.67 -30.80 -2.23
N LYS A 2894 -42.96 -31.80 -1.40
CA LYS A 2894 -42.20 -33.04 -1.45
C LYS A 2894 -42.34 -33.72 -2.80
N ALA A 2895 -43.58 -33.79 -3.32
CA ALA A 2895 -43.80 -34.39 -4.63
C ALA A 2895 -43.03 -33.62 -5.70
N ARG A 2896 -43.08 -32.29 -5.64
CA ARG A 2896 -42.39 -31.48 -6.64
C ARG A 2896 -40.88 -31.57 -6.49
N LEU A 2897 -40.36 -31.76 -5.28
CA LEU A 2897 -38.94 -32.02 -5.10
C LEU A 2897 -38.54 -33.33 -5.75
N LYS A 2898 -39.35 -34.38 -5.55
CA LYS A 2898 -39.07 -35.66 -6.21
C LYS A 2898 -39.10 -35.51 -7.73
N VAL A 2899 -40.03 -34.70 -8.24
CA VAL A 2899 -40.10 -34.44 -9.68
C VAL A 2899 -38.86 -33.68 -10.15
N PHE A 2900 -38.49 -32.62 -9.40
CA PHE A 2900 -37.35 -31.79 -9.74
C PHE A 2900 -36.04 -32.58 -9.71
N TYR A 2901 -36.01 -33.67 -8.94
CA TYR A 2901 -34.85 -34.55 -8.93
C TYR A 2901 -34.57 -35.09 -10.34
N GLU A 2902 -35.63 -35.45 -11.07
CA GLU A 2902 -35.45 -36.26 -12.27
C GLU A 2902 -35.02 -35.41 -13.47
N GLU A 2903 -35.89 -34.52 -13.96
CA GLU A 2903 -35.55 -33.85 -15.21
C GLU A 2903 -34.79 -32.55 -14.96
N GLU A 2904 -33.77 -32.63 -14.10
CA GLU A 2904 -32.86 -31.54 -13.79
C GLU A 2904 -31.57 -32.12 -13.22
N LEU A 2905 -30.71 -31.27 -12.67
CA LEU A 2905 -29.57 -31.76 -11.91
C LEU A 2905 -30.06 -32.62 -10.74
N ASP A 2906 -29.43 -33.77 -10.56
CA ASP A 2906 -29.91 -34.79 -9.62
C ASP A 2906 -28.95 -34.86 -8.44
N VAL A 2907 -29.28 -34.15 -7.36
CA VAL A 2907 -28.59 -34.30 -6.09
C VAL A 2907 -29.67 -34.43 -5.01
N PRO A 2908 -29.49 -35.27 -4.01
CA PRO A 2908 -30.52 -35.43 -2.98
C PRO A 2908 -30.71 -34.15 -2.18
N LEU A 2909 -31.98 -33.80 -1.95
CA LEU A 2909 -32.35 -32.63 -1.16
C LEU A 2909 -33.37 -33.04 -0.11
N VAL A 2910 -33.44 -32.26 0.96
CA VAL A 2910 -34.38 -32.51 2.05
C VAL A 2910 -35.25 -31.27 2.22
N LEU A 2911 -36.50 -31.49 2.61
CA LEU A 2911 -37.46 -30.42 2.83
C LEU A 2911 -37.79 -30.33 4.32
N PHE A 2912 -37.42 -29.23 4.94
CA PHE A 2912 -37.83 -28.95 6.31
C PHE A 2912 -38.59 -27.63 6.36
N ASN A 2913 -38.93 -27.19 7.57
CA ASN A 2913 -39.79 -26.01 7.73
C ASN A 2913 -39.14 -24.77 7.13
N GLU A 2914 -37.85 -24.58 7.36
CA GLU A 2914 -37.16 -23.42 6.81
C GLU A 2914 -37.16 -23.44 5.29
N VAL A 2915 -36.91 -24.62 4.69
CA VAL A 2915 -36.92 -24.73 3.25
C VAL A 2915 -38.31 -24.44 2.69
N LEU A 2916 -39.34 -24.95 3.36
CA LEU A 2916 -40.71 -24.70 2.91
C LEU A 2916 -41.04 -23.21 2.95
N ASP A 2917 -40.69 -22.55 4.06
CA ASP A 2917 -40.95 -21.11 4.16
C ASP A 2917 -40.18 -20.36 3.09
N HIS A 2918 -38.91 -20.69 2.88
CA HIS A 2918 -38.12 -19.99 1.87
C HIS A 2918 -38.68 -20.22 0.47
N VAL A 2919 -39.15 -21.44 0.18
CA VAL A 2919 -39.76 -21.72 -1.11
C VAL A 2919 -41.00 -20.85 -1.32
N LEU A 2920 -41.84 -20.76 -0.29
CA LEU A 2920 -43.03 -19.91 -0.41
C LEU A 2920 -42.65 -18.45 -0.57
N ARG A 2921 -41.54 -18.04 0.04
CA ARG A 2921 -41.10 -16.65 -0.08
C ARG A 2921 -40.61 -16.33 -1.49
N ILE A 2922 -39.84 -17.25 -2.08
CA ILE A 2922 -39.45 -17.08 -3.48
C ILE A 2922 -40.67 -17.09 -4.38
N ASP A 2923 -41.65 -17.94 -4.06
CA ASP A 2923 -42.89 -17.96 -4.84
C ASP A 2923 -43.60 -16.61 -4.78
N ARG A 2924 -43.70 -16.05 -3.58
CA ARG A 2924 -44.37 -14.77 -3.43
C ARG A 2924 -43.63 -13.66 -4.18
N ILE A 2925 -42.30 -13.63 -4.08
CA ILE A 2925 -41.56 -12.58 -4.76
C ILE A 2925 -41.61 -12.77 -6.28
N PHE A 2926 -41.81 -14.01 -6.72
CA PHE A 2926 -41.87 -14.26 -8.16
C PHE A 2926 -43.22 -13.91 -8.78
N ARG A 2927 -44.29 -13.84 -7.99
CA ARG A 2927 -45.60 -13.45 -8.51
C ARG A 2927 -45.94 -12.00 -8.19
N GLN A 2928 -45.00 -11.25 -7.62
CA GLN A 2928 -45.18 -9.82 -7.43
C GLN A 2928 -44.50 -9.04 -8.53
N PRO A 2929 -45.20 -8.08 -9.14
CA PRO A 2929 -44.59 -7.29 -10.21
C PRO A 2929 -43.34 -6.57 -9.71
N GLN A 2930 -42.31 -6.54 -10.55
CA GLN A 2930 -41.00 -6.01 -10.19
C GLN A 2930 -40.55 -6.68 -8.90
N GLY A 2931 -40.71 -8.00 -8.83
CA GLY A 2931 -40.32 -8.72 -7.62
C GLY A 2931 -38.82 -9.01 -7.63
N HIS A 2932 -38.12 -8.45 -6.64
CA HIS A 2932 -36.68 -8.64 -6.51
C HIS A 2932 -36.37 -8.98 -5.07
N LEU A 2933 -35.54 -10.00 -4.86
CA LEU A 2933 -35.26 -10.51 -3.53
C LEU A 2933 -33.75 -10.67 -3.34
N LEU A 2934 -33.32 -10.50 -2.08
CA LEU A 2934 -31.93 -10.62 -1.70
C LEU A 2934 -31.82 -11.70 -0.62
N LEU A 2935 -31.34 -12.88 -1.01
CA LEU A 2935 -31.17 -13.98 -0.07
C LEU A 2935 -29.82 -13.81 0.63
N ILE A 2936 -29.86 -13.34 1.88
CA ILE A 2936 -28.66 -13.09 2.66
C ILE A 2936 -28.55 -14.15 3.75
N GLY A 2937 -27.36 -14.71 3.91
CA GLY A 2937 -27.15 -15.73 4.91
C GLY A 2937 -25.79 -16.39 4.73
N VAL A 2938 -25.62 -17.50 5.44
CA VAL A 2938 -24.37 -18.25 5.39
C VAL A 2938 -24.20 -18.90 4.02
N SER A 2939 -22.96 -18.90 3.53
CA SER A 2939 -22.67 -19.53 2.25
C SER A 2939 -22.81 -21.04 2.34
N GLY A 2940 -23.17 -21.64 1.20
CA GLY A 2940 -23.33 -23.07 1.13
C GLY A 2940 -24.46 -23.61 1.99
N ALA A 2941 -25.63 -22.97 1.93
CA ALA A 2941 -26.75 -23.35 2.76
C ALA A 2941 -28.04 -23.62 1.98
N GLY A 2942 -28.08 -23.31 0.68
CA GLY A 2942 -29.27 -23.55 -0.12
C GLY A 2942 -29.77 -22.34 -0.89
N LYS A 2943 -29.03 -21.24 -0.96
CA LYS A 2943 -29.52 -20.06 -1.65
C LYS A 2943 -29.78 -20.34 -3.12
N THR A 2944 -28.72 -20.68 -3.85
CA THR A 2944 -28.85 -20.92 -5.29
C THR A 2944 -29.77 -22.10 -5.58
N THR A 2945 -29.64 -23.18 -4.81
CA THR A 2945 -30.44 -24.38 -5.07
C THR A 2945 -31.93 -24.09 -4.90
N LEU A 2946 -32.30 -23.47 -3.78
CA LEU A 2946 -33.71 -23.15 -3.56
C LEU A 2946 -34.23 -22.15 -4.58
N SER A 2947 -33.44 -21.14 -4.91
CA SER A 2947 -33.89 -20.16 -5.90
C SER A 2947 -34.15 -20.82 -7.24
N ARG A 2948 -33.20 -21.62 -7.72
CA ARG A 2948 -33.39 -22.30 -9.00
C ARG A 2948 -34.55 -23.28 -8.95
N PHE A 2949 -34.72 -23.98 -7.82
CA PHE A 2949 -35.82 -24.93 -7.71
C PHE A 2949 -37.17 -24.24 -7.77
N VAL A 2950 -37.32 -23.11 -7.08
CA VAL A 2950 -38.58 -22.40 -7.10
C VAL A 2950 -38.84 -21.82 -8.49
N ALA A 2951 -37.80 -21.27 -9.12
CA ALA A 2951 -37.97 -20.74 -10.47
C ALA A 2951 -38.40 -21.83 -11.44
N TRP A 2952 -37.81 -23.02 -11.32
CA TRP A 2952 -38.24 -24.15 -12.14
C TRP A 2952 -39.67 -24.55 -11.84
N MET A 2953 -40.08 -24.51 -10.57
CA MET A 2953 -41.46 -24.84 -10.23
C MET A 2953 -42.42 -23.86 -10.88
N ASN A 2954 -42.09 -22.57 -10.89
CA ASN A 2954 -42.94 -21.55 -11.47
C ASN A 2954 -42.69 -21.36 -12.95
N GLY A 2955 -41.85 -22.19 -13.56
CA GLY A 2955 -41.60 -22.11 -14.99
C GLY A 2955 -40.88 -20.87 -15.45
N LEU A 2956 -39.84 -20.45 -14.73
CA LEU A 2956 -39.03 -19.32 -15.11
C LEU A 2956 -37.67 -19.80 -15.59
N SER A 2957 -37.25 -19.34 -16.77
CA SER A 2957 -35.96 -19.71 -17.33
C SER A 2957 -34.86 -19.09 -16.48
N VAL A 2958 -34.16 -19.94 -15.70
CA VAL A 2958 -33.12 -19.45 -14.82
C VAL A 2958 -31.94 -18.96 -15.65
N TYR A 2959 -31.49 -17.75 -15.36
CA TYR A 2959 -30.30 -17.19 -15.99
C TYR A 2959 -29.32 -16.74 -14.93
N GLN A 2960 -28.04 -16.98 -15.18
CA GLN A 2960 -26.97 -16.60 -14.27
C GLN A 2960 -25.84 -15.96 -15.06
N ILE A 2961 -25.12 -15.04 -14.42
CA ILE A 2961 -23.98 -14.38 -15.05
C ILE A 2961 -22.73 -15.21 -14.80
N LYS A 2962 -22.05 -15.60 -15.87
CA LYS A 2962 -20.82 -16.37 -15.78
C LYS A 2962 -19.69 -15.46 -15.29
N VAL A 2963 -18.93 -15.94 -14.32
CA VAL A 2963 -17.81 -15.19 -13.76
C VAL A 2963 -16.54 -15.65 -14.46
N HIS A 2964 -15.85 -14.72 -15.10
CA HIS A 2964 -14.64 -15.05 -15.84
C HIS A 2964 -13.54 -14.06 -15.52
N ARG A 2965 -12.30 -14.55 -15.56
CA ARG A 2965 -11.13 -13.75 -15.21
C ARG A 2965 -11.00 -12.55 -16.15
N LYS A 2966 -10.61 -11.41 -15.59
CA LYS A 2966 -10.70 -10.11 -16.25
C LYS A 2966 -12.06 -9.94 -16.93
N TYR A 2967 -13.10 -9.85 -16.09
CA TYR A 2967 -14.44 -9.66 -16.60
C TYR A 2967 -14.59 -8.22 -17.07
N THR A 2968 -15.17 -8.05 -18.26
CA THR A 2968 -15.30 -6.74 -18.91
C THR A 2968 -16.71 -6.22 -18.73
N GLY A 2969 -16.82 -4.92 -18.44
CA GLY A 2969 -18.12 -4.32 -18.23
C GLY A 2969 -19.00 -4.35 -19.47
N GLU A 2970 -18.41 -4.25 -20.66
CA GLU A 2970 -19.18 -4.33 -21.89
C GLU A 2970 -19.85 -5.69 -22.03
N ASP A 2971 -19.20 -6.74 -21.56
CA ASP A 2971 -19.83 -8.05 -21.53
C ASP A 2971 -21.07 -8.03 -20.63
N PHE A 2972 -20.97 -7.37 -19.48
CA PHE A 2972 -22.13 -7.26 -18.61
C PHE A 2972 -23.25 -6.47 -19.28
N ASP A 2973 -22.89 -5.40 -20.00
CA ASP A 2973 -23.90 -4.63 -20.71
C ASP A 2973 -24.61 -5.46 -21.77
N GLU A 2974 -23.85 -6.26 -22.53
CA GLU A 2974 -24.48 -7.08 -23.56
C GLU A 2974 -25.33 -8.19 -22.94
N ASP A 2975 -24.90 -8.74 -21.79
CA ASP A 2975 -25.73 -9.71 -21.11
C ASP A 2975 -27.04 -9.09 -20.63
N LEU A 2976 -26.97 -7.86 -20.09
CA LEU A 2976 -28.20 -7.17 -19.71
C LEU A 2976 -29.07 -6.91 -20.93
N ARG A 2977 -28.47 -6.55 -22.06
CA ARG A 2977 -29.24 -6.32 -23.27
C ARG A 2977 -29.98 -7.58 -23.69
N THR A 2978 -29.28 -8.72 -23.65
CA THR A 2978 -29.92 -9.99 -24.01
C THR A 2978 -31.05 -10.33 -23.05
N VAL A 2979 -30.82 -10.14 -21.75
CA VAL A 2979 -31.84 -10.49 -20.75
C VAL A 2979 -33.07 -9.61 -20.93
N LEU A 2980 -32.86 -8.30 -21.11
CA LEU A 2980 -33.96 -7.38 -21.30
C LEU A 2980 -34.73 -7.71 -22.57
N ARG A 2981 -34.02 -8.02 -23.66
CA ARG A 2981 -34.68 -8.34 -24.92
C ARG A 2981 -35.51 -9.61 -24.79
N ARG A 2982 -34.98 -10.63 -24.11
CA ARG A 2982 -35.73 -11.87 -23.94
C ARG A 2982 -36.93 -11.68 -23.02
N SER A 2983 -36.80 -10.84 -21.99
CA SER A 2983 -37.89 -10.69 -21.03
C SER A 2983 -38.98 -9.76 -21.54
N GLY A 2984 -38.64 -8.50 -21.78
CA GLY A 2984 -39.66 -7.53 -22.16
C GLY A 2984 -40.29 -7.81 -23.51
N CYS A 2985 -39.46 -8.14 -24.51
CA CYS A 2985 -39.96 -8.31 -25.86
C CYS A 2985 -40.60 -9.68 -26.06
N LYS A 2986 -39.83 -10.75 -25.82
CA LYS A 2986 -40.29 -12.10 -26.06
C LYS A 2986 -41.25 -12.61 -24.98
N ASN A 2987 -41.55 -11.79 -23.97
CA ASN A 2987 -42.49 -12.15 -22.90
C ASN A 2987 -42.05 -13.42 -22.18
N GLU A 2988 -40.74 -13.56 -21.99
CA GLU A 2988 -40.16 -14.71 -21.31
C GLU A 2988 -39.89 -14.34 -19.85
N LYS A 2989 -40.38 -15.16 -18.94
CA LYS A 2989 -40.22 -14.92 -17.50
C LYS A 2989 -38.87 -15.49 -17.08
N ILE A 2990 -37.97 -14.60 -16.67
CA ILE A 2990 -36.59 -14.95 -16.36
C ILE A 2990 -36.30 -14.59 -14.91
N ALA A 2991 -35.76 -15.55 -14.16
CA ALA A 2991 -35.23 -15.28 -12.84
C ALA A 2991 -33.72 -15.04 -12.96
N PHE A 2992 -33.26 -13.93 -12.40
CA PHE A 2992 -31.87 -13.50 -12.53
C PHE A 2992 -31.19 -13.62 -11.17
N ILE A 2993 -30.09 -14.37 -11.12
CA ILE A 2993 -29.45 -14.76 -9.86
C ILE A 2993 -27.99 -14.33 -9.90
N MET A 2994 -27.53 -13.71 -8.81
CA MET A 2994 -26.13 -13.35 -8.67
C MET A 2994 -25.61 -13.73 -7.29
N ASP A 2995 -24.28 -13.82 -7.20
CA ASP A 2995 -23.59 -14.24 -6.00
C ASP A 2995 -22.44 -13.28 -5.73
N GLU A 2996 -21.80 -13.43 -4.57
CA GLU A 2996 -20.67 -12.57 -4.22
C GLU A 2996 -19.50 -12.73 -5.19
N SER A 2997 -19.47 -13.83 -5.94
CA SER A 2997 -18.40 -14.02 -6.92
C SER A 2997 -18.49 -13.06 -8.09
N ASN A 2998 -19.64 -12.42 -8.29
CA ASN A 2998 -19.83 -11.53 -9.43
C ASN A 2998 -20.25 -10.11 -9.07
N VAL A 2999 -20.71 -9.87 -7.84
CA VAL A 2999 -21.13 -8.53 -7.44
C VAL A 2999 -19.93 -7.75 -6.92
N LEU A 3000 -18.73 -8.30 -7.10
CA LEU A 3000 -17.52 -7.69 -6.58
C LEU A 3000 -17.18 -6.37 -7.27
N ASP A 3001 -17.83 -6.04 -8.38
CA ASP A 3001 -17.62 -4.78 -9.08
C ASP A 3001 -18.82 -3.88 -8.84
N SER A 3002 -18.57 -2.74 -8.18
CA SER A 3002 -19.66 -1.84 -7.80
C SER A 3002 -20.34 -1.20 -9.00
N GLY A 3003 -19.66 -1.13 -10.14
CA GLY A 3003 -20.29 -0.57 -11.32
C GLY A 3003 -21.51 -1.35 -11.75
N PHE A 3004 -21.45 -2.67 -11.68
CA PHE A 3004 -22.61 -3.49 -12.02
C PHE A 3004 -23.77 -3.19 -11.09
N LEU A 3005 -23.51 -3.06 -9.79
CA LEU A 3005 -24.56 -2.79 -8.82
C LEU A 3005 -25.19 -1.42 -9.05
N GLU A 3006 -24.35 -0.40 -9.26
CA GLU A 3006 -24.87 0.94 -9.48
C GLU A 3006 -25.62 1.05 -10.80
N ARG A 3007 -25.27 0.23 -11.79
CA ARG A 3007 -26.05 0.16 -13.02
C ARG A 3007 -27.38 -0.56 -12.82
N MET A 3008 -27.41 -1.65 -12.05
CA MET A 3008 -28.65 -2.41 -11.92
C MET A 3008 -29.59 -1.81 -10.88
N ASN A 3009 -29.11 -0.85 -10.08
CA ASN A 3009 -30.04 -0.13 -9.21
C ASN A 3009 -31.12 0.57 -10.03
N THR A 3010 -30.75 1.07 -11.21
CA THR A 3010 -31.73 1.74 -12.07
C THR A 3010 -32.83 0.78 -12.49
N LEU A 3011 -32.46 -0.45 -12.88
CA LEU A 3011 -33.47 -1.41 -13.30
C LEU A 3011 -34.23 -2.00 -12.11
N LEU A 3012 -33.60 -2.06 -10.94
CA LEU A 3012 -34.32 -2.52 -9.76
C LEU A 3012 -35.36 -1.51 -9.32
N ALA A 3013 -35.07 -0.22 -9.52
CA ALA A 3013 -36.01 0.82 -9.10
C ALA A 3013 -37.09 1.05 -10.15
N ASN A 3014 -36.70 1.21 -11.41
CA ASN A 3014 -37.62 1.62 -12.47
C ASN A 3014 -37.98 0.50 -13.44
N GLY A 3015 -37.32 -0.66 -13.35
CA GLY A 3015 -37.56 -1.71 -14.31
C GLY A 3015 -37.03 -1.41 -15.70
N GLU A 3016 -36.09 -0.48 -15.81
CA GLU A 3016 -35.55 -0.08 -17.10
C GLU A 3016 -34.13 0.42 -16.90
N VAL A 3017 -33.36 0.39 -17.98
CA VAL A 3017 -32.00 0.90 -17.96
C VAL A 3017 -31.85 1.98 -19.02
N PRO A 3018 -31.94 3.26 -18.66
CA PRO A 3018 -31.75 4.32 -19.65
C PRO A 3018 -30.30 4.40 -20.08
N GLY A 3019 -30.12 4.85 -21.33
CA GLY A 3019 -28.78 4.96 -21.89
C GLY A 3019 -28.13 3.64 -22.22
N LEU A 3020 -28.91 2.57 -22.34
CA LEU A 3020 -28.40 1.25 -22.69
C LEU A 3020 -28.81 0.82 -24.10
N PHE A 3021 -30.02 1.18 -24.52
CA PHE A 3021 -30.55 0.81 -25.82
C PHE A 3021 -30.57 2.05 -26.70
N GLU A 3022 -29.55 2.19 -27.55
CA GLU A 3022 -29.36 3.40 -28.34
C GLU A 3022 -28.95 3.02 -29.76
N GLY A 3023 -29.30 3.88 -30.71
CA GLY A 3023 -28.85 3.71 -32.08
C GLY A 3023 -29.38 2.44 -32.72
N ASP A 3024 -28.46 1.65 -33.28
CA ASP A 3024 -28.84 0.42 -33.97
C ASP A 3024 -29.49 -0.58 -33.04
N GLU A 3025 -28.95 -0.71 -31.82
CA GLU A 3025 -29.56 -1.59 -30.82
C GLU A 3025 -30.97 -1.12 -30.50
N TYR A 3026 -31.14 0.20 -30.37
CA TYR A 3026 -32.45 0.77 -30.08
C TYR A 3026 -33.45 0.44 -31.20
N ALA A 3027 -33.03 0.60 -32.46
CA ALA A 3027 -33.91 0.32 -33.59
C ALA A 3027 -34.25 -1.16 -33.66
N THR A 3028 -33.27 -2.04 -33.45
CA THR A 3028 -33.54 -3.47 -33.50
C THR A 3028 -34.51 -3.88 -32.40
N LEU A 3029 -34.28 -3.40 -31.18
CA LEU A 3029 -35.21 -3.69 -30.09
C LEU A 3029 -36.60 -3.14 -30.41
N MET A 3030 -36.66 -2.00 -31.09
CA MET A 3030 -37.97 -1.43 -31.41
C MET A 3030 -38.71 -2.27 -32.44
N THR A 3031 -37.99 -2.78 -33.45
CA THR A 3031 -38.63 -3.68 -34.41
C THR A 3031 -39.15 -4.93 -33.72
N GLN A 3032 -38.31 -5.56 -32.88
CA GLN A 3032 -38.75 -6.76 -32.19
C GLN A 3032 -39.86 -6.47 -31.19
N CYS A 3033 -39.86 -5.29 -30.57
CA CYS A 3033 -40.89 -4.95 -29.61
C CYS A 3033 -42.22 -4.67 -30.30
N LYS A 3034 -42.18 -4.07 -31.49
CA LYS A 3034 -43.38 -3.94 -32.29
C LYS A 3034 -43.92 -5.31 -32.69
N GLU A 3035 -43.01 -6.22 -33.07
CA GLU A 3035 -43.43 -7.59 -33.36
C GLU A 3035 -44.13 -8.22 -32.16
N GLY A 3036 -43.54 -8.05 -30.98
CA GLY A 3036 -44.15 -8.62 -29.77
C GLY A 3036 -45.47 -7.98 -29.42
N ALA A 3037 -45.59 -6.66 -29.62
CA ALA A 3037 -46.85 -5.98 -29.36
C ALA A 3037 -47.95 -6.47 -30.30
N GLN A 3038 -47.62 -6.67 -31.57
CA GLN A 3038 -48.59 -7.27 -32.49
C GLN A 3038 -48.91 -8.71 -32.07
N LYS A 3039 -47.92 -9.45 -31.59
CA LYS A 3039 -48.14 -10.83 -31.16
C LYS A 3039 -49.13 -10.88 -30.01
N GLU A 3040 -48.97 -9.99 -29.02
CA GLU A 3040 -49.90 -9.95 -27.90
C GLU A 3040 -51.29 -9.52 -28.35
N GLY A 3041 -51.37 -8.60 -29.29
CA GLY A 3041 -52.63 -8.05 -29.75
C GLY A 3041 -52.77 -6.55 -29.62
N LEU A 3042 -51.67 -5.82 -29.48
CA LEU A 3042 -51.71 -4.37 -29.34
C LEU A 3042 -51.60 -3.69 -30.69
N MET A 3043 -52.28 -2.55 -30.82
CA MET A 3043 -52.16 -1.68 -31.98
C MET A 3043 -50.99 -0.71 -31.84
N LEU A 3044 -50.24 -0.79 -30.74
CA LEU A 3044 -49.20 0.18 -30.46
C LEU A 3044 -48.09 0.13 -31.50
N ASP A 3045 -47.75 1.29 -32.06
CA ASP A 3045 -46.68 1.39 -33.05
C ASP A 3045 -45.77 2.59 -32.85
N SER A 3046 -46.04 3.44 -31.87
CA SER A 3046 -45.19 4.61 -31.60
C SER A 3046 -43.98 4.16 -30.80
N HIS A 3047 -42.81 4.72 -31.13
CA HIS A 3047 -41.57 4.25 -30.53
C HIS A 3047 -41.55 4.46 -29.02
N GLU A 3048 -41.81 5.67 -28.56
CA GLU A 3048 -41.67 5.97 -27.13
C GLU A 3048 -42.65 5.12 -26.30
N GLU A 3049 -43.88 5.01 -26.76
CA GLU A 3049 -44.85 4.17 -26.05
C GLU A 3049 -44.51 2.70 -26.17
N LEU A 3050 -43.88 2.28 -27.27
CA LEU A 3050 -43.41 0.90 -27.37
C LEU A 3050 -42.33 0.63 -26.34
N TYR A 3051 -41.41 1.57 -26.13
CA TYR A 3051 -40.40 1.42 -25.09
C TYR A 3051 -41.05 1.38 -23.71
N LYS A 3052 -42.08 2.21 -23.50
CA LYS A 3052 -42.80 2.17 -22.23
C LYS A 3052 -43.43 0.80 -22.00
N TRP A 3053 -44.04 0.24 -23.04
CA TRP A 3053 -44.65 -1.09 -22.92
C TRP A 3053 -43.60 -2.16 -22.68
N PHE A 3054 -42.43 -2.01 -23.30
CA PHE A 3054 -41.31 -2.91 -23.05
C PHE A 3054 -40.89 -2.86 -21.58
N THR A 3055 -40.81 -1.64 -21.03
CA THR A 3055 -40.46 -1.50 -19.62
C THR A 3055 -41.51 -2.12 -18.72
N SER A 3056 -42.79 -1.94 -19.05
CA SER A 3056 -43.85 -2.56 -18.24
C SER A 3056 -43.78 -4.08 -18.29
N GLN A 3057 -43.49 -4.64 -19.48
CA GLN A 3057 -43.34 -6.08 -19.59
C GLN A 3057 -42.13 -6.58 -18.80
N VAL A 3058 -41.05 -5.79 -18.78
CA VAL A 3058 -39.90 -6.14 -17.95
C VAL A 3058 -40.28 -6.14 -16.48
N ILE A 3059 -41.09 -5.15 -16.08
CA ILE A 3059 -41.56 -5.09 -14.70
C ILE A 3059 -42.36 -6.34 -14.37
N ARG A 3060 -43.25 -6.74 -15.27
CA ARG A 3060 -44.13 -7.88 -15.01
C ARG A 3060 -43.40 -9.22 -15.06
N ASN A 3061 -42.36 -9.35 -15.88
CA ASN A 3061 -41.74 -10.64 -16.15
C ASN A 3061 -40.40 -10.84 -15.47
N LEU A 3062 -39.50 -9.86 -15.54
CA LEU A 3062 -38.14 -10.04 -15.08
C LEU A 3062 -38.08 -9.95 -13.55
N HIS A 3063 -37.40 -10.91 -12.93
CA HIS A 3063 -37.16 -10.92 -11.50
C HIS A 3063 -35.67 -11.12 -11.24
N VAL A 3064 -35.15 -10.44 -10.23
CA VAL A 3064 -33.74 -10.49 -9.88
C VAL A 3064 -33.60 -11.02 -8.46
N VAL A 3065 -32.75 -12.02 -8.28
CA VAL A 3065 -32.52 -12.65 -6.99
C VAL A 3065 -31.05 -12.49 -6.61
N PHE A 3066 -30.79 -12.03 -5.40
CA PHE A 3066 -29.44 -11.78 -4.92
C PHE A 3066 -29.08 -12.76 -3.82
N THR A 3067 -27.81 -13.14 -3.79
CA THR A 3067 -27.27 -14.05 -2.78
C THR A 3067 -26.01 -13.44 -2.20
N MET A 3068 -25.95 -13.34 -0.88
CA MET A 3068 -24.79 -12.71 -0.24
C MET A 3068 -24.65 -13.25 1.18
N ASN A 3069 -23.46 -13.04 1.74
CA ASN A 3069 -23.04 -13.35 3.11
C ASN A 3069 -22.85 -12.07 3.90
N PRO A 3070 -23.27 -12.04 5.18
CA PRO A 3070 -23.15 -10.85 6.02
C PRO A 3070 -21.71 -10.40 6.23
N ALA A 3080 -19.76 -2.19 2.89
CA ALA A 3080 -19.29 -2.27 1.51
C ALA A 3080 -20.45 -2.26 0.53
N THR A 3081 -21.55 -2.91 0.92
CA THR A 3081 -22.75 -2.98 0.10
C THR A 3081 -23.62 -1.76 0.38
N SER A 3082 -23.98 -1.03 -0.67
CA SER A 3082 -24.76 0.19 -0.51
C SER A 3082 -26.16 -0.14 0.01
N PRO A 3083 -26.71 0.69 0.89
CA PRO A 3083 -28.09 0.46 1.36
C PRO A 3083 -29.13 0.66 0.28
N ALA A 3084 -28.79 1.31 -0.84
CA ALA A 3084 -29.73 1.44 -1.94
C ALA A 3084 -30.10 0.07 -2.50
N LEU A 3085 -29.11 -0.82 -2.63
CA LEU A 3085 -29.40 -2.20 -3.01
C LEU A 3085 -30.29 -2.88 -1.98
N PHE A 3086 -30.02 -2.65 -0.70
CA PHE A 3086 -30.80 -3.29 0.36
C PHE A 3086 -32.26 -2.87 0.30
N ASN A 3087 -32.52 -1.59 0.02
CA ASN A 3087 -33.88 -1.08 0.03
C ASN A 3087 -34.62 -1.29 -1.28
N ARG A 3088 -33.90 -1.33 -2.41
CA ARG A 3088 -34.56 -1.48 -3.70
C ARG A 3088 -35.23 -2.84 -3.87
N CYS A 3089 -34.70 -3.88 -3.24
CA CYS A 3089 -35.25 -5.22 -3.32
C CYS A 3089 -35.67 -5.71 -1.95
N VAL A 3090 -36.37 -6.84 -1.94
CA VAL A 3090 -36.87 -7.43 -0.71
C VAL A 3090 -35.74 -8.24 -0.08
N LEU A 3091 -35.72 -8.30 1.25
CA LEU A 3091 -34.70 -9.01 2.00
C LEU A 3091 -35.30 -10.22 2.69
N ASN A 3092 -34.60 -11.35 2.60
CA ASN A 3092 -35.01 -12.58 3.26
C ASN A 3092 -33.80 -13.22 3.91
N TRP A 3093 -33.78 -13.25 5.24
CA TRP A 3093 -32.67 -13.83 5.97
C TRP A 3093 -32.64 -15.34 5.76
N PHE A 3094 -31.43 -15.88 5.59
CA PHE A 3094 -31.22 -17.28 5.24
C PHE A 3094 -30.16 -17.88 6.13
N GLY A 3095 -30.33 -17.70 7.44
CA GLY A 3095 -29.34 -18.11 8.43
C GLY A 3095 -29.00 -19.59 8.45
N ASP A 3096 -28.11 -19.97 9.36
CA ASP A 3096 -27.63 -21.34 9.48
C ASP A 3096 -28.77 -22.34 9.65
N TRP A 3097 -28.55 -23.58 9.25
CA TRP A 3097 -29.54 -24.63 9.42
C TRP A 3097 -29.80 -24.86 10.91
N SER A 3098 -31.07 -24.96 11.27
CA SER A 3098 -31.43 -25.17 12.66
C SER A 3098 -31.06 -26.59 13.09
N THR A 3099 -31.16 -26.83 14.40
CA THR A 3099 -30.88 -28.15 14.94
C THR A 3099 -31.84 -29.18 14.37
N GLU A 3100 -33.13 -28.82 14.28
CA GLU A 3100 -34.11 -29.72 13.68
C GLU A 3100 -33.79 -29.98 12.22
N ALA A 3101 -33.32 -28.97 11.50
CA ALA A 3101 -32.95 -29.16 10.10
C ALA A 3101 -31.81 -30.17 9.97
N LEU A 3102 -30.79 -30.04 10.81
CA LEU A 3102 -29.68 -30.99 10.79
C LEU A 3102 -30.15 -32.39 11.15
N TYR A 3103 -31.06 -32.48 12.13
CA TYR A 3103 -31.60 -33.79 12.50
C TYR A 3103 -32.31 -34.44 11.33
N GLN A 3104 -33.13 -33.68 10.61
CA GLN A 3104 -33.86 -34.24 9.48
C GLN A 3104 -32.92 -34.61 8.34
N VAL A 3105 -31.88 -33.81 8.10
CA VAL A 3105 -30.90 -34.16 7.08
C VAL A 3105 -30.23 -35.48 7.43
N GLY A 3106 -29.80 -35.62 8.68
CA GLY A 3106 -29.16 -36.86 9.11
C GLY A 3106 -30.10 -38.05 9.01
N LYS A 3107 -31.36 -37.86 9.39
CA LYS A 3107 -32.33 -38.94 9.33
C LYS A 3107 -32.56 -39.37 7.88
N GLU A 3108 -32.62 -38.42 6.96
CA GLU A 3108 -32.95 -38.77 5.58
C GLU A 3108 -31.75 -39.40 4.87
N PHE A 3109 -30.58 -38.75 4.95
CA PHE A 3109 -29.42 -39.24 4.21
C PHE A 3109 -28.86 -40.56 4.75
N THR A 3110 -29.20 -40.95 5.96
CA THR A 3110 -28.77 -42.23 6.51
C THR A 3110 -29.84 -43.30 6.42
N SER A 3111 -30.94 -43.03 5.70
CA SER A 3111 -32.00 -44.03 5.57
C SER A 3111 -31.56 -45.26 4.80
N LYS A 3112 -30.59 -45.11 3.89
CA LYS A 3112 -30.07 -46.23 3.10
C LYS A 3112 -28.95 -46.98 3.82
N MET A 3113 -28.90 -46.89 5.15
CA MET A 3113 -27.88 -47.52 5.97
C MET A 3113 -28.55 -48.30 7.09
N ASP A 3114 -27.84 -49.30 7.61
CA ASP A 3114 -28.47 -50.24 8.53
C ASP A 3114 -28.79 -49.58 9.86
N LEU A 3115 -27.76 -49.23 10.63
CA LEU A 3115 -27.91 -48.50 11.91
C LEU A 3115 -29.07 -49.04 12.75
N GLU A 3116 -29.21 -50.36 12.81
CA GLU A 3116 -30.28 -51.00 13.56
C GLU A 3116 -29.69 -51.92 14.61
N LYS A 3117 -30.08 -51.70 15.87
CA LYS A 3117 -29.71 -52.57 16.98
C LYS A 3117 -30.97 -52.84 17.79
N PRO A 3118 -31.63 -53.98 17.56
CA PRO A 3118 -32.89 -54.26 18.27
C PRO A 3118 -32.71 -54.40 19.78
N ASN A 3119 -31.50 -54.66 20.25
CA ASN A 3119 -31.23 -54.78 21.68
C ASN A 3119 -30.50 -53.55 22.21
N TYR A 3120 -30.61 -52.42 21.50
CA TYR A 3120 -29.95 -51.19 21.91
C TYR A 3120 -30.65 -50.64 23.15
N ILE A 3121 -29.93 -50.65 24.28
CA ILE A 3121 -30.47 -50.13 25.53
C ILE A 3121 -30.49 -48.61 25.48
N VAL A 3122 -31.57 -48.02 25.97
CA VAL A 3122 -31.72 -46.56 25.99
C VAL A 3122 -30.99 -46.03 27.21
N PRO A 3123 -29.98 -45.18 27.04
CA PRO A 3123 -29.25 -44.65 28.20
C PRO A 3123 -30.06 -43.58 28.92
N ASP A 3124 -30.21 -43.76 30.23
CA ASP A 3124 -30.84 -42.74 31.04
C ASP A 3124 -29.97 -41.48 31.09
N TYR A 3125 -30.62 -40.34 31.21
CA TYR A 3125 -29.96 -39.03 31.13
C TYR A 3125 -29.23 -38.91 29.80
N MET A 3126 -30.03 -38.90 28.73
CA MET A 3126 -29.49 -38.77 27.38
C MET A 3126 -29.05 -37.33 27.15
N PRO A 3127 -27.77 -37.06 26.88
CA PRO A 3127 -27.36 -35.69 26.56
C PRO A 3127 -27.88 -35.26 25.20
N VAL A 3128 -29.19 -35.08 25.10
CA VAL A 3128 -29.83 -34.79 23.83
C VAL A 3128 -29.63 -33.33 23.46
N VAL A 3129 -29.38 -33.07 22.17
CA VAL A 3129 -29.23 -31.72 21.66
C VAL A 3129 -30.40 -31.31 20.77
N TYR A 3130 -31.15 -32.27 20.23
CA TYR A 3130 -32.33 -31.99 19.42
C TYR A 3130 -33.55 -32.14 20.31
N ASP A 3131 -34.24 -31.01 20.56
CA ASP A 3131 -35.30 -30.95 21.56
C ASP A 3131 -36.54 -31.76 21.21
N LYS A 3132 -36.57 -32.45 20.06
CA LYS A 3132 -37.74 -33.23 19.67
C LYS A 3132 -37.37 -34.68 19.36
N LEU A 3133 -36.39 -35.22 20.06
CA LEU A 3133 -35.99 -36.61 19.84
C LEU A 3133 -37.10 -37.53 20.35
N PRO A 3134 -37.56 -38.48 19.54
CA PRO A 3134 -38.64 -39.37 19.98
C PRO A 3134 -38.25 -40.19 21.21
N GLN A 3135 -39.24 -40.42 22.07
CA GLN A 3135 -39.04 -41.17 23.30
C GLN A 3135 -39.79 -42.50 23.19
N PRO A 3136 -39.09 -43.65 23.29
CA PRO A 3136 -37.65 -43.80 23.50
C PRO A 3136 -36.86 -43.68 22.21
N PRO A 3137 -35.63 -43.14 22.30
CA PRO A 3137 -34.81 -43.00 21.08
C PRO A 3137 -34.31 -44.34 20.58
N SER A 3138 -34.55 -44.60 19.30
CA SER A 3138 -34.00 -45.79 18.67
C SER A 3138 -32.53 -45.57 18.34
N HIS A 3139 -31.89 -46.62 17.80
CA HIS A 3139 -30.47 -46.53 17.47
C HIS A 3139 -30.23 -45.50 16.38
N ARG A 3140 -31.06 -45.51 15.34
CA ARG A 3140 -30.90 -44.56 14.24
C ARG A 3140 -31.08 -43.12 14.71
N GLU A 3141 -32.10 -42.88 15.52
CA GLU A 3141 -32.32 -41.55 16.06
C GLU A 3141 -31.16 -41.12 16.96
N ALA A 3142 -30.61 -42.07 17.72
CA ALA A 3142 -29.44 -41.77 18.55
C ALA A 3142 -28.24 -41.37 17.70
N ILE A 3143 -28.02 -42.08 16.59
CA ILE A 3143 -26.89 -41.75 15.72
C ILE A 3143 -27.07 -40.36 15.12
N VAL A 3144 -28.29 -40.06 14.65
CA VAL A 3144 -28.55 -38.76 14.06
C VAL A 3144 -28.37 -37.65 15.10
N ASN A 3145 -28.84 -37.90 16.32
CA ASN A 3145 -28.61 -36.95 17.41
C ASN A 3145 -27.12 -36.75 17.66
N SER A 3146 -26.33 -37.82 17.58
CA SER A 3146 -24.89 -37.71 17.74
C SER A 3146 -24.27 -36.85 16.65
N CYS A 3147 -24.71 -37.03 15.40
CA CYS A 3147 -24.18 -36.19 14.32
C CYS A 3147 -24.52 -34.71 14.55
N VAL A 3148 -25.76 -34.43 14.98
CA VAL A 3148 -26.14 -33.05 15.27
C VAL A 3148 -25.26 -32.49 16.38
N PHE A 3149 -25.01 -33.30 17.42
CA PHE A 3149 -24.13 -32.88 18.51
C PHE A 3149 -22.72 -32.61 17.99
N VAL A 3150 -22.26 -33.42 17.04
CA VAL A 3150 -20.93 -33.22 16.47
C VAL A 3150 -20.85 -31.86 15.78
N HIS A 3151 -21.86 -31.55 14.96
CA HIS A 3151 -21.87 -30.25 14.28
C HIS A 3151 -21.90 -29.10 15.29
N GLN A 3152 -22.71 -29.25 16.34
CA GLN A 3152 -22.76 -28.21 17.35
C GLN A 3152 -21.43 -28.08 18.09
N THR A 3153 -20.70 -29.18 18.26
CA THR A 3153 -19.40 -29.10 18.92
C THR A 3153 -18.37 -28.42 18.04
N LEU A 3154 -18.45 -28.63 16.72
CA LEU A 3154 -17.59 -27.84 15.83
C LEU A 3154 -17.89 -26.35 15.95
N HIS A 3155 -19.18 -26.00 15.99
CA HIS A 3155 -19.53 -24.59 16.17
C HIS A 3155 -19.01 -24.05 17.49
N GLN A 3156 -19.15 -24.82 18.57
CA GLN A 3156 -18.69 -24.38 19.89
C GLN A 3156 -17.17 -24.24 19.93
N ALA A 3157 -16.45 -25.16 19.29
CA ALA A 3157 -14.99 -25.06 19.26
C ALA A 3157 -14.55 -23.84 18.46
N ASN A 3158 -15.21 -23.57 17.33
CA ASN A 3158 -14.88 -22.36 16.58
C ASN A 3158 -15.14 -21.11 17.42
N ALA A 3159 -16.25 -21.10 18.16
CA ALA A 3159 -16.53 -19.96 19.04
C ALA A 3159 -15.46 -19.81 20.12
N ARG A 3160 -15.01 -20.94 20.70
CA ARG A 3160 -14.01 -20.88 21.75
C ARG A 3160 -12.68 -20.36 21.23
N LEU A 3161 -12.25 -20.82 20.06
CA LEU A 3161 -11.01 -20.31 19.48
C LEU A 3161 -11.15 -18.84 19.06
N ALA A 3162 -12.35 -18.44 18.63
CA ALA A 3162 -12.58 -17.03 18.33
C ALA A 3162 -12.45 -16.17 19.58
N LYS A 3163 -13.01 -16.65 20.70
CA LYS A 3163 -12.87 -15.94 21.97
C LYS A 3163 -11.41 -15.89 22.42
N ARG A 3164 -10.69 -16.99 22.23
CA ARG A 3164 -9.28 -17.06 22.64
C ARG A 3164 -8.37 -16.22 21.75
N GLY A 3165 -8.88 -15.68 20.65
CA GLY A 3165 -8.09 -14.87 19.75
C GLY A 3165 -7.40 -15.64 18.65
N GLY A 3166 -7.41 -16.97 18.71
CA GLY A 3166 -6.78 -17.77 17.67
C GLY A 3166 -7.59 -17.73 16.38
N ARG A 3167 -6.93 -18.09 15.28
CA ARG A 3167 -7.57 -18.10 13.98
C ARG A 3167 -8.60 -19.23 13.92
N THR A 3168 -9.78 -18.92 13.38
CA THR A 3168 -10.84 -19.93 13.28
C THR A 3168 -11.63 -19.71 12.01
N MET A 3169 -12.07 -20.81 11.40
CA MET A 3169 -12.64 -20.79 10.05
C MET A 3169 -14.04 -21.39 10.08
N ALA A 3170 -14.95 -20.73 9.39
CA ALA A 3170 -16.37 -20.99 9.52
C ALA A 3170 -16.73 -22.40 9.05
N ILE A 3171 -17.73 -22.97 9.73
CA ILE A 3171 -18.31 -24.27 9.40
C ILE A 3171 -19.73 -24.03 8.90
N THR A 3172 -20.03 -24.58 7.73
CA THR A 3172 -21.28 -24.36 7.03
C THR A 3172 -21.97 -25.70 6.76
N PRO A 3173 -23.30 -25.70 6.56
CA PRO A 3173 -24.02 -26.95 6.27
C PRO A 3173 -23.39 -27.82 5.18
N ARG A 3174 -22.59 -27.23 4.29
CA ARG A 3174 -21.85 -28.02 3.32
C ARG A 3174 -20.92 -29.01 4.02
N HIS A 3175 -20.29 -28.56 5.12
CA HIS A 3175 -19.47 -29.47 5.91
C HIS A 3175 -20.31 -30.62 6.48
N TYR A 3176 -21.52 -30.31 6.93
CA TYR A 3176 -22.39 -31.36 7.47
C TYR A 3176 -22.77 -32.37 6.40
N LEU A 3177 -23.12 -31.90 5.20
CA LEU A 3177 -23.44 -32.81 4.11
C LEU A 3177 -22.24 -33.66 3.73
N ASP A 3178 -21.06 -33.05 3.69
CA ASP A 3178 -19.84 -33.81 3.42
C ASP A 3178 -19.61 -34.86 4.49
N PHE A 3179 -19.86 -34.52 5.76
CA PHE A 3179 -19.69 -35.47 6.85
C PHE A 3179 -20.64 -36.65 6.68
N ILE A 3180 -21.89 -36.39 6.36
CA ILE A 3180 -22.85 -37.48 6.19
C ILE A 3180 -22.48 -38.34 4.99
N ASN A 3181 -22.00 -37.72 3.91
CA ASN A 3181 -21.60 -38.49 2.73
C ASN A 3181 -20.41 -39.38 3.04
N HIS A 3182 -19.41 -38.84 3.75
CA HIS A 3182 -18.27 -39.65 4.15
C HIS A 3182 -18.69 -40.78 5.08
N TYR A 3183 -19.64 -40.49 5.99
CA TYR A 3183 -20.19 -41.53 6.85
C TYR A 3183 -20.79 -42.66 6.01
N ALA A 3184 -21.59 -42.30 5.00
CA ALA A 3184 -22.22 -43.32 4.17
C ALA A 3184 -21.19 -44.15 3.43
N ASN A 3185 -20.21 -43.49 2.80
CA ASN A 3185 -19.21 -44.22 2.02
C ASN A 3185 -18.38 -45.15 2.91
N LEU A 3186 -17.93 -44.64 4.05
CA LEU A 3186 -17.12 -45.47 4.95
C LEU A 3186 -17.92 -46.61 5.54
N PHE A 3187 -19.18 -46.37 5.88
CA PHE A 3187 -20.02 -47.44 6.41
C PHE A 3187 -20.20 -48.54 5.37
N HIS A 3188 -20.48 -48.15 4.12
CA HIS A 3188 -20.62 -49.14 3.06
C HIS A 3188 -19.33 -49.93 2.88
N GLU A 3189 -18.20 -49.23 2.87
CA GLU A 3189 -16.91 -49.88 2.67
C GLU A 3189 -16.62 -50.90 3.76
N LYS A 3190 -16.72 -50.48 5.03
CA LYS A 3190 -16.42 -51.37 6.13
C LYS A 3190 -17.40 -52.52 6.21
N ARG A 3191 -18.69 -52.25 5.97
CA ARG A 3191 -19.69 -53.30 6.02
C ARG A 3191 -19.42 -54.36 4.95
N SER A 3192 -19.14 -53.92 3.72
CA SER A 3192 -18.87 -54.87 2.65
C SER A 3192 -17.62 -55.68 2.94
N GLU A 3193 -16.55 -55.02 3.40
CA GLU A 3193 -15.32 -55.75 3.70
C GLU A 3193 -15.54 -56.79 4.78
N LEU A 3194 -16.20 -56.40 5.87
CA LEU A 3194 -16.39 -57.33 6.98
C LEU A 3194 -17.34 -58.46 6.60
N GLU A 3195 -18.34 -58.17 5.76
CA GLU A 3195 -19.27 -59.21 5.34
C GLU A 3195 -18.60 -60.22 4.40
N GLU A 3196 -17.75 -59.74 3.49
CA GLU A 3196 -17.03 -60.69 2.63
C GLU A 3196 -16.05 -61.51 3.45
N GLN A 3197 -15.46 -60.93 4.50
CA GLN A 3197 -14.66 -61.74 5.41
C GLN A 3197 -15.53 -62.77 6.13
N GLN A 3198 -16.76 -62.38 6.48
CA GLN A 3198 -17.69 -63.33 7.09
C GLN A 3198 -17.87 -64.54 6.19
N MET A 3199 -18.23 -64.29 4.93
CA MET A 3199 -18.53 -65.41 4.04
C MET A 3199 -17.28 -66.22 3.71
N HIS A 3200 -16.12 -65.58 3.67
CA HIS A 3200 -14.88 -66.33 3.47
C HIS A 3200 -14.61 -67.28 4.63
N LEU A 3201 -14.80 -66.79 5.86
CA LEU A 3201 -14.63 -67.67 7.01
C LEU A 3201 -15.63 -68.82 6.99
N ASN A 3202 -16.87 -68.53 6.57
CA ASN A 3202 -17.89 -69.57 6.53
C ASN A 3202 -17.58 -70.64 5.48
N VAL A 3203 -17.16 -70.22 4.29
CA VAL A 3203 -16.82 -71.21 3.27
C VAL A 3203 -15.59 -72.00 3.69
N GLY A 3204 -14.64 -71.36 4.36
CA GLY A 3204 -13.53 -72.10 4.92
C GLY A 3204 -13.99 -73.13 5.94
N LEU A 3205 -15.01 -72.78 6.73
CA LEU A 3205 -15.53 -73.73 7.72
C LEU A 3205 -16.13 -74.95 7.04
N ARG A 3206 -16.92 -74.76 5.99
CA ARG A 3206 -17.42 -75.96 5.28
C ARG A 3206 -16.29 -76.72 4.59
N LYS A 3207 -15.28 -76.03 4.05
CA LYS A 3207 -14.18 -76.78 3.43
C LYS A 3207 -13.42 -77.62 4.45
N ILE A 3208 -13.17 -77.05 5.64
CA ILE A 3208 -12.43 -77.79 6.66
C ILE A 3208 -13.29 -78.94 7.20
N LYS A 3209 -14.60 -78.75 7.28
CA LYS A 3209 -15.47 -79.86 7.68
C LYS A 3209 -15.45 -80.98 6.63
N GLU A 3210 -15.48 -80.61 5.35
CA GLU A 3210 -15.39 -81.61 4.30
C GLU A 3210 -14.10 -82.40 4.39
N THR A 3211 -12.99 -81.70 4.68
CA THR A 3211 -11.72 -82.41 4.79
C THR A 3211 -11.61 -83.22 6.07
N VAL A 3212 -12.31 -82.82 7.13
CA VAL A 3212 -12.42 -83.68 8.31
C VAL A 3212 -13.12 -84.98 7.95
N ASP A 3213 -14.21 -84.88 7.18
CA ASP A 3213 -14.88 -86.09 6.71
C ASP A 3213 -13.96 -86.93 5.83
N GLN A 3214 -13.20 -86.28 4.95
CA GLN A 3214 -12.30 -87.01 4.05
C GLN A 3214 -11.19 -87.72 4.83
N VAL A 3215 -10.60 -87.05 5.82
CA VAL A 3215 -9.54 -87.69 6.59
C VAL A 3215 -10.12 -88.79 7.47
N GLU A 3216 -11.37 -88.66 7.91
CA GLU A 3216 -12.03 -89.76 8.61
C GLU A 3216 -12.18 -90.96 7.68
N GLU A 3217 -12.57 -90.72 6.43
CA GLU A 3217 -12.66 -91.80 5.45
C GLU A 3217 -11.30 -92.45 5.23
N LEU A 3218 -10.25 -91.64 5.13
CA LEU A 3218 -8.90 -92.19 4.98
C LEU A 3218 -8.48 -93.00 6.21
N ARG A 3219 -8.87 -92.56 7.40
CA ARG A 3219 -8.55 -93.30 8.62
C ARG A 3219 -9.29 -94.63 8.68
N ARG A 3220 -10.52 -94.67 8.15
CA ARG A 3220 -11.23 -95.94 8.08
C ARG A 3220 -10.50 -96.97 7.22
N ASP A 3221 -9.61 -96.52 6.34
CA ASP A 3221 -8.82 -97.42 5.52
C ASP A 3221 -7.63 -97.99 6.32
N ALA A 3470 1.01 -96.67 12.09
CA ALA A 3470 1.39 -95.50 12.85
C ALA A 3470 0.88 -94.22 12.17
N LYS A 3471 0.68 -94.29 10.85
CA LYS A 3471 0.17 -93.14 10.12
C LYS A 3471 -1.26 -92.82 10.54
N VAL A 3472 -1.98 -93.79 11.11
CA VAL A 3472 -3.32 -93.52 11.63
C VAL A 3472 -3.25 -92.62 12.85
N ASN A 3473 -2.23 -92.80 13.71
CA ASN A 3473 -2.08 -91.91 14.86
C ASN A 3473 -1.73 -90.49 14.41
N ARG A 3474 -0.86 -90.37 13.41
CA ARG A 3474 -0.59 -89.05 12.84
C ARG A 3474 -1.84 -88.46 12.22
N SER A 3475 -2.70 -89.29 11.64
CA SER A 3475 -3.98 -88.82 11.12
C SER A 3475 -4.88 -88.31 12.23
N THR A 3476 -4.87 -89.00 13.38
CA THR A 3476 -5.64 -88.52 14.53
C THR A 3476 -5.10 -87.18 15.02
N ALA A 3477 -3.77 -87.02 15.02
CA ALA A 3477 -3.19 -85.72 15.36
C ALA A 3477 -3.64 -84.65 14.38
N LEU A 3478 -3.67 -85.00 13.09
CA LEU A 3478 -4.21 -84.10 12.07
C LEU A 3478 -5.66 -83.74 12.39
N LEU A 3479 -6.43 -84.72 12.84
CA LEU A 3479 -7.84 -84.47 13.16
C LEU A 3479 -7.98 -83.50 14.32
N LYS A 3480 -7.19 -83.69 15.39
CA LYS A 3480 -7.30 -82.78 16.53
C LYS A 3480 -6.83 -81.37 16.16
N SER A 3481 -5.81 -81.27 15.31
CA SER A 3481 -5.39 -79.95 14.84
C SER A 3481 -6.50 -79.29 14.03
N LEU A 3482 -7.18 -80.06 13.17
CA LEU A 3482 -8.26 -79.50 12.38
C LEU A 3482 -9.39 -79.02 13.28
N SER A 3483 -9.72 -79.79 14.32
CA SER A 3483 -10.79 -79.38 15.22
C SER A 3483 -10.40 -78.13 16.01
N ALA A 3484 -9.13 -78.01 16.40
CA ALA A 3484 -8.67 -76.80 17.06
C ALA A 3484 -8.81 -75.59 16.13
N GLU A 3485 -8.44 -75.77 14.86
CA GLU A 3485 -8.66 -74.73 13.87
C GLU A 3485 -10.15 -74.36 13.79
N ARG A 3486 -11.03 -75.37 13.84
CA ARG A 3486 -12.46 -75.10 13.70
C ARG A 3486 -13.00 -74.28 14.87
N GLU A 3487 -12.66 -74.63 16.11
CA GLU A 3487 -13.19 -73.80 17.20
C GLU A 3487 -12.55 -72.42 17.22
N ARG A 3488 -11.27 -72.32 16.83
CA ARG A 3488 -10.68 -70.98 16.76
C ARG A 3488 -11.41 -70.13 15.72
N TRP A 3489 -11.80 -70.74 14.60
CA TRP A 3489 -12.58 -70.02 13.60
C TRP A 3489 -13.95 -69.64 14.12
N GLU A 3490 -14.59 -70.50 14.92
CA GLU A 3490 -15.88 -70.15 15.51
C GLU A 3490 -15.75 -68.95 16.45
N LYS A 3491 -14.70 -68.95 17.28
CA LYS A 3491 -14.45 -67.80 18.15
C LYS A 3491 -14.15 -66.56 17.34
N THR A 3492 -13.45 -66.72 16.20
CA THR A 3492 -13.23 -65.61 15.29
C THR A 3492 -14.55 -65.07 14.76
N SER A 3493 -15.50 -65.95 14.46
CA SER A 3493 -16.82 -65.52 14.02
C SER A 3493 -17.54 -64.74 15.13
N GLU A 3494 -17.36 -65.16 16.38
CA GLU A 3494 -17.95 -64.42 17.50
C GLU A 3494 -17.35 -63.01 17.60
N THR A 3495 -16.01 -62.92 17.50
CA THR A 3495 -15.38 -61.61 17.50
C THR A 3495 -15.83 -60.77 16.32
N PHE A 3496 -16.11 -61.43 15.19
CA PHE A 3496 -16.63 -60.73 14.03
C PHE A 3496 -18.03 -60.20 14.27
N LYS A 3497 -18.85 -60.94 15.02
CA LYS A 3497 -20.15 -60.42 15.44
C LYS A 3497 -19.96 -59.18 16.30
N ASN A 3498 -18.98 -59.22 17.21
CA ASN A 3498 -18.68 -58.04 18.01
C ASN A 3498 -18.29 -56.85 17.13
N GLN A 3499 -17.50 -57.11 16.08
CA GLN A 3499 -17.13 -56.05 15.16
C GLN A 3499 -18.34 -55.53 14.38
N MET A 3500 -19.27 -56.42 14.02
CA MET A 3500 -20.55 -55.99 13.47
C MET A 3500 -21.24 -55.01 14.40
N SER A 3501 -21.22 -55.30 15.70
CA SER A 3501 -21.81 -54.37 16.67
C SER A 3501 -21.07 -53.04 16.70
N THR A 3502 -19.73 -53.08 16.60
CA THR A 3502 -18.92 -51.88 16.81
C THR A 3502 -18.85 -50.97 15.58
N ILE A 3503 -19.11 -51.52 14.39
CA ILE A 3503 -18.80 -50.84 13.14
C ILE A 3503 -19.51 -49.49 13.03
N ALA A 3504 -20.74 -49.38 13.52
CA ALA A 3504 -21.49 -48.14 13.36
C ALA A 3504 -20.80 -46.99 14.08
N GLY A 3505 -20.48 -47.17 15.36
CA GLY A 3505 -19.81 -46.13 16.10
C GLY A 3505 -18.41 -45.85 15.58
N ASP A 3506 -17.68 -46.90 15.21
CA ASP A 3506 -16.34 -46.70 14.66
C ASP A 3506 -16.40 -45.84 13.41
N CYS A 3507 -17.34 -46.16 12.50
CA CYS A 3507 -17.50 -45.38 11.28
C CYS A 3507 -17.91 -43.95 11.58
N LEU A 3508 -18.83 -43.75 12.53
CA LEU A 3508 -19.26 -42.40 12.86
C LEU A 3508 -18.08 -41.55 13.33
N LEU A 3509 -17.29 -42.09 14.25
CA LEU A 3509 -16.14 -41.33 14.75
C LEU A 3509 -15.13 -41.06 13.64
N SER A 3510 -14.83 -42.06 12.81
CA SER A 3510 -13.84 -41.86 11.75
C SER A 3510 -14.30 -40.82 10.75
N ALA A 3511 -15.57 -40.89 10.34
CA ALA A 3511 -16.10 -39.92 9.38
C ALA A 3511 -16.11 -38.51 9.96
N ALA A 3512 -16.50 -38.38 11.23
CA ALA A 3512 -16.47 -37.06 11.87
C ALA A 3512 -15.06 -36.52 11.93
N PHE A 3513 -14.08 -37.38 12.19
CA PHE A 3513 -12.68 -36.93 12.21
C PHE A 3513 -12.23 -36.49 10.83
N ILE A 3514 -12.60 -37.24 9.78
CA ILE A 3514 -12.14 -36.91 8.43
C ILE A 3514 -12.76 -35.60 7.96
N ALA A 3515 -14.08 -35.47 8.11
CA ALA A 3515 -14.78 -34.38 7.44
C ALA A 3515 -14.53 -33.04 8.13
N TYR A 3516 -14.80 -32.97 9.44
CA TYR A 3516 -14.74 -31.70 10.14
C TYR A 3516 -13.30 -31.31 10.47
N ALA A 3517 -12.59 -32.18 11.18
CA ALA A 3517 -11.22 -31.88 11.54
C ALA A 3517 -10.32 -31.90 10.30
N GLY A 3518 -9.15 -31.29 10.44
CA GLY A 3518 -8.21 -31.21 9.34
C GLY A 3518 -7.52 -29.87 9.26
N TYR A 3519 -8.19 -28.84 9.77
CA TYR A 3519 -7.57 -27.53 9.88
C TYR A 3519 -6.91 -27.30 11.23
N PHE A 3520 -7.38 -27.97 12.27
CA PHE A 3520 -6.85 -27.80 13.61
C PHE A 3520 -5.59 -28.64 13.81
N ASP A 3521 -4.80 -28.26 14.81
CA ASP A 3521 -3.56 -28.95 15.12
C ASP A 3521 -3.85 -30.26 15.85
N GLN A 3522 -2.79 -30.93 16.29
CA GLN A 3522 -2.92 -32.24 16.90
C GLN A 3522 -3.73 -32.17 18.19
N GLN A 3523 -3.47 -31.16 19.02
CA GLN A 3523 -4.15 -31.07 20.31
C GLN A 3523 -5.64 -30.81 20.13
N MET A 3524 -6.02 -29.91 19.23
CA MET A 3524 -7.43 -29.63 19.03
C MET A 3524 -8.15 -30.82 18.41
N ARG A 3525 -7.49 -31.51 17.48
CA ARG A 3525 -8.05 -32.73 16.92
C ARG A 3525 -8.29 -33.77 18.01
N GLN A 3526 -7.31 -33.93 18.91
CA GLN A 3526 -7.46 -34.88 20.00
C GLN A 3526 -8.61 -34.49 20.92
N ASN A 3527 -8.74 -33.20 21.22
CA ASN A 3527 -9.84 -32.75 22.08
C ASN A 3527 -11.20 -33.01 21.42
N LEU A 3528 -11.32 -32.72 20.13
CA LEU A 3528 -12.59 -32.96 19.45
C LEU A 3528 -12.90 -34.45 19.40
N PHE A 3529 -11.90 -35.29 19.11
CA PHE A 3529 -12.14 -36.73 19.08
C PHE A 3529 -12.52 -37.25 20.46
N THR A 3530 -11.88 -36.72 21.51
CA THR A 3530 -12.24 -37.11 22.87
C THR A 3530 -13.67 -36.71 23.19
N THR A 3531 -14.08 -35.51 22.80
CA THR A 3531 -15.45 -35.07 23.04
C THR A 3531 -16.45 -35.97 22.32
N TRP A 3532 -16.18 -36.29 21.05
CA TRP A 3532 -17.08 -37.14 20.30
C TRP A 3532 -17.16 -38.54 20.90
N SER A 3533 -16.02 -39.11 21.28
CA SER A 3533 -16.02 -40.45 21.87
C SER A 3533 -16.74 -40.46 23.20
N HIS A 3534 -16.54 -39.43 24.02
CA HIS A 3534 -17.23 -39.34 25.30
C HIS A 3534 -18.73 -39.22 25.11
N HIS A 3535 -19.16 -38.45 24.11
CA HIS A 3535 -20.58 -38.34 23.82
C HIS A 3535 -21.16 -39.67 23.37
N LEU A 3536 -20.45 -40.36 22.47
CA LEU A 3536 -20.95 -41.64 21.96
C LEU A 3536 -21.04 -42.67 23.09
N GLN A 3537 -20.03 -42.70 23.97
CA GLN A 3537 -20.10 -43.57 25.14
C GLN A 3537 -21.26 -43.18 26.05
N GLN A 3538 -21.50 -41.87 26.18
CA GLN A 3538 -22.62 -41.38 26.98
C GLN A 3538 -23.97 -41.73 26.35
N ALA A 3539 -23.99 -42.04 25.05
CA ALA A 3539 -25.22 -42.40 24.35
C ALA A 3539 -25.33 -43.90 24.13
N ASN A 3540 -24.46 -44.70 24.74
CA ASN A 3540 -24.46 -46.15 24.62
C ASN A 3540 -24.34 -46.58 23.15
N ILE A 3541 -23.26 -46.16 22.52
CA ILE A 3541 -22.98 -46.47 21.13
C ILE A 3541 -21.71 -47.31 21.07
N GLN A 3542 -21.79 -48.43 20.36
CA GLN A 3542 -20.71 -49.41 20.36
C GLN A 3542 -19.56 -48.92 19.49
N PHE A 3543 -18.46 -48.52 20.12
CA PHE A 3543 -17.22 -48.22 19.44
C PHE A 3543 -16.07 -48.72 20.30
N ARG A 3544 -14.97 -49.09 19.64
CA ARG A 3544 -13.82 -49.59 20.37
C ARG A 3544 -13.26 -48.50 21.27
N THR A 3545 -12.98 -48.85 22.53
CA THR A 3545 -12.53 -47.85 23.49
C THR A 3545 -11.21 -47.22 23.08
N ASP A 3546 -10.41 -47.95 22.30
CA ASP A 3546 -9.20 -47.40 21.70
C ASP A 3546 -9.33 -47.40 20.18
N ILE A 3547 -9.08 -46.26 19.57
CA ILE A 3547 -9.20 -46.08 18.13
C ILE A 3547 -7.89 -45.54 17.59
N ALA A 3548 -7.32 -46.24 16.61
CA ALA A 3548 -6.16 -45.77 15.87
C ALA A 3548 -6.68 -45.35 14.49
N ARG A 3549 -7.05 -44.07 14.37
CA ARG A 3549 -7.57 -43.56 13.11
C ARG A 3549 -6.58 -43.80 11.98
N THR A 3550 -5.29 -43.60 12.26
CA THR A 3550 -4.27 -43.84 11.25
C THR A 3550 -4.31 -45.28 10.76
N GLU A 3551 -4.44 -46.23 11.68
CA GLU A 3551 -4.53 -47.63 11.27
C GLU A 3551 -5.89 -47.95 10.67
N TYR A 3552 -6.97 -47.45 11.27
CA TYR A 3552 -8.30 -47.87 10.86
C TYR A 3552 -8.67 -47.33 9.48
N LEU A 3553 -8.08 -46.20 9.08
CA LEU A 3553 -8.40 -45.59 7.80
C LEU A 3553 -7.38 -45.93 6.72
N SER A 3554 -6.49 -46.89 6.98
CA SER A 3554 -5.49 -47.31 6.01
C SER A 3554 -5.06 -48.72 6.37
N ASN A 3555 -3.94 -49.16 5.80
CA ASN A 3555 -3.28 -50.38 6.27
C ASN A 3555 -1.78 -50.23 6.04
N ALA A 3556 -1.06 -51.34 6.04
CA ALA A 3556 0.40 -51.27 5.90
C ALA A 3556 0.81 -50.68 4.57
N ASP A 3557 0.15 -51.07 3.47
CA ASP A 3557 0.74 -50.79 2.16
C ASP A 3557 0.63 -49.31 1.78
N GLU A 3558 -0.51 -48.65 2.05
CA GLU A 3558 -0.56 -47.22 1.77
C GLU A 3558 0.44 -46.45 2.63
N ARG A 3559 0.57 -46.82 3.91
CA ARG A 3559 1.53 -46.12 4.76
C ARG A 3559 2.96 -46.30 4.26
N LEU A 3560 3.31 -47.52 3.84
CA LEU A 3560 4.66 -47.74 3.35
C LEU A 3560 4.91 -47.05 2.01
N ARG A 3561 3.90 -46.98 1.14
CA ARG A 3561 4.10 -46.26 -0.12
C ARG A 3561 4.19 -44.75 0.12
N TRP A 3562 3.45 -44.26 1.12
CA TRP A 3562 3.60 -42.87 1.52
C TRP A 3562 5.00 -42.61 2.07
N GLN A 3563 5.54 -43.55 2.85
CA GLN A 3563 6.91 -43.43 3.31
C GLN A 3563 7.89 -43.45 2.15
N ALA A 3564 7.60 -44.24 1.11
CA ALA A 3564 8.39 -44.17 -0.11
C ALA A 3564 8.29 -42.78 -0.73
N SER A 3565 7.11 -42.19 -0.72
CA SER A 3565 6.96 -40.79 -1.07
C SER A 3565 7.63 -39.92 -0.01
N SER A 3566 7.83 -38.65 -0.36
CA SER A 3566 8.47 -37.69 0.55
C SER A 3566 7.45 -37.25 1.58
N LEU A 3567 7.10 -38.18 2.49
CA LEU A 3567 6.14 -37.90 3.54
C LEU A 3567 6.75 -38.31 4.88
N PRO A 3568 6.72 -37.42 5.87
CA PRO A 3568 7.23 -37.79 7.20
C PRO A 3568 6.39 -38.88 7.83
N ALA A 3569 7.02 -39.63 8.74
CA ALA A 3569 6.34 -40.67 9.49
C ALA A 3569 5.58 -40.12 10.69
N ASP A 3570 5.36 -38.80 10.72
CA ASP A 3570 4.66 -38.17 11.83
C ASP A 3570 3.18 -38.54 11.81
N ASP A 3571 2.59 -38.70 13.00
CA ASP A 3571 1.19 -39.07 13.09
C ASP A 3571 0.30 -38.00 12.44
N LEU A 3572 0.63 -36.73 12.64
CA LEU A 3572 -0.10 -35.66 11.98
C LEU A 3572 0.01 -35.80 10.46
N CYS A 3573 1.21 -36.12 9.96
CA CYS A 3573 1.40 -36.28 8.53
C CYS A 3573 0.63 -37.49 8.00
N THR A 3574 0.59 -38.59 8.75
CA THR A 3574 -0.16 -39.75 8.32
C THR A 3574 -1.66 -39.46 8.27
N GLU A 3575 -2.19 -38.77 9.28
CA GLU A 3575 -3.59 -38.39 9.26
C GLU A 3575 -3.89 -37.44 8.10
N ASN A 3576 -2.95 -36.52 7.82
CA ASN A 3576 -3.13 -35.62 6.68
C ASN A 3576 -3.14 -36.40 5.37
N ALA A 3577 -2.27 -37.39 5.23
CA ALA A 3577 -2.29 -38.23 4.03
C ALA A 3577 -3.59 -39.00 3.90
N ILE A 3578 -4.11 -39.49 5.02
CA ILE A 3578 -5.40 -40.20 5.00
C ILE A 3578 -6.50 -39.25 4.52
N MET A 3579 -6.51 -38.03 5.05
CA MET A 3579 -7.49 -37.05 4.59
C MET A 3579 -7.30 -36.73 3.10
N LEU A 3580 -6.06 -36.73 2.64
CA LEU A 3580 -5.80 -36.53 1.21
C LEU A 3580 -6.33 -37.68 0.38
N LYS A 3581 -6.36 -38.89 0.94
CA LYS A 3581 -6.86 -40.05 0.19
C LYS A 3581 -8.38 -40.03 0.09
N ARG A 3582 -9.06 -40.05 1.23
CA ARG A 3582 -10.52 -39.98 1.25
C ARG A 3582 -10.95 -38.52 1.35
N PHE A 3583 -11.62 -38.04 0.30
CA PHE A 3583 -12.12 -36.67 0.31
C PHE A 3583 -13.22 -36.53 -0.73
N ASN A 3584 -14.29 -35.83 -0.34
CA ASN A 3584 -15.35 -35.47 -1.28
C ASN A 3584 -15.15 -34.07 -1.86
N ARG A 3585 -14.66 -33.13 -1.06
CA ARG A 3585 -14.29 -31.81 -1.53
C ARG A 3585 -12.78 -31.74 -1.66
N TYR A 3586 -12.31 -31.09 -2.72
CA TYR A 3586 -10.89 -31.12 -3.05
C TYR A 3586 -10.07 -30.45 -1.93
N PRO A 3587 -8.97 -31.06 -1.51
CA PRO A 3587 -8.24 -30.56 -0.35
C PRO A 3587 -7.59 -29.20 -0.61
N LEU A 3588 -7.46 -28.43 0.46
CA LEU A 3588 -6.69 -27.18 0.46
C LEU A 3588 -5.53 -27.39 1.43
N ILE A 3589 -4.39 -27.80 0.90
CA ILE A 3589 -3.26 -28.17 1.73
C ILE A 3589 -2.61 -26.91 2.30
N ILE A 3590 -2.43 -26.89 3.61
CA ILE A 3590 -1.77 -25.78 4.31
C ILE A 3590 -0.47 -26.30 4.88
N ASP A 3591 0.65 -25.68 4.46
CA ASP A 3591 1.97 -26.09 4.93
C ASP A 3591 2.98 -25.00 4.63
N PRO A 3592 3.77 -24.58 5.61
CA PRO A 3592 4.76 -23.53 5.35
C PRO A 3592 6.08 -24.08 4.82
N SER A 3593 6.34 -25.36 5.05
CA SER A 3593 7.60 -25.96 4.64
C SER A 3593 7.59 -26.31 3.15
N GLY A 3594 6.64 -27.14 2.73
CA GLY A 3594 6.57 -27.61 1.36
C GLY A 3594 6.74 -29.11 1.19
N GLN A 3595 6.87 -29.87 2.28
CA GLN A 3595 6.96 -31.32 2.15
C GLN A 3595 5.68 -31.91 1.59
N ALA A 3596 4.53 -31.32 1.93
CA ALA A 3596 3.25 -31.84 1.47
C ALA A 3596 3.12 -31.73 -0.04
N THR A 3597 3.56 -30.62 -0.62
CA THR A 3597 3.46 -30.44 -2.07
C THR A 3597 4.33 -31.45 -2.81
N GLU A 3598 5.56 -31.66 -2.33
CA GLU A 3598 6.42 -32.65 -2.97
C GLU A 3598 5.87 -34.05 -2.78
N PHE A 3599 5.25 -34.32 -1.63
CA PHE A 3599 4.62 -35.62 -1.41
C PHE A 3599 3.48 -35.86 -2.38
N ILE A 3600 2.61 -34.85 -2.57
CA ILE A 3600 1.47 -35.02 -3.46
C ILE A 3600 1.94 -35.10 -4.91
N MET A 3601 3.09 -34.48 -5.21
CA MET A 3601 3.71 -34.67 -6.51
C MET A 3601 4.15 -36.12 -6.70
N ASN A 3602 4.86 -36.67 -5.71
CA ASN A 3602 5.36 -38.03 -5.84
C ASN A 3602 4.24 -39.06 -5.86
N GLU A 3603 3.10 -38.74 -5.24
CA GLU A 3603 1.99 -39.69 -5.22
C GLU A 3603 1.36 -39.85 -6.59
N TYR A 3604 1.08 -38.73 -7.27
CA TYR A 3604 0.46 -38.75 -8.60
C TYR A 3604 1.48 -38.51 -9.70
N LYS A 3605 2.72 -38.94 -9.51
CA LYS A 3605 3.73 -38.77 -10.55
C LYS A 3605 3.36 -39.54 -11.81
N ASP A 3606 2.87 -40.77 -11.64
CA ASP A 3606 2.50 -41.58 -12.80
C ASP A 3606 1.27 -41.04 -13.50
N ARG A 3607 0.48 -40.21 -12.82
CA ARG A 3607 -0.72 -39.62 -13.41
C ARG A 3607 -0.47 -38.28 -14.06
N LYS A 3608 0.79 -37.89 -14.25
CA LYS A 3608 1.16 -36.62 -14.89
C LYS A 3608 0.60 -35.43 -14.12
N ILE A 3609 0.96 -35.36 -12.84
CA ILE A 3609 0.55 -34.23 -12.01
C ILE A 3609 1.30 -32.98 -12.43
N THR A 3610 0.61 -31.84 -12.41
CA THR A 3610 1.15 -30.59 -12.92
C THR A 3610 1.05 -29.52 -11.84
N ARG A 3611 2.04 -28.64 -11.79
CA ARG A 3611 2.08 -27.54 -10.82
C ARG A 3611 1.72 -26.23 -11.49
N THR A 3612 0.86 -25.46 -10.82
CA THR A 3612 0.48 -24.14 -11.30
C THR A 3612 0.22 -23.26 -10.09
N SER A 3613 0.36 -21.95 -10.27
CA SER A 3613 0.10 -20.98 -9.22
C SER A 3613 -0.90 -19.95 -9.72
N PHE A 3614 -1.71 -19.42 -8.79
CA PHE A 3614 -2.66 -18.38 -9.14
C PHE A 3614 -1.96 -17.14 -9.68
N LEU A 3615 -0.72 -16.90 -9.25
CA LEU A 3615 0.04 -15.77 -9.76
C LEU A 3615 0.39 -15.93 -11.23
N ASP A 3616 0.58 -17.16 -11.69
CA ASP A 3616 0.94 -17.41 -13.07
C ASP A 3616 -0.19 -16.98 -14.00
N ASP A 3617 0.17 -16.27 -15.08
CA ASP A 3617 -0.83 -15.78 -16.01
C ASP A 3617 -1.45 -16.91 -16.82
N ALA A 3618 -0.75 -18.02 -16.96
CA ALA A 3618 -1.26 -19.18 -17.68
C ALA A 3618 -2.03 -20.14 -16.80
N PHE A 3619 -2.39 -19.72 -15.58
CA PHE A 3619 -3.07 -20.62 -14.65
C PHE A 3619 -4.40 -21.10 -15.22
N ARG A 3620 -5.17 -20.18 -15.80
CA ARG A 3620 -6.45 -20.56 -16.40
C ARG A 3620 -6.24 -21.55 -17.54
N LYS A 3621 -5.16 -21.38 -18.31
CA LYS A 3621 -4.88 -22.27 -19.43
C LYS A 3621 -4.51 -23.67 -18.95
N ASN A 3622 -3.64 -23.76 -17.95
CA ASN A 3622 -3.31 -25.07 -17.38
C ASN A 3622 -4.54 -25.73 -16.77
N LEU A 3623 -5.38 -24.94 -16.11
CA LEU A 3623 -6.63 -25.46 -15.55
C LEU A 3623 -7.52 -26.01 -16.65
N GLU A 3624 -7.64 -25.29 -17.76
CA GLU A 3624 -8.44 -25.77 -18.89
C GLU A 3624 -7.90 -27.08 -19.42
N SER A 3625 -6.58 -27.18 -19.61
CA SER A 3625 -5.99 -28.40 -20.13
C SER A 3625 -6.23 -29.56 -19.18
N ALA A 3626 -5.96 -29.38 -17.89
CA ALA A 3626 -6.11 -30.45 -16.93
C ALA A 3626 -7.56 -30.90 -16.83
N LEU A 3627 -8.50 -29.94 -16.82
CA LEU A 3627 -9.92 -30.28 -16.75
C LEU A 3627 -10.38 -31.01 -18.00
N ARG A 3628 -9.90 -30.59 -19.18
CA ARG A 3628 -10.28 -31.26 -20.41
C ARG A 3628 -9.75 -32.68 -20.46
N PHE A 3629 -8.52 -32.89 -19.96
CA PHE A 3629 -7.83 -34.16 -20.16
C PHE A 3629 -7.88 -35.06 -18.93
N GLY A 3630 -8.18 -34.53 -17.76
CA GLY A 3630 -8.29 -35.34 -16.56
C GLY A 3630 -7.00 -35.57 -15.81
N ASN A 3631 -5.94 -34.85 -16.14
CA ASN A 3631 -4.74 -35.08 -15.34
C ASN A 3631 -4.84 -34.34 -14.00
N PRO A 3632 -4.33 -34.93 -12.92
CA PRO A 3632 -4.33 -34.23 -11.63
C PRO A 3632 -3.55 -32.91 -11.72
N LEU A 3633 -4.04 -31.92 -10.99
CA LEU A 3633 -3.46 -30.59 -11.02
C LEU A 3633 -3.22 -30.11 -9.59
N LEU A 3634 -2.04 -29.51 -9.37
CA LEU A 3634 -1.68 -28.93 -8.10
C LEU A 3634 -1.60 -27.42 -8.27
N VAL A 3635 -2.34 -26.69 -7.44
CA VAL A 3635 -2.39 -25.24 -7.51
C VAL A 3635 -1.90 -24.67 -6.18
N GLN A 3636 -0.88 -23.83 -6.25
CA GLN A 3636 -0.32 -23.18 -5.08
C GLN A 3636 -0.79 -21.74 -4.99
N ASP A 3637 -0.54 -21.13 -3.83
CA ASP A 3637 -0.86 -19.73 -3.57
C ASP A 3637 -2.37 -19.47 -3.72
N VAL A 3638 -3.15 -20.17 -2.90
CA VAL A 3638 -4.60 -19.96 -2.90
C VAL A 3638 -5.02 -18.75 -2.09
N GLU A 3639 -4.09 -18.08 -1.43
CA GLU A 3639 -4.43 -16.84 -0.72
C GLU A 3639 -4.93 -15.77 -1.69
N SER A 3640 -4.29 -15.67 -2.85
CA SER A 3640 -4.80 -14.83 -3.95
C SER A 3640 -5.64 -15.74 -4.84
N TYR A 3641 -6.92 -15.90 -4.47
CA TYR A 3641 -7.78 -16.90 -5.07
C TYR A 3641 -8.62 -16.29 -6.18
N ASP A 3642 -8.88 -17.10 -7.21
CA ASP A 3642 -9.68 -16.69 -8.35
C ASP A 3642 -11.04 -17.38 -8.27
N PRO A 3643 -12.14 -16.63 -8.18
CA PRO A 3643 -13.46 -17.26 -8.05
C PRO A 3643 -13.87 -18.14 -9.23
N VAL A 3644 -13.15 -18.09 -10.35
CA VAL A 3644 -13.49 -18.92 -11.50
C VAL A 3644 -13.42 -20.40 -11.15
N LEU A 3645 -12.67 -20.76 -10.11
CA LEU A 3645 -12.57 -22.14 -9.67
C LEU A 3645 -13.80 -22.64 -8.93
N ASN A 3646 -14.72 -21.74 -8.54
CA ASN A 3646 -15.88 -22.15 -7.75
C ASN A 3646 -16.74 -23.22 -8.41
N PRO A 3647 -17.09 -23.14 -9.69
CA PRO A 3647 -17.89 -24.23 -10.29
C PRO A 3647 -17.19 -25.58 -10.25
N VAL A 3648 -15.87 -25.60 -10.39
CA VAL A 3648 -15.14 -26.87 -10.34
C VAL A 3648 -15.21 -27.48 -8.95
N LEU A 3649 -14.97 -26.66 -7.92
CA LEU A 3649 -15.06 -27.15 -6.56
C LEU A 3649 -16.48 -27.58 -6.20
N ASN A 3650 -17.47 -26.81 -6.63
CA ASN A 3650 -18.86 -27.16 -6.39
C ASN A 3650 -19.33 -28.34 -7.25
N ARG A 3651 -18.52 -28.74 -8.23
CA ARG A 3651 -18.84 -29.88 -9.10
C ARG A 3651 -20.14 -29.65 -9.86
N GLU A 3652 -20.23 -28.50 -10.53
CA GLU A 3652 -21.38 -28.20 -11.37
C GLU A 3652 -21.09 -28.76 -12.76
N VAL A 3653 -21.91 -29.71 -13.19
CA VAL A 3653 -21.78 -30.31 -14.52
C VAL A 3653 -23.16 -30.38 -15.16
N ARG A 3654 -23.18 -30.37 -16.49
CA ARG A 3654 -24.39 -30.55 -17.26
C ARG A 3654 -24.16 -31.65 -18.29
N ARG A 3655 -25.15 -32.50 -18.46
CA ARG A 3655 -25.06 -33.65 -19.37
C ARG A 3655 -25.90 -33.35 -20.61
N THR A 3656 -25.23 -32.88 -21.66
CA THR A 3656 -25.88 -32.59 -22.94
C THR A 3656 -25.41 -33.63 -23.95
N GLY A 3657 -26.32 -34.50 -24.37
CA GLY A 3657 -25.94 -35.59 -25.27
C GLY A 3657 -24.90 -36.47 -24.62
N GLY A 3658 -23.84 -36.76 -25.37
CA GLY A 3658 -22.74 -37.55 -24.84
C GLY A 3658 -21.71 -36.75 -24.07
N ARG A 3659 -21.84 -35.42 -24.03
CA ARG A 3659 -20.86 -34.57 -23.38
C ARG A 3659 -21.29 -34.25 -21.95
N VAL A 3660 -20.31 -34.22 -21.06
CA VAL A 3660 -20.49 -33.77 -19.68
C VAL A 3660 -19.59 -32.56 -19.49
N LEU A 3661 -20.16 -31.37 -19.60
CA LEU A 3661 -19.40 -30.14 -19.60
C LEU A 3661 -19.52 -29.43 -18.26
N ILE A 3662 -18.73 -28.36 -18.13
CA ILE A 3662 -18.72 -27.54 -16.92
C ILE A 3662 -18.43 -26.11 -17.33
N THR A 3663 -19.17 -25.16 -16.73
CA THR A 3663 -18.99 -23.75 -17.03
C THR A 3663 -17.75 -23.24 -16.31
N LEU A 3664 -16.71 -22.95 -17.08
CA LEU A 3664 -15.48 -22.36 -16.55
C LEU A 3664 -15.26 -21.03 -17.24
N GLY A 3665 -15.21 -19.96 -16.46
CA GLY A 3665 -15.18 -18.62 -17.03
C GLY A 3665 -16.43 -18.32 -17.82
N ASP A 3666 -16.30 -18.09 -19.12
CA ASP A 3666 -17.45 -17.92 -20.00
C ASP A 3666 -17.54 -19.02 -21.05
N GLN A 3667 -16.82 -20.11 -20.86
CA GLN A 3667 -16.75 -21.20 -21.83
C GLN A 3667 -17.15 -22.51 -21.18
N ASP A 3668 -17.82 -23.36 -21.96
CA ASP A 3668 -18.28 -24.67 -21.48
C ASP A 3668 -17.19 -25.70 -21.76
N ILE A 3669 -16.38 -26.00 -20.76
CA ILE A 3669 -15.28 -26.95 -20.88
C ILE A 3669 -15.83 -28.36 -20.65
N ASP A 3670 -15.36 -29.31 -21.46
CA ASP A 3670 -15.76 -30.71 -21.31
C ASP A 3670 -15.03 -31.31 -20.13
N LEU A 3671 -15.77 -31.75 -19.11
CA LEU A 3671 -15.16 -32.35 -17.94
C LEU A 3671 -14.64 -33.74 -18.27
N SER A 3672 -13.42 -34.03 -17.85
CA SER A 3672 -12.92 -35.38 -18.02
C SER A 3672 -13.21 -36.22 -16.77
N PRO A 3673 -13.51 -37.50 -16.91
CA PRO A 3673 -13.91 -38.32 -15.75
C PRO A 3673 -12.77 -38.72 -14.82
N SER A 3674 -11.58 -38.14 -14.97
CA SER A 3674 -10.46 -38.45 -14.09
C SER A 3674 -9.79 -37.20 -13.52
N PHE A 3675 -10.40 -36.03 -13.68
CA PHE A 3675 -9.79 -34.80 -13.19
C PHE A 3675 -9.86 -34.72 -11.68
N VAL A 3676 -8.81 -34.16 -11.08
CA VAL A 3676 -8.76 -33.91 -9.65
C VAL A 3676 -7.79 -32.75 -9.41
N ILE A 3677 -8.16 -31.86 -8.49
CA ILE A 3677 -7.39 -30.66 -8.23
C ILE A 3677 -6.99 -30.64 -6.76
N PHE A 3678 -5.83 -30.06 -6.48
CA PHE A 3678 -5.29 -29.95 -5.12
C PHE A 3678 -4.89 -28.51 -4.87
N LEU A 3679 -5.73 -27.77 -4.16
CA LEU A 3679 -5.37 -26.42 -3.74
C LEU A 3679 -4.32 -26.49 -2.64
N SER A 3680 -3.38 -25.53 -2.68
CA SER A 3680 -2.30 -25.53 -1.70
C SER A 3680 -1.83 -24.10 -1.46
N THR A 3681 -1.27 -23.88 -0.27
CA THR A 3681 -0.74 -22.57 0.10
C THR A 3681 0.45 -22.77 1.03
N ARG A 3682 1.29 -21.75 1.11
CA ARG A 3682 2.47 -21.79 1.96
C ARG A 3682 2.40 -20.85 3.15
N ASP A 3683 1.46 -19.91 3.17
CA ASP A 3683 1.35 -18.97 4.29
C ASP A 3683 0.35 -19.50 5.29
N PRO A 3684 0.77 -19.82 6.53
CA PRO A 3684 -0.20 -20.31 7.51
C PRO A 3684 -1.18 -19.24 7.97
N THR A 3685 -0.69 -18.05 8.29
CA THR A 3685 -1.56 -16.96 8.74
C THR A 3685 -2.23 -16.32 7.53
N VAL A 3686 -3.50 -16.68 7.31
CA VAL A 3686 -4.26 -16.20 6.16
C VAL A 3686 -5.73 -16.54 6.40
N GLU A 3687 -6.61 -15.65 5.95
CA GLU A 3687 -8.05 -15.87 6.07
C GLU A 3687 -8.68 -15.97 4.68
N PHE A 3688 -9.51 -16.98 4.49
CA PHE A 3688 -10.26 -17.18 3.27
C PHE A 3688 -11.74 -16.90 3.48
N PRO A 3689 -12.44 -16.44 2.45
CA PRO A 3689 -13.87 -16.18 2.57
C PRO A 3689 -14.64 -17.46 2.87
N PRO A 3690 -15.77 -17.35 3.57
CA PRO A 3690 -16.52 -18.56 3.94
C PRO A 3690 -16.96 -19.41 2.76
N ASP A 3691 -17.11 -18.81 1.57
CA ASP A 3691 -17.42 -19.59 0.38
C ASP A 3691 -16.29 -20.57 0.08
N LEU A 3692 -15.05 -20.09 0.13
CA LEU A 3692 -13.90 -20.95 -0.12
C LEU A 3692 -13.78 -22.02 0.96
N CYS A 3693 -14.11 -21.68 2.20
CA CYS A 3693 -14.13 -22.68 3.26
C CYS A 3693 -15.17 -23.76 2.97
N SER A 3694 -16.33 -23.37 2.49
CA SER A 3694 -17.37 -24.33 2.14
C SER A 3694 -16.93 -25.23 1.00
N ARG A 3695 -16.23 -24.69 0.01
CA ARG A 3695 -15.92 -25.45 -1.19
C ARG A 3695 -14.91 -26.57 -0.94
N VAL A 3696 -13.99 -26.39 0.01
CA VAL A 3696 -12.86 -27.31 0.12
C VAL A 3696 -12.80 -27.95 1.51
N THR A 3697 -11.99 -29.02 1.63
CA THR A 3697 -11.66 -29.65 2.91
C THR A 3697 -10.21 -29.32 3.22
N PHE A 3698 -9.94 -28.92 4.46
CA PHE A 3698 -8.65 -28.36 4.82
C PHE A 3698 -7.73 -29.41 5.41
N VAL A 3699 -6.48 -29.43 4.93
CA VAL A 3699 -5.46 -30.34 5.41
C VAL A 3699 -4.29 -29.48 5.82
N ASN A 3700 -3.96 -29.50 7.12
CA ASN A 3700 -3.00 -28.59 7.70
C ASN A 3700 -1.75 -29.34 8.16
N PHE A 3701 -0.59 -28.85 7.73
CA PHE A 3701 0.70 -29.43 8.09
C PHE A 3701 1.51 -28.53 9.02
N THR A 3702 0.98 -27.39 9.45
CA THR A 3702 1.75 -26.47 10.27
C THR A 3702 2.13 -27.09 11.60
N VAL A 3703 3.43 -27.15 11.88
CA VAL A 3703 3.90 -27.74 13.12
C VAL A 3703 3.54 -26.84 14.30
N THR A 3704 3.06 -27.45 15.38
CA THR A 3704 2.75 -26.73 16.60
C THR A 3704 3.50 -27.39 17.76
N ARG A 3705 3.29 -26.87 18.96
CA ARG A 3705 4.00 -27.40 20.12
C ARG A 3705 3.57 -28.84 20.42
N SER A 3706 2.28 -29.14 20.28
CA SER A 3706 1.80 -30.48 20.56
C SER A 3706 2.36 -31.49 19.56
N SER A 3707 2.27 -31.16 18.27
CA SER A 3707 2.79 -32.07 17.25
C SER A 3707 4.29 -32.28 17.41
N LEU A 3708 5.02 -31.19 17.67
CA LEU A 3708 6.47 -31.31 17.83
C LEU A 3708 6.83 -32.12 19.06
N GLN A 3709 6.10 -31.92 20.17
CA GLN A 3709 6.42 -32.69 21.36
C GLN A 3709 6.09 -34.17 21.16
N SER A 3710 5.02 -34.48 20.42
CA SER A 3710 4.75 -35.88 20.09
C SER A 3710 5.87 -36.46 19.23
N GLN A 3711 6.36 -35.68 18.27
CA GLN A 3711 7.47 -36.14 17.44
C GLN A 3711 8.70 -36.46 18.29
N CYS A 3712 9.08 -35.52 19.17
CA CYS A 3712 10.27 -35.72 19.99
C CYS A 3712 10.06 -36.89 20.97
N LEU A 3713 8.85 -37.07 21.48
CA LEU A 3713 8.58 -38.21 22.34
C LEU A 3713 8.74 -39.51 21.57
N ASN A 3714 8.26 -39.57 20.34
CA ASN A 3714 8.44 -40.76 19.52
C ASN A 3714 9.91 -41.03 19.27
N GLU A 3715 10.69 -39.99 18.98
CA GLU A 3715 12.12 -40.19 18.74
C GLU A 3715 12.84 -40.65 20.00
N VAL A 3716 12.48 -40.11 21.17
CA VAL A 3716 13.07 -40.58 22.42
C VAL A 3716 12.74 -42.05 22.64
N LEU A 3717 11.47 -42.42 22.45
CA LEU A 3717 11.08 -43.81 22.64
C LEU A 3717 11.82 -44.73 21.67
N LYS A 3718 12.01 -44.29 20.43
CA LYS A 3718 12.73 -45.11 19.46
C LYS A 3718 14.20 -45.27 19.86
N ALA A 3719 14.86 -44.17 20.22
CA ALA A 3719 16.30 -44.20 20.43
C ALA A 3719 16.68 -44.83 21.76
N GLU A 3720 15.90 -44.59 22.82
CA GLU A 3720 16.27 -45.00 24.18
C GLU A 3720 15.59 -46.27 24.63
N ARG A 3721 14.32 -46.49 24.26
CA ARG A 3721 13.56 -47.68 24.67
C ARG A 3721 13.00 -48.37 23.43
N PRO A 3722 13.86 -49.00 22.63
CA PRO A 3722 13.36 -49.69 21.43
C PRO A 3722 12.37 -50.79 21.75
N ASP A 3723 12.50 -51.45 22.90
CA ASP A 3723 11.56 -52.49 23.28
C ASP A 3723 10.15 -51.93 23.48
N VAL A 3724 10.02 -50.80 24.16
CA VAL A 3724 8.70 -50.24 24.42
C VAL A 3724 8.09 -49.67 23.16
N ASP A 3725 8.90 -49.03 22.31
CA ASP A 3725 8.38 -48.55 21.04
C ASP A 3725 7.94 -49.71 20.15
N GLU A 3726 8.68 -50.82 20.19
CA GLU A 3726 8.27 -52.02 19.49
C GLU A 3726 6.94 -52.54 20.03
N LYS A 3727 6.78 -52.51 21.36
CA LYS A 3727 5.52 -52.92 21.97
C LYS A 3727 4.37 -52.03 21.50
N ARG A 3728 4.61 -50.73 21.42
CA ARG A 3728 3.58 -49.82 20.90
C ARG A 3728 3.26 -50.14 19.45
N SER A 3729 4.27 -50.44 18.64
CA SER A 3729 4.04 -50.82 17.25
C SER A 3729 3.20 -52.09 17.16
N ASP A 3730 3.48 -53.07 18.03
CA ASP A 3730 2.66 -54.27 18.07
C ASP A 3730 1.23 -53.95 18.48
N LEU A 3731 1.06 -53.03 19.43
CA LEU A 3731 -0.28 -52.63 19.83
C LEU A 3731 -1.04 -52.01 18.67
N LEU A 3732 -0.39 -51.14 17.89
CA LEU A 3732 -1.03 -50.57 16.71
C LEU A 3732 -1.35 -51.64 15.67
N LYS A 3733 -0.42 -52.58 15.46
CA LYS A 3733 -0.64 -53.62 14.47
C LYS A 3733 -1.75 -54.59 14.89
N LEU A 3734 -1.97 -54.70 16.21
CA LEU A 3734 -3.02 -55.58 16.72
C LEU A 3734 -4.41 -55.17 16.22
N GLN A 3735 -4.58 -53.90 15.85
CA GLN A 3735 -5.89 -53.42 15.42
C GLN A 3735 -6.36 -54.17 14.18
N GLY A 3736 -5.63 -54.05 13.07
CA GLY A 3736 -6.03 -54.72 11.85
C GLY A 3736 -4.93 -55.36 11.02
N GLU A 3737 -3.66 -55.16 11.40
CA GLU A 3737 -2.59 -55.69 10.58
C GLU A 3737 -2.31 -57.15 10.88
N PHE A 3738 -2.24 -57.50 12.17
CA PHE A 3738 -2.03 -58.89 12.55
C PHE A 3738 -3.17 -59.77 12.06
N GLN A 3739 -4.41 -59.28 12.18
CA GLN A 3739 -5.56 -60.04 11.70
C GLN A 3739 -5.49 -60.25 10.19
N LEU A 3740 -5.11 -59.22 9.43
CA LEU A 3740 -5.00 -59.38 7.98
C LEU A 3740 -3.91 -60.37 7.60
N ARG A 3741 -2.76 -60.31 8.28
CA ARG A 3741 -1.70 -61.28 8.01
C ARG A 3741 -2.14 -62.69 8.34
N LEU A 3742 -2.83 -62.86 9.48
CA LEU A 3742 -3.31 -64.18 9.87
C LEU A 3742 -4.32 -64.71 8.86
N ARG A 3743 -5.20 -63.83 8.36
CA ARG A 3743 -6.19 -64.26 7.38
C ARG A 3743 -5.54 -64.60 6.04
N GLN A 3744 -4.48 -63.88 5.66
CA GLN A 3744 -3.75 -64.25 4.45
C GLN A 3744 -3.08 -65.61 4.60
N LEU A 3745 -2.49 -65.88 5.77
CA LEU A 3745 -1.93 -67.20 6.02
C LEU A 3745 -3.00 -68.27 6.00
N GLU A 3746 -4.19 -67.94 6.51
CA GLU A 3746 -5.34 -68.85 6.42
C GLU A 3746 -5.71 -69.12 4.96
N LYS A 3747 -5.69 -68.08 4.12
CA LYS A 3747 -5.96 -68.25 2.70
C LYS A 3747 -4.96 -69.21 2.07
N SER A 3748 -3.67 -69.03 2.39
CA SER A 3748 -2.65 -69.91 1.84
C SER A 3748 -2.84 -71.35 2.32
N LEU A 3749 -3.16 -71.52 3.61
CA LEU A 3749 -3.40 -72.86 4.14
C LEU A 3749 -4.57 -73.52 3.45
N LEU A 3750 -5.66 -72.77 3.23
CA LEU A 3750 -6.82 -73.32 2.55
C LEU A 3750 -6.47 -73.70 1.12
N GLN A 3751 -5.68 -72.87 0.44
CA GLN A 3751 -5.28 -73.17 -0.93
C GLN A 3751 -4.46 -74.44 -0.99
N ALA A 3752 -3.46 -74.57 -0.10
CA ALA A 3752 -2.67 -75.79 -0.07
C ALA A 3752 -3.54 -76.99 0.27
N LEU A 3753 -4.51 -76.79 1.15
CA LEU A 3753 -5.44 -77.86 1.52
C LEU A 3753 -6.33 -78.26 0.35
N ASN A 3754 -6.60 -77.35 -0.57
CA ASN A 3754 -7.49 -77.66 -1.69
C ASN A 3754 -6.92 -78.75 -2.58
N GLU A 3755 -5.62 -78.72 -2.85
CA GLU A 3755 -4.97 -79.77 -3.65
C GLU A 3755 -4.75 -80.99 -2.76
N VAL A 3756 -5.80 -81.81 -2.68
CA VAL A 3756 -5.75 -83.07 -1.94
C VAL A 3756 -6.17 -84.20 -2.86
N LYS A 3757 -5.35 -85.25 -2.93
CA LYS A 3757 -5.61 -86.47 -3.67
C LYS A 3757 -5.16 -87.67 -2.85
N GLY A 3758 -5.45 -87.64 -1.55
CA GLY A 3758 -4.83 -88.54 -0.62
C GLY A 3758 -3.48 -88.07 -0.12
N ARG A 3759 -2.98 -86.94 -0.62
CA ARG A 3759 -1.71 -86.38 -0.20
C ARG A 3759 -1.81 -85.58 1.09
N ILE A 3760 -3.02 -85.42 1.65
CA ILE A 3760 -3.13 -84.91 3.00
C ILE A 3760 -2.54 -85.91 3.99
N LEU A 3761 -2.44 -87.18 3.60
CA LEU A 3761 -1.88 -88.24 4.44
C LEU A 3761 -0.79 -89.02 3.73
N ASP A 3762 -0.15 -88.44 2.71
CA ASP A 3762 0.94 -89.12 2.03
C ASP A 3762 2.09 -89.39 2.99
N ASP A 3763 2.68 -88.31 3.53
CA ASP A 3763 3.64 -88.42 4.62
C ASP A 3763 3.20 -87.56 5.81
N ASP A 3764 2.06 -86.87 5.68
CA ASP A 3764 1.51 -86.04 6.75
C ASP A 3764 2.51 -84.99 7.22
N THR A 3765 2.93 -84.14 6.28
CA THR A 3765 3.93 -83.12 6.54
C THR A 3765 3.39 -81.69 6.45
N ILE A 3766 2.25 -81.47 5.81
CA ILE A 3766 1.71 -80.12 5.68
C ILE A 3766 1.16 -79.58 7.00
N ILE A 3767 0.83 -80.46 7.95
CA ILE A 3767 0.20 -80.03 9.19
C ILE A 3767 1.07 -79.05 9.95
N THR A 3768 2.38 -79.08 9.73
CA THR A 3768 3.27 -78.11 10.35
C THR A 3768 2.79 -76.70 10.09
N THR A 3769 2.47 -76.39 8.82
CA THR A 3769 1.92 -75.09 8.48
C THR A 3769 0.72 -74.77 9.37
N LEU A 3770 -0.21 -75.74 9.47
CA LEU A 3770 -1.33 -75.61 10.39
C LEU A 3770 -0.84 -75.18 11.77
N GLU A 3771 0.06 -75.98 12.37
CA GLU A 3771 0.62 -75.62 13.65
C GLU A 3771 1.19 -74.22 13.61
N ASN A 3772 1.98 -73.93 12.58
CA ASN A 3772 2.51 -72.58 12.36
C ASN A 3772 1.39 -71.56 12.53
N LEU A 3773 0.35 -71.69 11.69
CA LEU A 3773 -0.79 -70.78 11.78
C LEU A 3773 -1.32 -70.73 13.19
N LYS A 3774 -1.61 -71.90 13.77
CA LYS A 3774 -2.13 -71.93 15.13
C LYS A 3774 -1.18 -71.21 16.07
N ARG A 3775 0.12 -71.53 15.97
CA ARG A 3775 1.12 -70.86 16.79
C ARG A 3775 0.99 -69.36 16.62
N GLU A 3776 1.02 -68.90 15.36
CA GLU A 3776 0.92 -67.46 15.11
C GLU A 3776 -0.38 -66.92 15.67
N ALA A 3777 -1.48 -67.68 15.50
CA ALA A 3777 -2.75 -67.28 16.08
C ALA A 3777 -2.61 -67.07 17.57
N ALA A 3778 -2.06 -68.08 18.26
CA ALA A 3778 -1.86 -67.95 19.70
C ALA A 3778 -1.10 -66.68 20.02
N GLU A 3779 -0.09 -66.36 19.20
CA GLU A 3779 0.70 -65.16 19.43
C GLU A 3779 -0.18 -63.93 19.51
N VAL A 3780 -1.01 -63.71 18.48
CA VAL A 3780 -1.83 -62.50 18.51
C VAL A 3780 -2.80 -62.56 19.67
N THR A 3781 -3.27 -63.77 19.99
CA THR A 3781 -4.18 -63.93 21.12
C THR A 3781 -3.52 -63.44 22.40
N ARG A 3782 -2.23 -63.80 22.59
CA ARG A 3782 -1.55 -63.34 23.80
C ARG A 3782 -1.46 -61.83 23.83
N LYS A 3783 -1.27 -61.21 22.65
CA LYS A 3783 -1.21 -59.76 22.61
C LYS A 3783 -2.56 -59.12 22.90
N VAL A 3784 -3.65 -59.87 22.70
CA VAL A 3784 -4.94 -59.39 23.16
C VAL A 3784 -5.02 -59.44 24.68
N GLU A 3785 -4.41 -60.45 25.29
CA GLU A 3785 -4.51 -60.61 26.74
C GLU A 3785 -3.78 -59.49 27.47
N GLU A 3786 -2.54 -59.20 27.07
CA GLU A 3786 -1.73 -58.18 27.72
C GLU A 3786 -1.73 -56.86 26.96
N THR A 3787 -2.78 -56.57 26.19
CA THR A 3787 -2.91 -55.26 25.54
C THR A 3787 -2.95 -54.15 26.58
N ASP A 3788 -3.75 -54.31 27.61
CA ASP A 3788 -3.85 -53.30 28.66
C ASP A 3788 -2.51 -53.11 29.35
N ILE A 3789 -1.82 -54.22 29.64
CA ILE A 3789 -0.53 -54.15 30.33
C ILE A 3789 0.48 -53.35 29.51
N VAL A 3790 0.56 -53.64 28.21
CA VAL A 3790 1.41 -52.86 27.33
C VAL A 3790 0.98 -51.40 27.36
N MET A 3791 -0.33 -51.16 27.46
CA MET A 3791 -0.82 -49.79 27.50
C MET A 3791 -0.25 -49.03 28.69
N GLN A 3792 -0.37 -49.58 29.92
CA GLN A 3792 0.12 -48.79 31.05
C GLN A 3792 1.64 -48.74 31.04
N GLU A 3793 2.30 -49.77 30.52
CA GLU A 3793 3.77 -49.74 30.47
C GLU A 3793 4.25 -48.60 29.57
N VAL A 3794 3.72 -48.53 28.34
CA VAL A 3794 4.13 -47.46 27.44
C VAL A 3794 3.67 -46.11 27.97
N GLU A 3795 2.53 -46.06 28.66
CA GLU A 3795 2.08 -44.80 29.23
C GLU A 3795 3.04 -44.31 30.31
N THR A 3796 3.52 -45.21 31.16
CA THR A 3796 4.47 -44.82 32.21
C THR A 3796 5.79 -44.35 31.61
N VAL A 3797 6.29 -45.07 30.59
CA VAL A 3797 7.56 -44.64 30.02
C VAL A 3797 7.40 -43.31 29.28
N SER A 3798 6.26 -43.08 28.63
CA SER A 3798 6.03 -41.80 27.97
C SER A 3798 5.90 -40.67 28.99
N GLN A 3799 5.27 -40.96 30.14
CA GLN A 3799 5.21 -39.97 31.20
C GLN A 3799 6.61 -39.65 31.72
N GLN A 3800 7.47 -40.67 31.80
CA GLN A 3800 8.85 -40.43 32.20
C GLN A 3800 9.57 -39.53 31.22
N TYR A 3801 9.39 -39.76 29.92
CA TYR A 3801 10.14 -39.04 28.91
C TYR A 3801 9.49 -37.74 28.43
N LEU A 3802 8.27 -37.44 28.88
CA LEU A 3802 7.55 -36.26 28.40
C LEU A 3802 8.26 -34.93 28.67
N PRO A 3803 8.82 -34.67 29.86
CA PRO A 3803 9.43 -33.35 30.08
C PRO A 3803 10.52 -33.02 29.08
N LEU A 3804 11.29 -34.03 28.64
CA LEU A 3804 12.29 -33.78 27.61
C LEU A 3804 11.64 -33.28 26.32
N SER A 3805 10.53 -33.91 25.92
CA SER A 3805 9.84 -33.49 24.71
C SER A 3805 9.29 -32.08 24.85
N THR A 3806 8.74 -31.75 26.03
CA THR A 3806 8.27 -30.39 26.24
C THR A 3806 9.42 -29.39 26.13
N ALA A 3807 10.58 -29.75 26.67
CA ALA A 3807 11.76 -28.89 26.55
C ALA A 3807 12.15 -28.70 25.09
N CYS A 3808 12.12 -29.77 24.30
CA CYS A 3808 12.46 -29.66 22.89
C CYS A 3808 11.49 -28.74 22.17
N SER A 3809 10.19 -28.89 22.42
CA SER A 3809 9.21 -28.04 21.76
C SER A 3809 9.44 -26.58 22.12
N SER A 3810 9.63 -26.30 23.41
CA SER A 3810 9.82 -24.92 23.85
C SER A 3810 11.10 -24.33 23.28
N ILE A 3811 12.18 -25.10 23.24
CA ILE A 3811 13.45 -24.57 22.75
C ILE A 3811 13.37 -24.31 21.24
N TYR A 3812 12.68 -25.18 20.50
CA TYR A 3812 12.53 -24.95 19.07
C TYR A 3812 11.69 -23.70 18.81
N PHE A 3813 10.62 -23.51 19.58
CA PHE A 3813 9.81 -22.32 19.37
C PHE A 3813 10.55 -21.05 19.77
N THR A 3814 11.40 -21.12 20.81
CA THR A 3814 12.28 -20.01 21.13
C THR A 3814 13.21 -19.70 19.97
N MET A 3815 13.77 -20.75 19.37
CA MET A 3815 14.68 -20.56 18.24
C MET A 3815 13.97 -19.91 17.06
N GLU A 3816 12.74 -20.36 16.76
CA GLU A 3816 12.04 -19.80 15.62
C GLU A 3816 11.54 -18.38 15.90
N SER A 3817 11.30 -18.04 17.18
CA SER A 3817 10.94 -16.68 17.53
C SER A 3817 12.15 -15.76 17.64
N LEU A 3818 13.36 -16.31 17.67
CA LEU A 3818 14.57 -15.50 17.75
C LEU A 3818 14.69 -14.47 16.63
N LYS A 3819 13.91 -14.60 15.55
CA LYS A 3819 14.02 -13.67 14.44
C LYS A 3819 13.55 -12.27 14.81
N GLN A 3820 12.78 -12.11 15.89
CA GLN A 3820 12.32 -10.79 16.29
C GLN A 3820 13.48 -9.90 16.73
N ILE A 3821 14.51 -10.49 17.35
CA ILE A 3821 15.65 -9.70 17.79
C ILE A 3821 16.40 -9.12 16.61
N HIS A 3822 16.93 -9.99 15.75
CA HIS A 3822 17.72 -9.59 14.60
C HIS A 3822 17.23 -10.35 13.38
N PHE A 3823 17.30 -9.69 12.22
CA PHE A 3823 16.86 -10.30 10.98
C PHE A 3823 17.72 -11.50 10.58
N LEU A 3824 18.95 -11.59 11.08
CA LEU A 3824 19.80 -12.74 10.76
C LEU A 3824 19.33 -14.01 11.46
N TYR A 3825 18.71 -13.88 12.63
CA TYR A 3825 18.47 -15.03 13.48
C TYR A 3825 17.33 -15.89 12.94
N GLN A 3826 17.54 -16.49 11.77
CA GLN A 3826 16.57 -17.36 11.15
C GLN A 3826 17.05 -18.81 11.24
N TYR A 3827 16.19 -19.69 11.75
CA TYR A 3827 16.54 -21.09 11.92
C TYR A 3827 15.38 -21.96 11.46
N SER A 3828 15.71 -23.01 10.72
CA SER A 3828 14.70 -23.91 10.18
C SER A 3828 14.42 -25.05 11.14
N LEU A 3829 13.28 -25.72 10.92
CA LEU A 3829 12.93 -26.90 11.71
C LEU A 3829 13.96 -28.01 11.51
N GLN A 3830 14.46 -28.16 10.29
CA GLN A 3830 15.47 -29.17 10.03
C GLN A 3830 16.74 -28.92 10.84
N PHE A 3831 17.07 -27.65 11.09
CA PHE A 3831 18.21 -27.34 11.93
C PHE A 3831 18.03 -27.88 13.34
N PHE A 3832 16.83 -27.67 13.91
CA PHE A 3832 16.58 -28.17 15.26
C PHE A 3832 16.57 -29.69 15.28
N LEU A 3833 16.02 -30.33 14.26
CA LEU A 3833 16.06 -31.80 14.21
C LEU A 3833 17.48 -32.32 14.04
N ASP A 3834 18.33 -31.59 13.32
CA ASP A 3834 19.74 -31.98 13.25
C ASP A 3834 20.39 -31.90 14.62
N ILE A 3835 20.13 -30.81 15.36
CA ILE A 3835 20.66 -30.70 16.71
C ILE A 3835 20.15 -31.83 17.59
N TYR A 3836 18.87 -32.14 17.46
CA TYR A 3836 18.23 -33.18 18.26
C TYR A 3836 18.83 -34.55 17.97
N HIS A 3837 19.02 -34.87 16.69
CA HIS A 3837 19.61 -36.15 16.33
C HIS A 3837 21.07 -36.23 16.76
N ASN A 3838 21.79 -35.11 16.71
CA ASN A 3838 23.14 -35.07 17.24
C ASN A 3838 23.16 -35.37 18.73
N VAL A 3839 22.20 -34.81 19.47
CA VAL A 3839 22.10 -35.06 20.90
C VAL A 3839 21.75 -36.51 21.17
N LEU A 3840 20.89 -37.11 20.34
CA LEU A 3840 20.40 -38.46 20.64
C LEU A 3840 21.40 -39.54 20.23
N TYR A 3841 21.92 -39.48 19.01
CA TYR A 3841 22.68 -40.59 18.45
C TYR A 3841 24.20 -40.39 18.54
N GLU A 3842 24.73 -39.33 17.95
CA GLU A 3842 26.17 -39.13 17.88
C GLU A 3842 26.71 -38.32 19.04
N ASN A 3843 26.06 -38.37 20.19
CA ASN A 3843 26.59 -37.72 21.39
C ASN A 3843 27.52 -38.68 22.12
N PRO A 3844 28.81 -38.37 22.25
CA PRO A 3844 29.74 -39.31 22.89
C PRO A 3844 29.53 -39.46 24.39
N ASN A 3845 28.82 -38.53 25.04
CA ASN A 3845 28.63 -38.62 26.48
C ASN A 3845 27.78 -39.82 26.87
N LEU A 3846 26.91 -40.28 25.98
CA LEU A 3846 26.05 -41.43 26.26
C LEU A 3846 26.77 -42.76 26.11
N LYS A 3847 28.00 -42.76 25.61
CA LYS A 3847 28.73 -44.02 25.42
C LYS A 3847 29.15 -44.59 26.77
N GLY A 3848 28.91 -45.88 26.96
CA GLY A 3848 29.33 -46.56 28.17
C GLY A 3848 28.42 -46.40 29.37
N VAL A 3849 27.15 -46.11 29.17
CA VAL A 3849 26.19 -45.99 30.27
C VAL A 3849 24.87 -46.59 29.81
N THR A 3850 24.18 -47.26 30.73
CA THR A 3850 22.93 -47.94 30.41
C THR A 3850 21.76 -47.56 31.31
N ASP A 3851 21.98 -46.86 32.41
CA ASP A 3851 20.88 -46.45 33.29
C ASP A 3851 20.01 -45.42 32.57
N HIS A 3852 18.76 -45.79 32.30
CA HIS A 3852 17.91 -44.95 31.45
C HIS A 3852 17.71 -43.56 32.05
N THR A 3853 17.56 -43.46 33.38
CA THR A 3853 17.43 -42.16 34.00
C THR A 3853 18.69 -41.33 33.82
N GLN A 3854 19.87 -41.95 33.98
CA GLN A 3854 21.12 -41.22 33.79
C GLN A 3854 21.28 -40.75 32.36
N ARG A 3855 20.96 -41.62 31.39
CA ARG A 3855 21.04 -41.22 29.99
C ARG A 3855 20.05 -40.10 29.68
N LEU A 3856 18.85 -40.16 30.27
CA LEU A 3856 17.87 -39.11 30.05
C LEU A 3856 18.36 -37.77 30.59
N SER A 3857 18.95 -37.78 31.79
CA SER A 3857 19.49 -36.54 32.34
C SER A 3857 20.64 -36.01 31.50
N ILE A 3858 21.52 -36.90 31.03
CA ILE A 3858 22.62 -36.49 30.17
C ILE A 3858 22.10 -35.87 28.88
N ILE A 3859 21.07 -36.49 28.30
CA ILE A 3859 20.46 -35.95 27.09
C ILE A 3859 19.85 -34.59 27.35
N THR A 3860 19.18 -34.43 28.50
CA THR A 3860 18.56 -33.15 28.82
C THR A 3860 19.62 -32.05 28.93
N LYS A 3861 20.74 -32.36 29.58
CA LYS A 3861 21.82 -31.37 29.68
C LYS A 3861 22.41 -31.06 28.31
N ASP A 3862 22.73 -32.09 27.54
CA ASP A 3862 23.41 -31.89 26.27
C ASP A 3862 22.52 -31.20 25.26
N LEU A 3863 21.20 -31.36 25.37
CA LEU A 3863 20.30 -30.65 24.47
C LEU A 3863 20.49 -29.15 24.59
N PHE A 3864 20.41 -28.63 25.82
CA PHE A 3864 20.63 -27.21 26.03
C PHE A 3864 22.04 -26.80 25.64
N GLN A 3865 23.03 -27.61 26.02
CA GLN A 3865 24.42 -27.25 25.75
C GLN A 3865 24.68 -27.10 24.25
N VAL A 3866 24.32 -28.13 23.47
CA VAL A 3866 24.59 -28.11 22.04
C VAL A 3866 23.71 -27.10 21.32
N ALA A 3867 22.45 -26.95 21.73
CA ALA A 3867 21.59 -25.97 21.10
C ALA A 3867 22.15 -24.56 21.30
N PHE A 3868 22.57 -24.24 22.53
CA PHE A 3868 23.14 -22.94 22.79
C PHE A 3868 24.41 -22.73 21.98
N ASN A 3869 25.29 -23.74 21.93
CA ASN A 3869 26.52 -23.60 21.15
C ASN A 3869 26.21 -23.31 19.68
N ARG A 3870 25.37 -24.16 19.07
CA ARG A 3870 25.10 -24.04 17.65
C ARG A 3870 24.40 -22.74 17.31
N VAL A 3871 23.49 -22.28 18.17
CA VAL A 3871 22.79 -21.03 17.88
C VAL A 3871 23.72 -19.84 18.07
N ALA A 3872 24.45 -19.81 19.19
CA ALA A 3872 25.24 -18.63 19.53
C ALA A 3872 26.45 -18.48 18.61
N ARG A 3873 26.91 -19.57 18.02
CA ARG A 3873 27.96 -19.42 17.01
C ARG A 3873 27.47 -18.61 15.81
N GLY A 3874 26.18 -18.68 15.51
CA GLY A 3874 25.62 -17.88 14.43
C GLY A 3874 24.78 -16.73 14.95
N MET A 3875 25.29 -16.07 15.99
CA MET A 3875 24.49 -15.12 16.75
C MET A 3875 25.42 -14.14 17.46
N LEU A 3876 24.99 -12.89 17.55
CA LEU A 3876 25.86 -11.82 18.02
C LEU A 3876 26.26 -12.03 19.48
N HIS A 3877 27.43 -11.51 19.83
CA HIS A 3877 27.95 -11.65 21.19
C HIS A 3877 27.05 -10.93 22.20
N GLN A 3878 26.37 -9.85 21.78
CA GLN A 3878 25.54 -9.10 22.71
C GLN A 3878 24.34 -9.90 23.21
N ASP A 3879 23.86 -10.86 22.42
CA ASP A 3879 22.63 -11.58 22.74
C ASP A 3879 22.87 -12.98 23.27
N HIS A 3880 24.13 -13.40 23.45
CA HIS A 3880 24.40 -14.71 24.04
C HIS A 3880 23.76 -14.82 25.41
N ILE A 3881 23.86 -13.76 26.21
CA ILE A 3881 23.27 -13.79 27.54
C ILE A 3881 21.75 -13.85 27.45
N THR A 3882 21.15 -13.16 26.47
CA THR A 3882 19.70 -13.22 26.30
C THR A 3882 19.25 -14.63 25.98
N PHE A 3883 19.93 -15.28 25.03
CA PHE A 3883 19.54 -16.64 24.66
C PHE A 3883 19.77 -17.60 25.82
N ALA A 3884 20.87 -17.44 26.55
CA ALA A 3884 21.13 -18.29 27.71
C ALA A 3884 20.06 -18.09 28.78
N MET A 3885 19.63 -16.84 29.00
CA MET A 3885 18.57 -16.58 29.96
C MET A 3885 17.27 -17.25 29.55
N LEU A 3886 16.94 -17.17 28.26
CA LEU A 3886 15.73 -17.85 27.77
C LEU A 3886 15.83 -19.36 27.99
N LEU A 3887 16.97 -19.95 27.67
CA LEU A 3887 17.14 -21.39 27.85
C LEU A 3887 17.05 -21.77 29.32
N ALA A 3888 17.64 -20.96 30.19
CA ALA A 3888 17.57 -21.23 31.63
C ALA A 3888 16.14 -21.11 32.13
N ARG A 3889 15.39 -20.13 31.64
CA ARG A 3889 13.97 -20.02 32.00
C ARG A 3889 13.21 -21.27 31.56
N ILE A 3890 13.45 -21.74 30.34
CA ILE A 3890 12.77 -22.92 29.85
C ILE A 3890 13.08 -24.13 30.73
N LYS A 3891 14.36 -24.33 31.06
CA LYS A 3891 14.72 -25.48 31.87
C LYS A 3891 14.16 -25.37 33.29
N LEU A 3892 14.15 -24.15 33.85
CA LEU A 3892 13.58 -23.95 35.17
C LEU A 3892 12.09 -24.26 35.19
N LYS A 3893 11.38 -23.87 34.14
CA LYS A 3893 9.98 -24.26 34.03
C LYS A 3893 9.83 -25.76 33.89
N GLY A 3894 10.72 -26.40 33.12
CA GLY A 3894 10.62 -27.83 32.90
C GLY A 3894 10.89 -28.65 34.14
N THR A 3895 11.90 -28.26 34.92
CA THR A 3895 12.31 -29.06 36.07
C THR A 3895 11.24 -29.07 37.15
N VAL A 3896 11.24 -30.13 37.95
CA VAL A 3896 10.24 -30.35 38.99
C VAL A 3896 10.93 -30.22 40.35
N GLY A 3897 10.23 -29.57 41.28
CA GLY A 3897 10.76 -29.31 42.61
C GLY A 3897 10.99 -27.84 42.90
N GLU A 3898 11.05 -26.99 41.89
CA GLU A 3898 11.21 -25.56 42.06
C GLU A 3898 9.91 -24.84 41.72
N PRO A 3899 9.53 -23.80 42.46
CA PRO A 3899 8.32 -23.06 42.12
C PRO A 3899 8.45 -22.38 40.77
N THR A 3900 7.30 -22.09 40.16
CA THR A 3900 7.28 -21.52 38.83
C THR A 3900 7.96 -20.15 38.79
N TYR A 3901 7.94 -19.41 39.90
CA TYR A 3901 8.53 -18.07 39.97
C TYR A 3901 7.95 -17.15 38.89
N ASP A 3902 6.67 -17.35 38.56
CA ASP A 3902 6.06 -16.58 37.49
C ASP A 3902 5.94 -15.11 37.86
N ALA A 3903 5.50 -14.83 39.09
CA ALA A 3903 5.35 -13.44 39.51
C ALA A 3903 6.70 -12.73 39.57
N GLU A 3904 7.75 -13.43 40.01
CA GLU A 3904 9.07 -12.83 40.09
C GLU A 3904 9.59 -12.44 38.71
N PHE A 3905 9.49 -13.34 37.73
CA PHE A 3905 9.87 -12.99 36.36
C PHE A 3905 8.98 -11.88 35.79
N GLN A 3906 7.68 -11.92 36.09
CA GLN A 3906 6.80 -10.87 35.58
C GLN A 3906 7.24 -9.51 36.09
N HIS A 3907 7.56 -9.41 37.38
CA HIS A 3907 8.07 -8.16 37.92
C HIS A 3907 9.42 -7.81 37.31
N PHE A 3908 10.31 -8.80 37.21
CA PHE A 3908 11.65 -8.57 36.68
C PHE A 3908 11.60 -8.04 35.24
N LEU A 3909 10.55 -8.38 34.51
CA LEU A 3909 10.41 -7.92 33.14
C LEU A 3909 9.64 -6.60 33.03
N ARG A 3910 8.61 -6.40 33.84
CA ARG A 3910 7.73 -5.26 33.67
C ARG A 3910 7.56 -4.44 34.95
N GLY A 3911 8.62 -4.29 35.72
CA GLY A 3911 8.56 -3.43 36.89
C GLY A 3911 8.42 -1.96 36.57
N ASN A 3912 8.91 -1.54 35.41
CA ASN A 3912 8.71 -0.15 34.98
C ASN A 3912 7.24 0.15 34.72
N GLU A 3913 6.42 -0.88 34.50
CA GLU A 3913 4.98 -0.67 34.38
C GLU A 3913 4.37 -0.17 35.68
N ILE A 3914 4.93 -0.60 36.83
CA ILE A 3914 4.40 -0.18 38.12
C ILE A 3914 4.61 1.32 38.26
N VAL A 3915 3.52 2.07 38.19
CA VAL A 3915 3.57 3.53 38.11
C VAL A 3915 3.59 4.11 39.52
N LEU A 3916 4.33 5.20 39.69
CA LEU A 3916 4.47 5.88 40.97
C LEU A 3916 4.03 7.33 40.82
N SER A 3917 4.15 8.08 41.92
CA SER A 3917 3.78 9.49 41.95
C SER A 3917 4.80 10.26 42.78
N ALA A 3918 5.13 11.46 42.33
CA ALA A 3918 6.03 12.33 43.08
C ALA A 3918 5.33 12.80 44.34
N GLY A 3919 5.73 12.25 45.49
CA GLY A 3919 5.08 12.53 46.75
C GLY A 3919 4.81 11.27 47.53
N SER A 3920 4.79 10.13 46.83
CA SER A 3920 4.64 8.82 47.44
C SER A 3920 5.96 8.06 47.49
N THR A 3921 7.07 8.76 47.28
CA THR A 3921 8.40 8.13 47.24
C THR A 3921 9.20 8.55 48.47
N PRO A 3922 9.37 7.67 49.45
CA PRO A 3922 10.22 8.02 50.60
C PRO A 3922 11.69 8.04 50.24
N ARG A 3923 12.27 9.23 50.15
CA ARG A 3923 13.67 9.38 49.76
C ARG A 3923 14.56 9.02 50.95
N ILE A 3924 15.40 8.00 50.77
CA ILE A 3924 16.27 7.50 51.82
C ILE A 3924 17.70 7.88 51.52
N GLN A 3925 18.40 8.41 52.53
CA GLN A 3925 19.79 8.81 52.35
C GLN A 3925 20.67 7.58 52.12
N GLY A 3926 21.75 7.77 51.37
CA GLY A 3926 22.62 6.71 50.94
C GLY A 3926 22.19 6.05 49.65
N LEU A 3927 21.11 6.53 49.05
CA LEU A 3927 20.53 5.95 47.86
C LEU A 3927 20.17 7.08 46.88
N THR A 3928 19.95 6.72 45.62
CA THR A 3928 19.69 7.69 44.56
C THR A 3928 18.20 7.74 44.30
N VAL A 3929 17.74 8.91 43.83
CA VAL A 3929 16.29 9.14 43.71
C VAL A 3929 15.67 8.18 42.70
N GLU A 3930 16.32 7.97 41.55
CA GLU A 3930 15.83 6.94 40.63
C GLU A 3930 16.07 5.55 41.20
N GLN A 3931 17.19 5.36 41.89
CA GLN A 3931 17.43 4.10 42.59
C GLN A 3931 16.34 3.85 43.64
N ALA A 3932 16.01 4.89 44.41
CA ALA A 3932 14.94 4.75 45.40
C ALA A 3932 13.60 4.47 44.74
N GLU A 3933 13.36 5.09 43.59
CA GLU A 3933 12.16 4.80 42.82
C GLU A 3933 12.09 3.32 42.46
N ALA A 3934 13.21 2.77 41.98
CA ALA A 3934 13.25 1.35 41.66
C ALA A 3934 13.06 0.47 42.89
N VAL A 3935 13.64 0.87 44.03
CA VAL A 3935 13.50 0.10 45.26
C VAL A 3935 12.03 0.05 45.70
N VAL A 3936 11.36 1.19 45.66
CA VAL A 3936 9.97 1.21 46.13
C VAL A 3936 9.05 0.55 45.10
N ARG A 3937 9.45 0.53 43.83
CA ARG A 3937 8.74 -0.29 42.86
C ARG A 3937 8.88 -1.77 43.19
N LEU A 3938 10.10 -2.20 43.51
CA LEU A 3938 10.32 -3.60 43.90
C LEU A 3938 9.59 -3.95 45.19
N SER A 3939 9.38 -2.95 46.05
CA SER A 3939 8.73 -3.19 47.34
C SER A 3939 7.31 -3.71 47.18
N CYS A 3940 6.70 -3.55 46.01
CA CYS A 3940 5.35 -4.06 45.77
C CYS A 3940 5.29 -5.58 45.65
N LEU A 3941 6.37 -6.31 45.92
CA LEU A 3941 6.37 -7.76 45.90
C LEU A 3941 6.25 -8.32 47.31
N PRO A 3942 5.64 -9.50 47.47
CA PRO A 3942 5.44 -10.03 48.82
C PRO A 3942 6.73 -10.25 49.60
N ALA A 3943 7.80 -10.66 48.92
CA ALA A 3943 9.06 -10.91 49.61
C ALA A 3943 9.88 -9.64 49.83
N PHE A 3944 9.47 -8.51 49.27
CA PHE A 3944 10.21 -7.27 49.39
C PHE A 3944 9.37 -6.15 49.99
N LYS A 3945 8.27 -6.49 50.67
CA LYS A 3945 7.39 -5.47 51.23
C LYS A 3945 8.10 -4.69 52.34
N ASP A 3946 8.91 -5.37 53.15
CA ASP A 3946 9.64 -4.74 54.25
C ASP A 3946 11.07 -4.38 53.86
N LEU A 3947 11.33 -4.20 52.56
CA LEU A 3947 12.70 -4.01 52.10
C LEU A 3947 13.28 -2.70 52.61
N ILE A 3948 12.47 -1.64 52.65
CA ILE A 3948 12.96 -0.32 53.03
C ILE A 3948 13.51 -0.33 54.46
N ALA A 3949 12.82 -1.02 55.37
CA ALA A 3949 13.32 -1.14 56.74
C ALA A 3949 14.65 -1.86 56.78
N LYS A 3950 14.81 -2.90 55.96
CA LYS A 3950 16.08 -3.61 55.89
C LYS A 3950 17.19 -2.70 55.34
N VAL A 3951 16.85 -1.87 54.36
CA VAL A 3951 17.80 -0.87 53.86
C VAL A 3951 18.26 0.05 54.98
N GLN A 3952 17.31 0.60 55.73
CA GLN A 3952 17.67 1.53 56.79
C GLN A 3952 18.23 0.85 58.02
N ALA A 3953 18.19 -0.49 58.09
CA ALA A 3953 18.74 -1.21 59.24
C ALA A 3953 20.16 -1.69 59.00
N ASP A 3954 20.45 -2.22 57.81
CA ASP A 3954 21.76 -2.74 57.51
C ASP A 3954 22.75 -1.61 57.29
N GLU A 3955 23.99 -1.83 57.75
CA GLU A 3955 25.07 -0.86 57.60
C GLU A 3955 25.94 -1.13 56.39
N GLN A 3956 26.15 -2.41 56.05
CA GLN A 3956 27.02 -2.77 54.93
C GLN A 3956 26.36 -2.57 53.58
N PHE A 3957 25.13 -2.04 53.53
CA PHE A 3957 24.47 -1.79 52.26
C PHE A 3957 25.25 -0.78 51.43
N GLY A 3958 25.70 0.31 52.07
CA GLY A 3958 26.34 1.40 51.34
C GLY A 3958 27.60 0.96 50.63
N ILE A 3959 28.45 0.20 51.33
CA ILE A 3959 29.69 -0.26 50.71
C ILE A 3959 29.40 -1.25 49.60
N TRP A 3960 28.36 -2.09 49.77
CA TRP A 3960 28.00 -3.05 48.74
C TRP A 3960 27.50 -2.34 47.48
N LEU A 3961 26.74 -1.27 47.65
CA LEU A 3961 26.27 -0.51 46.49
C LEU A 3961 27.42 0.12 45.73
N ASP A 3962 28.51 0.46 46.40
CA ASP A 3962 29.66 1.08 45.76
C ASP A 3962 30.76 0.09 45.43
N SER A 3963 30.56 -1.20 45.69
CA SER A 3963 31.58 -2.19 45.38
C SER A 3963 31.69 -2.39 43.87
N SER A 3964 32.90 -2.76 43.43
CA SER A 3964 33.16 -2.98 42.02
C SER A 3964 32.41 -4.19 41.46
N SER A 3965 31.99 -5.12 42.32
CA SER A 3965 31.25 -6.29 41.87
C SER A 3965 30.22 -6.68 42.93
N PRO A 3966 29.16 -5.88 43.10
CA PRO A 3966 28.15 -6.22 44.12
C PRO A 3966 27.45 -7.54 43.86
N GLU A 3967 27.31 -7.95 42.59
CA GLU A 3967 26.56 -9.16 42.26
C GLU A 3967 27.15 -10.41 42.90
N GLN A 3968 28.43 -10.37 43.29
CA GLN A 3968 29.05 -11.52 43.92
C GLN A 3968 28.84 -11.55 45.43
N THR A 3969 28.47 -10.42 46.04
CA THR A 3969 28.29 -10.34 47.49
C THR A 3969 26.96 -9.68 47.82
N VAL A 3970 25.89 -10.10 47.16
CA VAL A 3970 24.58 -9.49 47.36
C VAL A 3970 24.07 -9.85 48.75
N PRO A 3971 23.75 -8.87 49.59
CA PRO A 3971 23.19 -9.18 50.90
C PRO A 3971 21.77 -9.70 50.79
N TYR A 3972 21.41 -10.61 51.69
CA TYR A 3972 20.05 -11.15 51.75
C TYR A 3972 19.13 -10.08 52.31
N LEU A 3973 18.24 -9.54 51.46
CA LEU A 3973 17.42 -8.40 51.84
C LEU A 3973 15.94 -8.61 51.53
N TRP A 3974 15.49 -9.84 51.38
CA TRP A 3974 14.08 -10.12 51.16
C TRP A 3974 13.49 -10.87 52.35
N SER A 3975 12.16 -10.88 52.42
CA SER A 3975 11.44 -11.56 53.49
C SER A 3975 11.04 -12.95 53.02
N GLU A 3976 11.62 -13.98 53.63
CA GLU A 3976 11.37 -15.36 53.26
C GLU A 3976 10.84 -16.12 54.46
N GLU A 3977 10.21 -17.26 54.19
CA GLU A 3977 9.68 -18.13 55.24
C GLU A 3977 10.41 -19.47 55.30
N THR A 3978 10.47 -20.20 54.19
CA THR A 3978 11.18 -21.46 54.03
C THR A 3978 12.63 -21.21 53.62
N PRO A 3979 13.54 -22.14 53.95
CA PRO A 3979 14.91 -22.02 53.42
C PRO A 3979 14.91 -21.97 51.90
N ALA A 3980 15.32 -20.82 51.36
CA ALA A 3980 15.21 -20.59 49.92
C ALA A 3980 16.10 -21.56 49.15
N THR A 3981 15.58 -22.03 48.02
CA THR A 3981 16.38 -22.85 47.12
C THR A 3981 17.50 -21.98 46.53
N PRO A 3982 18.60 -22.60 46.10
CA PRO A 3982 19.66 -21.80 45.45
C PRO A 3982 19.14 -21.00 44.27
N ILE A 3983 18.20 -21.56 43.51
CA ILE A 3983 17.61 -20.83 42.39
C ILE A 3983 16.79 -19.65 42.89
N GLY A 3984 16.09 -19.83 44.02
CA GLY A 3984 15.35 -18.72 44.59
C GLY A 3984 16.25 -17.60 45.06
N GLN A 3985 17.37 -17.94 45.70
CA GLN A 3985 18.32 -16.92 46.08
C GLN A 3985 18.90 -16.23 44.84
N ALA A 3986 19.18 -17.00 43.79
CA ALA A 3986 19.71 -16.41 42.57
C ALA A 3986 18.72 -15.43 41.95
N ILE A 3987 17.45 -15.81 41.89
CA ILE A 3987 16.44 -14.92 41.29
C ILE A 3987 16.24 -13.68 42.16
N HIS A 3988 16.22 -13.84 43.48
CA HIS A 3988 16.01 -12.68 44.34
C HIS A 3988 17.18 -11.73 44.27
N ARG A 3989 18.40 -12.25 44.21
CA ARG A 3989 19.57 -11.39 44.06
C ARG A 3989 19.60 -10.75 42.68
N LEU A 3990 19.11 -11.44 41.65
CA LEU A 3990 18.98 -10.82 40.34
C LEU A 3990 18.04 -9.62 40.38
N LEU A 3991 16.89 -9.79 41.05
CA LEU A 3991 15.97 -8.67 41.20
C LEU A 3991 16.59 -7.52 41.99
N LEU A 3992 17.31 -7.85 43.05
CA LEU A 3992 17.98 -6.81 43.84
C LEU A 3992 19.02 -6.07 43.02
N ILE A 3993 19.79 -6.79 42.20
CA ILE A 3993 20.79 -6.15 41.34
C ILE A 3993 20.10 -5.25 40.33
N GLN A 3994 19.02 -5.72 39.73
CA GLN A 3994 18.28 -4.89 38.77
C GLN A 3994 17.76 -3.62 39.44
N ALA A 3995 17.35 -3.73 40.71
CA ALA A 3995 16.85 -2.56 41.43
C ALA A 3995 17.97 -1.57 41.74
N PHE A 3996 18.99 -2.03 42.48
CA PHE A 3996 20.02 -1.13 42.97
C PHE A 3996 21.08 -0.82 41.90
N ARG A 3997 21.78 -1.84 41.43
CA ARG A 3997 22.90 -1.64 40.51
C ARG A 3997 22.62 -2.26 39.15
N PRO A 3998 21.92 -1.54 38.26
CA PRO A 3998 21.61 -2.13 36.95
C PRO A 3998 22.83 -2.44 36.11
N ASP A 3999 23.94 -1.72 36.31
CA ASP A 3999 25.11 -1.91 35.46
C ASP A 3999 25.69 -3.31 35.58
N ARG A 4000 25.56 -3.92 36.75
CA ARG A 4000 26.07 -5.28 36.95
C ARG A 4000 25.07 -6.34 36.53
N LEU A 4001 23.87 -5.95 36.08
CA LEU A 4001 22.81 -6.89 35.73
C LEU A 4001 23.34 -8.04 34.89
N LEU A 4002 23.88 -7.72 33.71
CA LEU A 4002 24.38 -8.77 32.81
C LEU A 4002 25.33 -9.71 33.53
N ALA A 4003 26.26 -9.15 34.31
CA ALA A 4003 27.20 -9.99 35.04
C ALA A 4003 26.45 -10.98 35.92
N MET A 4004 25.55 -10.46 36.76
CA MET A 4004 24.77 -11.36 37.61
C MET A 4004 23.93 -12.30 36.77
N ALA A 4005 23.48 -11.83 35.62
CA ALA A 4005 22.75 -12.69 34.70
C ALA A 4005 23.52 -13.97 34.43
N HIS A 4006 24.81 -13.84 34.14
CA HIS A 4006 25.63 -15.04 33.90
C HIS A 4006 25.59 -15.95 35.12
N MET A 4007 25.75 -15.36 36.31
CA MET A 4007 25.67 -16.14 37.54
C MET A 4007 24.37 -16.92 37.59
N PHE A 4008 23.25 -16.27 37.26
CA PHE A 4008 21.97 -16.96 37.29
C PHE A 4008 21.97 -18.11 36.30
N VAL A 4009 22.52 -17.87 35.10
CA VAL A 4009 22.62 -18.93 34.10
C VAL A 4009 23.53 -20.04 34.62
N SER A 4010 24.55 -19.67 35.40
CA SER A 4010 25.41 -20.67 36.00
C SER A 4010 24.63 -21.55 36.98
N THR A 4011 23.62 -20.99 37.64
CA THR A 4011 22.86 -21.76 38.61
C THR A 4011 21.89 -22.74 37.95
N ASN A 4012 21.55 -22.54 36.68
CA ASN A 4012 20.64 -23.43 35.98
C ASN A 4012 21.34 -24.41 35.05
N LEU A 4013 22.49 -24.03 34.47
CA LEU A 4013 23.12 -24.82 33.43
C LEU A 4013 24.60 -25.07 33.69
N GLY A 4014 25.10 -24.76 34.88
CA GLY A 4014 26.49 -24.94 35.20
C GLY A 4014 27.32 -23.69 34.89
N GLU A 4015 28.48 -23.62 35.55
CA GLU A 4015 29.34 -22.45 35.42
C GLU A 4015 30.05 -22.41 34.07
N SER A 4016 30.06 -23.53 33.32
CA SER A 4016 30.78 -23.61 32.06
C SER A 4016 29.85 -23.70 30.86
N PHE A 4017 28.74 -22.95 30.89
CA PHE A 4017 27.80 -22.97 29.78
C PHE A 4017 28.24 -22.04 28.66
N MET A 4018 28.50 -20.77 29.00
CA MET A 4018 28.96 -19.80 28.01
C MET A 4018 30.48 -19.83 27.81
N SER A 4019 31.19 -20.71 28.52
CA SER A 4019 32.65 -20.72 28.42
C SER A 4019 33.12 -21.06 27.01
N ILE A 4020 32.37 -21.91 26.30
CA ILE A 4020 32.73 -22.29 24.95
C ILE A 4020 32.75 -21.07 24.03
N MET A 4021 31.91 -20.08 24.31
CA MET A 4021 31.89 -18.88 23.47
C MET A 4021 33.20 -18.11 23.59
N GLU A 4022 33.87 -18.21 24.74
CA GLU A 4022 35.14 -17.52 24.94
C GLU A 4022 36.31 -18.22 24.26
N GLN A 4023 36.09 -19.40 23.66
CA GLN A 4023 37.08 -20.16 22.93
C GLN A 4023 36.97 -19.86 21.43
N PRO A 4024 38.08 -20.00 20.69
CA PRO A 4024 38.05 -19.68 19.26
C PRO A 4024 37.15 -20.64 18.48
N LEU A 4025 36.69 -20.15 17.33
CA LEU A 4025 35.79 -20.90 16.46
C LEU A 4025 36.54 -22.07 15.85
N ASP A 4026 36.17 -23.29 16.24
CA ASP A 4026 36.80 -24.51 15.71
C ASP A 4026 36.03 -24.92 14.45
N LEU A 4027 36.43 -24.34 13.32
CA LEU A 4027 35.75 -24.64 12.06
C LEU A 4027 36.03 -26.05 11.59
N THR A 4028 37.15 -26.64 12.00
CA THR A 4028 37.56 -27.95 11.47
C THR A 4028 36.48 -29.00 11.68
N HIS A 4029 36.17 -29.30 12.95
CA HIS A 4029 35.19 -30.34 13.25
C HIS A 4029 33.81 -29.98 12.70
N ILE A 4030 33.42 -28.71 12.79
CA ILE A 4030 32.09 -28.28 12.37
C ILE A 4030 31.90 -28.55 10.89
N VAL A 4031 32.87 -28.13 10.06
CA VAL A 4031 32.75 -28.39 8.64
C VAL A 4031 33.03 -29.85 8.32
N GLY A 4032 33.70 -30.58 9.22
CA GLY A 4032 33.94 -31.99 8.99
C GLY A 4032 32.68 -32.82 9.09
N THR A 4033 31.85 -32.58 10.11
CA THR A 4033 30.70 -33.43 10.33
C THR A 4033 29.37 -32.69 10.52
N GLU A 4034 29.38 -31.49 11.10
CA GLU A 4034 28.12 -30.87 11.48
C GLU A 4034 27.33 -30.40 10.27
N VAL A 4035 27.98 -29.72 9.33
CA VAL A 4035 27.28 -29.16 8.19
C VAL A 4035 27.26 -30.17 7.04
N LYS A 4036 26.09 -30.35 6.42
CA LYS A 4036 25.90 -31.23 5.29
C LYS A 4036 26.43 -30.57 4.01
N PRO A 4037 26.89 -31.37 3.03
CA PRO A 4037 27.49 -30.78 1.82
C PRO A 4037 26.54 -29.95 0.99
N ASN A 4038 25.23 -30.15 1.10
CA ASN A 4038 24.25 -29.37 0.36
C ASN A 4038 23.73 -28.18 1.16
N THR A 4039 24.51 -27.70 2.13
CA THR A 4039 24.11 -26.57 2.97
C THR A 4039 25.24 -25.56 3.00
N PRO A 4040 25.03 -24.34 2.54
CA PRO A 4040 26.10 -23.35 2.55
C PRO A 4040 26.44 -22.89 3.95
N VAL A 4041 27.70 -22.49 4.12
CA VAL A 4041 28.19 -21.94 5.38
C VAL A 4041 28.28 -20.44 5.21
N LEU A 4042 27.39 -19.71 5.88
CA LEU A 4042 27.28 -18.27 5.73
C LEU A 4042 28.16 -17.58 6.76
N MET A 4043 29.33 -17.12 6.32
CA MET A 4043 30.29 -16.44 7.19
C MET A 4043 29.94 -14.95 7.18
N CYS A 4044 29.04 -14.54 8.08
CA CYS A 4044 28.52 -13.19 8.11
C CYS A 4044 29.34 -12.38 9.12
N SER A 4045 29.94 -11.29 8.65
CA SER A 4045 30.69 -10.39 9.50
C SER A 4045 30.03 -9.02 9.53
N VAL A 4046 30.44 -8.19 10.49
CA VAL A 4046 29.96 -6.81 10.56
C VAL A 4046 30.70 -6.00 9.51
N PRO A 4047 30.17 -4.86 9.08
CA PRO A 4047 30.88 -4.03 8.11
C PRO A 4047 32.24 -3.60 8.63
N GLY A 4048 33.21 -3.52 7.71
CA GLY A 4048 34.57 -3.18 8.10
C GLY A 4048 35.37 -4.32 8.67
N TYR A 4049 34.89 -5.56 8.52
CA TYR A 4049 35.61 -6.73 9.02
C TYR A 4049 35.38 -7.88 8.06
N ASP A 4050 36.31 -8.84 8.09
CA ASP A 4050 36.28 -9.97 7.16
C ASP A 4050 36.64 -11.25 7.90
N ALA A 4051 36.27 -12.38 7.30
CA ALA A 4051 36.57 -13.68 7.89
C ALA A 4051 37.16 -14.67 6.89
N SER A 4052 37.63 -14.22 5.73
CA SER A 4052 38.19 -15.13 4.75
C SER A 4052 39.46 -15.81 5.27
N GLY A 4053 40.19 -15.16 6.17
CA GLY A 4053 41.39 -15.74 6.72
C GLY A 4053 41.15 -17.04 7.45
N HIS A 4054 40.01 -17.14 8.16
CA HIS A 4054 39.68 -18.38 8.85
C HIS A 4054 39.51 -19.53 7.87
N VAL A 4055 38.82 -19.29 6.76
CA VAL A 4055 38.62 -20.33 5.77
C VAL A 4055 39.95 -20.68 5.10
N GLU A 4056 40.78 -19.67 4.85
CA GLU A 4056 42.10 -19.93 4.26
C GLU A 4056 42.92 -20.83 5.18
N ASP A 4057 42.93 -20.54 6.48
CA ASP A 4057 43.67 -21.36 7.42
C ASP A 4057 43.08 -22.77 7.51
N LEU A 4058 41.74 -22.87 7.49
CA LEU A 4058 41.09 -24.16 7.52
C LEU A 4058 41.50 -25.02 6.32
N ALA A 4059 41.43 -24.44 5.12
CA ALA A 4059 41.79 -25.18 3.91
C ALA A 4059 43.27 -25.53 3.89
N ALA A 4060 44.13 -24.64 4.42
CA ALA A 4060 45.55 -24.95 4.48
C ALA A 4060 45.81 -26.12 5.42
N GLU A 4061 45.19 -26.11 6.60
CA GLU A 4061 45.40 -27.19 7.57
C GLU A 4061 44.59 -28.44 7.24
N GLN A 4062 43.56 -28.34 6.40
CA GLN A 4062 42.81 -29.50 5.95
C GLN A 4062 43.41 -30.12 4.69
N ASN A 4063 44.29 -29.40 4.00
CA ASN A 4063 44.96 -29.88 2.78
C ASN A 4063 43.93 -30.24 1.71
N THR A 4064 43.04 -29.28 1.42
CA THR A 4064 42.04 -29.45 0.37
C THR A 4064 41.99 -28.18 -0.46
N GLN A 4065 42.00 -28.34 -1.78
CA GLN A 4065 41.95 -27.18 -2.67
C GLN A 4065 40.63 -26.46 -2.53
N ILE A 4066 40.68 -25.13 -2.59
CA ILE A 4066 39.50 -24.29 -2.55
C ILE A 4066 39.69 -23.13 -3.53
N THR A 4067 38.65 -22.81 -4.29
CA THR A 4067 38.69 -21.72 -5.26
C THR A 4067 38.05 -20.48 -4.65
N SER A 4068 38.81 -19.40 -4.56
CA SER A 4068 38.32 -18.14 -4.02
C SER A 4068 37.85 -17.25 -5.16
N ILE A 4069 36.58 -16.82 -5.10
CA ILE A 4069 35.98 -16.04 -6.17
C ILE A 4069 35.29 -14.83 -5.54
N ALA A 4070 35.65 -13.63 -5.99
CA ALA A 4070 34.95 -12.42 -5.58
C ALA A 4070 33.70 -12.23 -6.42
N ILE A 4071 32.64 -11.75 -5.80
CA ILE A 4071 31.35 -11.60 -6.44
C ILE A 4071 31.07 -10.12 -6.65
N GLY A 4072 30.30 -9.82 -7.70
CA GLY A 4072 29.94 -8.44 -8.01
C GLY A 4072 29.94 -8.12 -9.49
N SER A 4073 30.31 -9.11 -10.32
CA SER A 4073 30.37 -8.91 -11.76
C SER A 4073 29.77 -10.12 -12.47
N ALA A 4074 29.32 -9.90 -13.70
CA ALA A 4074 28.70 -10.98 -14.47
C ALA A 4074 29.68 -12.11 -14.72
N GLU A 4075 30.91 -11.77 -15.13
CA GLU A 4075 31.93 -12.81 -15.26
C GLU A 4075 32.26 -13.42 -13.91
N GLY A 4076 32.16 -12.64 -12.83
CA GLY A 4076 32.28 -13.21 -11.50
C GLY A 4076 31.20 -14.23 -11.22
N PHE A 4077 29.96 -13.93 -11.62
CA PHE A 4077 28.87 -14.88 -11.45
C PHE A 4077 29.12 -16.15 -12.25
N ASN A 4078 29.59 -16.00 -13.49
CA ASN A 4078 29.87 -17.18 -14.32
C ASN A 4078 30.97 -18.04 -13.70
N GLN A 4079 32.06 -17.41 -13.24
CA GLN A 4079 33.12 -18.15 -12.59
C GLN A 4079 32.61 -18.85 -11.34
N ALA A 4080 31.76 -18.17 -10.57
CA ALA A 4080 31.21 -18.77 -9.35
C ALA A 4080 30.39 -20.01 -9.67
N ASP A 4081 29.45 -19.90 -10.60
CA ASP A 4081 28.58 -21.04 -10.87
C ASP A 4081 29.36 -22.20 -11.49
N LYS A 4082 30.31 -21.90 -12.39
CA LYS A 4082 31.09 -22.98 -12.98
C LYS A 4082 31.99 -23.64 -11.95
N ALA A 4083 32.53 -22.86 -11.00
CA ALA A 4083 33.34 -23.45 -9.94
C ALA A 4083 32.50 -24.36 -9.06
N ILE A 4084 31.28 -23.93 -8.72
CA ILE A 4084 30.40 -24.79 -7.93
C ILE A 4084 30.10 -26.07 -8.69
N ASN A 4085 29.79 -25.95 -9.98
CA ASN A 4085 29.45 -27.14 -10.77
C ASN A 4085 30.62 -28.11 -10.84
N THR A 4086 31.84 -27.59 -11.03
CA THR A 4086 33.01 -28.46 -11.11
C THR A 4086 33.32 -29.11 -9.77
N ALA A 4087 33.25 -28.32 -8.68
CA ALA A 4087 33.62 -28.85 -7.37
C ALA A 4087 32.59 -29.83 -6.83
N VAL A 4088 31.33 -29.67 -7.22
CA VAL A 4088 30.28 -30.60 -6.78
C VAL A 4088 30.58 -32.01 -7.27
N LYS A 4089 31.10 -32.13 -8.49
CA LYS A 4089 31.42 -33.43 -9.04
C LYS A 4089 32.77 -33.97 -8.60
N SER A 4090 33.53 -33.22 -7.80
CA SER A 4090 34.86 -33.64 -7.40
C SER A 4090 35.02 -33.61 -5.87
N GLY A 4091 34.22 -32.81 -5.19
CA GLY A 4091 34.36 -32.64 -3.76
C GLY A 4091 35.20 -31.45 -3.34
N ARG A 4092 35.71 -30.67 -4.29
CA ARG A 4092 36.49 -29.49 -3.98
C ARG A 4092 35.62 -28.45 -3.29
N TRP A 4093 36.28 -27.51 -2.60
CA TRP A 4093 35.58 -26.47 -1.85
C TRP A 4093 35.53 -25.18 -2.66
N VAL A 4094 34.46 -24.42 -2.45
CA VAL A 4094 34.19 -23.19 -3.20
C VAL A 4094 34.11 -22.03 -2.23
N MET A 4095 34.84 -20.95 -2.55
CA MET A 4095 34.78 -19.71 -1.78
C MET A 4095 34.17 -18.61 -2.63
N LEU A 4096 33.11 -17.99 -2.11
CA LEU A 4096 32.50 -16.82 -2.72
C LEU A 4096 32.52 -15.70 -1.70
N LYS A 4097 33.16 -14.58 -2.06
CA LYS A 4097 33.36 -13.48 -1.14
C LYS A 4097 32.46 -12.30 -1.51
N ASN A 4098 31.94 -11.62 -0.49
CA ASN A 4098 31.08 -10.45 -0.67
C ASN A 4098 29.86 -10.77 -1.52
N VAL A 4099 29.21 -11.89 -1.21
CA VAL A 4099 28.01 -12.30 -1.94
C VAL A 4099 26.80 -11.43 -1.61
N HIS A 4100 26.91 -10.56 -0.60
CA HIS A 4100 25.81 -9.69 -0.23
C HIS A 4100 25.40 -8.74 -1.34
N LEU A 4101 26.31 -8.47 -2.29
CA LEU A 4101 26.05 -7.46 -3.30
C LEU A 4101 24.96 -7.86 -4.29
N ALA A 4102 24.63 -9.16 -4.39
CA ALA A 4102 23.67 -9.66 -5.37
C ALA A 4102 22.63 -10.53 -4.66
N PRO A 4103 21.59 -9.92 -4.07
CA PRO A 4103 20.56 -10.73 -3.40
C PRO A 4103 19.83 -11.68 -4.34
N GLY A 4104 19.46 -11.23 -5.53
CA GLY A 4104 18.77 -12.12 -6.46
C GLY A 4104 19.64 -13.28 -6.92
N TRP A 4105 20.93 -13.02 -7.11
CA TRP A 4105 21.84 -14.11 -7.44
C TRP A 4105 21.97 -15.09 -6.29
N LEU A 4106 21.88 -14.59 -5.05
CA LEU A 4106 21.80 -15.49 -3.90
C LEU A 4106 20.53 -16.32 -3.91
N MET A 4107 19.41 -15.73 -4.35
CA MET A 4107 18.18 -16.50 -4.51
C MET A 4107 18.36 -17.61 -5.53
N GLN A 4108 19.01 -17.29 -6.66
CA GLN A 4108 19.27 -18.33 -7.66
C GLN A 4108 20.18 -19.42 -7.11
N LEU A 4109 21.19 -19.03 -6.33
CA LEU A 4109 22.08 -20.02 -5.72
C LEU A 4109 21.31 -20.92 -4.77
N GLU A 4110 20.41 -20.35 -3.97
CA GLU A 4110 19.61 -21.15 -3.04
C GLU A 4110 18.71 -22.12 -3.80
N LYS A 4111 18.08 -21.63 -4.88
CA LYS A 4111 17.23 -22.50 -5.68
C LYS A 4111 18.02 -23.65 -6.29
N LYS A 4112 19.22 -23.36 -6.78
CA LYS A 4112 20.05 -24.39 -7.37
C LYS A 4112 20.51 -25.40 -6.33
N LEU A 4113 20.87 -24.92 -5.13
CA LEU A 4113 21.40 -25.81 -4.10
C LEU A 4113 20.31 -26.65 -3.46
N HIS A 4114 19.06 -26.18 -3.45
CA HIS A 4114 18.01 -26.91 -2.77
C HIS A 4114 17.80 -28.29 -3.40
N SER A 4115 17.83 -28.37 -4.72
CA SER A 4115 17.60 -29.63 -5.41
C SER A 4115 18.88 -30.40 -5.70
N LEU A 4116 20.03 -29.74 -5.68
CA LEU A 4116 21.28 -30.38 -6.05
C LEU A 4116 21.69 -31.42 -5.00
N GLN A 4117 22.23 -32.54 -5.49
CA GLN A 4117 22.82 -33.56 -4.63
C GLN A 4117 24.33 -33.57 -4.87
N PRO A 4118 25.13 -32.94 -4.02
CA PRO A 4118 26.56 -32.81 -4.30
C PRO A 4118 27.41 -33.96 -3.77
N HIS A 4119 28.72 -33.85 -3.95
CA HIS A 4119 29.65 -34.81 -3.40
C HIS A 4119 29.64 -34.72 -1.87
N ALA A 4120 30.08 -35.80 -1.22
CA ALA A 4120 29.99 -35.89 0.23
C ALA A 4120 30.83 -34.81 0.90
N CYS A 4121 32.04 -34.56 0.39
CA CYS A 4121 32.97 -33.63 1.03
C CYS A 4121 32.96 -32.25 0.40
N PHE A 4122 32.06 -31.99 -0.54
CA PHE A 4122 31.98 -30.67 -1.14
C PHE A 4122 31.43 -29.67 -0.14
N ARG A 4123 32.05 -28.49 -0.08
CA ARG A 4123 31.65 -27.45 0.87
C ARG A 4123 31.62 -26.11 0.15
N LEU A 4124 30.64 -25.28 0.50
CA LEU A 4124 30.48 -23.95 -0.08
C LEU A 4124 30.47 -22.92 1.04
N PHE A 4125 31.32 -21.91 0.92
CA PHE A 4125 31.42 -20.85 1.92
C PHE A 4125 31.12 -19.51 1.27
N LEU A 4126 30.28 -18.71 1.93
CA LEU A 4126 29.93 -17.37 1.49
C LEU A 4126 30.25 -16.38 2.60
N THR A 4127 31.15 -15.45 2.33
CA THR A 4127 31.46 -14.39 3.28
C THR A 4127 30.57 -13.19 3.00
N MET A 4128 30.06 -12.58 4.07
CA MET A 4128 29.00 -11.60 3.95
C MET A 4128 29.17 -10.53 5.04
N GLU A 4129 28.73 -9.31 4.71
CA GLU A 4129 28.57 -8.27 5.71
C GLU A 4129 27.09 -8.10 5.99
N ILE A 4130 26.73 -8.08 7.27
CA ILE A 4130 25.35 -8.14 7.72
C ILE A 4130 24.52 -7.04 7.08
N ASN A 4131 23.50 -7.44 6.31
CA ASN A 4131 22.58 -6.53 5.66
C ASN A 4131 21.19 -7.14 5.69
N PRO A 4132 20.14 -6.32 5.77
CA PRO A 4132 18.78 -6.84 5.67
C PRO A 4132 18.35 -7.21 4.26
N LYS A 4133 19.16 -6.88 3.25
CA LYS A 4133 18.81 -7.19 1.87
C LYS A 4133 18.93 -8.69 1.57
N VAL A 4134 19.65 -9.43 2.42
CA VAL A 4134 19.90 -10.85 2.21
C VAL A 4134 18.58 -11.62 2.27
N PRO A 4135 18.33 -12.55 1.35
CA PRO A 4135 17.10 -13.35 1.42
C PRO A 4135 17.04 -14.17 2.70
N VAL A 4136 15.86 -14.20 3.30
CA VAL A 4136 15.69 -14.88 4.58
C VAL A 4136 15.79 -16.39 4.43
N ASN A 4137 15.31 -16.94 3.31
CA ASN A 4137 15.32 -18.39 3.15
C ASN A 4137 16.73 -18.92 2.90
N LEU A 4138 17.62 -18.09 2.38
CA LEU A 4138 19.02 -18.51 2.26
C LEU A 4138 19.64 -18.76 3.62
N LEU A 4139 19.40 -17.85 4.57
CA LEU A 4139 19.84 -18.07 5.94
C LEU A 4139 19.10 -19.23 6.58
N ARG A 4140 17.80 -19.37 6.26
CA ARG A 4140 17.01 -20.46 6.83
C ARG A 4140 17.54 -21.82 6.42
N ALA A 4141 18.08 -21.94 5.20
CA ALA A 4141 18.60 -23.19 4.68
C ALA A 4141 20.12 -23.22 4.67
N GLY A 4142 20.76 -22.51 5.60
CA GLY A 4142 22.21 -22.48 5.66
C GLY A 4142 22.75 -22.25 7.06
N ARG A 4143 23.87 -22.90 7.37
CA ARG A 4143 24.53 -22.67 8.65
C ARG A 4143 25.10 -21.26 8.69
N ILE A 4144 24.99 -20.61 9.84
CA ILE A 4144 25.35 -19.21 10.00
C ILE A 4144 26.47 -19.11 11.03
N PHE A 4145 27.47 -18.28 10.72
CA PHE A 4145 28.55 -17.96 11.65
C PHE A 4145 28.76 -16.46 11.63
N VAL A 4146 28.60 -15.81 12.79
CA VAL A 4146 28.79 -14.38 12.90
C VAL A 4146 30.20 -14.08 13.41
N PHE A 4147 30.87 -13.14 12.76
CA PHE A 4147 32.22 -12.75 13.09
C PHE A 4147 32.23 -11.29 13.52
N GLU A 4148 32.88 -11.02 14.64
CA GLU A 4148 33.00 -9.67 15.15
C GLU A 4148 34.45 -9.39 15.51
N PRO A 4149 34.91 -8.15 15.32
CA PRO A 4149 36.26 -7.80 15.75
C PRO A 4149 36.36 -7.74 17.26
N PRO A 4150 37.37 -8.37 17.85
CA PRO A 4150 37.54 -8.32 19.30
C PRO A 4150 37.70 -6.88 19.76
N PRO A 4151 37.08 -6.52 20.88
CA PRO A 4151 37.15 -5.12 21.34
C PRO A 4151 38.52 -4.78 21.92
N GLY A 4152 38.68 -3.53 22.35
CA GLY A 4152 39.94 -3.10 22.94
C GLY A 4152 40.85 -2.40 21.96
N VAL A 4153 41.62 -1.41 22.45
CA VAL A 4153 42.54 -0.68 21.59
C VAL A 4153 43.64 -1.60 21.08
N LYS A 4154 44.06 -2.58 21.89
CA LYS A 4154 45.16 -3.45 21.52
C LYS A 4154 44.88 -4.18 20.22
N ALA A 4155 43.72 -4.84 20.13
CA ALA A 4155 43.39 -5.60 18.94
C ALA A 4155 43.24 -4.69 17.72
N ASN A 4156 42.65 -3.51 17.92
CA ASN A 4156 42.45 -2.59 16.79
C ASN A 4156 43.78 -2.11 16.23
N MET A 4157 44.71 -1.72 17.10
CA MET A 4157 46.05 -1.36 16.63
C MET A 4157 46.76 -2.54 15.99
N LEU A 4158 46.62 -3.74 16.54
CA LEU A 4158 47.29 -4.90 15.97
C LEU A 4158 46.80 -5.16 14.55
N ARG A 4159 45.48 -5.11 14.35
CA ARG A 4159 44.93 -5.29 13.01
C ARG A 4159 45.36 -4.16 12.08
N THR A 4160 45.38 -2.92 12.58
CA THR A 4160 45.79 -1.80 11.75
C THR A 4160 47.23 -1.95 11.29
N PHE A 4161 48.13 -2.35 12.20
CA PHE A 4161 49.53 -2.51 11.83
C PHE A 4161 49.74 -3.71 10.90
N SER A 4162 49.02 -4.81 11.15
CA SER A 4162 49.19 -5.98 10.31
C SER A 4162 48.64 -5.77 8.91
N SER A 4163 47.59 -4.96 8.78
CA SER A 4163 47.01 -4.71 7.46
C SER A 4163 48.00 -3.97 6.56
N ILE A 4164 48.70 -2.98 7.10
CA ILE A 4164 49.64 -2.18 6.31
C ILE A 4164 50.87 -3.03 6.01
N PRO A 4165 51.33 -3.10 4.76
CA PRO A 4165 52.54 -3.87 4.46
C PRO A 4165 53.75 -3.27 5.14
N VAL A 4166 54.71 -4.14 5.47
CA VAL A 4166 55.90 -3.70 6.20
C VAL A 4166 56.76 -2.78 5.34
N SER A 4167 56.80 -3.04 4.02
CA SER A 4167 57.63 -2.22 3.14
C SER A 4167 57.14 -0.77 3.11
N ARG A 4168 55.83 -0.57 3.19
CA ARG A 4168 55.28 0.79 3.15
C ARG A 4168 55.71 1.61 4.35
N ILE A 4169 55.70 0.99 5.54
CA ILE A 4169 55.99 1.72 6.76
C ILE A 4169 57.47 2.13 6.83
N CYS A 4170 58.36 1.24 6.41
CA CYS A 4170 59.79 1.47 6.55
C CYS A 4170 60.38 2.32 5.43
N LYS A 4171 59.54 2.88 4.55
CA LYS A 4171 60.05 3.74 3.50
C LYS A 4171 60.65 5.01 4.09
N SER A 4172 61.67 5.54 3.41
CA SER A 4172 62.32 6.75 3.88
C SER A 4172 61.35 7.92 3.81
N PRO A 4173 61.43 8.85 4.78
CA PRO A 4173 62.35 8.89 5.93
C PRO A 4173 61.91 7.97 7.05
N ASN A 4174 62.75 7.76 8.06
CA ASN A 4174 62.41 6.87 9.17
C ASN A 4174 61.21 7.39 9.95
N GLU A 4175 61.11 8.71 10.12
CA GLU A 4175 60.05 9.30 10.92
C GLU A 4175 58.67 8.85 10.45
N ARG A 4176 58.55 8.55 9.15
CA ARG A 4176 57.33 7.98 8.59
C ARG A 4176 56.70 6.95 9.51
N ALA A 4177 57.50 5.95 9.92
CA ALA A 4177 56.98 4.88 10.75
C ALA A 4177 56.27 5.44 11.98
N ARG A 4178 56.95 6.34 12.69
CA ARG A 4178 56.37 6.92 13.90
C ARG A 4178 55.04 7.58 13.58
N LEU A 4179 54.99 8.35 12.49
CA LEU A 4179 53.74 8.98 12.07
C LEU A 4179 52.64 7.95 11.96
N TYR A 4180 52.91 6.85 11.26
CA TYR A 4180 51.90 5.81 11.09
C TYR A 4180 51.38 5.34 12.44
N PHE A 4181 52.29 5.11 13.39
CA PHE A 4181 51.87 4.69 14.71
C PHE A 4181 50.82 5.66 15.27
N LEU A 4182 51.16 6.95 15.25
CA LEU A 4182 50.22 7.98 15.66
C LEU A 4182 48.88 7.76 14.98
N LEU A 4183 48.90 7.74 13.65
CA LEU A 4183 47.70 7.47 12.87
C LEU A 4183 46.95 6.27 13.43
N ALA A 4184 47.64 5.13 13.51
CA ALA A 4184 47.01 3.91 13.99
C ALA A 4184 46.34 4.16 15.33
N TRP A 4185 47.10 4.73 16.27
CA TRP A 4185 46.56 5.00 17.60
C TRP A 4185 45.30 5.85 17.48
N PHE A 4186 45.41 6.98 16.77
CA PHE A 4186 44.27 7.86 16.64
C PHE A 4186 43.09 7.12 16.03
N HIS A 4187 43.37 6.28 15.03
CA HIS A 4187 42.31 5.50 14.40
C HIS A 4187 41.58 4.67 15.45
N ALA A 4188 42.33 3.93 16.26
CA ALA A 4188 41.71 3.13 17.30
C ALA A 4188 40.88 4.02 18.23
N ILE A 4189 41.42 5.20 18.55
CA ILE A 4189 40.76 6.08 19.51
C ILE A 4189 39.37 6.44 19.03
N ILE A 4190 39.14 6.44 17.72
CA ILE A 4190 37.84 6.85 17.23
C ILE A 4190 36.96 5.68 16.79
N GLN A 4191 37.46 4.44 16.88
CA GLN A 4191 36.55 3.32 16.67
C GLN A 4191 36.13 2.69 17.99
N GLU A 4192 37.05 2.57 18.95
CA GLU A 4192 36.69 2.08 20.26
C GLU A 4192 35.78 3.06 20.99
N ARG A 4193 35.79 4.32 20.56
CA ARG A 4193 34.89 5.32 21.13
C ARG A 4193 33.44 5.09 20.68
N LEU A 4194 33.26 4.56 19.46
CA LEU A 4194 31.92 4.38 18.92
C LEU A 4194 31.08 3.45 19.77
N ARG A 4195 31.71 2.54 20.51
CA ARG A 4195 30.95 1.64 21.38
C ARG A 4195 30.24 2.40 22.49
N TYR A 4196 30.73 3.58 22.84
CA TYR A 4196 30.18 4.35 23.94
C TYR A 4196 29.28 5.48 23.49
N ALA A 4197 28.85 5.46 22.22
CA ALA A 4197 27.91 6.45 21.74
C ALA A 4197 26.58 6.32 22.47
N PRO A 4198 25.87 7.42 22.70
CA PRO A 4198 26.18 8.80 22.30
C PRO A 4198 27.06 9.54 23.31
N LEU A 4199 27.49 8.87 24.38
CA LEU A 4199 28.36 9.53 25.35
C LEU A 4199 29.71 9.89 24.73
N GLY A 4200 30.13 9.14 23.72
CA GLY A 4200 31.31 9.48 22.95
C GLY A 4200 30.93 10.33 21.76
N TRP A 4201 31.05 9.77 20.57
CA TRP A 4201 30.51 10.44 19.38
C TRP A 4201 29.00 10.58 19.53
N SER A 4202 28.46 11.70 19.02
CA SER A 4202 27.03 11.97 19.19
C SER A 4202 26.18 10.91 18.52
N LYS A 4203 26.58 10.46 17.32
CA LYS A 4203 25.88 9.42 16.61
C LYS A 4203 26.88 8.41 16.08
N LYS A 4204 26.42 7.17 15.91
CA LYS A 4204 27.30 6.10 15.47
C LYS A 4204 27.71 6.33 14.02
N TYR A 4205 28.94 6.80 13.82
CA TYR A 4205 29.47 7.04 12.49
C TYR A 4205 29.99 5.74 11.89
N GLU A 4206 30.48 5.82 10.66
CA GLU A 4206 31.04 4.67 9.95
C GLU A 4206 32.48 5.01 9.58
N PHE A 4207 33.40 4.74 10.50
CA PHE A 4207 34.83 4.97 10.28
C PHE A 4207 35.44 3.62 9.92
N GLY A 4208 35.51 3.34 8.61
CA GLY A 4208 35.95 2.07 8.11
C GLY A 4208 37.39 2.09 7.61
N GLU A 4209 37.73 1.08 6.82
CA GLU A 4209 39.09 0.94 6.32
C GLU A 4209 39.43 2.02 5.30
N SER A 4210 38.42 2.51 4.56
CA SER A 4210 38.67 3.49 3.52
C SER A 4210 39.24 4.78 4.09
N ASP A 4211 38.74 5.21 5.25
CA ASP A 4211 39.28 6.40 5.89
C ASP A 4211 40.74 6.21 6.26
N LEU A 4212 41.10 5.03 6.78
CA LEU A 4212 42.49 4.74 7.06
C LEU A 4212 43.34 4.76 5.80
N ARG A 4213 42.82 4.20 4.71
CA ARG A 4213 43.56 4.21 3.45
C ARG A 4213 43.82 5.64 2.99
N SER A 4214 42.80 6.49 3.06
CA SER A 4214 42.97 7.88 2.66
C SER A 4214 43.97 8.59 3.56
N ALA A 4215 43.91 8.32 4.87
CA ALA A 4215 44.85 8.94 5.80
C ALA A 4215 46.29 8.54 5.48
N CYS A 4216 46.52 7.26 5.23
CA CYS A 4216 47.86 6.80 4.88
C CYS A 4216 48.33 7.40 3.56
N ASP A 4217 47.43 7.51 2.58
CA ASP A 4217 47.82 8.11 1.30
C ASP A 4217 48.22 9.57 1.48
N THR A 4218 47.43 10.32 2.25
CA THR A 4218 47.76 11.72 2.49
C THR A 4218 49.07 11.86 3.25
N VAL A 4219 49.28 11.04 4.27
CA VAL A 4219 50.53 11.08 5.02
C VAL A 4219 51.70 10.79 4.10
N ASP A 4220 51.56 9.76 3.26
CA ASP A 4220 52.62 9.39 2.34
C ASP A 4220 52.96 10.54 1.40
N THR A 4221 51.95 11.11 0.74
CA THR A 4221 52.25 12.15 -0.25
C THR A 4221 52.83 13.40 0.40
N TRP A 4222 52.30 13.81 1.56
CA TRP A 4222 52.81 15.01 2.20
C TRP A 4222 54.23 14.80 2.74
N LEU A 4223 54.49 13.62 3.31
CA LEU A 4223 55.84 13.36 3.81
C LEU A 4223 56.83 13.27 2.65
N ASP A 4224 56.42 12.68 1.53
CA ASP A 4224 57.29 12.66 0.36
C ASP A 4224 57.56 14.06 -0.17
N ASP A 4225 56.53 14.92 -0.16
CA ASP A 4225 56.72 16.30 -0.60
C ASP A 4225 57.70 17.03 0.31
N THR A 4226 57.55 16.89 1.62
CA THR A 4226 58.39 17.64 2.55
C THR A 4226 59.82 17.09 2.59
N ALA A 4227 59.96 15.77 2.66
CA ALA A 4227 61.28 15.18 2.82
C ALA A 4227 62.11 15.27 1.54
N LYS A 4228 61.46 15.18 0.37
CA LYS A 4228 62.08 15.21 -0.95
C LYS A 4228 62.98 14.00 -1.20
N GLY A 4229 62.96 12.99 -0.34
CA GLY A 4229 63.82 11.83 -0.47
C GLY A 4229 64.95 11.76 0.53
N ARG A 4230 65.13 12.78 1.38
CA ARG A 4230 66.20 12.76 2.36
C ARG A 4230 65.96 11.68 3.40
N GLN A 4231 67.06 11.18 3.98
CA GLN A 4231 66.97 10.07 4.92
C GLN A 4231 66.19 10.44 6.18
N ASN A 4232 66.40 11.65 6.70
CA ASN A 4232 65.72 12.08 7.91
C ASN A 4232 65.32 13.54 7.78
N ILE A 4233 64.24 13.91 8.46
CA ILE A 4233 63.78 15.29 8.53
C ILE A 4233 63.55 15.63 10.00
N SER A 4234 63.70 16.91 10.31
CA SER A 4234 63.45 17.37 11.67
C SER A 4234 61.96 17.25 12.00
N PRO A 4235 61.62 16.97 13.26
CA PRO A 4235 60.20 16.87 13.62
C PRO A 4235 59.40 18.14 13.37
N ASP A 4236 60.05 19.31 13.43
CA ASP A 4236 59.34 20.56 13.19
C ASP A 4236 58.91 20.70 11.73
N LYS A 4237 59.70 20.17 10.80
CA LYS A 4237 59.40 20.30 9.37
C LYS A 4237 58.24 19.43 8.92
N ILE A 4238 57.74 18.54 9.77
CA ILE A 4238 56.57 17.74 9.39
C ILE A 4238 55.36 18.66 9.25
N PRO A 4239 54.62 18.58 8.15
CA PRO A 4239 53.47 19.48 7.96
C PRO A 4239 52.31 19.12 8.88
N TRP A 4240 52.45 19.45 10.17
CA TRP A 4240 51.43 19.08 11.14
C TRP A 4240 50.09 19.74 10.83
N SER A 4241 50.13 21.03 10.46
CA SER A 4241 48.89 21.73 10.14
C SER A 4241 48.20 21.10 8.94
N ALA A 4242 48.98 20.67 7.94
CA ALA A 4242 48.40 20.03 6.76
C ALA A 4242 47.63 18.78 7.13
N LEU A 4243 48.28 17.87 7.87
CA LEU A 4243 47.62 16.63 8.26
C LEU A 4243 46.41 16.92 9.14
N LYS A 4244 46.55 17.84 10.11
CA LYS A 4244 45.44 18.14 11.00
C LYS A 4244 44.24 18.65 10.22
N THR A 4245 44.46 19.59 9.31
CA THR A 4245 43.35 20.14 8.54
C THR A 4245 42.72 19.08 7.64
N LEU A 4246 43.54 18.26 6.98
CA LEU A 4246 42.98 17.25 6.08
C LEU A 4246 42.16 16.21 6.84
N MET A 4247 42.67 15.74 7.98
CA MET A 4247 41.90 14.77 8.77
C MET A 4247 40.66 15.40 9.40
N ALA A 4248 40.70 16.70 9.69
CA ALA A 4248 39.53 17.33 10.28
C ALA A 4248 38.47 17.69 9.25
N GLN A 4249 38.87 17.87 7.98
CA GLN A 4249 37.96 18.31 6.94
C GLN A 4249 37.51 17.18 6.03
N SER A 4250 38.44 16.44 5.45
CA SER A 4250 38.14 15.51 4.36
C SER A 4250 38.27 14.05 4.75
N ILE A 4251 39.36 13.66 5.39
CA ILE A 4251 39.62 12.24 5.65
C ILE A 4251 38.57 11.67 6.60
N TYR A 4252 38.40 12.30 7.76
CA TYR A 4252 37.41 11.86 8.73
C TYR A 4252 36.29 12.85 8.95
N GLY A 4253 36.52 14.14 8.66
CA GLY A 4253 35.50 15.15 8.88
C GLY A 4253 34.37 15.13 7.87
N GLY A 4254 34.54 14.39 6.77
CA GLY A 4254 33.48 14.30 5.78
C GLY A 4254 32.21 13.69 6.34
N ARG A 4255 32.35 12.65 7.15
CA ARG A 4255 31.20 11.99 7.76
C ARG A 4255 30.68 12.71 8.99
N VAL A 4256 31.38 13.75 9.45
CA VAL A 4256 30.97 14.49 10.64
C VAL A 4256 30.03 15.61 10.23
N ASP A 4257 28.87 15.66 10.86
CA ASP A 4257 27.88 16.70 10.61
C ASP A 4257 27.60 17.58 11.82
N ASN A 4258 27.57 16.99 13.02
CA ASN A 4258 27.38 17.78 14.22
C ASN A 4258 28.61 18.64 14.48
N GLU A 4259 28.39 19.90 14.84
CA GLU A 4259 29.51 20.80 15.08
C GLU A 4259 30.33 20.37 16.28
N PHE A 4260 29.69 19.78 17.28
CA PHE A 4260 30.41 19.37 18.49
C PHE A 4260 31.27 18.15 18.24
N ASP A 4261 30.80 17.22 17.40
CA ASP A 4261 31.66 16.11 17.00
C ASP A 4261 32.86 16.62 16.21
N GLN A 4262 32.65 17.60 15.34
CA GLN A 4262 33.77 18.23 14.64
C GLN A 4262 34.74 18.87 15.62
N ARG A 4263 34.22 19.52 16.65
CA ARG A 4263 35.07 20.12 17.68
C ARG A 4263 35.88 19.06 18.41
N LEU A 4264 35.25 17.93 18.73
CA LEU A 4264 35.96 16.85 19.40
C LEU A 4264 37.07 16.30 18.51
N LEU A 4265 36.78 16.11 17.22
CA LEU A 4265 37.80 15.63 16.30
C LEU A 4265 38.95 16.63 16.19
N ASN A 4266 38.63 17.92 16.12
CA ASN A 4266 39.67 18.94 16.06
C ASN A 4266 40.53 18.92 17.31
N THR A 4267 39.91 18.75 18.49
CA THR A 4267 40.68 18.69 19.72
C THR A 4267 41.60 17.47 19.72
N PHE A 4268 41.11 16.33 19.24
CA PHE A 4268 41.97 15.15 19.16
C PHE A 4268 43.16 15.39 18.25
N LEU A 4269 42.92 15.99 17.07
CA LEU A 4269 44.01 16.27 16.15
C LEU A 4269 45.02 17.26 16.73
N GLU A 4270 44.54 18.32 17.38
CA GLU A 4270 45.46 19.26 18.01
C GLU A 4270 46.25 18.62 19.15
N ARG A 4271 45.65 17.70 19.90
CA ARG A 4271 46.35 17.05 21.00
C ARG A 4271 47.35 16.02 20.53
N LEU A 4272 47.12 15.37 19.39
CA LEU A 4272 48.01 14.32 18.90
C LEU A 4272 49.05 14.84 17.91
N PHE A 4273 48.60 15.42 16.80
CA PHE A 4273 49.50 15.76 15.69
C PHE A 4273 50.16 17.11 15.95
N THR A 4274 51.25 17.05 16.72
CA THR A 4274 52.13 18.19 16.95
C THR A 4274 53.57 17.69 16.91
N THR A 4275 54.51 18.63 16.92
CA THR A 4275 55.93 18.26 17.02
C THR A 4275 56.21 17.55 18.33
N ARG A 4276 55.41 17.84 19.37
CA ARG A 4276 55.62 17.22 20.67
C ARG A 4276 55.52 15.70 20.60
N SER A 4277 54.86 15.17 19.57
CA SER A 4277 54.74 13.74 19.41
C SER A 4277 56.07 13.06 19.13
N PHE A 4278 57.12 13.82 18.82
CA PHE A 4278 58.45 13.26 18.63
C PHE A 4278 59.35 13.45 19.85
N ASP A 4279 58.77 13.82 20.98
CA ASP A 4279 59.50 13.90 22.24
C ASP A 4279 59.23 12.66 23.08
N SER A 4280 60.22 12.27 23.88
CA SER A 4280 60.12 11.05 24.68
C SER A 4280 59.16 11.18 25.85
N GLU A 4281 58.69 12.40 26.15
CA GLU A 4281 57.82 12.63 27.31
C GLU A 4281 56.37 12.85 26.93
N PHE A 4282 55.97 12.46 25.71
CA PHE A 4282 54.60 12.65 25.29
C PHE A 4282 53.65 11.73 26.05
N LYS A 4283 52.46 12.26 26.34
CA LYS A 4283 51.40 11.51 27.01
C LYS A 4283 50.26 11.29 26.01
N LEU A 4284 50.15 10.06 25.50
CA LEU A 4284 49.07 9.75 24.57
C LEU A 4284 47.70 9.85 25.24
N ALA A 4285 47.57 9.24 26.42
CA ALA A 4285 46.34 9.31 27.20
C ALA A 4285 46.70 9.78 28.60
N CYS A 4286 46.07 10.85 29.05
CA CYS A 4286 46.41 11.48 30.31
C CYS A 4286 45.40 11.10 31.39
N LYS A 4287 45.90 10.99 32.62
CA LYS A 4287 45.08 10.72 33.80
C LYS A 4287 44.28 9.43 33.65
N VAL A 4288 44.97 8.37 33.22
CA VAL A 4288 44.33 7.06 33.08
C VAL A 4288 44.02 6.51 34.46
N ASP A 4289 42.73 6.51 34.81
CA ASP A 4289 42.28 6.15 36.16
C ASP A 4289 42.90 7.07 37.21
N GLY A 4290 43.04 8.35 36.86
CA GLY A 4290 43.49 9.34 37.81
C GLY A 4290 44.97 9.36 38.11
N HIS A 4291 45.78 8.60 37.38
CA HIS A 4291 47.22 8.51 37.62
C HIS A 4291 47.82 7.77 36.43
N LYS A 4292 49.12 7.47 36.54
CA LYS A 4292 49.84 6.52 35.67
C LYS A 4292 49.43 6.63 34.20
N ASP A 4293 49.49 7.86 33.69
CA ASP A 4293 49.11 8.10 32.30
C ASP A 4293 50.05 7.36 31.35
N ILE A 4294 49.49 6.93 30.23
CA ILE A 4294 50.23 6.15 29.23
C ILE A 4294 51.24 7.06 28.55
N GLN A 4295 52.47 6.59 28.45
CA GLN A 4295 53.56 7.36 27.86
C GLN A 4295 53.86 6.84 26.45
N MET A 4296 54.15 7.79 25.55
CA MET A 4296 54.29 7.47 24.15
C MET A 4296 55.64 6.78 23.91
N PRO A 4297 55.66 5.61 23.27
CA PRO A 4297 56.89 4.83 23.18
C PRO A 4297 58.01 5.57 22.47
N ASP A 4298 59.24 5.33 22.93
CA ASP A 4298 60.41 6.07 22.49
C ASP A 4298 61.06 5.51 21.23
N GLY A 4299 60.58 4.38 20.70
CA GLY A 4299 61.19 3.78 19.54
C GLY A 4299 60.96 4.58 18.27
N ILE A 4300 61.76 4.26 17.25
CA ILE A 4300 61.67 4.93 15.96
C ILE A 4300 61.60 3.90 14.83
N ARG A 4301 61.43 2.63 15.17
CA ARG A 4301 61.29 1.57 14.18
C ARG A 4301 59.95 0.88 14.34
N ARG A 4302 59.51 0.23 13.26
CA ARG A 4302 58.19 -0.41 13.28
C ARG A 4302 58.13 -1.53 14.31
N GLU A 4303 59.21 -2.29 14.46
CA GLU A 4303 59.21 -3.41 15.40
C GLU A 4303 59.00 -2.93 16.83
N GLU A 4304 59.64 -1.81 17.19
CA GLU A 4304 59.43 -1.24 18.52
C GLU A 4304 57.96 -0.89 18.74
N PHE A 4305 57.32 -0.28 17.76
CA PHE A 4305 55.91 0.09 17.89
C PHE A 4305 55.03 -1.14 18.00
N VAL A 4306 55.31 -2.18 17.21
CA VAL A 4306 54.52 -3.41 17.28
C VAL A 4306 54.65 -4.04 18.67
N GLN A 4307 55.88 -4.09 19.19
CA GLN A 4307 56.08 -4.64 20.52
C GLN A 4307 55.36 -3.81 21.58
N TRP A 4308 55.44 -2.48 21.47
CA TRP A 4308 54.77 -1.62 22.44
C TRP A 4308 53.26 -1.82 22.41
N VAL A 4309 52.69 -2.02 21.21
CA VAL A 4309 51.28 -2.38 21.12
C VAL A 4309 51.05 -3.72 21.82
N GLU A 4310 51.95 -4.67 21.61
CA GLU A 4310 51.84 -5.95 22.30
C GLU A 4310 52.11 -5.81 23.80
N LEU A 4311 52.93 -4.84 24.20
CA LEU A 4311 53.21 -4.64 25.61
C LEU A 4311 52.09 -3.92 26.35
N LEU A 4312 51.05 -3.47 25.65
CA LEU A 4312 49.95 -2.80 26.31
C LEU A 4312 49.27 -3.76 27.29
N PRO A 4313 48.83 -3.28 28.45
CA PRO A 4313 48.15 -4.17 29.40
C PRO A 4313 46.81 -4.64 28.85
N ASP A 4314 46.41 -5.84 29.26
CA ASP A 4314 45.13 -6.39 28.81
C ASP A 4314 43.98 -5.54 29.32
N THR A 4315 44.12 -4.93 30.49
CA THR A 4315 43.09 -4.04 31.02
C THR A 4315 43.01 -2.76 30.19
N GLN A 4316 41.81 -2.19 30.13
CA GLN A 4316 41.60 -0.93 29.44
C GLN A 4316 40.33 -0.28 29.98
N THR A 4317 40.42 1.01 30.27
CA THR A 4317 39.30 1.79 30.78
C THR A 4317 38.93 2.86 29.76
N PRO A 4318 37.71 3.40 29.83
CA PRO A 4318 37.33 4.47 28.89
C PRO A 4318 38.23 5.70 29.01
N SER A 4319 38.94 5.81 30.14
CA SER A 4319 39.90 6.90 30.30
C SER A 4319 40.98 6.86 29.24
N TRP A 4320 41.21 5.69 28.63
CA TRP A 4320 42.14 5.62 27.51
C TRP A 4320 41.67 6.48 26.35
N LEU A 4321 40.37 6.49 26.08
CA LEU A 4321 39.80 7.24 24.96
C LEU A 4321 39.43 8.67 25.35
N GLY A 4322 39.76 9.08 26.57
CA GLY A 4322 39.38 10.41 27.05
C GLY A 4322 38.03 10.48 27.71
N LEU A 4323 37.29 9.37 27.75
CA LEU A 4323 35.98 9.28 28.37
C LEU A 4323 36.12 9.01 29.87
N PRO A 4324 35.18 9.49 30.68
CA PRO A 4324 35.22 9.17 32.10
C PRO A 4324 34.97 7.69 32.33
N ASN A 4325 35.55 7.16 33.42
CA ASN A 4325 35.49 5.72 33.66
C ASN A 4325 34.07 5.24 33.92
N ASN A 4326 33.16 6.13 34.32
CA ASN A 4326 31.78 5.73 34.56
C ASN A 4326 31.04 5.37 33.28
N ALA A 4327 31.61 5.68 32.12
CA ALA A 4327 30.97 5.35 30.86
C ALA A 4327 30.75 3.85 30.71
N GLU A 4328 31.62 3.04 31.31
CA GLU A 4328 31.44 1.60 31.29
C GLU A 4328 30.13 1.20 31.96
N ARG A 4329 29.82 1.85 33.09
CA ARG A 4329 28.55 1.58 33.77
C ARG A 4329 27.36 1.98 32.91
N VAL A 4330 27.47 3.11 32.20
CA VAL A 4330 26.38 3.54 31.33
C VAL A 4330 26.16 2.52 30.21
N LEU A 4331 27.26 2.05 29.60
CA LEU A 4331 27.13 1.07 28.53
C LEU A 4331 26.54 -0.23 29.06
N LEU A 4332 26.97 -0.68 30.23
CA LEU A 4332 26.44 -1.91 30.80
C LEU A 4332 24.95 -1.77 31.14
N THR A 4333 24.55 -0.60 31.68
CA THR A 4333 23.14 -0.39 31.97
C THR A 4333 22.31 -0.39 30.68
N THR A 4334 22.82 0.25 29.62
CA THR A 4334 22.12 0.24 28.35
C THR A 4334 21.98 -1.17 27.80
N GLN A 4335 23.05 -1.96 27.87
CA GLN A 4335 22.98 -3.34 27.41
C GLN A 4335 22.00 -4.15 28.25
N GLY A 4336 21.96 -3.91 29.56
CA GLY A 4336 21.04 -4.63 30.41
C GLY A 4336 19.59 -4.32 30.10
N VAL A 4337 19.25 -3.04 29.93
CA VAL A 4337 17.87 -2.70 29.60
C VAL A 4337 17.53 -3.19 28.19
N ASP A 4338 18.52 -3.22 27.29
CA ASP A 4338 18.29 -3.79 25.97
C ASP A 4338 17.96 -5.27 26.08
N MET A 4339 18.69 -6.00 26.93
CA MET A 4339 18.39 -7.41 27.15
C MET A 4339 17.00 -7.60 27.74
N ILE A 4340 16.61 -6.73 28.67
CA ILE A 4340 15.27 -6.80 29.26
C ILE A 4340 14.22 -6.62 28.17
N SER A 4341 14.40 -5.62 27.31
CA SER A 4341 13.46 -5.38 26.23
C SER A 4341 13.42 -6.55 25.25
N LYS A 4342 14.59 -7.12 24.94
CA LYS A 4342 14.65 -8.23 24.00
C LYS A 4342 13.92 -9.45 24.56
N MET A 4343 14.06 -9.72 25.85
CA MET A 4343 13.31 -10.82 26.46
C MET A 4343 11.82 -10.50 26.53
N LEU A 4344 11.47 -9.23 26.76
CA LEU A 4344 10.06 -8.86 26.85
C LEU A 4344 9.37 -9.07 25.51
N LYS A 4345 10.04 -8.69 24.42
CA LYS A 4345 9.44 -8.90 23.10
C LYS A 4345 9.49 -10.36 22.68
N MET A 4346 10.27 -11.19 23.36
CA MET A 4346 10.22 -12.65 23.19
C MET A 4346 9.25 -13.27 24.18
N GLN A 4347 8.01 -12.76 24.21
CA GLN A 4347 7.00 -13.27 25.13
C GLN A 4347 5.63 -13.45 24.49
N MET A 4348 5.38 -12.90 23.30
CA MET A 4348 4.11 -13.02 22.61
C MET A 4348 3.72 -14.48 22.41
N LEU A 4349 4.51 -15.22 21.63
CA LEU A 4349 4.24 -16.63 21.41
C LEU A 4349 4.72 -17.50 22.55
N GLU A 4350 5.44 -16.94 23.52
CA GLU A 4350 5.82 -17.68 24.72
C GLU A 4350 4.72 -17.70 25.77
N ASP A 4351 3.65 -16.93 25.58
CA ASP A 4351 2.49 -16.94 26.46
C ASP A 4351 1.28 -17.26 25.60
N GLU A 4352 0.59 -18.34 25.93
CA GLU A 4352 -0.61 -18.76 25.19
C GLU A 4352 -1.70 -19.09 26.19
N ASP A 4353 -2.92 -18.66 25.89
CA ASP A 4353 -4.07 -18.87 26.77
C ASP A 4353 -4.36 -20.36 26.97
N ALA A 4375 -4.29 -15.83 28.70
CA ALA A 4375 -4.60 -14.99 29.85
C ALA A 4375 -4.06 -13.58 29.66
N TRP A 4376 -3.13 -13.42 28.71
CA TRP A 4376 -2.56 -12.12 28.46
C TRP A 4376 -3.57 -11.15 27.85
N MET A 4377 -4.67 -11.70 27.31
CA MET A 4377 -5.79 -10.86 26.90
C MET A 4377 -6.29 -9.99 28.04
N ARG A 4378 -6.57 -10.61 29.20
CA ARG A 4378 -7.06 -9.87 30.35
C ARG A 4378 -5.99 -8.94 30.91
N THR A 4379 -4.72 -9.36 30.86
CA THR A 4379 -3.64 -8.49 31.33
C THR A 4379 -3.55 -7.22 30.49
N LEU A 4380 -3.67 -7.35 29.16
CA LEU A 4380 -3.70 -6.18 28.31
C LEU A 4380 -4.92 -5.31 28.61
N HIS A 4381 -6.06 -5.95 28.89
CA HIS A 4381 -7.25 -5.19 29.27
C HIS A 4381 -6.99 -4.36 30.51
N THR A 4382 -6.37 -4.96 31.53
CA THR A 4382 -6.09 -4.26 32.78
C THR A 4382 -5.10 -3.12 32.56
N THR A 4383 -4.03 -3.36 31.80
CA THR A 4383 -3.05 -2.31 31.53
C THR A 4383 -3.69 -1.16 30.76
N ALA A 4384 -4.54 -1.46 29.79
CA ALA A 4384 -5.23 -0.40 29.05
C ALA A 4384 -6.16 0.38 29.95
N SER A 4385 -6.84 -0.30 30.88
CA SER A 4385 -7.70 0.41 31.83
C SER A 4385 -6.87 1.34 32.72
N ASN A 4386 -5.71 0.85 33.19
CA ASN A 4386 -4.83 1.70 34.00
C ASN A 4386 -4.36 2.92 33.21
N TRP A 4387 -4.04 2.73 31.93
CA TRP A 4387 -3.62 3.85 31.10
C TRP A 4387 -4.77 4.84 30.89
N LEU A 4388 -6.01 4.33 30.78
CA LEU A 4388 -7.16 5.21 30.73
C LEU A 4388 -7.26 6.04 32.01
N HIS A 4389 -7.04 5.40 33.16
CA HIS A 4389 -7.12 6.12 34.43
C HIS A 4389 -6.02 7.17 34.55
N LEU A 4390 -4.81 6.84 34.10
CA LEU A 4390 -3.66 7.72 34.35
C LEU A 4390 -3.69 8.94 33.44
N ILE A 4391 -3.78 8.72 32.13
CA ILE A 4391 -3.73 9.84 31.18
C ILE A 4391 -4.92 10.76 31.39
N PRO A 4392 -4.74 12.07 31.42
CA PRO A 4392 -5.90 12.97 31.56
C PRO A 4392 -6.90 12.76 30.45
N GLN A 4393 -8.19 12.82 30.81
CA GLN A 4393 -9.24 12.47 29.86
C GLN A 4393 -9.36 13.50 28.74
N THR A 4394 -9.25 14.78 29.06
CA THR A 4394 -9.47 15.83 28.09
C THR A 4394 -8.50 16.98 28.33
N LEU A 4395 -8.28 17.77 27.27
CA LEU A 4395 -7.46 18.96 27.34
C LEU A 4395 -8.13 20.07 26.54
N SER A 4396 -8.17 21.27 27.11
CA SER A 4396 -8.82 22.41 26.50
C SER A 4396 -7.81 23.29 25.78
N HIS A 4397 -8.32 24.31 25.09
CA HIS A 4397 -7.50 25.26 24.38
C HIS A 4397 -7.34 26.54 25.20
N LEU A 4398 -6.74 27.55 24.59
CA LEU A 4398 -6.50 28.83 25.26
C LEU A 4398 -7.53 29.87 24.82
N LYS A 4399 -7.71 30.88 25.67
CA LYS A 4399 -8.61 31.98 25.39
C LYS A 4399 -7.86 33.04 24.59
N ARG A 4400 -8.39 33.37 23.41
CA ARG A 4400 -7.68 34.20 22.44
C ARG A 4400 -8.32 35.58 22.38
N THR A 4401 -7.52 36.61 22.61
CA THR A 4401 -7.91 38.01 22.45
C THR A 4401 -6.87 38.72 21.57
N VAL A 4402 -7.06 40.02 21.38
CA VAL A 4402 -6.10 40.80 20.62
C VAL A 4402 -4.77 40.90 21.34
N GLU A 4403 -4.80 40.97 22.68
CA GLU A 4403 -3.56 41.05 23.45
C GLU A 4403 -2.82 39.72 23.48
N ASN A 4404 -3.54 38.60 23.45
CA ASN A 4404 -2.91 37.30 23.52
C ASN A 4404 -2.06 37.02 22.29
N ILE A 4405 -2.54 37.41 21.11
CA ILE A 4405 -1.83 37.09 19.88
C ILE A 4405 -0.47 37.79 19.82
N LYS A 4406 -0.39 39.02 20.35
CA LYS A 4406 0.87 39.76 20.29
C LYS A 4406 1.96 39.14 21.15
N ASP A 4407 1.61 38.20 22.03
CA ASP A 4407 2.61 37.53 22.86
C ASP A 4407 3.06 36.25 22.16
N PRO A 4408 4.34 36.14 21.79
CA PRO A 4408 4.80 34.89 21.14
C PRO A 4408 4.65 33.67 22.02
N LEU A 4409 4.82 33.83 23.34
CA LEU A 4409 4.62 32.71 24.25
C LEU A 4409 3.22 32.16 24.14
N PHE A 4410 2.22 33.05 23.99
CA PHE A 4410 0.84 32.59 23.85
C PHE A 4410 0.68 31.72 22.61
N ARG A 4411 1.25 32.15 21.48
CA ARG A 4411 1.14 31.36 20.25
C ARG A 4411 1.82 30.01 20.41
N PHE A 4412 3.02 30.00 21.02
CA PHE A 4412 3.73 28.75 21.22
C PHE A 4412 2.92 27.80 22.10
N PHE A 4413 2.37 28.31 23.20
CA PHE A 4413 1.58 27.48 24.10
C PHE A 4413 0.30 26.99 23.42
N GLU A 4414 -0.31 27.83 22.57
CA GLU A 4414 -1.51 27.43 21.87
C GLU A 4414 -1.21 26.27 20.92
N ARG A 4415 -0.13 26.37 20.15
CA ARG A 4415 0.25 25.26 19.29
C ARG A 4415 0.56 24.01 20.10
N GLU A 4416 1.28 24.18 21.21
CA GLU A 4416 1.63 23.05 22.07
C GLU A 4416 0.38 22.33 22.57
N VAL A 4417 -0.58 23.09 23.12
CA VAL A 4417 -1.77 22.48 23.69
C VAL A 4417 -2.65 21.87 22.60
N LYS A 4418 -2.72 22.49 21.42
CA LYS A 4418 -3.48 21.90 20.33
C LYS A 4418 -2.90 20.54 19.94
N MET A 4419 -1.59 20.49 19.73
CA MET A 4419 -0.94 19.22 19.37
C MET A 4419 -1.14 18.18 20.46
N GLY A 4420 -0.96 18.59 21.72
CA GLY A 4420 -1.12 17.65 22.82
C GLY A 4420 -2.53 17.12 22.93
N ALA A 4421 -3.53 17.99 22.75
CA ALA A 4421 -4.92 17.56 22.84
C ALA A 4421 -5.27 16.59 21.72
N LYS A 4422 -4.84 16.88 20.49
CA LYS A 4422 -5.15 15.97 19.39
C LYS A 4422 -4.50 14.61 19.59
N LEU A 4423 -3.23 14.58 20.00
CA LEU A 4423 -2.60 13.29 20.26
C LEU A 4423 -3.23 12.59 21.45
N LEU A 4424 -3.60 13.33 22.49
CA LEU A 4424 -4.29 12.77 23.64
C LEU A 4424 -5.56 12.06 23.21
N GLN A 4425 -6.38 12.73 22.41
CA GLN A 4425 -7.58 12.08 21.91
C GLN A 4425 -7.23 10.82 21.14
N ASP A 4426 -6.44 10.95 20.07
CA ASP A 4426 -6.08 9.79 19.25
C ASP A 4426 -5.72 8.59 20.11
N VAL A 4427 -4.77 8.78 21.04
CA VAL A 4427 -4.37 7.68 21.91
C VAL A 4427 -5.50 7.23 22.81
N ARG A 4428 -6.40 8.13 23.20
CA ARG A 4428 -7.48 7.75 24.10
C ARG A 4428 -8.51 6.86 23.41
N GLN A 4429 -8.90 7.20 22.17
CA GLN A 4429 -9.77 6.28 21.43
C GLN A 4429 -9.07 4.97 21.11
N ASP A 4430 -7.76 5.00 20.82
CA ASP A 4430 -7.05 3.73 20.64
C ASP A 4430 -7.10 2.88 21.90
N LEU A 4431 -6.93 3.52 23.07
CA LEU A 4431 -6.98 2.80 24.33
C LEU A 4431 -8.38 2.25 24.59
N ALA A 4432 -9.42 3.03 24.25
CA ALA A 4432 -10.78 2.53 24.40
C ALA A 4432 -11.01 1.29 23.53
N ASP A 4433 -10.52 1.34 22.28
CA ASP A 4433 -10.68 0.19 21.40
C ASP A 4433 -9.91 -1.03 21.91
N VAL A 4434 -8.71 -0.83 22.45
CA VAL A 4434 -7.97 -1.98 22.95
C VAL A 4434 -8.63 -2.54 24.19
N VAL A 4435 -9.23 -1.69 25.03
CA VAL A 4435 -10.03 -2.19 26.15
C VAL A 4435 -11.19 -3.04 25.63
N GLN A 4436 -11.86 -2.54 24.60
CA GLN A 4436 -13.00 -3.27 24.03
C GLN A 4436 -12.58 -4.66 23.54
N VAL A 4437 -11.47 -4.72 22.80
CA VAL A 4437 -11.07 -6.02 22.24
C VAL A 4437 -10.57 -6.95 23.33
N CYS A 4438 -9.80 -6.43 24.30
CA CYS A 4438 -9.24 -7.30 25.33
C CYS A 4438 -10.27 -7.73 26.36
N GLU A 4439 -11.40 -7.02 26.47
CA GLU A 4439 -12.48 -7.50 27.33
C GLU A 4439 -13.23 -8.68 26.72
N GLY A 4440 -13.05 -8.93 25.42
CA GLY A 4440 -13.80 -9.96 24.74
C GLY A 4440 -15.16 -9.53 24.23
N LYS A 4441 -15.45 -8.23 24.26
CA LYS A 4441 -16.74 -7.72 23.84
C LYS A 4441 -16.74 -7.15 22.42
N LYS A 4442 -15.60 -7.21 21.72
CA LYS A 4442 -15.56 -6.82 20.32
C LYS A 4442 -14.33 -7.46 19.69
N LYS A 4443 -14.45 -7.86 18.43
CA LYS A 4443 -13.39 -8.56 17.72
C LYS A 4443 -12.43 -7.56 17.08
N GLN A 4444 -11.17 -7.98 16.94
CA GLN A 4444 -10.11 -7.11 16.47
C GLN A 4444 -10.00 -7.13 14.95
N THR A 4445 -9.68 -5.97 14.38
CA THR A 4445 -9.35 -5.87 12.96
C THR A 4445 -7.85 -6.11 12.80
N ASN A 4446 -7.33 -5.92 11.58
CA ASN A 4446 -5.90 -6.09 11.36
C ASN A 4446 -5.11 -5.01 12.08
N TYR A 4447 -5.56 -3.75 12.00
CA TYR A 4447 -4.87 -2.67 12.70
C TYR A 4447 -4.89 -2.89 14.20
N LEU A 4448 -6.04 -3.28 14.75
CA LEU A 4448 -6.13 -3.53 16.19
C LEU A 4448 -5.31 -4.75 16.60
N ARG A 4449 -5.25 -5.77 15.75
CA ARG A 4449 -4.43 -6.94 16.06
C ARG A 4449 -2.95 -6.57 16.12
N THR A 4450 -2.47 -5.83 15.13
CA THR A 4450 -1.09 -5.36 15.17
C THR A 4450 -0.87 -4.44 16.36
N LEU A 4451 -1.87 -3.61 16.68
CA LEU A 4451 -1.77 -2.69 17.81
C LEU A 4451 -1.55 -3.46 19.10
N ILE A 4452 -2.41 -4.45 19.39
CA ILE A 4452 -2.26 -5.21 20.63
C ILE A 4452 -0.98 -6.03 20.60
N ASN A 4453 -0.58 -6.55 19.44
CA ASN A 4453 0.66 -7.30 19.35
C ASN A 4453 1.85 -6.43 19.76
N GLU A 4454 1.88 -5.19 19.26
CA GLU A 4454 3.01 -4.31 19.59
C GLU A 4454 2.89 -3.72 21.00
N LEU A 4455 1.69 -3.70 21.59
CA LEU A 4455 1.63 -3.47 23.04
C LEU A 4455 2.26 -4.64 23.81
N VAL A 4456 2.02 -5.87 23.37
CA VAL A 4456 2.69 -7.00 24.01
C VAL A 4456 4.20 -6.89 23.85
N LYS A 4457 4.66 -6.51 22.65
CA LYS A 4457 6.08 -6.22 22.45
C LYS A 4457 6.52 -4.98 23.20
N GLY A 4458 5.60 -4.07 23.52
CA GLY A 4458 5.97 -2.86 24.22
C GLY A 4458 6.58 -1.79 23.36
N ILE A 4459 6.71 -2.03 22.06
CA ILE A 4459 7.32 -1.08 21.13
C ILE A 4459 6.35 0.06 20.91
N LEU A 4460 6.87 1.29 20.85
CA LEU A 4460 6.02 2.46 20.65
C LEU A 4460 5.31 2.37 19.31
N PRO A 4461 3.98 2.54 19.26
CA PRO A 4461 3.28 2.52 17.98
C PRO A 4461 3.75 3.63 17.05
N ARG A 4462 3.81 3.31 15.76
CA ARG A 4462 4.14 4.30 14.75
C ARG A 4462 3.07 5.38 14.62
N SER A 4463 1.80 5.02 14.78
CA SER A 4463 0.70 5.99 14.65
C SER A 4463 0.67 7.01 15.78
N TRP A 4464 1.62 6.96 16.71
CA TRP A 4464 1.68 7.88 17.83
C TRP A 4464 2.93 8.75 17.69
N SER A 4465 3.18 9.56 18.72
CA SER A 4465 4.41 10.36 18.83
C SER A 4465 4.57 11.31 17.64
N HIS A 4466 3.62 12.25 17.54
CA HIS A 4466 3.78 13.34 16.59
C HIS A 4466 4.97 14.23 16.92
N TYR A 4467 5.48 14.18 18.14
CA TYR A 4467 6.66 14.91 18.55
C TYR A 4467 7.87 13.99 18.57
N THR A 4468 9.04 14.58 18.38
CA THR A 4468 10.27 13.80 18.36
C THR A 4468 10.52 13.17 19.73
N VAL A 4469 10.98 11.92 19.73
CA VAL A 4469 11.14 11.14 20.95
C VAL A 4469 12.49 10.42 20.89
N PRO A 4470 13.01 9.99 22.04
CA PRO A 4470 14.16 9.10 22.01
C PRO A 4470 13.86 7.84 21.21
N ALA A 4471 14.88 7.37 20.48
CA ALA A 4471 14.71 6.29 19.52
C ALA A 4471 14.42 4.98 20.26
N GLY A 4472 13.35 4.31 19.85
CA GLY A 4472 13.05 2.98 20.37
C GLY A 4472 12.71 2.90 21.84
N MET A 4473 11.91 3.83 22.35
CA MET A 4473 11.43 3.72 23.72
C MET A 4473 10.22 2.81 23.79
N THR A 4474 9.88 2.37 25.00
CA THR A 4474 8.74 1.50 25.18
C THR A 4474 7.46 2.31 25.31
N VAL A 4475 6.32 1.59 25.26
CA VAL A 4475 5.02 2.24 25.36
C VAL A 4475 4.80 2.85 26.74
N ILE A 4476 5.29 2.19 27.79
CA ILE A 4476 5.03 2.65 29.15
C ILE A 4476 5.78 3.95 29.44
N GLN A 4477 7.04 4.03 29.00
CA GLN A 4477 7.76 5.29 29.13
C GLN A 4477 7.08 6.38 28.33
N TRP A 4478 6.57 6.05 27.13
CA TRP A 4478 5.90 7.03 26.31
C TRP A 4478 4.64 7.55 27.00
N VAL A 4479 3.84 6.66 27.59
CA VAL A 4479 2.60 7.11 28.23
C VAL A 4479 2.90 7.92 29.48
N SER A 4480 3.94 7.54 30.25
CA SER A 4480 4.30 8.34 31.41
C SER A 4480 4.76 9.73 31.00
N ASP A 4481 5.61 9.82 29.98
CA ASP A 4481 6.07 11.12 29.50
C ASP A 4481 4.90 11.93 28.96
N PHE A 4482 3.99 11.29 28.23
CA PHE A 4482 2.82 12.00 27.71
C PHE A 4482 1.94 12.52 28.83
N SER A 4483 1.75 11.74 29.89
CA SER A 4483 0.96 12.20 31.02
C SER A 4483 1.61 13.42 31.66
N GLU A 4484 2.93 13.39 31.84
CA GLU A 4484 3.62 14.56 32.40
C GLU A 4484 3.48 15.77 31.49
N ARG A 4485 3.60 15.56 30.18
CA ARG A 4485 3.47 16.67 29.23
C ARG A 4485 2.08 17.28 29.29
N ILE A 4486 1.05 16.44 29.33
CA ILE A 4486 -0.32 16.93 29.41
C ILE A 4486 -0.56 17.66 30.72
N LYS A 4487 0.02 17.16 31.81
CA LYS A 4487 -0.13 17.83 33.10
C LYS A 4487 0.47 19.23 33.06
N GLN A 4488 1.69 19.35 32.52
CA GLN A 4488 2.31 20.67 32.47
C GLN A 4488 1.58 21.59 31.50
N LEU A 4489 1.05 21.05 30.39
CA LEU A 4489 0.27 21.87 29.47
C LEU A 4489 -1.03 22.33 30.12
N GLN A 4490 -1.65 21.48 30.94
CA GLN A 4490 -2.83 21.88 31.69
C GLN A 4490 -2.51 23.00 32.66
N ASN A 4491 -1.37 22.90 33.35
CA ASN A 4491 -0.96 23.99 34.23
C ASN A 4491 -0.74 25.28 33.44
N ILE A 4492 -0.12 25.17 32.25
CA ILE A 4492 0.09 26.33 31.41
C ILE A 4492 -1.24 26.96 31.01
N SER A 4493 -2.22 26.13 30.63
CA SER A 4493 -3.53 26.64 30.22
C SER A 4493 -4.24 27.32 31.39
N LEU A 4494 -4.16 26.73 32.58
CA LEU A 4494 -4.78 27.37 33.75
C LEU A 4494 -4.12 28.71 34.04
N ALA A 4495 -2.79 28.79 33.91
CA ALA A 4495 -2.12 30.07 34.10
C ALA A 4495 -2.53 31.08 33.04
N ALA A 4496 -2.66 30.65 31.79
CA ALA A 4496 -2.95 31.57 30.70
C ALA A 4496 -4.38 32.10 30.78
N ALA A 4497 -5.35 31.21 31.00
CA ALA A 4497 -6.74 31.64 31.05
C ALA A 4497 -7.00 32.58 32.21
N SER A 4498 -6.32 32.37 33.33
CA SER A 4498 -6.51 33.22 34.50
C SER A 4498 -5.71 34.51 34.42
N GLY A 4499 -4.38 34.39 34.34
CA GLY A 4499 -3.50 35.53 34.39
C GLY A 4499 -3.15 36.17 33.06
N GLY A 4500 -3.70 35.69 31.96
CA GLY A 4500 -3.37 36.26 30.66
C GLY A 4500 -1.98 35.86 30.19
N ALA A 4501 -1.38 36.75 29.40
CA ALA A 4501 -0.05 36.47 28.84
C ALA A 4501 1.05 36.77 29.85
N LYS A 4502 0.84 37.74 30.74
CA LYS A 4502 1.89 38.11 31.69
C LYS A 4502 2.18 36.97 32.65
N GLU A 4503 1.16 36.24 33.09
CA GLU A 4503 1.37 35.10 33.97
C GLU A 4503 2.24 34.05 33.29
N LEU A 4504 2.06 33.86 31.99
CA LEU A 4504 2.89 32.92 31.24
C LEU A 4504 4.36 33.32 31.24
N LYS A 4505 4.67 34.58 31.53
CA LYS A 4505 6.06 34.98 31.67
C LYS A 4505 6.67 34.50 32.98
N ASN A 4506 5.84 34.30 34.01
CA ASN A 4506 6.31 33.96 35.35
C ASN A 4506 6.24 32.47 35.66
N ILE A 4507 5.85 31.64 34.71
CA ILE A 4507 5.69 30.21 34.96
C ILE A 4507 6.96 29.48 34.54
N HIS A 4508 7.36 28.49 35.33
CA HIS A 4508 8.53 27.67 35.04
C HIS A 4508 8.09 26.43 34.29
N VAL A 4509 8.76 26.16 33.17
CA VAL A 4509 8.35 25.09 32.25
C VAL A 4509 9.48 24.08 32.12
N CYS A 4510 9.11 22.80 32.12
CA CYS A 4510 10.04 21.72 31.84
C CYS A 4510 10.26 21.63 30.34
N LEU A 4511 11.49 21.87 29.90
CA LEU A 4511 11.77 21.89 28.47
C LEU A 4511 11.55 20.52 27.84
N GLY A 4512 11.86 19.45 28.56
CA GLY A 4512 11.68 18.11 28.02
C GLY A 4512 10.24 17.79 27.69
N GLY A 4513 9.30 18.31 28.47
CA GLY A 4513 7.90 18.06 28.20
C GLY A 4513 7.39 18.77 26.96
N LEU A 4514 7.99 19.89 26.60
CA LEU A 4514 7.58 20.60 25.40
C LEU A 4514 7.94 19.79 24.16
N PHE A 4515 7.06 19.87 23.15
CA PHE A 4515 7.31 19.15 21.91
C PHE A 4515 8.36 19.84 21.04
N VAL A 4516 8.39 21.17 21.05
CA VAL A 4516 9.36 21.94 20.27
C VAL A 4516 10.02 22.99 21.17
N PRO A 4517 10.98 22.60 22.00
CA PRO A 4517 11.59 23.58 22.92
C PRO A 4517 12.28 24.74 22.21
N GLU A 4518 12.88 24.50 21.05
CA GLU A 4518 13.50 25.60 20.31
C GLU A 4518 12.49 26.67 19.96
N ALA A 4519 11.24 26.27 19.70
CA ALA A 4519 10.18 27.26 19.52
C ALA A 4519 9.99 28.09 20.77
N TYR A 4520 10.08 27.47 21.94
CA TYR A 4520 9.97 28.22 23.19
C TYR A 4520 11.12 29.20 23.34
N ILE A 4521 12.34 28.79 22.99
CA ILE A 4521 13.49 29.69 23.09
C ILE A 4521 13.29 30.88 22.16
N THR A 4522 12.86 30.62 20.93
CA THR A 4522 12.62 31.71 19.99
C THR A 4522 11.50 32.62 20.48
N ALA A 4523 10.46 32.05 21.10
CA ALA A 4523 9.37 32.85 21.63
C ALA A 4523 9.85 33.76 22.76
N THR A 4524 10.69 33.23 23.65
CA THR A 4524 11.26 34.07 24.71
C THR A 4524 12.10 35.19 24.12
N ARG A 4525 12.90 34.88 23.11
CA ARG A 4525 13.72 35.90 22.46
C ARG A 4525 12.83 36.98 21.84
N GLN A 4526 11.76 36.57 21.16
CA GLN A 4526 10.86 37.53 20.56
C GLN A 4526 10.18 38.40 21.62
N TYR A 4527 9.75 37.79 22.72
CA TYR A 4527 9.07 38.56 23.76
C TYR A 4527 10.01 39.58 24.40
N VAL A 4528 11.25 39.17 24.68
CA VAL A 4528 12.18 40.11 25.31
C VAL A 4528 12.57 41.21 24.33
N ALA A 4529 12.70 40.89 23.03
CA ALA A 4529 12.99 41.92 22.05
C ALA A 4529 11.83 42.90 21.92
N GLN A 4530 10.60 42.39 21.90
CA GLN A 4530 9.44 43.25 21.77
C GLN A 4530 9.26 44.15 22.99
N ALA A 4531 9.48 43.59 24.19
CA ALA A 4531 9.26 44.35 25.41
C ALA A 4531 10.21 45.54 25.50
N ASN A 4532 11.48 45.33 25.18
CA ASN A 4532 12.48 46.39 25.25
C ASN A 4532 12.70 47.10 23.93
N SER A 4533 11.95 46.73 22.88
CA SER A 4533 12.07 47.33 21.54
C SER A 4533 13.51 47.29 21.05
N TRP A 4534 14.09 46.08 21.05
CA TRP A 4534 15.42 45.84 20.52
C TRP A 4534 15.33 44.88 19.35
N SER A 4535 16.29 45.01 18.43
CA SER A 4535 16.33 44.13 17.27
C SER A 4535 16.68 42.71 17.71
N LEU A 4536 16.03 41.73 17.10
CA LEU A 4536 16.09 40.36 17.61
C LEU A 4536 17.49 39.77 17.51
N GLU A 4537 18.20 40.02 16.40
CA GLU A 4537 19.49 39.39 16.22
C GLU A 4537 20.57 39.94 17.15
N GLU A 4538 20.31 41.05 17.82
CA GLU A 4538 21.27 41.65 18.74
C GLU A 4538 21.09 41.18 20.18
N LEU A 4539 20.57 39.97 20.36
CA LEU A 4539 20.35 39.38 21.68
C LEU A 4539 21.09 38.06 21.78
N CYS A 4540 21.74 37.85 22.91
CA CYS A 4540 22.49 36.63 23.18
C CYS A 4540 21.92 35.92 24.40
N LEU A 4541 22.02 34.60 24.40
CA LEU A 4541 21.50 33.79 25.49
C LEU A 4541 22.57 33.63 26.57
N GLU A 4542 22.26 34.09 27.78
CA GLU A 4542 23.16 33.96 28.93
C GLU A 4542 22.39 33.22 30.02
N VAL A 4543 22.88 32.05 30.39
CA VAL A 4543 22.18 31.17 31.32
C VAL A 4543 22.78 31.33 32.71
N ASN A 4544 21.93 31.29 33.73
CA ASN A 4544 22.37 31.35 35.12
C ASN A 4544 21.62 30.28 35.89
N VAL A 4545 22.36 29.45 36.62
CA VAL A 4545 21.77 28.36 37.39
C VAL A 4545 21.74 28.77 38.86
N THR A 4546 20.54 28.75 39.45
CA THR A 4546 20.36 29.14 40.84
C THR A 4546 19.93 27.92 41.65
N THR A 4547 20.65 27.66 42.75
CA THR A 4547 20.28 26.57 43.65
C THR A 4547 19.06 26.94 44.49
N SER A 4548 18.86 28.22 44.78
CA SER A 4548 17.72 28.67 45.55
C SER A 4548 16.51 28.83 44.64
N GLN A 4549 15.47 28.05 44.89
CA GLN A 4549 14.26 28.13 44.07
C GLN A 4549 13.49 29.40 44.41
N GLY A 4550 12.59 29.78 43.50
CA GLY A 4550 11.81 30.98 43.68
C GLY A 4550 12.61 32.26 43.53
N ALA A 4551 13.72 32.22 42.80
CA ALA A 4551 14.52 33.41 42.60
C ALA A 4551 13.75 34.44 41.77
N THR A 4552 14.12 35.71 41.93
CA THR A 4552 13.40 36.79 41.28
C THR A 4552 13.54 36.67 39.76
N LEU A 4553 12.47 37.07 39.06
CA LEU A 4553 12.44 37.04 37.61
C LEU A 4553 12.54 38.45 37.05
N ASP A 4554 13.53 38.69 36.21
CA ASP A 4554 13.73 39.98 35.57
C ASP A 4554 12.93 40.03 34.28
N ALA A 4555 12.73 41.24 33.77
CA ALA A 4555 11.98 41.45 32.54
C ALA A 4555 12.66 40.78 31.35
N CYS A 4556 13.95 40.45 31.51
CA CYS A 4556 14.70 39.77 30.47
C CYS A 4556 15.18 38.39 30.91
N SER A 4557 14.56 37.81 31.95
CA SER A 4557 14.95 36.52 32.48
C SER A 4557 13.77 35.56 32.44
N PHE A 4558 14.04 34.31 32.07
CA PHE A 4558 13.03 33.27 32.01
C PHE A 4558 13.52 32.04 32.78
N GLY A 4559 12.61 31.41 33.51
CA GLY A 4559 12.95 30.25 34.30
C GLY A 4559 12.65 28.95 33.55
N VAL A 4560 13.60 28.01 33.63
CA VAL A 4560 13.47 26.71 33.00
C VAL A 4560 13.94 25.65 33.98
N THR A 4561 13.14 24.61 34.18
CA THR A 4561 13.45 23.50 35.07
C THR A 4561 13.69 22.23 34.26
N GLY A 4562 14.00 21.15 34.96
CA GLY A 4562 14.16 19.85 34.35
C GLY A 4562 15.30 19.74 33.37
N LEU A 4563 16.48 20.25 33.75
CA LEU A 4563 17.67 20.15 32.92
C LEU A 4563 18.71 19.26 33.61
N LYS A 4564 19.30 18.36 32.84
CA LYS A 4564 20.26 17.39 33.36
C LYS A 4564 21.63 17.70 32.77
N LEU A 4565 22.63 17.84 33.64
CA LEU A 4565 24.00 18.08 33.23
C LEU A 4565 24.80 16.80 33.36
N GLN A 4566 25.44 16.38 32.27
CA GLN A 4566 26.13 15.09 32.21
C GLN A 4566 27.61 15.26 32.47
N GLY A 4567 28.13 14.52 33.45
CA GLY A 4567 29.54 14.52 33.73
C GLY A 4567 30.10 15.85 34.20
N ALA A 4568 29.30 16.64 34.91
CA ALA A 4568 29.76 17.92 35.42
C ALA A 4568 28.87 18.34 36.57
N THR A 4569 29.38 19.26 37.39
CA THR A 4569 28.64 19.83 38.50
C THR A 4569 28.65 21.35 38.37
N CYS A 4570 27.47 21.96 38.50
CA CYS A 4570 27.33 23.41 38.35
C CYS A 4570 27.14 24.01 39.74
N ASN A 4571 28.16 24.71 40.23
CA ASN A 4571 28.11 25.40 41.51
C ASN A 4571 28.46 26.85 41.29
N ASN A 4572 27.60 27.76 41.77
CA ASN A 4572 27.79 29.19 41.62
C ASN A 4572 27.98 29.57 40.16
N ASN A 4573 27.17 28.97 39.29
CA ASN A 4573 27.20 29.22 37.84
C ASN A 4573 28.58 28.92 37.25
N LYS A 4574 29.26 27.91 37.78
CA LYS A 4574 30.56 27.48 37.27
C LYS A 4574 30.58 25.96 37.17
N LEU A 4575 31.30 25.47 36.16
CA LEU A 4575 31.33 24.03 35.87
C LEU A 4575 32.64 23.42 36.31
N SER A 4576 32.55 22.28 37.00
CA SER A 4576 33.71 21.49 37.40
C SER A 4576 33.47 20.05 36.99
N LEU A 4577 34.53 19.41 36.49
CA LEU A 4577 34.43 18.01 36.08
C LEU A 4577 34.12 17.12 37.26
N SER A 4578 33.33 16.07 37.02
CA SER A 4578 32.97 15.12 38.06
C SER A 4578 32.69 13.77 37.41
N ASN A 4579 32.99 12.71 38.15
CA ASN A 4579 32.74 11.35 37.67
C ASN A 4579 31.30 10.91 37.87
N ALA A 4580 30.47 11.74 38.50
CA ALA A 4580 29.06 11.43 38.61
C ALA A 4580 28.40 11.42 37.22
N ILE A 4581 27.34 10.63 37.10
CA ILE A 4581 26.70 10.45 35.79
C ILE A 4581 26.00 11.73 35.35
N SER A 4582 25.02 12.17 36.14
CA SER A 4582 24.26 13.35 35.76
C SER A 4582 23.74 14.03 37.02
N THR A 4583 23.75 15.36 37.02
CA THR A 4583 23.22 16.15 38.12
C THR A 4583 22.08 17.02 37.61
N ALA A 4584 20.98 17.03 38.35
CA ALA A 4584 19.80 17.79 37.96
C ALA A 4584 19.99 19.25 38.34
N LEU A 4585 20.01 20.12 37.34
CA LEU A 4585 20.12 21.55 37.59
C LEU A 4585 18.86 22.05 38.27
N PRO A 4586 18.97 22.74 39.41
CA PRO A 4586 17.77 23.16 40.15
C PRO A 4586 16.86 24.07 39.34
N LEU A 4587 17.39 25.19 38.87
CA LEU A 4587 16.62 26.14 38.09
C LEU A 4587 17.56 26.99 37.26
N THR A 4588 17.27 27.12 35.98
CA THR A 4588 18.10 27.87 35.05
C THR A 4588 17.36 29.11 34.61
N GLN A 4589 17.98 30.27 34.79
CA GLN A 4589 17.40 31.55 34.39
C GLN A 4589 18.02 31.98 33.06
N LEU A 4590 17.27 31.78 31.98
CA LEU A 4590 17.73 32.20 30.66
C LEU A 4590 17.61 33.71 30.54
N ARG A 4591 18.73 34.38 30.32
CA ARG A 4591 18.79 35.84 30.28
C ARG A 4591 19.19 36.27 28.86
N TRP A 4592 18.25 36.90 28.16
CA TRP A 4592 18.50 37.44 26.83
C TRP A 4592 19.11 38.81 26.98
N VAL A 4593 20.43 38.86 27.07
CA VAL A 4593 21.14 40.12 27.28
C VAL A 4593 21.37 40.79 25.94
N LYS A 4594 21.71 42.08 25.99
CA LYS A 4594 22.05 42.81 24.79
C LYS A 4594 23.34 42.26 24.17
N GLN A 4595 23.48 42.43 22.86
CA GLN A 4595 24.67 41.97 22.16
C GLN A 4595 25.91 42.64 22.72
N THR A 4596 26.76 41.84 23.37
CA THR A 4596 28.04 42.33 23.87
C THR A 4596 29.12 42.12 22.81
N ASN A 4597 30.18 42.93 22.92
CA ASN A 4597 31.26 42.91 21.95
C ASN A 4597 32.53 42.27 22.46
N THR A 4598 32.57 41.84 23.71
CA THR A 4598 33.76 41.21 24.25
C THR A 4598 33.98 39.85 23.62
N GLU A 4599 35.25 39.52 23.37
CA GLU A 4599 35.59 38.24 22.77
C GLU A 4599 35.42 37.11 23.78
N LYS A 4600 34.99 35.95 23.29
CA LYS A 4600 34.73 34.81 24.14
C LYS A 4600 36.00 34.37 24.86
N LYS A 4601 36.03 34.54 26.18
CA LYS A 4601 37.25 34.30 26.94
C LYS A 4601 37.63 32.82 26.90
N ALA A 4602 38.85 32.54 27.36
CA ALA A 4602 39.37 31.18 27.36
C ALA A 4602 38.88 30.36 28.55
N SER A 4603 38.16 30.96 29.48
CA SER A 4603 37.66 30.27 30.67
C SER A 4603 36.16 30.02 30.59
N VAL A 4604 35.57 30.06 29.40
CA VAL A 4604 34.16 29.77 29.20
C VAL A 4604 34.03 28.75 28.08
N VAL A 4605 33.14 27.78 28.27
CA VAL A 4605 32.95 26.69 27.33
C VAL A 4605 31.50 26.68 26.85
N THR A 4606 31.33 26.39 25.57
CA THR A 4606 30.00 26.25 24.97
C THR A 4606 29.59 24.80 24.99
N LEU A 4607 28.40 24.52 25.53
CA LEU A 4607 27.92 23.16 25.65
C LEU A 4607 26.63 22.97 24.89
N PRO A 4608 26.44 21.84 24.23
CA PRO A 4608 25.16 21.56 23.56
C PRO A 4608 24.08 21.24 24.56
N VAL A 4609 22.84 21.55 24.17
CA VAL A 4609 21.67 21.19 24.95
C VAL A 4609 20.88 20.21 24.10
N TYR A 4610 21.19 18.91 24.25
CA TYR A 4610 20.45 17.89 23.53
C TYR A 4610 19.08 17.68 24.16
N LEU A 4611 18.10 17.33 23.33
CA LEU A 4611 16.74 17.16 23.82
C LEU A 4611 16.60 15.94 24.72
N ASN A 4612 17.43 14.92 24.50
CA ASN A 4612 17.29 13.67 25.25
C ASN A 4612 18.65 13.00 25.34
N PHE A 4613 18.70 11.92 26.11
CA PHE A 4613 19.96 11.21 26.32
C PHE A 4613 20.49 10.59 25.03
N THR A 4614 19.63 10.34 24.05
CA THR A 4614 20.11 9.80 22.77
C THR A 4614 21.00 10.79 22.04
N ARG A 4615 20.89 12.07 22.37
CA ARG A 4615 21.68 13.14 21.76
C ARG A 4615 21.50 13.14 20.24
N ALA A 4616 20.25 13.20 19.82
CA ALA A 4616 19.90 13.24 18.41
C ALA A 4616 19.28 14.56 17.98
N ASP A 4617 18.84 15.40 18.91
CA ASP A 4617 18.20 16.68 18.58
C ASP A 4617 18.89 17.79 19.36
N LEU A 4618 19.79 18.51 18.70
CA LEU A 4618 20.43 19.67 19.31
C LEU A 4618 19.45 20.83 19.33
N ILE A 4619 19.13 21.32 20.52
CA ILE A 4619 18.15 22.39 20.66
C ILE A 4619 18.80 23.76 20.60
N PHE A 4620 19.81 23.99 21.43
CA PHE A 4620 20.53 25.26 21.48
C PHE A 4620 21.83 25.04 22.23
N THR A 4621 22.55 26.12 22.50
CA THR A 4621 23.84 26.06 23.17
C THR A 4621 23.85 27.02 24.35
N VAL A 4622 24.67 26.69 25.34
CA VAL A 4622 24.85 27.51 26.53
C VAL A 4622 26.34 27.66 26.80
N ASP A 4623 26.74 28.86 27.20
CA ASP A 4623 28.12 29.14 27.55
C ASP A 4623 28.24 29.19 29.07
N PHE A 4624 29.10 28.34 29.62
CA PHE A 4624 29.26 28.21 31.06
C PHE A 4624 30.67 28.59 31.46
N GLU A 4625 30.80 29.30 32.58
CA GLU A 4625 32.10 29.73 33.08
C GLU A 4625 32.82 28.56 33.72
N ILE A 4626 34.06 28.32 33.28
CA ILE A 4626 34.84 27.23 33.84
C ILE A 4626 35.30 27.60 35.24
N ALA A 4627 35.34 26.60 36.13
CA ALA A 4627 35.83 26.77 37.48
C ALA A 4627 37.35 26.81 37.50
N THR A 4628 37.95 26.62 38.67
CA THR A 4628 39.41 26.56 38.78
C THR A 4628 40.00 25.64 37.71
N LYS A 4629 41.24 25.90 37.32
CA LYS A 4629 41.75 25.49 36.00
C LYS A 4629 41.39 24.05 35.62
N GLU A 4630 40.61 23.93 34.56
CA GLU A 4630 40.24 22.65 33.95
C GLU A 4630 40.15 22.88 32.46
N ASP A 4631 40.93 22.13 31.70
CA ASP A 4631 41.04 22.39 30.26
C ASP A 4631 39.71 22.11 29.57
N PRO A 4632 39.15 23.07 28.83
CA PRO A 4632 37.92 22.79 28.08
C PRO A 4632 38.07 21.65 27.08
N ARG A 4633 39.29 21.39 26.62
CA ARG A 4633 39.53 20.23 25.77
C ARG A 4633 39.18 18.95 26.51
N SER A 4634 39.46 18.89 27.81
CA SER A 4634 39.02 17.74 28.61
C SER A 4634 37.50 17.67 28.68
N PHE A 4635 36.82 18.82 28.73
CA PHE A 4635 35.36 18.82 28.66
C PHE A 4635 34.89 18.22 27.33
N TYR A 4636 35.54 18.60 26.24
CA TYR A 4636 35.14 18.09 24.93
C TYR A 4636 35.37 16.58 24.83
N GLU A 4637 36.51 16.11 25.34
CA GLU A 4637 36.83 14.69 25.22
C GLU A 4637 35.93 13.82 26.08
N ARG A 4638 35.46 14.34 27.21
CA ARG A 4638 34.57 13.57 28.07
C ARG A 4638 33.11 13.67 27.65
N GLY A 4639 32.79 14.46 26.63
CA GLY A 4639 31.42 14.55 26.14
C GLY A 4639 30.45 15.16 27.13
N VAL A 4640 30.87 16.19 27.85
CA VAL A 4640 29.95 16.89 28.74
C VAL A 4640 28.86 17.56 27.91
N ALA A 4641 27.62 17.45 28.38
CA ALA A 4641 26.48 17.99 27.63
C ALA A 4641 25.34 18.24 28.60
N VAL A 4642 24.30 18.89 28.09
CA VAL A 4642 23.09 19.20 28.85
C VAL A 4642 21.92 18.55 28.15
N LEU A 4643 21.07 17.85 28.90
CA LEU A 4643 19.92 17.14 28.36
C LEU A 4643 18.64 17.80 28.82
N CYS A 4644 17.73 18.03 27.88
CA CYS A 4644 16.43 18.61 28.21
C CYS A 4644 15.57 17.67 29.05
N THR A 4645 15.86 16.37 29.00
CA THR A 4645 15.15 15.39 29.82
C THR A 4645 16.05 14.18 30.01
N GLU A 4646 15.57 13.22 30.81
CA GLU A 4646 16.34 12.02 31.09
C GLU A 4646 15.41 10.85 31.43
PB ADP B . 20.58 20.85 -2.93
O1B ADP B . 21.15 21.15 -1.57
O2B ADP B . 21.55 21.17 -4.05
O3B ADP B . 19.93 19.50 -3.06
PA ADP B . 18.84 22.51 -4.47
O1A ADP B . 17.33 22.43 -4.44
O2A ADP B . 19.55 21.84 -5.61
O3A ADP B . 19.35 21.88 -3.08
O5' ADP B . 19.22 24.07 -4.42
C5' ADP B . 20.28 24.60 -3.62
C4' ADP B . 20.30 26.13 -3.73
O4' ADP B . 21.16 26.70 -2.74
C3' ADP B . 20.81 26.59 -5.08
O3' ADP B . 19.76 27.23 -5.81
C2' ADP B . 21.92 27.59 -4.79
O2' ADP B . 21.67 28.81 -5.49
C1' ADP B . 21.86 27.82 -3.30
N9 ADP B . 23.23 27.88 -2.71
C8 ADP B . 23.86 26.87 -2.08
N7 ADP B . 25.09 27.25 -1.67
C5 ADP B . 25.26 28.54 -2.02
C6 ADP B . 26.33 29.55 -1.89
N6 ADP B . 27.50 29.25 -1.27
N1 ADP B . 26.11 30.78 -2.41
C2 ADP B . 24.96 31.08 -3.04
N3 ADP B . 23.94 30.21 -3.19
C4 ADP B . 24.03 28.94 -2.72
PG ATP C . -14.55 30.21 -7.04
O1G ATP C . -15.64 29.36 -6.48
O2G ATP C . -14.21 29.91 -8.50
O3G ATP C . -13.26 30.19 -6.21
PB ATP C . -14.35 33.18 -7.09
O1B ATP C . -13.55 33.38 -8.32
O2B ATP C . -13.62 33.41 -5.77
O3B ATP C . -14.99 31.75 -7.04
PA ATP C . -16.14 35.39 -7.87
O1A ATP C . -15.03 36.27 -8.26
O2A ATP C . -17.00 34.88 -9.04
O3A ATP C . -15.63 34.13 -7.08
O5' ATP C . -17.10 36.08 -6.82
C5' ATP C . -17.86 35.31 -5.87
C4' ATP C . -19.19 36.00 -5.70
O4' ATP C . -19.09 36.97 -4.64
C3' ATP C . -19.68 36.75 -6.93
O3' ATP C . -20.53 35.93 -7.72
C2' ATP C . -20.45 37.93 -6.31
O2' ATP C . -21.77 37.57 -5.97
C1' ATP C . -19.62 38.20 -5.06
N9 ATP C . -18.51 39.14 -5.25
C8 ATP C . -17.29 38.88 -5.84
N7 ATP C . -16.49 39.91 -5.87
C5 ATP C . -17.22 40.92 -5.26
C6 ATP C . -16.92 42.26 -4.99
N6 ATP C . -15.75 42.85 -5.29
N1 ATP C . -17.86 43.00 -4.36
C2 ATP C . -19.02 42.43 -4.04
N3 ATP C . -19.42 41.17 -4.26
C4 ATP C . -18.46 40.46 -4.88
PG ANP D . -33.73 6.03 -4.54
O1G ANP D . -33.23 4.64 -4.34
O2G ANP D . -33.51 6.47 -6.04
O3G ANP D . -32.92 7.00 -3.59
PB ANP D . -35.91 7.68 -4.37
O1B ANP D . -35.28 8.25 -5.59
O2B ANP D . -35.51 8.53 -3.13
N3B ANP D . -35.37 6.11 -4.16
PA ANP D . -38.18 6.59 -5.39
O1A ANP D . -37.21 5.84 -6.22
O2A ANP D . -39.24 7.33 -6.22
O3A ANP D . -37.46 7.71 -4.53
O5' ANP D . -38.85 5.60 -4.35
C5' ANP D . -39.73 6.07 -3.32
C4' ANP D . -41.11 5.51 -3.55
O4' ANP D . -41.97 5.84 -2.43
C3' ANP D . -41.83 6.05 -4.79
O3' ANP D . -41.49 5.28 -5.94
C2' ANP D . -43.29 5.90 -4.41
O2' ANP D . -43.78 4.58 -4.67
C1' ANP D . -43.27 6.17 -2.90
N9 ANP D . -43.52 7.57 -2.56
C8 ANP D . -42.66 8.44 -1.93
N7 ANP D . -43.16 9.64 -1.76
C5 ANP D . -44.44 9.56 -2.31
C6 ANP D . -45.48 10.50 -2.44
N6 ANP D . -45.39 11.76 -2.00
N1 ANP D . -46.61 10.09 -3.03
C2 ANP D . -46.69 8.83 -3.46
N3 ANP D . -45.78 7.85 -3.40
C4 ANP D . -44.66 8.29 -2.81
PB ADP E . -25.27 -21.34 -1.70
O1B ADP E . -26.55 -21.32 -2.48
O2B ADP E . -24.17 -20.46 -2.25
O3B ADP E . -25.48 -21.18 -0.21
PA ADP E . -25.67 -24.07 -2.25
O1A ADP E . -26.46 -24.42 -1.01
O2A ADP E . -26.37 -23.76 -3.54
O3A ADP E . -24.70 -22.84 -1.85
O5' ADP E . -24.65 -25.28 -2.51
C5' ADP E . -25.11 -26.39 -3.29
C4' ADP E . -25.11 -27.65 -2.44
O4' ADP E . -25.89 -27.43 -1.25
C3' ADP E . -25.74 -28.81 -3.18
O3' ADP E . -24.75 -29.82 -3.42
C2' ADP E . -26.82 -29.37 -2.27
O2' ADP E . -26.60 -30.76 -2.03
C1' ADP E . -26.69 -28.58 -0.97
N9 ADP E . -28.03 -28.18 -0.49
C8 ADP E . -28.56 -26.95 -0.53
N7 ADP E . -29.80 -26.92 -0.01
C5 ADP E . -30.09 -28.17 0.41
C6 ADP E . -31.24 -28.84 1.06
N6 ADP E . -32.36 -28.15 1.39
N1 ADP E . -31.13 -30.16 1.32
C2 ADP E . -30.02 -30.85 0.99
N3 ADP E . -28.95 -30.31 0.40
C4 ADP E . -28.92 -28.99 0.09
MG MG F . -14.37 31.86 -9.30
#